data_7QT0
#
_entry.id   7QT0
#
_cell.length_a   182.982
_cell.length_b   105.843
_cell.length_c   172.775
_cell.angle_alpha   90.000
_cell.angle_beta   112.240
_cell.angle_gamma   90.000
#
_symmetry.space_group_name_H-M   'C 1 2 1'
#
loop_
_entity.id
_entity.type
_entity.pdbx_description
1 polymer 'Antibody heavy chain'
2 polymer 'Antibody light chain'
3 non-polymer '2-[2-[2-[2-[[5-oxidanylidene-5-[2-[4-[phenyl(propanoyl)amino]piperidin-1-yl]ethylamino]pentanoyl]amino]ethanoylamino]ethanoylamino]ethanoylamino]ethanoic acid'
4 water water
#
loop_
_entity_poly.entity_id
_entity_poly.type
_entity_poly.pdbx_seq_one_letter_code
_entity_poly.pdbx_strand_id
1 'polypeptide(L)'
;QVQLQQPGAELVKPGASVKVSCKASGYTFTNYWMYWVKQRPGQGLEWIGRIHPSDSDTNYNQKFKGKATLTVDKSSSTAY
MQLSSLTSEDSAVYYCAIEIYDGYNTMDYWGQGTSVTVSSAKTTPPSVYPLAPGSAAQTNSMVTLGCLVKGYFPEPVTVT
WNSGSLSSGVHTFPAVLQSDLYTLSSSVTVPSSTWPSQTVTCNVAHPASSTKVDKKIVPRDCGCK
;
A,C,E,G,I,K
2 'polypeptide(L)'
;DIVMTQSQKFMSTSVGDRVSVTCKASQNVGTNVAWYQQKPGQSPKALIYSASYRYSGVPDRFTGSGSGTDFTLTISNVQS
EDLAEYFCQQYNNYPLTFGAGTKLELKRADAAPTVSIFPPSSEQLTSGGASVVCFLNNFYPKDINVKWKIDGSERQNGVL
NSWTDQDSKDSTYSMSSTLTLTKDEYERHNSYTCEATHKTSTSPIVKSFNRNEC
;
B,D,F,H,J,L
#
loop_
_chem_comp.id
_chem_comp.type
_chem_comp.name
_chem_comp.formula
FD0 non-polymer '2-[2-[2-[2-[[5-oxidanylidene-5-[2-[4-[phenyl(propanoyl)amino]piperidin-1-yl]ethylamino]pentanoyl]amino]ethanoylamino]ethanoylamino]ethanoylamino]ethanoic acid' 'C29 H43 N7 O8'
#
# COMPACT_ATOMS: atom_id res chain seq x y z
N GLN A 1 -21.93 27.23 -20.51
CA GLN A 1 -21.67 26.74 -21.85
C GLN A 1 -22.10 25.29 -22.01
N VAL A 2 -22.71 24.97 -23.15
CA VAL A 2 -23.15 23.61 -23.42
C VAL A 2 -21.93 22.72 -23.58
N GLN A 3 -21.90 21.62 -22.84
CA GLN A 3 -20.77 20.70 -22.85
C GLN A 3 -21.27 19.26 -22.82
N LEU A 4 -20.51 18.38 -23.47
CA LEU A 4 -20.72 16.94 -23.41
C LEU A 4 -19.41 16.29 -23.03
N GLN A 5 -19.32 15.82 -21.78
CA GLN A 5 -18.08 15.28 -21.25
C GLN A 5 -18.07 13.76 -21.40
N GLN A 6 -17.07 13.24 -22.10
CA GLN A 6 -16.87 11.82 -22.31
C GLN A 6 -15.49 11.40 -21.82
N PRO A 7 -15.36 10.24 -21.20
CA PRO A 7 -14.03 9.74 -20.81
C PRO A 7 -13.19 9.42 -22.03
N GLY A 8 -11.87 9.46 -21.83
CA GLY A 8 -10.96 9.35 -22.96
C GLY A 8 -10.90 7.95 -23.54
N ALA A 9 -10.60 6.96 -22.71
CA ALA A 9 -10.36 5.60 -23.19
C ALA A 9 -10.94 4.59 -22.22
N GLU A 10 -11.32 3.43 -22.77
CA GLU A 10 -11.84 2.31 -21.99
C GLU A 10 -11.21 1.03 -22.53
N LEU A 11 -10.48 0.31 -21.67
CA LEU A 11 -9.85 -0.95 -22.03
C LEU A 11 -10.66 -2.09 -21.42
N VAL A 12 -11.28 -2.90 -22.27
CA VAL A 12 -12.18 -3.96 -21.83
C VAL A 12 -11.73 -5.28 -22.43
N LYS A 13 -11.73 -6.32 -21.61
CA LYS A 13 -11.34 -7.65 -22.08
C LYS A 13 -12.38 -8.20 -23.06
N PRO A 14 -11.95 -9.05 -23.99
CA PRO A 14 -12.91 -9.68 -24.89
C PRO A 14 -13.94 -10.51 -24.13
N GLY A 15 -15.18 -10.49 -24.61
CA GLY A 15 -16.28 -11.16 -23.95
C GLY A 15 -16.90 -10.40 -22.81
N ALA A 16 -16.25 -9.37 -22.30
CA ALA A 16 -16.77 -8.59 -21.18
C ALA A 16 -17.71 -7.51 -21.71
N SER A 17 -18.10 -6.59 -20.84
CA SER A 17 -19.02 -5.50 -21.18
C SER A 17 -18.41 -4.18 -20.73
N VAL A 18 -19.01 -3.09 -21.21
CA VAL A 18 -18.54 -1.75 -20.86
C VAL A 18 -19.72 -0.78 -20.96
N LYS A 19 -19.68 0.26 -20.13
CA LYS A 19 -20.67 1.32 -20.13
C LYS A 19 -19.96 2.64 -20.41
N VAL A 20 -20.30 3.29 -21.53
CA VAL A 20 -19.69 4.54 -21.93
C VAL A 20 -20.60 5.68 -21.52
N SER A 21 -20.05 6.67 -20.83
CA SER A 21 -20.83 7.75 -20.25
C SER A 21 -20.72 9.03 -21.07
N CYS A 22 -21.73 9.89 -20.95
CA CYS A 22 -21.76 11.17 -21.65
C CYS A 22 -22.48 12.15 -20.73
N LYS A 23 -21.71 12.94 -19.98
CA LYS A 23 -22.26 13.87 -19.00
C LYS A 23 -22.59 15.20 -19.68
N ALA A 24 -23.87 15.55 -19.70
CA ALA A 24 -24.32 16.81 -20.27
C ALA A 24 -24.38 17.90 -19.21
N SER A 25 -24.11 19.13 -19.63
CA SER A 25 -24.17 20.26 -18.72
C SER A 25 -24.33 21.54 -19.55
N GLY A 26 -24.96 22.54 -18.95
CA GLY A 26 -25.16 23.82 -19.58
C GLY A 26 -26.47 23.97 -20.34
N TYR A 27 -27.29 22.94 -20.38
CA TYR A 27 -28.57 23.00 -21.09
C TYR A 27 -29.56 22.07 -20.41
N THR A 28 -30.83 22.18 -20.81
CA THR A 28 -31.87 21.30 -20.29
C THR A 28 -31.68 19.91 -20.89
N PHE A 29 -31.21 18.98 -20.06
CA PHE A 29 -30.86 17.64 -20.51
C PHE A 29 -32.00 16.98 -21.27
N THR A 30 -33.23 17.12 -20.78
CA THR A 30 -34.39 16.40 -21.29
C THR A 30 -35.03 17.07 -22.51
N ASN A 31 -34.35 18.01 -23.16
CA ASN A 31 -34.96 18.76 -24.25
C ASN A 31 -34.49 18.37 -25.63
N TYR A 32 -33.45 17.55 -25.75
CA TYR A 32 -32.86 17.25 -27.05
C TYR A 32 -32.47 15.78 -27.15
N TRP A 33 -32.65 15.22 -28.34
CA TRP A 33 -32.23 13.85 -28.59
C TRP A 33 -30.71 13.73 -28.41
N MET A 34 -30.28 12.58 -27.89
CA MET A 34 -28.86 12.28 -27.72
C MET A 34 -28.48 11.21 -28.72
N TYR A 35 -27.61 11.56 -29.67
CA TYR A 35 -27.18 10.65 -30.72
C TYR A 35 -25.86 10.00 -30.36
N TRP A 36 -25.67 8.77 -30.82
CA TRP A 36 -24.46 8.00 -30.56
C TRP A 36 -23.89 7.52 -31.88
N VAL A 37 -22.60 7.78 -32.10
CA VAL A 37 -21.92 7.44 -33.35
C VAL A 37 -20.67 6.63 -33.03
N LYS A 38 -20.43 5.60 -33.83
CA LYS A 38 -19.25 4.75 -33.71
C LYS A 38 -18.35 4.97 -34.92
N GLN A 39 -17.04 5.07 -34.66
CA GLN A 39 -16.05 5.22 -35.72
C GLN A 39 -14.86 4.30 -35.42
N ARG A 40 -14.71 3.25 -36.21
CA ARG A 40 -13.57 2.37 -36.08
C ARG A 40 -12.33 3.05 -36.65
N PRO A 41 -11.13 2.61 -36.23
CA PRO A 41 -9.91 3.30 -36.67
C PRO A 41 -9.76 3.27 -38.18
N GLY A 42 -9.44 4.44 -38.74
CA GLY A 42 -9.26 4.56 -40.18
C GLY A 42 -10.47 4.26 -41.01
N GLN A 43 -11.66 4.28 -40.41
CA GLN A 43 -12.90 3.94 -41.09
C GLN A 43 -13.84 5.14 -41.07
N GLY A 44 -15.11 4.89 -41.44
CA GLY A 44 -16.11 5.92 -41.49
C GLY A 44 -16.99 5.94 -40.26
N LEU A 45 -18.04 6.77 -40.34
CA LEU A 45 -18.96 6.96 -39.23
C LEU A 45 -20.14 6.00 -39.36
N GLU A 46 -20.59 5.46 -38.23
CA GLU A 46 -21.77 4.61 -38.16
C GLU A 46 -22.68 5.11 -37.06
N TRP A 47 -23.98 5.16 -37.36
CA TRP A 47 -24.97 5.58 -36.38
C TRP A 47 -25.38 4.39 -35.52
N ILE A 48 -25.22 4.53 -34.21
CA ILE A 48 -25.63 3.48 -33.27
C ILE A 48 -27.10 3.61 -32.92
N GLY A 49 -27.50 4.77 -32.43
CA GLY A 49 -28.87 5.01 -32.04
C GLY A 49 -29.02 6.37 -31.42
N ARG A 50 -30.26 6.69 -31.05
CA ARG A 50 -30.56 7.95 -30.38
C ARG A 50 -31.52 7.68 -29.23
N ILE A 51 -31.53 8.61 -28.27
CA ILE A 51 -32.39 8.49 -27.11
C ILE A 51 -32.81 9.90 -26.68
N HIS A 52 -34.06 10.03 -26.26
CA HIS A 52 -34.56 11.28 -25.73
C HIS A 52 -34.60 11.18 -24.20
N PRO A 53 -33.77 11.93 -23.48
CA PRO A 53 -33.71 11.75 -22.01
C PRO A 53 -35.01 12.07 -21.30
N SER A 54 -35.98 12.70 -21.96
CA SER A 54 -37.25 13.01 -21.32
C SER A 54 -37.97 11.74 -20.88
N ASP A 55 -38.20 10.82 -21.82
CA ASP A 55 -38.94 9.59 -21.53
C ASP A 55 -38.16 8.34 -21.92
N SER A 56 -36.86 8.46 -22.21
CA SER A 56 -36.02 7.33 -22.60
C SER A 56 -36.54 6.65 -23.86
N ASP A 57 -37.18 7.40 -24.74
CA ASP A 57 -37.55 6.88 -26.05
C ASP A 57 -36.30 6.71 -26.90
N THR A 58 -36.20 5.58 -27.60
CA THR A 58 -34.98 5.23 -28.33
C THR A 58 -35.31 4.87 -29.77
N ASN A 59 -34.36 5.19 -30.65
CA ASN A 59 -34.35 4.72 -32.02
C ASN A 59 -33.00 4.05 -32.27
N TYR A 60 -33.03 2.75 -32.57
CA TYR A 60 -31.81 1.96 -32.70
C TYR A 60 -31.53 1.64 -34.16
N ASN A 61 -30.25 1.45 -34.46
CA ASN A 61 -29.83 0.84 -35.71
C ASN A 61 -29.77 -0.67 -35.50
N GLN A 62 -30.46 -1.41 -36.38
CA GLN A 62 -30.62 -2.85 -36.18
C GLN A 62 -29.27 -3.56 -36.06
N LYS A 63 -28.22 -2.98 -36.64
CA LYS A 63 -26.89 -3.57 -36.53
C LYS A 63 -26.45 -3.67 -35.07
N PHE A 64 -26.81 -2.69 -34.26
CA PHE A 64 -26.42 -2.62 -32.85
C PHE A 64 -27.59 -2.92 -31.92
N LYS A 65 -28.44 -3.87 -32.32
CA LYS A 65 -29.61 -4.23 -31.53
C LYS A 65 -29.22 -4.82 -30.19
N GLY A 66 -28.67 -6.03 -30.21
CA GLY A 66 -28.20 -6.67 -28.99
C GLY A 66 -26.84 -6.22 -28.51
N LYS A 67 -26.19 -5.32 -29.24
CA LYS A 67 -24.85 -4.85 -28.89
C LYS A 67 -24.88 -3.62 -27.99
N ALA A 68 -25.75 -2.66 -28.29
CA ALA A 68 -25.79 -1.39 -27.57
C ALA A 68 -27.14 -1.21 -26.90
N THR A 69 -27.12 -0.64 -25.70
CA THR A 69 -28.33 -0.28 -24.96
C THR A 69 -28.14 1.11 -24.40
N LEU A 70 -29.03 2.04 -24.80
CA LEU A 70 -28.93 3.42 -24.39
C LEU A 70 -29.80 3.67 -23.16
N THR A 71 -29.24 4.34 -22.16
CA THR A 71 -29.97 4.74 -20.97
C THR A 71 -29.57 6.17 -20.62
N VAL A 72 -30.35 6.79 -19.74
CA VAL A 72 -30.07 8.13 -19.24
C VAL A 72 -30.32 8.15 -17.73
N ASP A 73 -29.59 9.01 -17.04
CA ASP A 73 -29.78 9.25 -15.60
C ASP A 73 -30.05 10.75 -15.44
N LYS A 74 -31.32 11.09 -15.23
CA LYS A 74 -31.72 12.49 -15.17
C LYS A 74 -31.25 13.18 -13.90
N SER A 75 -30.96 12.42 -12.84
CA SER A 75 -30.46 13.03 -11.61
C SER A 75 -29.04 13.58 -11.80
N SER A 76 -28.26 12.96 -12.69
CA SER A 76 -26.91 13.40 -12.97
C SER A 76 -26.77 14.05 -14.34
N SER A 77 -27.84 14.09 -15.13
CA SER A 77 -27.81 14.60 -16.50
C SER A 77 -26.72 13.91 -17.31
N THR A 78 -26.71 12.57 -17.24
CA THR A 78 -25.70 11.76 -17.90
C THR A 78 -26.39 10.71 -18.76
N ALA A 79 -25.93 10.55 -19.99
CA ALA A 79 -26.38 9.49 -20.88
C ALA A 79 -25.36 8.35 -20.89
N TYR A 80 -25.84 7.14 -21.11
CA TYR A 80 -25.00 5.95 -21.06
C TYR A 80 -25.29 5.07 -22.26
N MET A 81 -24.23 4.48 -22.82
CA MET A 81 -24.35 3.46 -23.85
C MET A 81 -23.57 2.23 -23.40
N GLN A 82 -24.27 1.15 -23.09
CA GLN A 82 -23.64 -0.08 -22.63
C GLN A 82 -23.39 -1.00 -23.82
N LEU A 83 -22.14 -1.39 -24.01
CA LEU A 83 -21.75 -2.35 -25.03
C LEU A 83 -21.51 -3.70 -24.37
N SER A 84 -22.10 -4.76 -24.94
CA SER A 84 -22.05 -6.08 -24.35
C SER A 84 -21.37 -7.06 -25.30
N SER A 85 -20.79 -8.11 -24.73
CA SER A 85 -20.15 -9.19 -25.49
C SER A 85 -19.11 -8.63 -26.45
N LEU A 86 -18.10 -8.00 -25.88
CA LEU A 86 -17.18 -7.18 -26.65
C LEU A 86 -16.26 -8.04 -27.51
N THR A 87 -16.11 -7.65 -28.77
CA THR A 87 -15.21 -8.30 -29.72
C THR A 87 -14.24 -7.27 -30.29
N SER A 88 -13.33 -7.73 -31.15
CA SER A 88 -12.38 -6.82 -31.78
C SER A 88 -13.09 -5.82 -32.69
N GLU A 89 -14.20 -6.23 -33.31
CA GLU A 89 -14.95 -5.33 -34.17
C GLU A 89 -15.60 -4.18 -33.40
N ASP A 90 -15.71 -4.31 -32.08
CA ASP A 90 -16.28 -3.26 -31.26
C ASP A 90 -15.27 -2.19 -30.86
N SER A 91 -13.98 -2.45 -31.06
CA SER A 91 -12.95 -1.45 -30.77
C SER A 91 -13.11 -0.26 -31.72
N ALA A 92 -13.44 0.90 -31.16
CA ALA A 92 -13.69 2.10 -31.96
C ALA A 92 -13.76 3.30 -31.02
N VAL A 93 -13.91 4.47 -31.62
CA VAL A 93 -14.22 5.69 -30.89
C VAL A 93 -15.73 5.87 -30.90
N TYR A 94 -16.30 6.18 -29.74
CA TYR A 94 -17.75 6.32 -29.58
C TYR A 94 -18.07 7.74 -29.17
N TYR A 95 -18.81 8.45 -30.02
CA TYR A 95 -19.20 9.83 -29.79
C TYR A 95 -20.65 9.91 -29.34
N CYS A 96 -20.92 10.83 -28.41
CA CYS A 96 -22.27 11.30 -28.14
C CYS A 96 -22.40 12.72 -28.67
N ALA A 97 -23.59 13.08 -29.13
CA ALA A 97 -23.78 14.38 -29.77
C ALA A 97 -25.24 14.78 -29.69
N ILE A 98 -25.47 16.10 -29.72
CA ILE A 98 -26.81 16.67 -29.70
C ILE A 98 -26.88 17.79 -30.73
N GLU A 99 -28.11 18.12 -31.13
CA GLU A 99 -28.38 19.22 -32.05
C GLU A 99 -29.42 20.13 -31.42
N ILE A 100 -29.09 21.40 -31.26
CA ILE A 100 -29.95 22.38 -30.61
C ILE A 100 -30.34 23.45 -31.62
N TYR A 101 -31.65 23.66 -31.78
CA TYR A 101 -32.19 24.79 -32.54
C TYR A 101 -32.95 25.66 -31.56
N ASP A 102 -32.43 26.86 -31.28
CA ASP A 102 -32.99 27.75 -30.28
C ASP A 102 -34.04 28.69 -30.85
N GLY A 103 -34.54 28.44 -32.05
CA GLY A 103 -35.40 29.37 -32.73
C GLY A 103 -34.68 30.45 -33.52
N TYR A 104 -33.35 30.51 -33.41
CA TYR A 104 -32.55 31.44 -34.19
C TYR A 104 -31.50 30.71 -35.01
N ASN A 105 -30.64 29.92 -34.37
CA ASN A 105 -29.57 29.20 -35.05
C ASN A 105 -29.58 27.73 -34.63
N THR A 106 -28.99 26.89 -35.46
CA THR A 106 -28.85 25.46 -35.20
C THR A 106 -27.39 25.16 -34.92
N MET A 107 -27.12 24.64 -33.73
CA MET A 107 -25.77 24.31 -33.31
C MET A 107 -25.67 22.83 -33.01
N ASP A 108 -24.52 22.24 -33.35
CA ASP A 108 -24.21 20.87 -32.97
C ASP A 108 -23.15 20.88 -31.89
N TYR A 109 -23.27 19.95 -30.94
CA TYR A 109 -22.30 19.78 -29.86
C TYR A 109 -21.93 18.31 -29.76
N TRP A 110 -20.64 18.04 -29.69
CA TRP A 110 -20.13 16.67 -29.66
C TRP A 110 -19.26 16.46 -28.44
N GLY A 111 -19.29 15.23 -27.93
CA GLY A 111 -18.29 14.82 -26.96
C GLY A 111 -16.96 14.55 -27.63
N GLN A 112 -15.92 14.44 -26.80
CA GLN A 112 -14.59 14.18 -27.33
C GLN A 112 -14.46 12.78 -27.92
N GLY A 113 -15.37 11.87 -27.58
CA GLY A 113 -15.28 10.50 -28.06
C GLY A 113 -14.50 9.60 -27.12
N THR A 114 -15.04 8.43 -26.82
CA THR A 114 -14.38 7.47 -25.95
C THR A 114 -13.75 6.37 -26.80
N SER A 115 -12.43 6.22 -26.68
CA SER A 115 -11.70 5.21 -27.44
C SER A 115 -11.81 3.89 -26.69
N VAL A 116 -12.72 3.04 -27.11
CA VAL A 116 -12.91 1.72 -26.51
C VAL A 116 -11.98 0.74 -27.23
N THR A 117 -11.05 0.15 -26.50
CA THR A 117 -10.14 -0.85 -27.04
C THR A 117 -10.46 -2.20 -26.40
N VAL A 118 -10.74 -3.19 -27.25
CA VAL A 118 -11.04 -4.54 -26.81
C VAL A 118 -9.78 -5.37 -27.00
N SER A 119 -9.17 -5.79 -25.90
CA SER A 119 -7.93 -6.55 -25.97
C SER A 119 -7.72 -7.28 -24.65
N SER A 120 -6.91 -8.34 -24.71
CA SER A 120 -6.48 -9.05 -23.51
C SER A 120 -5.23 -8.44 -22.89
N ALA A 121 -4.58 -7.52 -23.57
CA ALA A 121 -3.39 -6.88 -23.03
C ALA A 121 -3.76 -5.91 -21.92
N LYS A 122 -2.83 -5.70 -21.00
CA LYS A 122 -3.03 -4.76 -19.91
C LYS A 122 -2.50 -3.38 -20.28
N THR A 123 -2.85 -2.39 -19.46
CA THR A 123 -2.42 -1.03 -19.70
C THR A 123 -0.91 -0.90 -19.49
N THR A 124 -0.27 -0.10 -20.35
CA THR A 124 1.14 0.24 -20.19
C THR A 124 1.30 1.74 -20.40
N PRO A 125 1.87 2.47 -19.43
CA PRO A 125 2.06 3.91 -19.61
C PRO A 125 3.26 4.18 -20.50
N PRO A 126 3.28 5.32 -21.18
CA PRO A 126 4.37 5.60 -22.12
C PRO A 126 5.64 6.05 -21.44
N SER A 127 6.76 5.78 -22.10
CA SER A 127 8.08 6.24 -21.67
C SER A 127 8.44 7.45 -22.54
N VAL A 128 8.53 8.62 -21.91
CA VAL A 128 8.72 9.89 -22.61
C VAL A 128 10.21 10.22 -22.62
N TYR A 129 10.79 10.35 -23.80
CA TYR A 129 12.20 10.63 -23.94
C TYR A 129 12.43 11.96 -24.66
N PRO A 130 13.41 12.73 -24.25
CA PRO A 130 13.69 14.01 -24.92
C PRO A 130 14.54 13.82 -26.17
N LEU A 131 14.27 14.65 -27.16
CA LEU A 131 15.03 14.66 -28.41
C LEU A 131 15.68 16.04 -28.54
N ALA A 132 16.93 16.14 -28.10
CA ALA A 132 17.73 17.35 -28.17
C ALA A 132 18.83 17.20 -29.20
N PRO A 133 19.21 18.27 -29.90
CA PRO A 133 20.23 18.16 -30.95
C PRO A 133 21.59 17.81 -30.37
N GLY A 134 22.42 17.20 -31.21
CA GLY A 134 23.77 16.85 -30.82
C GLY A 134 24.64 18.05 -30.56
N ASN A 140 22.17 27.49 -36.97
CA ASN A 140 21.11 27.89 -37.88
C ASN A 140 20.16 28.88 -37.19
N SER A 141 19.26 29.48 -37.98
CA SER A 141 18.31 30.44 -37.45
C SER A 141 17.16 29.77 -36.71
N MET A 142 16.90 28.49 -36.98
CA MET A 142 15.88 27.73 -36.28
C MET A 142 16.48 26.44 -35.75
N VAL A 143 15.82 25.86 -34.75
CA VAL A 143 16.23 24.59 -34.17
C VAL A 143 14.99 23.71 -34.04
N THR A 144 15.15 22.43 -34.36
CA THR A 144 14.08 21.45 -34.27
C THR A 144 14.30 20.58 -33.05
N LEU A 145 13.31 20.55 -32.16
CA LEU A 145 13.31 19.69 -30.97
C LEU A 145 12.25 18.62 -31.12
N GLY A 146 12.33 17.60 -30.27
CA GLY A 146 11.45 16.45 -30.43
C GLY A 146 11.11 15.77 -29.13
N CYS A 147 10.17 14.83 -29.22
CA CYS A 147 9.65 14.11 -28.08
C CYS A 147 9.25 12.71 -28.53
N LEU A 148 9.82 11.68 -27.91
CA LEU A 148 9.54 10.29 -28.25
C LEU A 148 8.65 9.67 -27.18
N VAL A 149 7.43 9.30 -27.57
CA VAL A 149 6.46 8.71 -26.65
C VAL A 149 6.34 7.22 -26.95
N LYS A 150 7.09 6.40 -26.23
CA LYS A 150 7.36 5.02 -26.63
C LYS A 150 6.66 4.01 -25.73
N GLY A 151 6.09 2.98 -26.36
CA GLY A 151 5.66 1.78 -25.68
C GLY A 151 4.49 1.91 -24.73
N TYR A 152 3.38 2.46 -25.21
CA TYR A 152 2.18 2.60 -24.39
C TYR A 152 1.03 1.79 -24.98
N PHE A 153 0.04 1.54 -24.14
CA PHE A 153 -1.18 0.83 -24.53
C PHE A 153 -2.25 1.05 -23.48
N PRO A 154 -3.50 1.31 -23.87
CA PRO A 154 -3.90 1.48 -25.27
C PRO A 154 -3.91 2.94 -25.71
N GLU A 155 -4.47 3.19 -26.88
CA GLU A 155 -4.68 4.55 -27.34
C GLU A 155 -5.73 5.24 -26.46
N PRO A 156 -5.73 6.58 -26.40
CA PRO A 156 -4.81 7.51 -27.05
C PRO A 156 -3.80 8.14 -26.10
N VAL A 157 -2.98 9.03 -26.63
CA VAL A 157 -2.18 9.94 -25.83
C VAL A 157 -2.30 11.33 -26.43
N THR A 158 -2.27 12.34 -25.58
CA THR A 158 -2.29 13.73 -25.99
C THR A 158 -0.91 14.33 -25.76
N VAL A 159 -0.38 15.00 -26.77
CA VAL A 159 0.91 15.66 -26.70
C VAL A 159 0.72 17.14 -26.99
N THR A 160 1.21 17.98 -26.08
CA THR A 160 1.25 19.43 -26.28
C THR A 160 2.65 19.93 -25.93
N TRP A 161 2.94 21.15 -26.35
CA TRP A 161 4.25 21.76 -26.13
C TRP A 161 4.07 23.02 -25.30
N ASN A 162 4.77 23.07 -24.16
CA ASN A 162 4.68 24.20 -23.22
C ASN A 162 3.23 24.45 -22.82
N SER A 163 2.52 23.36 -22.51
CA SER A 163 1.12 23.41 -22.09
C SER A 163 0.25 24.10 -23.14
N GLY A 164 0.53 23.81 -24.41
CA GLY A 164 -0.23 24.38 -25.50
C GLY A 164 0.19 25.76 -25.95
N SER A 165 1.02 26.46 -25.17
CA SER A 165 1.48 27.78 -25.57
C SER A 165 2.38 27.72 -26.81
N LEU A 166 2.99 26.59 -27.09
CA LEU A 166 3.85 26.39 -28.24
C LEU A 166 3.13 25.47 -29.22
N SER A 167 2.50 26.06 -30.23
CA SER A 167 1.69 25.32 -31.19
C SER A 167 2.18 25.42 -32.62
N SER A 168 2.72 26.56 -33.03
CA SER A 168 3.23 26.70 -34.39
C SER A 168 4.52 25.89 -34.55
N GLY A 169 4.74 25.39 -35.77
CA GLY A 169 5.91 24.58 -36.05
C GLY A 169 5.93 23.24 -35.34
N VAL A 170 4.77 22.72 -34.97
CA VAL A 170 4.65 21.44 -34.27
C VAL A 170 4.11 20.41 -35.25
N HIS A 171 4.76 19.24 -35.30
CA HIS A 171 4.27 18.09 -36.04
C HIS A 171 4.18 16.92 -35.08
N THR A 172 2.97 16.47 -34.79
CA THR A 172 2.74 15.29 -33.96
C THR A 172 2.36 14.13 -34.86
N PHE A 173 3.16 13.07 -34.84
CA PHE A 173 3.00 12.00 -35.81
C PHE A 173 2.05 10.94 -35.29
N PRO A 174 1.22 10.37 -36.16
CA PRO A 174 0.27 9.34 -35.74
C PRO A 174 0.98 8.16 -35.09
N ALA A 175 0.30 7.54 -34.14
CA ALA A 175 0.87 6.40 -33.43
C ALA A 175 0.92 5.17 -34.32
N VAL A 176 1.98 4.38 -34.16
CA VAL A 176 2.17 3.13 -34.87
C VAL A 176 2.16 2.00 -33.86
N LEU A 177 1.38 0.96 -34.14
CA LEU A 177 1.32 -0.22 -33.29
C LEU A 177 2.41 -1.21 -33.71
N GLN A 178 3.27 -1.58 -32.77
CA GLN A 178 4.37 -2.49 -33.05
C GLN A 178 4.64 -3.32 -31.81
N SER A 179 4.63 -4.64 -31.96
CA SER A 179 4.86 -5.58 -30.86
C SER A 179 3.91 -5.31 -29.70
N ASP A 180 2.62 -5.19 -30.03
CA ASP A 180 1.54 -5.02 -29.06
C ASP A 180 1.63 -3.70 -28.29
N LEU A 181 2.42 -2.75 -28.76
CA LEU A 181 2.58 -1.47 -28.08
C LEU A 181 2.60 -0.34 -29.09
N TYR A 182 2.10 0.82 -28.67
CA TYR A 182 2.04 2.01 -29.50
C TYR A 182 3.23 2.92 -29.22
N THR A 183 3.65 3.64 -30.26
CA THR A 183 4.73 4.60 -30.13
C THR A 183 4.48 5.74 -31.12
N LEU A 184 4.64 6.97 -30.67
CA LEU A 184 4.59 8.12 -31.54
C LEU A 184 5.69 9.10 -31.17
N SER A 185 5.83 10.14 -31.99
CA SER A 185 6.82 11.18 -31.76
C SER A 185 6.21 12.52 -32.13
N SER A 186 6.84 13.58 -31.65
CA SER A 186 6.42 14.94 -31.94
C SER A 186 7.64 15.83 -32.10
N SER A 187 7.62 16.69 -33.11
CA SER A 187 8.70 17.64 -33.34
C SER A 187 8.17 19.05 -33.24
N VAL A 188 9.04 19.96 -32.82
CA VAL A 188 8.72 21.39 -32.75
C VAL A 188 9.94 22.18 -33.21
N THR A 189 9.71 23.19 -34.03
CA THR A 189 10.77 24.05 -34.55
C THR A 189 10.55 25.46 -34.03
N VAL A 190 11.57 26.01 -33.37
CA VAL A 190 11.46 27.31 -32.71
C VAL A 190 12.68 28.14 -33.10
N PRO A 191 12.60 29.46 -32.92
CA PRO A 191 13.77 30.30 -33.18
C PRO A 191 14.97 29.86 -32.34
N SER A 192 16.16 30.01 -32.93
CA SER A 192 17.38 29.66 -32.21
C SER A 192 17.58 30.52 -30.97
N SER A 193 16.96 31.69 -30.91
CA SER A 193 16.98 32.51 -29.71
C SER A 193 16.03 32.01 -28.63
N THR A 194 15.15 31.06 -28.94
CA THR A 194 14.22 30.51 -27.98
C THR A 194 14.83 29.34 -27.22
N TRP A 195 15.41 28.38 -27.93
CA TRP A 195 16.06 27.23 -27.32
C TRP A 195 17.56 27.29 -27.60
N PRO A 196 18.43 27.03 -26.61
CA PRO A 196 18.07 26.58 -25.26
C PRO A 196 17.95 27.70 -24.23
N SER A 197 17.69 28.94 -24.67
CA SER A 197 17.60 30.04 -23.73
C SER A 197 16.34 29.93 -22.88
N GLN A 198 15.23 29.49 -23.46
CA GLN A 198 13.96 29.36 -22.76
C GLN A 198 13.61 27.88 -22.61
N THR A 199 12.64 27.62 -21.75
CA THR A 199 12.21 26.25 -21.47
C THR A 199 11.26 25.76 -22.55
N VAL A 200 11.54 24.57 -23.08
CA VAL A 200 10.66 23.89 -24.02
C VAL A 200 10.28 22.56 -23.40
N THR A 201 9.00 22.37 -23.16
CA THR A 201 8.50 21.20 -22.43
C THR A 201 7.49 20.44 -23.27
N CYS A 202 7.69 19.13 -23.36
CA CYS A 202 6.75 18.23 -24.05
C CYS A 202 5.82 17.62 -23.02
N ASN A 203 4.52 17.93 -23.14
CA ASN A 203 3.51 17.48 -22.18
C ASN A 203 2.77 16.27 -22.77
N VAL A 204 2.94 15.12 -22.14
CA VAL A 204 2.34 13.86 -22.60
C VAL A 204 1.29 13.44 -21.58
N ALA A 205 0.11 13.09 -22.09
CA ALA A 205 -1.01 12.64 -21.25
C ALA A 205 -1.52 11.32 -21.78
N HIS A 206 -1.54 10.30 -20.92
CA HIS A 206 -2.08 8.98 -21.26
C HIS A 206 -3.20 8.67 -20.27
N PRO A 207 -4.47 8.92 -20.64
CA PRO A 207 -5.55 8.78 -19.64
C PRO A 207 -5.84 7.34 -19.25
N ALA A 208 -5.53 6.37 -20.11
CA ALA A 208 -5.78 4.98 -19.77
C ALA A 208 -4.93 4.49 -18.60
N SER A 209 -3.83 5.18 -18.31
CA SER A 209 -2.96 4.82 -17.19
C SER A 209 -2.86 5.94 -16.16
N SER A 210 -3.68 6.99 -16.28
CA SER A 210 -3.65 8.15 -15.38
C SER A 210 -2.26 8.77 -15.34
N THR A 211 -1.64 8.90 -16.51
CA THR A 211 -0.26 9.35 -16.63
C THR A 211 -0.21 10.76 -17.22
N LYS A 212 0.53 11.65 -16.58
CA LYS A 212 0.81 12.98 -17.10
C LYS A 212 2.29 13.27 -16.85
N VAL A 213 3.09 13.27 -17.91
CA VAL A 213 4.53 13.42 -17.81
C VAL A 213 4.95 14.67 -18.57
N ASP A 214 5.63 15.58 -17.86
CA ASP A 214 6.18 16.80 -18.44
C ASP A 214 7.69 16.63 -18.55
N LYS A 215 8.19 16.52 -19.78
CA LYS A 215 9.60 16.29 -20.04
C LYS A 215 10.18 17.52 -20.73
N LYS A 216 11.11 18.18 -20.06
CA LYS A 216 11.78 19.34 -20.63
C LYS A 216 12.89 18.89 -21.58
N ILE A 217 13.07 19.64 -22.67
CA ILE A 217 14.09 19.34 -23.66
C ILE A 217 15.36 20.08 -23.22
N VAL A 218 16.25 19.36 -22.54
CA VAL A 218 17.45 19.96 -21.96
C VAL A 218 18.60 19.81 -22.95
N PRO A 219 19.39 20.87 -23.19
CA PRO A 219 20.60 20.71 -24.00
C PRO A 219 21.62 19.79 -23.34
N ARG A 220 21.74 18.57 -23.86
CA ARG A 220 22.64 17.56 -23.31
C ARG A 220 22.40 17.32 -21.83
N ASP B 1 -30.85 -1.08 -45.98
CA ASP B 1 -30.83 0.34 -45.61
C ASP B 1 -30.58 1.22 -46.83
N ILE B 2 -30.85 2.51 -46.68
CA ILE B 2 -30.51 3.47 -47.74
C ILE B 2 -28.99 3.63 -47.79
N VAL B 3 -28.43 3.61 -48.99
CA VAL B 3 -26.99 3.64 -49.19
C VAL B 3 -26.58 5.00 -49.73
N MET B 4 -25.66 5.65 -49.05
CA MET B 4 -25.05 6.90 -49.52
C MET B 4 -23.69 6.56 -50.12
N THR B 5 -23.51 6.91 -51.40
CA THR B 5 -22.34 6.43 -52.14
C THR B 5 -21.10 7.25 -51.87
N GLN B 6 -21.04 8.47 -52.43
CA GLN B 6 -19.81 9.27 -52.49
C GLN B 6 -18.76 8.50 -53.28
N SER B 7 -18.78 8.65 -54.60
CA SER B 7 -17.94 7.82 -55.47
C SER B 7 -16.46 8.12 -55.29
N GLN B 8 -16.11 9.37 -55.01
CA GLN B 8 -14.71 9.78 -54.92
C GLN B 8 -14.22 9.64 -53.49
N LYS B 9 -13.11 8.92 -53.32
CA LYS B 9 -12.46 8.84 -52.02
C LYS B 9 -11.54 10.02 -51.73
N PHE B 10 -11.12 10.75 -52.77
CA PHE B 10 -10.25 11.90 -52.62
C PHE B 10 -10.66 12.99 -53.61
N MET B 11 -10.58 14.24 -53.15
CA MET B 11 -10.87 15.39 -53.98
C MET B 11 -9.63 16.29 -53.97
N SER B 12 -9.32 16.89 -55.10
CA SER B 12 -8.10 17.68 -55.16
C SER B 12 -8.41 19.07 -55.69
N THR B 13 -7.70 20.05 -55.16
CA THR B 13 -7.76 21.42 -55.62
C THR B 13 -6.53 22.17 -55.11
N SER B 14 -6.47 23.46 -55.43
CA SER B 14 -5.43 24.34 -54.95
C SER B 14 -6.00 25.35 -53.96
N VAL B 15 -5.11 25.94 -53.17
CA VAL B 15 -5.54 26.91 -52.16
C VAL B 15 -6.13 28.13 -52.86
N GLY B 16 -7.33 28.51 -52.45
CA GLY B 16 -8.06 29.60 -53.06
C GLY B 16 -9.08 29.18 -54.09
N ASP B 17 -8.98 27.96 -54.61
CA ASP B 17 -9.90 27.46 -55.61
C ASP B 17 -11.06 26.75 -54.92
N ARG B 18 -11.89 26.05 -55.69
CA ARG B 18 -13.09 25.40 -55.18
C ARG B 18 -13.06 23.90 -55.47
N VAL B 19 -13.83 23.15 -54.68
CA VAL B 19 -14.01 21.71 -54.88
C VAL B 19 -15.48 21.37 -54.63
N SER B 20 -15.87 20.16 -55.04
CA SER B 20 -17.24 19.68 -54.86
C SER B 20 -17.24 18.18 -54.59
N VAL B 21 -18.25 17.72 -53.86
CA VAL B 21 -18.48 16.30 -53.60
C VAL B 21 -19.93 15.96 -53.95
N THR B 22 -20.12 14.89 -54.72
CA THR B 22 -21.44 14.31 -54.94
C THR B 22 -21.71 13.22 -53.91
N CYS B 23 -23.00 13.00 -53.64
CA CYS B 23 -23.45 11.94 -52.75
C CYS B 23 -24.72 11.37 -53.37
N LYS B 24 -24.69 10.09 -53.70
CA LYS B 24 -25.81 9.42 -54.34
C LYS B 24 -26.55 8.57 -53.31
N ALA B 25 -27.85 8.78 -53.19
CA ALA B 25 -28.70 8.01 -52.29
C ALA B 25 -29.43 6.93 -53.07
N SER B 26 -29.52 5.74 -52.47
CA SER B 26 -30.14 4.61 -53.15
C SER B 26 -31.62 4.84 -53.42
N GLN B 27 -32.28 5.66 -52.60
CA GLN B 27 -33.68 5.99 -52.78
C GLN B 27 -33.87 7.49 -52.57
N ASN B 28 -35.10 7.95 -52.75
CA ASN B 28 -35.41 9.36 -52.57
C ASN B 28 -35.40 9.71 -51.08
N VAL B 29 -34.47 10.57 -50.69
CA VAL B 29 -34.38 11.03 -49.31
C VAL B 29 -34.83 12.49 -49.18
N GLY B 30 -35.57 12.98 -50.16
CA GLY B 30 -36.07 14.35 -50.10
C GLY B 30 -34.92 15.34 -50.03
N THR B 31 -34.93 16.18 -49.00
CA THR B 31 -33.83 17.08 -48.70
C THR B 31 -33.21 16.79 -47.34
N ASN B 32 -33.57 15.66 -46.72
CA ASN B 32 -33.08 15.30 -45.39
C ASN B 32 -31.67 14.72 -45.50
N VAL B 33 -30.74 15.58 -45.91
CA VAL B 33 -29.35 15.21 -46.12
C VAL B 33 -28.47 16.17 -45.34
N ALA B 34 -27.48 15.63 -44.64
CA ALA B 34 -26.56 16.42 -43.85
C ALA B 34 -25.12 16.16 -44.30
N TRP B 35 -24.25 17.14 -44.06
CA TRP B 35 -22.85 17.06 -44.39
C TRP B 35 -22.01 17.33 -43.15
N TYR B 36 -21.04 16.47 -42.88
CA TYR B 36 -20.16 16.61 -41.73
C TYR B 36 -18.71 16.75 -42.18
N GLN B 37 -17.94 17.49 -41.38
CA GLN B 37 -16.50 17.64 -41.58
C GLN B 37 -15.78 17.03 -40.38
N GLN B 38 -14.72 16.26 -40.65
CA GLN B 38 -13.92 15.65 -39.60
C GLN B 38 -12.44 15.87 -39.91
N LYS B 39 -11.81 16.76 -39.17
CA LYS B 39 -10.37 16.90 -39.21
C LYS B 39 -9.73 15.76 -38.42
N PRO B 40 -8.48 15.41 -38.73
CA PRO B 40 -7.84 14.28 -38.03
C PRO B 40 -7.73 14.54 -36.54
N GLY B 41 -8.11 13.55 -35.74
CA GLY B 41 -8.01 13.62 -34.30
C GLY B 41 -9.16 14.31 -33.60
N GLN B 42 -10.12 14.85 -34.34
CA GLN B 42 -11.23 15.60 -33.75
C GLN B 42 -12.54 14.86 -34.00
N SER B 43 -13.58 15.34 -33.32
CA SER B 43 -14.92 14.81 -33.52
C SER B 43 -15.51 15.39 -34.80
N PRO B 44 -16.51 14.70 -35.38
CA PRO B 44 -17.17 15.25 -36.56
C PRO B 44 -17.82 16.59 -36.27
N LYS B 45 -17.89 17.44 -37.30
CA LYS B 45 -18.47 18.77 -37.21
C LYS B 45 -19.53 18.91 -38.28
N ALA B 46 -20.76 19.22 -37.88
CA ALA B 46 -21.86 19.34 -38.82
C ALA B 46 -21.73 20.62 -39.62
N LEU B 47 -21.66 20.49 -40.95
CA LEU B 47 -21.60 21.62 -41.85
C LEU B 47 -22.96 22.02 -42.40
N ILE B 48 -23.69 21.06 -42.95
CA ILE B 48 -24.93 21.32 -43.66
C ILE B 48 -26.03 20.43 -43.08
N TYR B 49 -27.23 20.99 -42.95
CA TYR B 49 -28.43 20.21 -42.70
C TYR B 49 -29.49 20.63 -43.71
N SER B 50 -30.45 19.72 -43.94
CA SER B 50 -31.53 19.95 -44.90
C SER B 50 -30.98 20.33 -46.27
N ALA B 51 -29.97 19.58 -46.70
CA ALA B 51 -29.38 19.67 -48.04
C ALA B 51 -28.59 20.97 -48.27
N SER B 52 -29.14 22.11 -47.87
CA SER B 52 -28.55 23.39 -48.25
C SER B 52 -28.36 24.38 -47.11
N TYR B 53 -28.78 24.05 -45.89
CA TYR B 53 -28.73 24.99 -44.78
C TYR B 53 -27.49 24.74 -43.93
N ARG B 54 -26.80 25.82 -43.58
CA ARG B 54 -25.58 25.74 -42.79
C ARG B 54 -25.89 25.77 -41.30
N TYR B 55 -25.05 25.09 -40.53
CA TYR B 55 -25.09 25.25 -39.09
C TYR B 55 -24.46 26.59 -38.70
N SER B 56 -24.75 27.04 -37.49
CA SER B 56 -24.17 28.29 -37.00
C SER B 56 -22.66 28.17 -36.93
N GLY B 57 -21.97 29.19 -37.46
CA GLY B 57 -20.53 29.21 -37.46
C GLY B 57 -19.87 28.61 -38.68
N VAL B 58 -20.63 27.98 -39.57
CA VAL B 58 -20.09 27.40 -40.79
C VAL B 58 -20.04 28.51 -41.85
N PRO B 59 -18.87 28.81 -42.42
CA PRO B 59 -18.76 29.96 -43.32
C PRO B 59 -19.51 29.75 -44.63
N ASP B 60 -19.72 30.87 -45.32
CA ASP B 60 -20.39 30.87 -46.62
C ASP B 60 -19.70 29.95 -47.61
N ARG B 61 -18.39 29.76 -47.46
CA ARG B 61 -17.60 28.96 -48.40
C ARG B 61 -18.15 27.55 -48.58
N PHE B 62 -18.88 27.03 -47.59
CA PHE B 62 -19.48 25.71 -47.67
C PHE B 62 -20.94 25.85 -48.10
N THR B 63 -21.27 25.28 -49.26
CA THR B 63 -22.62 25.33 -49.81
C THR B 63 -23.08 23.94 -50.16
N GLY B 64 -24.27 23.57 -49.73
CA GLY B 64 -24.88 22.29 -50.05
C GLY B 64 -26.00 22.49 -51.06
N SER B 65 -26.13 21.54 -51.98
CA SER B 65 -27.16 21.59 -53.01
C SER B 65 -27.68 20.19 -53.27
N GLY B 66 -28.77 20.10 -54.00
CA GLY B 66 -29.31 18.84 -54.43
C GLY B 66 -30.61 18.50 -53.72
N SER B 67 -31.38 17.62 -54.36
CA SER B 67 -32.64 17.13 -53.82
C SER B 67 -32.94 15.78 -54.48
N GLY B 68 -33.63 14.92 -53.75
CA GLY B 68 -33.97 13.62 -54.27
C GLY B 68 -32.91 12.57 -54.02
N THR B 69 -31.98 12.43 -54.96
CA THR B 69 -30.91 11.44 -54.84
C THR B 69 -29.52 11.96 -55.16
N ASP B 70 -29.39 13.14 -55.77
CA ASP B 70 -28.10 13.69 -56.17
C ASP B 70 -27.82 14.93 -55.32
N PHE B 71 -26.97 14.79 -54.31
CA PHE B 71 -26.61 15.87 -53.42
C PHE B 71 -25.15 16.22 -53.57
N THR B 72 -24.84 17.51 -53.50
CA THR B 72 -23.49 18.00 -53.72
C THR B 72 -23.10 18.98 -52.61
N LEU B 73 -21.88 18.84 -52.13
CA LEU B 73 -21.27 19.80 -51.22
C LEU B 73 -20.15 20.54 -51.94
N THR B 74 -20.21 21.86 -51.94
CA THR B 74 -19.25 22.69 -52.64
C THR B 74 -18.51 23.57 -51.64
N ILE B 75 -17.18 23.53 -51.69
CA ILE B 75 -16.33 24.35 -50.84
C ILE B 75 -15.55 25.31 -51.74
N SER B 76 -15.80 26.60 -51.58
CA SER B 76 -15.11 27.63 -52.32
C SER B 76 -14.06 28.31 -51.45
N ASN B 77 -13.14 29.01 -52.11
CA ASN B 77 -12.03 29.69 -51.44
C ASN B 77 -11.32 28.76 -50.46
N VAL B 78 -10.99 27.56 -50.96
CA VAL B 78 -10.46 26.51 -50.10
C VAL B 78 -9.11 26.94 -49.54
N GLN B 79 -8.94 26.75 -48.24
CA GLN B 79 -7.69 27.04 -47.55
C GLN B 79 -7.18 25.77 -46.88
N SER B 80 -5.92 25.82 -46.43
CA SER B 80 -5.29 24.65 -45.85
C SER B 80 -5.98 24.17 -44.59
N GLU B 81 -6.69 25.07 -43.89
CA GLU B 81 -7.45 24.68 -42.71
C GLU B 81 -8.64 23.78 -43.04
N ASP B 82 -9.02 23.68 -44.31
CA ASP B 82 -10.14 22.86 -44.72
C ASP B 82 -9.77 21.40 -44.97
N LEU B 83 -8.51 21.04 -44.80
CA LEU B 83 -8.08 19.66 -44.95
C LEU B 83 -8.78 18.76 -43.94
N ALA B 84 -9.67 17.90 -44.42
CA ALA B 84 -10.46 17.04 -43.56
C ALA B 84 -11.18 16.02 -44.44
N GLU B 85 -11.80 15.04 -43.78
CA GLU B 85 -12.68 14.10 -44.46
C GLU B 85 -14.12 14.60 -44.35
N TYR B 86 -14.87 14.46 -45.45
CA TYR B 86 -16.21 15.00 -45.54
C TYR B 86 -17.20 13.87 -45.82
N PHE B 87 -18.26 13.80 -45.02
CA PHE B 87 -19.27 12.77 -45.13
C PHE B 87 -20.63 13.39 -45.44
N CYS B 88 -21.39 12.72 -46.30
CA CYS B 88 -22.81 12.99 -46.42
C CYS B 88 -23.58 12.01 -45.55
N GLN B 89 -24.84 12.34 -45.26
CA GLN B 89 -25.67 11.49 -44.43
C GLN B 89 -27.13 11.85 -44.66
N GLN B 90 -27.96 10.83 -44.80
CA GLN B 90 -29.40 11.02 -44.94
C GLN B 90 -30.08 10.75 -43.60
N TYR B 91 -31.08 11.57 -43.29
CA TYR B 91 -31.92 11.33 -42.12
C TYR B 91 -33.39 11.33 -42.49
N ASN B 92 -33.70 10.89 -43.70
CA ASN B 92 -35.08 10.79 -44.16
C ASN B 92 -35.74 9.50 -43.74
N ASN B 93 -34.97 8.42 -43.59
CA ASN B 93 -35.50 7.14 -43.18
C ASN B 93 -34.54 6.48 -42.19
N TYR B 94 -35.09 5.58 -41.38
CA TYR B 94 -34.29 4.86 -40.41
C TYR B 94 -33.95 3.46 -40.94
N PRO B 95 -32.73 2.95 -40.69
CA PRO B 95 -31.69 3.57 -39.87
C PRO B 95 -30.90 4.66 -40.58
N LEU B 96 -30.31 5.56 -39.79
CA LEU B 96 -29.51 6.64 -40.34
C LEU B 96 -28.21 6.08 -40.90
N THR B 97 -27.89 6.45 -42.14
CA THR B 97 -26.74 5.89 -42.83
C THR B 97 -25.85 7.01 -43.36
N PHE B 98 -24.54 6.77 -43.31
CA PHE B 98 -23.53 7.74 -43.73
C PHE B 98 -22.92 7.33 -45.06
N GLY B 99 -22.26 8.30 -45.69
CA GLY B 99 -21.44 8.02 -46.85
C GLY B 99 -20.07 7.51 -46.45
N ALA B 100 -19.36 6.96 -47.44
CA ALA B 100 -18.05 6.38 -47.17
C ALA B 100 -17.03 7.44 -46.76
N GLY B 101 -17.20 8.67 -47.21
CA GLY B 101 -16.32 9.75 -46.84
C GLY B 101 -15.40 10.13 -47.99
N THR B 102 -15.14 11.43 -48.13
CA THR B 102 -14.23 11.93 -49.15
C THR B 102 -13.21 12.83 -48.46
N LYS B 103 -11.93 12.50 -48.62
CA LYS B 103 -10.87 13.29 -48.03
C LYS B 103 -10.40 14.37 -49.00
N LEU B 104 -10.14 15.56 -48.48
CA LEU B 104 -9.67 16.68 -49.28
C LEU B 104 -8.16 16.65 -49.40
N GLU B 105 -7.67 16.89 -50.62
CA GLU B 105 -6.25 17.00 -50.89
C GLU B 105 -5.97 18.35 -51.54
N LEU B 106 -4.80 18.90 -51.25
CA LEU B 106 -4.41 20.22 -51.74
C LEU B 106 -3.13 20.10 -52.55
N LYS B 107 -3.21 20.49 -53.82
CA LYS B 107 -2.04 20.48 -54.69
C LYS B 107 -1.20 21.73 -54.46
N ARG B 108 0.11 21.59 -54.64
CA ARG B 108 1.06 22.67 -54.43
C ARG B 108 2.39 22.27 -55.03
N ALA B 109 3.32 23.22 -55.08
CA ALA B 109 4.63 22.96 -55.64
C ALA B 109 5.42 21.98 -54.76
N ASP B 110 6.44 21.37 -55.36
CA ASP B 110 7.28 20.45 -54.63
C ASP B 110 8.06 21.18 -53.54
N ALA B 111 8.45 20.42 -52.52
CA ALA B 111 9.23 20.96 -51.42
C ALA B 111 10.13 19.87 -50.87
N ALA B 112 11.42 20.17 -50.73
CA ALA B 112 12.36 19.21 -50.19
C ALA B 112 12.24 19.14 -48.68
N PRO B 113 12.47 17.96 -48.09
CA PRO B 113 12.32 17.84 -46.63
C PRO B 113 13.50 18.42 -45.88
N THR B 114 13.18 19.02 -44.72
CA THR B 114 14.20 19.41 -43.75
C THR B 114 14.39 18.23 -42.79
N VAL B 115 15.61 17.70 -42.75
CA VAL B 115 15.90 16.45 -42.06
C VAL B 115 16.73 16.73 -40.82
N SER B 116 16.35 16.11 -39.71
CA SER B 116 17.04 16.28 -38.43
C SER B 116 17.16 14.91 -37.77
N ILE B 117 18.34 14.62 -37.23
CA ILE B 117 18.63 13.33 -36.61
C ILE B 117 18.93 13.55 -35.14
N PHE B 118 18.51 12.59 -34.30
CA PHE B 118 18.66 12.71 -32.86
C PHE B 118 19.18 11.40 -32.30
N PRO B 119 20.32 11.39 -31.60
CA PRO B 119 20.81 10.16 -30.98
C PRO B 119 19.90 9.72 -29.85
N PRO B 120 20.10 8.51 -29.32
CA PRO B 120 19.34 8.09 -28.13
C PRO B 120 19.62 9.01 -26.95
N SER B 121 18.57 9.34 -26.21
CA SER B 121 18.73 10.15 -25.01
C SER B 121 19.36 9.31 -23.90
N SER B 122 20.05 10.00 -22.98
CA SER B 122 20.65 9.31 -21.85
C SER B 122 19.59 8.62 -21.00
N GLU B 123 18.37 9.16 -20.97
CA GLU B 123 17.30 8.55 -20.18
C GLU B 123 16.90 7.19 -20.75
N GLN B 124 16.77 7.10 -22.08
CA GLN B 124 16.38 5.82 -22.67
C GLN B 124 17.47 4.77 -22.50
N LEU B 125 18.74 5.18 -22.53
CA LEU B 125 19.84 4.23 -22.43
C LEU B 125 19.86 3.50 -21.09
N THR B 126 19.27 4.09 -20.04
CA THR B 126 19.14 3.39 -18.77
C THR B 126 18.08 2.31 -18.80
N SER B 127 17.24 2.29 -19.83
CA SER B 127 16.18 1.28 -19.95
C SER B 127 16.62 0.05 -20.74
N GLY B 128 17.81 0.06 -21.33
CA GLY B 128 18.26 -1.03 -22.15
C GLY B 128 17.92 -0.92 -23.62
N GLY B 129 17.21 0.13 -24.02
CA GLY B 129 16.90 0.36 -25.41
C GLY B 129 17.56 1.61 -25.95
N ALA B 130 17.67 1.72 -27.27
CA ALA B 130 18.34 2.87 -27.88
C ALA B 130 17.63 3.18 -29.20
N SER B 131 16.89 4.28 -29.22
CA SER B 131 16.14 4.70 -30.41
C SER B 131 16.83 5.90 -31.04
N VAL B 132 17.13 5.80 -32.33
CA VAL B 132 17.60 6.93 -33.12
C VAL B 132 16.42 7.45 -33.94
N VAL B 133 16.17 8.74 -33.83
CA VAL B 133 14.99 9.37 -34.44
C VAL B 133 15.44 10.31 -35.54
N CYS B 134 14.79 10.23 -36.70
CA CYS B 134 15.05 11.09 -37.84
C CYS B 134 13.76 11.75 -38.26
N PHE B 135 13.71 13.08 -38.20
CA PHE B 135 12.54 13.84 -38.59
C PHE B 135 12.72 14.36 -40.01
N LEU B 136 11.67 14.20 -40.83
CA LEU B 136 11.67 14.67 -42.22
C LEU B 136 10.44 15.56 -42.38
N ASN B 137 10.64 16.87 -42.35
CA ASN B 137 9.57 17.82 -42.12
C ASN B 137 9.30 18.68 -43.35
N ASN B 138 8.02 18.86 -43.67
CA ASN B 138 7.54 19.85 -44.62
C ASN B 138 8.05 19.60 -46.04
N PHE B 139 7.73 18.41 -46.55
CA PHE B 139 8.08 18.03 -47.91
C PHE B 139 6.82 17.73 -48.71
N TYR B 140 6.97 17.78 -50.05
CA TYR B 140 5.87 17.52 -50.97
C TYR B 140 6.45 17.06 -52.29
N PRO B 141 5.91 16.02 -52.92
CA PRO B 141 4.74 15.24 -52.50
C PRO B 141 5.03 14.26 -51.36
N LYS B 142 4.00 13.52 -50.94
CA LYS B 142 4.10 12.69 -49.74
C LYS B 142 5.03 11.51 -49.91
N ASP B 143 5.28 11.06 -51.15
CA ASP B 143 6.13 9.90 -51.37
C ASP B 143 7.58 10.25 -51.04
N ILE B 144 8.22 9.41 -50.23
CA ILE B 144 9.59 9.62 -49.81
C ILE B 144 10.17 8.29 -49.36
N ASN B 145 11.47 8.11 -49.58
N ASN B 145 11.47 8.11 -49.58
CA ASN B 145 12.19 6.91 -49.16
CA ASN B 145 12.20 6.91 -49.16
C ASN B 145 13.23 7.30 -48.12
C ASN B 145 13.23 7.31 -48.12
N VAL B 146 13.28 6.54 -47.03
CA VAL B 146 14.24 6.78 -45.95
C VAL B 146 14.98 5.48 -45.67
N LYS B 147 16.31 5.56 -45.61
CA LYS B 147 17.16 4.42 -45.32
C LYS B 147 18.05 4.74 -44.12
N TRP B 148 18.36 3.70 -43.35
CA TRP B 148 19.25 3.80 -42.21
C TRP B 148 20.54 3.04 -42.50
N LYS B 149 21.67 3.64 -42.12
CA LYS B 149 22.98 3.02 -42.28
C LYS B 149 23.68 2.98 -40.93
N ILE B 150 24.25 1.83 -40.60
CA ILE B 150 25.05 1.66 -39.40
C ILE B 150 26.45 1.26 -39.84
N ASP B 151 27.38 2.22 -39.75
CA ASP B 151 28.77 2.02 -40.15
C ASP B 151 28.90 1.55 -41.59
N GLY B 152 28.00 2.00 -42.46
CA GLY B 152 28.01 1.67 -43.86
C GLY B 152 27.07 0.55 -44.26
N SER B 153 26.55 -0.21 -43.31
CA SER B 153 25.62 -1.30 -43.59
C SER B 153 24.19 -0.82 -43.36
N GLU B 154 23.32 -1.16 -44.30
CA GLU B 154 21.93 -0.72 -44.22
C GLU B 154 21.14 -1.59 -43.24
N ARG B 155 20.25 -0.96 -42.49
CA ARG B 155 19.37 -1.64 -41.55
C ARG B 155 17.93 -1.31 -41.90
N GLN B 156 17.16 -2.33 -42.28
CA GLN B 156 15.76 -2.16 -42.65
C GLN B 156 14.85 -2.91 -41.67
N ASN B 157 15.29 -3.07 -40.44
CA ASN B 157 14.50 -3.71 -39.39
C ASN B 157 14.60 -2.87 -38.12
N GLY B 158 13.58 -3.00 -37.28
CA GLY B 158 13.50 -2.15 -36.11
C GLY B 158 13.26 -0.70 -36.44
N VAL B 159 12.68 -0.41 -37.60
CA VAL B 159 12.39 0.95 -38.04
C VAL B 159 10.89 1.18 -37.94
N LEU B 160 10.51 2.29 -37.35
CA LEU B 160 9.10 2.69 -37.21
C LEU B 160 8.90 3.99 -37.96
N ASN B 161 8.12 3.95 -39.04
CA ASN B 161 7.85 5.13 -39.85
C ASN B 161 6.42 5.59 -39.64
N SER B 162 6.21 6.90 -39.62
CA SER B 162 4.88 7.47 -39.44
C SER B 162 4.82 8.78 -40.23
N TRP B 163 3.73 8.93 -40.99
CA TRP B 163 3.52 10.12 -41.82
C TRP B 163 2.38 10.94 -41.22
N THR B 164 2.58 12.25 -41.16
CA THR B 164 1.48 13.14 -40.82
C THR B 164 0.50 13.23 -41.99
N ASP B 165 -0.71 13.66 -41.69
CA ASP B 165 -1.61 14.07 -42.75
C ASP B 165 -1.10 15.37 -43.37
N GLN B 166 -1.77 15.82 -44.42
CA GLN B 166 -1.35 17.05 -45.08
C GLN B 166 -1.45 18.22 -44.11
N ASP B 167 -0.40 19.03 -44.06
CA ASP B 167 -0.26 20.07 -43.05
C ASP B 167 -1.32 21.14 -43.21
N SER B 168 -2.00 21.47 -42.12
CA SER B 168 -3.08 22.46 -42.13
C SER B 168 -2.59 23.88 -42.33
N LYS B 169 -1.27 24.10 -42.43
CA LYS B 169 -0.72 25.44 -42.64
C LYS B 169 -0.18 25.63 -44.05
N ASP B 170 0.66 24.71 -44.54
CA ASP B 170 1.27 24.87 -45.85
C ASP B 170 1.04 23.69 -46.79
N SER B 171 0.14 22.76 -46.44
CA SER B 171 -0.23 21.63 -47.29
C SER B 171 0.94 20.67 -47.55
N THR B 172 2.01 20.75 -46.77
CA THR B 172 3.13 19.84 -46.94
C THR B 172 2.91 18.56 -46.13
N TYR B 173 3.87 17.65 -46.21
CA TYR B 173 3.85 16.41 -45.46
C TYR B 173 5.09 16.33 -44.58
N SER B 174 4.98 15.53 -43.51
CA SER B 174 6.10 15.30 -42.60
C SER B 174 6.14 13.83 -42.25
N MET B 175 7.34 13.35 -41.88
CA MET B 175 7.57 11.95 -41.62
C MET B 175 8.55 11.77 -40.48
N SER B 176 8.26 10.82 -39.60
CA SER B 176 9.14 10.46 -38.50
C SER B 176 9.61 9.02 -38.69
N SER B 177 10.92 8.80 -38.58
CA SER B 177 11.51 7.48 -38.75
C SER B 177 12.36 7.18 -37.51
N THR B 178 12.07 6.06 -36.85
CA THR B 178 12.72 5.70 -35.60
C THR B 178 13.38 4.34 -35.75
N LEU B 179 14.72 4.33 -35.63
CA LEU B 179 15.49 3.09 -35.61
C LEU B 179 15.77 2.71 -34.16
N THR B 180 15.24 1.58 -33.72
CA THR B 180 15.35 1.14 -32.34
C THR B 180 16.31 -0.04 -32.25
N LEU B 181 17.35 0.11 -31.44
CA LEU B 181 18.32 -0.95 -31.16
C LEU B 181 18.38 -1.20 -29.67
N THR B 182 18.97 -2.33 -29.30
CA THR B 182 19.34 -2.54 -27.91
C THR B 182 20.55 -1.67 -27.57
N LYS B 183 20.70 -1.37 -26.29
CA LYS B 183 21.80 -0.50 -25.86
C LYS B 183 23.15 -1.12 -26.19
N ASP B 184 23.26 -2.44 -26.04
CA ASP B 184 24.52 -3.13 -26.37
C ASP B 184 24.82 -3.01 -27.86
N GLU B 185 23.84 -3.37 -28.69
CA GLU B 185 24.02 -3.24 -30.14
C GLU B 185 24.35 -1.81 -30.53
N TYR B 186 23.74 -0.83 -29.85
CA TYR B 186 24.01 0.57 -30.16
C TYR B 186 25.45 0.93 -29.87
N GLU B 187 25.96 0.53 -28.70
CA GLU B 187 27.31 0.87 -28.30
C GLU B 187 28.38 0.07 -29.02
N ARG B 188 27.98 -0.91 -29.84
CA ARG B 188 28.92 -1.69 -30.63
C ARG B 188 29.15 -1.12 -32.02
N HIS B 189 28.65 0.09 -32.29
CA HIS B 189 28.81 0.74 -33.58
C HIS B 189 29.01 2.23 -33.37
N ASN B 190 29.52 2.89 -34.40
CA ASN B 190 29.88 4.31 -34.33
C ASN B 190 28.95 5.19 -35.15
N SER B 191 28.93 5.02 -36.48
CA SER B 191 28.19 5.92 -37.36
C SER B 191 26.74 5.49 -37.48
N TYR B 192 25.84 6.47 -37.41
CA TYR B 192 24.40 6.25 -37.57
C TYR B 192 23.87 7.28 -38.55
N THR B 193 23.50 6.82 -39.74
CA THR B 193 23.17 7.70 -40.86
C THR B 193 21.70 7.56 -41.23
N CYS B 194 21.07 8.68 -41.56
CA CYS B 194 19.70 8.74 -42.03
C CYS B 194 19.69 9.35 -43.41
N GLU B 195 19.24 8.59 -44.41
CA GLU B 195 19.29 9.00 -45.81
C GLU B 195 17.87 9.15 -46.34
N ALA B 196 17.55 10.34 -46.86
CA ALA B 196 16.22 10.66 -47.35
C ALA B 196 16.28 10.87 -48.86
N THR B 197 15.52 10.07 -49.60
CA THR B 197 15.44 10.17 -51.05
C THR B 197 14.07 10.72 -51.42
N HIS B 198 14.04 11.90 -52.03
CA HIS B 198 12.81 12.57 -52.40
C HIS B 198 12.92 13.05 -53.84
N LYS B 199 11.77 13.10 -54.52
CA LYS B 199 11.76 13.45 -55.94
C LYS B 199 12.29 14.85 -56.22
N THR B 200 12.47 15.68 -55.19
CA THR B 200 13.02 17.02 -55.39
C THR B 200 14.50 17.01 -55.76
N SER B 201 15.19 15.88 -55.61
CA SER B 201 16.59 15.79 -55.95
C SER B 201 16.98 14.33 -56.14
N THR B 202 17.89 14.09 -57.07
CA THR B 202 18.43 12.74 -57.25
C THR B 202 19.46 12.40 -56.19
N SER B 203 20.05 13.39 -55.52
CA SER B 203 20.99 13.15 -54.44
C SER B 203 20.24 13.07 -53.11
N PRO B 204 20.42 12.01 -52.34
CA PRO B 204 19.73 11.90 -51.06
C PRO B 204 20.19 12.97 -50.08
N ILE B 205 19.31 13.30 -49.14
CA ILE B 205 19.65 14.19 -48.03
C ILE B 205 20.17 13.32 -46.89
N VAL B 206 21.41 13.58 -46.47
CA VAL B 206 22.12 12.70 -45.55
C VAL B 206 22.33 13.44 -44.23
N LYS B 207 21.85 12.85 -43.13
CA LYS B 207 22.11 13.33 -41.79
C LYS B 207 22.68 12.18 -40.97
N SER B 208 23.80 12.41 -40.30
CA SER B 208 24.48 11.36 -39.57
C SER B 208 25.13 11.93 -38.32
N PHE B 209 25.57 11.02 -37.45
CA PHE B 209 26.32 11.38 -36.26
C PHE B 209 27.16 10.19 -35.84
N ASN B 210 28.29 10.49 -35.19
CA ASN B 210 29.18 9.48 -34.65
C ASN B 210 29.05 9.47 -33.13
N ARG B 211 28.73 8.32 -32.56
CA ARG B 211 28.58 8.19 -31.12
C ARG B 211 29.94 7.97 -30.46
N GLN C 1 6.07 16.97 -12.05
CA GLN C 1 6.79 16.67 -10.82
C GLN C 1 6.48 15.25 -10.34
N VAL C 2 7.54 14.50 -9.98
CA VAL C 2 7.35 13.15 -9.46
C VAL C 2 6.76 13.22 -8.07
N GLN C 3 5.68 12.47 -7.84
CA GLN C 3 4.98 12.51 -6.57
C GLN C 3 4.45 11.13 -6.21
N LEU C 4 4.64 10.75 -4.95
CA LEU C 4 3.97 9.60 -4.36
C LEU C 4 2.99 10.09 -3.31
N GLN C 5 1.74 9.66 -3.42
CA GLN C 5 0.65 10.21 -2.62
C GLN C 5 0.08 9.10 -1.73
N GLN C 6 0.32 9.21 -0.42
CA GLN C 6 -0.24 8.28 0.55
C GLN C 6 -1.22 9.01 1.47
N PRO C 7 -2.29 8.34 1.89
CA PRO C 7 -3.16 8.93 2.92
C PRO C 7 -2.43 9.04 4.24
N GLY C 8 -2.84 10.03 5.03
CA GLY C 8 -2.11 10.34 6.25
C GLY C 8 -2.19 9.24 7.29
N ALA C 9 -3.36 8.64 7.46
CA ALA C 9 -3.54 7.69 8.55
C ALA C 9 -4.66 6.70 8.20
N GLU C 10 -4.65 5.60 8.94
CA GLU C 10 -5.70 4.59 8.84
C GLU C 10 -5.91 3.96 10.20
N LEU C 11 -7.17 3.82 10.60
CA LEU C 11 -7.54 3.20 11.87
C LEU C 11 -8.26 1.90 11.57
N VAL C 12 -7.68 0.78 12.00
CA VAL C 12 -8.23 -0.54 11.71
C VAL C 12 -8.38 -1.31 13.01
N LYS C 13 -9.45 -2.10 13.10
CA LYS C 13 -9.65 -2.95 14.25
C LYS C 13 -8.69 -4.14 14.22
N PRO C 14 -8.31 -4.67 15.38
CA PRO C 14 -7.44 -5.85 15.38
C PRO C 14 -8.08 -7.03 14.66
N GLY C 15 -7.24 -7.82 13.99
CA GLY C 15 -7.70 -8.96 13.22
C GLY C 15 -8.23 -8.63 11.86
N ALA C 16 -8.52 -7.36 11.57
CA ALA C 16 -9.01 -6.96 10.26
C ALA C 16 -7.83 -6.77 9.30
N SER C 17 -8.11 -6.29 8.10
CA SER C 17 -7.09 -6.04 7.10
C SER C 17 -7.22 -4.62 6.57
N VAL C 18 -6.10 -4.10 6.06
CA VAL C 18 -6.05 -2.74 5.53
C VAL C 18 -5.18 -2.73 4.28
N LYS C 19 -5.56 -1.88 3.32
CA LYS C 19 -4.85 -1.75 2.04
C LYS C 19 -4.31 -0.33 1.93
N VAL C 20 -3.01 -0.18 2.12
CA VAL C 20 -2.35 1.11 1.99
C VAL C 20 -2.16 1.43 0.52
N SER C 21 -2.44 2.67 0.13
CA SER C 21 -2.36 3.10 -1.25
C SER C 21 -1.20 4.07 -1.45
N CYS C 22 -0.54 3.98 -2.60
CA CYS C 22 0.54 4.88 -2.97
C CYS C 22 0.33 5.27 -4.43
N LYS C 23 -0.23 6.46 -4.64
CA LYS C 23 -0.59 6.94 -5.97
C LYS C 23 0.60 7.67 -6.59
N ALA C 24 1.08 7.17 -7.72
CA ALA C 24 2.22 7.75 -8.41
C ALA C 24 1.76 8.68 -9.53
N SER C 25 2.58 9.69 -9.82
CA SER C 25 2.28 10.64 -10.88
C SER C 25 3.58 11.32 -11.30
N GLY C 26 3.59 11.82 -12.53
CA GLY C 26 4.70 12.58 -13.06
C GLY C 26 5.81 11.77 -13.69
N TYR C 27 5.68 10.45 -13.73
CA TYR C 27 6.71 9.61 -14.34
C TYR C 27 6.07 8.32 -14.85
N THR C 28 6.85 7.55 -15.59
CA THR C 28 6.38 6.27 -16.11
C THR C 28 6.29 5.27 -14.96
N PHE C 29 5.07 4.97 -14.55
CA PHE C 29 4.84 4.15 -13.35
C PHE C 29 5.51 2.78 -13.45
N THR C 30 5.61 2.23 -14.65
CA THR C 30 6.08 0.85 -14.84
C THR C 30 7.57 0.77 -15.13
N ASN C 31 8.33 1.82 -14.85
CA ASN C 31 9.76 1.84 -15.17
C ASN C 31 10.67 1.70 -13.96
N TYR C 32 10.14 1.77 -12.74
CA TYR C 32 10.97 1.79 -11.54
C TYR C 32 10.36 0.92 -10.46
N TRP C 33 11.23 0.33 -9.64
CA TRP C 33 10.78 -0.49 -8.52
C TRP C 33 10.05 0.35 -7.48
N MET C 34 8.93 -0.17 -6.99
CA MET C 34 8.20 0.44 -5.90
C MET C 34 8.62 -0.23 -4.59
N TYR C 35 9.18 0.55 -3.67
CA TYR C 35 9.66 0.03 -2.40
C TYR C 35 8.69 0.37 -1.28
N TRP C 36 8.67 -0.49 -0.26
CA TRP C 36 7.83 -0.28 0.92
C TRP C 36 8.68 -0.47 2.17
N VAL C 37 8.57 0.48 3.10
CA VAL C 37 9.35 0.48 4.34
C VAL C 37 8.40 0.70 5.51
N LYS C 38 8.65 0.00 6.62
CA LYS C 38 7.86 0.12 7.83
C LYS C 38 8.69 0.75 8.94
N GLN C 39 8.07 1.62 9.73
CA GLN C 39 8.72 2.23 10.88
C GLN C 39 7.73 2.26 12.04
N ARG C 40 7.99 1.45 13.06
N ARG C 40 7.99 1.45 13.06
CA ARG C 40 7.14 1.45 14.24
CA ARG C 40 7.15 1.44 14.25
C ARG C 40 7.41 2.69 15.09
C ARG C 40 7.40 2.70 15.07
N PRO C 41 6.42 3.13 15.88
CA PRO C 41 6.58 4.36 16.68
C PRO C 41 7.81 4.36 17.57
N GLY C 42 8.78 5.22 17.25
CA GLY C 42 10.02 5.33 17.99
C GLY C 42 11.10 4.36 17.58
N GLN C 43 10.84 3.47 16.63
CA GLN C 43 11.77 2.44 16.23
C GLN C 43 12.47 2.83 14.93
N GLY C 44 13.28 1.91 14.39
CA GLY C 44 14.00 2.13 13.17
C GLY C 44 13.25 1.65 11.94
N LEU C 45 13.93 1.70 10.81
CA LEU C 45 13.33 1.35 9.53
C LEU C 45 13.46 -0.15 9.26
N GLU C 46 12.42 -0.72 8.65
CA GLU C 46 12.42 -2.11 8.21
C GLU C 46 11.92 -2.17 6.78
N TRP C 47 12.57 -2.99 5.96
CA TRP C 47 12.17 -3.16 4.56
C TRP C 47 11.13 -4.26 4.47
N ILE C 48 9.94 -3.90 3.99
CA ILE C 48 8.89 -4.90 3.78
C ILE C 48 9.11 -5.65 2.47
N GLY C 49 9.19 -4.91 1.38
CA GLY C 49 9.38 -5.54 0.08
C GLY C 49 9.35 -4.50 -1.02
N ARG C 50 9.56 -4.97 -2.24
CA ARG C 50 9.50 -4.14 -3.43
C ARG C 50 8.74 -4.87 -4.52
N ILE C 51 8.13 -4.09 -5.41
CA ILE C 51 7.36 -4.64 -6.52
C ILE C 51 7.62 -3.79 -7.76
N HIS C 52 7.87 -4.46 -8.90
CA HIS C 52 8.06 -3.75 -10.16
C HIS C 52 6.72 -3.65 -10.86
N PRO C 53 6.14 -2.45 -11.01
CA PRO C 53 4.78 -2.34 -11.55
C PRO C 53 4.65 -2.76 -13.01
N SER C 54 5.75 -2.97 -13.73
CA SER C 54 5.66 -3.40 -15.12
C SER C 54 5.04 -4.78 -15.22
N ASP C 55 5.54 -5.73 -14.42
CA ASP C 55 5.05 -7.10 -14.45
C ASP C 55 4.68 -7.62 -13.06
N SER C 56 4.62 -6.76 -12.05
CA SER C 56 4.29 -7.12 -10.67
C SER C 56 5.26 -8.12 -10.08
N ASP C 57 6.50 -8.16 -10.58
CA ASP C 57 7.53 -8.96 -9.94
C ASP C 57 7.82 -8.40 -8.56
N THR C 58 7.99 -9.28 -7.58
CA THR C 58 8.10 -8.88 -6.19
C THR C 58 9.32 -9.51 -5.53
N ASN C 59 9.90 -8.77 -4.60
CA ASN C 59 10.86 -9.30 -3.62
C ASN C 59 10.31 -8.97 -2.24
N TYR C 60 10.12 -10.00 -1.41
CA TYR C 60 9.53 -9.84 -0.10
C TYR C 60 10.57 -10.12 0.98
N ASN C 61 10.55 -9.31 2.03
CA ASN C 61 11.22 -9.69 3.27
C ASN C 61 10.44 -10.85 3.87
N GLN C 62 11.13 -11.98 4.11
CA GLN C 62 10.45 -13.18 4.58
C GLN C 62 9.68 -12.94 5.87
N LYS C 63 10.08 -11.93 6.64
CA LYS C 63 9.37 -11.61 7.89
C LYS C 63 7.93 -11.18 7.62
N PHE C 64 7.66 -10.60 6.44
CA PHE C 64 6.36 -10.03 6.13
C PHE C 64 5.61 -10.80 5.05
N LYS C 65 6.03 -12.03 4.73
CA LYS C 65 5.44 -12.75 3.60
C LYS C 65 3.95 -12.97 3.80
N GLY C 66 3.56 -13.58 4.91
CA GLY C 66 2.15 -13.82 5.16
C GLY C 66 1.37 -12.58 5.58
N LYS C 67 2.06 -11.51 5.94
CA LYS C 67 1.42 -10.31 6.47
C LYS C 67 1.13 -9.29 5.37
N ALA C 68 2.12 -9.00 4.52
CA ALA C 68 2.00 -7.96 3.50
C ALA C 68 1.87 -8.58 2.12
N THR C 69 1.01 -7.99 1.29
CA THR C 69 0.85 -8.38 -0.10
C THR C 69 0.92 -7.12 -0.96
N LEU C 70 1.84 -7.10 -1.92
CA LEU C 70 2.05 -5.95 -2.78
C LEU C 70 1.40 -6.18 -4.14
N THR C 71 0.55 -5.24 -4.56
CA THR C 71 -0.05 -5.24 -5.88
C THR C 71 0.08 -3.86 -6.50
N VAL C 72 -0.24 -3.77 -7.78
CA VAL C 72 -0.29 -2.50 -8.49
C VAL C 72 -1.53 -2.46 -9.37
N ASP C 73 -1.98 -1.25 -9.68
CA ASP C 73 -3.06 -1.01 -10.63
C ASP C 73 -2.50 -0.03 -11.66
N LYS C 74 -2.15 -0.57 -12.84
CA LYS C 74 -1.51 0.26 -13.86
C LYS C 74 -2.49 1.24 -14.48
N SER C 75 -3.79 0.93 -14.47
CA SER C 75 -4.77 1.84 -15.05
C SER C 75 -4.93 3.12 -14.24
N SER C 76 -4.52 3.12 -12.97
CA SER C 76 -4.56 4.31 -12.13
C SER C 76 -3.19 4.67 -11.57
N SER C 77 -2.14 3.96 -11.97
CA SER C 77 -0.76 4.24 -11.56
C SER C 77 -0.65 4.27 -10.03
N THR C 78 -1.23 3.25 -9.38
CA THR C 78 -1.28 3.19 -7.93
C THR C 78 -0.74 1.85 -7.45
N ALA C 79 0.13 1.89 -6.44
CA ALA C 79 0.62 0.70 -5.78
C ALA C 79 -0.13 0.50 -4.47
N TYR C 80 -0.38 -0.76 -4.12
CA TYR C 80 -1.12 -1.10 -2.91
C TYR C 80 -0.34 -2.12 -2.10
N MET C 81 -0.30 -1.90 -0.78
CA MET C 81 0.22 -2.88 0.17
C MET C 81 -0.90 -3.25 1.12
N GLN C 82 -1.31 -4.52 1.09
CA GLN C 82 -2.37 -5.01 1.94
C GLN C 82 -1.76 -5.70 3.16
N LEU C 83 -2.20 -5.28 4.35
CA LEU C 83 -1.80 -5.90 5.61
C LEU C 83 -2.98 -6.66 6.17
N SER C 84 -2.77 -7.93 6.52
CA SER C 84 -3.83 -8.81 6.97
C SER C 84 -3.58 -9.28 8.40
N SER C 85 -4.66 -9.68 9.06
CA SER C 85 -4.63 -10.18 10.44
C SER C 85 -3.83 -9.22 11.34
N LEU C 86 -4.29 -7.97 11.35
CA LEU C 86 -3.54 -6.91 11.99
C LEU C 86 -3.46 -7.09 13.51
N THR C 87 -2.29 -6.84 14.06
CA THR C 87 -2.03 -6.89 15.49
C THR C 87 -1.42 -5.57 15.93
N SER C 88 -1.17 -5.45 17.24
CA SER C 88 -0.59 -4.23 17.78
C SER C 88 0.80 -3.96 17.20
N GLU C 89 1.54 -5.02 16.87
CA GLU C 89 2.87 -4.84 16.27
C GLU C 89 2.80 -4.26 14.87
N ASP C 90 1.62 -4.22 14.25
CA ASP C 90 1.47 -3.66 12.92
C ASP C 90 1.15 -2.17 12.93
N SER C 91 0.95 -1.57 14.10
CA SER C 91 0.76 -0.13 14.20
C SER C 91 2.09 0.56 13.91
N ALA C 92 2.17 1.23 12.76
CA ALA C 92 3.41 1.84 12.32
C ALA C 92 3.12 2.79 11.17
N VAL C 93 4.14 3.54 10.78
CA VAL C 93 4.09 4.36 9.57
C VAL C 93 4.68 3.55 8.43
N TYR C 94 3.96 3.50 7.31
CA TYR C 94 4.37 2.71 6.15
C TYR C 94 4.67 3.66 4.99
N TYR C 95 5.90 3.64 4.51
CA TYR C 95 6.34 4.48 3.41
C TYR C 95 6.39 3.69 2.12
N CYS C 96 5.98 4.32 1.02
CA CYS C 96 6.34 3.87 -0.31
C CYS C 96 7.43 4.79 -0.87
N ALA C 97 8.32 4.22 -1.67
CA ALA C 97 9.47 4.98 -2.15
C ALA C 97 9.94 4.41 -3.47
N ILE C 98 10.53 5.28 -4.30
CA ILE C 98 11.13 4.91 -5.57
C ILE C 98 12.47 5.60 -5.71
N GLU C 99 13.26 5.12 -6.67
CA GLU C 99 14.60 5.64 -6.93
C GLU C 99 14.77 5.74 -8.43
N ILE C 100 15.03 6.95 -8.93
CA ILE C 100 15.13 7.21 -10.36
C ILE C 100 16.54 7.67 -10.68
N TYR C 101 17.22 6.89 -11.53
CA TYR C 101 18.47 7.31 -12.17
C TYR C 101 18.15 7.59 -13.63
N ASP C 102 18.42 8.82 -14.07
CA ASP C 102 18.01 9.27 -15.39
C ASP C 102 19.16 9.35 -16.38
N GLY C 103 20.28 8.70 -16.10
CA GLY C 103 21.46 8.82 -16.91
C GLY C 103 22.37 9.97 -16.53
N TYR C 104 21.94 10.83 -15.60
CA TYR C 104 22.76 11.93 -15.13
C TYR C 104 22.86 11.91 -13.61
N ASN C 105 21.71 11.97 -12.95
CA ASN C 105 21.67 12.02 -11.49
C ASN C 105 20.71 10.97 -10.95
N THR C 106 20.85 10.69 -9.66
CA THR C 106 20.03 9.69 -8.97
C THR C 106 19.22 10.41 -7.90
N MET C 107 17.89 10.29 -7.99
CA MET C 107 16.99 10.93 -7.05
C MET C 107 16.09 9.89 -6.39
N ASP C 108 15.80 10.10 -5.12
CA ASP C 108 14.86 9.27 -4.37
C ASP C 108 13.57 10.05 -4.15
N TYR C 109 12.45 9.33 -4.14
CA TYR C 109 11.14 9.94 -3.94
C TYR C 109 10.36 9.10 -2.95
N TRP C 110 9.85 9.74 -1.90
CA TRP C 110 9.16 9.07 -0.82
C TRP C 110 7.75 9.62 -0.67
N GLY C 111 6.80 8.74 -0.39
CA GLY C 111 5.51 9.18 0.09
C GLY C 111 5.62 9.71 1.51
N GLN C 112 4.59 10.45 1.93
CA GLN C 112 4.59 11.01 3.28
C GLN C 112 4.50 9.94 4.35
N GLY C 113 4.05 8.73 3.99
CA GLY C 113 3.84 7.68 4.97
C GLY C 113 2.42 7.64 5.48
N THR C 114 1.86 6.45 5.63
CA THR C 114 0.51 6.26 6.15
C THR C 114 0.61 5.73 7.57
N SER C 115 0.05 6.49 8.52
CA SER C 115 0.09 6.11 9.93
C SER C 115 -1.02 5.09 10.19
N VAL C 116 -0.65 3.82 10.26
CA VAL C 116 -1.61 2.76 10.55
C VAL C 116 -1.66 2.55 12.06
N THR C 117 -2.87 2.59 12.62
CA THR C 117 -3.09 2.37 14.04
C THR C 117 -4.06 1.20 14.19
N VAL C 118 -3.62 0.16 14.87
CA VAL C 118 -4.42 -1.04 15.11
C VAL C 118 -5.01 -0.91 16.51
N SER C 119 -6.30 -0.59 16.58
CA SER C 119 -6.96 -0.37 17.85
C SER C 119 -8.46 -0.63 17.69
N SER C 120 -9.10 -0.94 18.81
CA SER C 120 -10.54 -1.11 18.86
C SER C 120 -11.27 0.17 19.23
N ALA C 121 -10.54 1.21 19.65
CA ALA C 121 -11.17 2.49 19.95
C ALA C 121 -11.60 3.19 18.66
N LYS C 122 -12.56 4.09 18.80
CA LYS C 122 -13.08 4.83 17.66
C LYS C 122 -12.31 6.14 17.49
N THR C 123 -12.65 6.88 16.43
CA THR C 123 -12.01 8.15 16.16
C THR C 123 -12.55 9.22 17.10
N THR C 124 -11.67 10.12 17.52
CA THR C 124 -12.08 11.29 18.31
C THR C 124 -11.35 12.52 17.77
N PRO C 125 -12.08 13.54 17.33
CA PRO C 125 -11.44 14.75 16.83
C PRO C 125 -10.87 15.57 17.97
N PRO C 126 -9.84 16.37 17.70
CA PRO C 126 -9.20 17.12 18.78
C PRO C 126 -9.95 18.39 19.13
N SER C 127 -9.91 18.74 20.42
CA SER C 127 -10.34 20.04 20.89
C SER C 127 -9.15 20.98 20.86
N VAL C 128 -9.31 22.13 20.23
CA VAL C 128 -8.24 23.10 20.05
C VAL C 128 -8.54 24.32 20.89
N TYR C 129 -7.68 24.59 21.88
CA TYR C 129 -7.91 25.70 22.78
C TYR C 129 -6.80 26.74 22.63
N PRO C 130 -7.16 28.02 22.61
CA PRO C 130 -6.13 29.07 22.49
C PRO C 130 -5.42 29.30 23.80
N LEU C 131 -4.11 29.55 23.72
CA LEU C 131 -3.29 29.87 24.88
C LEU C 131 -2.83 31.32 24.73
N ALA C 132 -3.59 32.24 25.31
CA ALA C 132 -3.30 33.66 25.33
C ALA C 132 -2.69 34.07 26.67
N PRO C 133 -1.65 34.90 26.65
CA PRO C 133 -0.97 35.26 27.89
C PRO C 133 -1.90 35.99 28.86
N GLY C 134 -1.53 35.95 30.13
CA GLY C 134 -2.27 36.70 31.13
C GLY C 134 -2.23 38.20 30.86
N SER C 135 -3.21 38.89 31.43
CA SER C 135 -3.35 40.31 31.18
C SER C 135 -2.10 41.08 31.58
N ALA C 136 -1.59 41.89 30.65
CA ALA C 136 -0.38 42.67 30.85
C ALA C 136 0.81 41.79 31.25
N ASN C 140 6.94 42.66 27.27
CA ASN C 140 8.27 42.47 26.72
C ASN C 140 8.28 42.78 25.23
N SER C 141 9.48 42.79 24.63
CA SER C 141 9.60 43.04 23.20
C SER C 141 9.14 41.84 22.37
N MET C 142 9.02 40.67 22.98
CA MET C 142 8.54 39.46 22.32
C MET C 142 7.47 38.83 23.19
N VAL C 143 6.43 38.29 22.57
CA VAL C 143 5.33 37.64 23.28
C VAL C 143 5.20 36.21 22.78
N THR C 144 5.03 35.28 23.71
CA THR C 144 4.86 33.87 23.40
C THR C 144 3.38 33.52 23.45
N LEU C 145 2.87 32.97 22.34
CA LEU C 145 1.51 32.45 22.27
C LEU C 145 1.55 30.93 22.18
N GLY C 146 0.37 30.32 22.32
CA GLY C 146 0.32 28.87 22.37
C GLY C 146 -0.98 28.31 21.82
N CYS C 147 -1.02 26.98 21.74
CA CYS C 147 -2.16 26.26 21.19
C CYS C 147 -2.16 24.86 21.79
N LEU C 148 -3.29 24.47 22.42
CA LEU C 148 -3.42 23.17 23.07
C LEU C 148 -4.37 22.30 22.25
N VAL C 149 -3.83 21.21 21.71
CA VAL C 149 -4.58 20.27 20.88
C VAL C 149 -4.80 19.02 21.72
N LYS C 150 -5.99 18.87 22.29
CA LYS C 150 -6.24 17.91 23.35
C LYS C 150 -7.28 16.87 22.95
N GLY C 151 -7.02 15.62 23.33
CA GLY C 151 -8.03 14.59 23.33
C GLY C 151 -8.43 14.01 22.00
N TYR C 152 -7.46 13.69 21.14
CA TYR C 152 -7.75 13.12 19.84
C TYR C 152 -7.17 11.71 19.72
N PHE C 153 -7.66 10.99 18.71
CA PHE C 153 -7.23 9.64 18.39
C PHE C 153 -7.72 9.28 16.99
N PRO C 154 -6.88 8.66 16.15
CA PRO C 154 -5.47 8.33 16.42
C PRO C 154 -4.51 9.40 15.92
N GLU C 155 -3.22 9.11 15.99
CA GLU C 155 -2.23 9.95 15.35
C GLU C 155 -2.43 9.90 13.84
N PRO C 156 -1.99 10.94 13.11
CA PRO C 156 -1.34 12.17 13.57
C PRO C 156 -2.24 13.41 13.47
N VAL C 157 -1.70 14.55 13.88
CA VAL C 157 -2.31 15.86 13.63
C VAL C 157 -1.22 16.77 13.07
N THR C 158 -1.64 17.74 12.26
CA THR C 158 -0.75 18.75 11.70
C THR C 158 -1.09 20.10 12.31
N VAL C 159 -0.08 20.80 12.82
CA VAL C 159 -0.24 22.10 13.43
C VAL C 159 0.61 23.11 12.67
N THR C 160 -0.02 24.18 12.20
CA THR C 160 0.68 25.29 11.57
C THR C 160 0.17 26.60 12.15
N TRP C 161 0.93 27.66 11.94
CA TRP C 161 0.58 28.99 12.43
C TRP C 161 0.42 29.93 11.24
N ASN C 162 -0.73 30.60 11.17
CA ASN C 162 -1.07 31.49 10.06
C ASN C 162 -0.90 30.78 8.72
N SER C 163 -1.38 29.54 8.66
CA SER C 163 -1.35 28.72 7.44
C SER C 163 0.07 28.48 6.95
N GLY C 164 1.03 28.42 7.87
CA GLY C 164 2.43 28.21 7.53
C GLY C 164 3.24 29.47 7.38
N SER C 165 2.61 30.65 7.38
CA SER C 165 3.34 31.90 7.26
C SER C 165 4.26 32.10 8.46
N LEU C 166 3.81 31.71 9.65
CA LEU C 166 4.61 31.79 10.87
C LEU C 166 5.33 30.46 11.05
N SER C 167 6.63 30.45 10.79
CA SER C 167 7.46 29.27 10.96
C SER C 167 8.57 29.46 11.98
N SER C 168 9.22 30.62 11.99
CA SER C 168 10.25 30.89 12.99
C SER C 168 9.63 31.09 14.37
N GLY C 169 10.37 30.69 15.39
CA GLY C 169 9.89 30.82 16.76
C GLY C 169 8.78 29.87 17.12
N VAL C 170 8.59 28.80 16.36
CA VAL C 170 7.52 27.83 16.59
C VAL C 170 8.11 26.61 17.26
N HIS C 171 7.43 26.12 18.30
CA HIS C 171 7.79 24.86 18.97
C HIS C 171 6.54 24.00 19.04
N THR C 172 6.51 22.92 18.27
CA THR C 172 5.41 21.96 18.29
C THR C 172 5.89 20.71 19.03
N PHE C 173 5.19 20.36 20.10
CA PHE C 173 5.66 19.31 20.99
C PHE C 173 5.05 17.97 20.63
N PRO C 174 5.84 16.89 20.75
CA PRO C 174 5.31 15.56 20.43
C PRO C 174 4.10 15.21 21.29
N ALA C 175 3.18 14.46 20.71
CA ALA C 175 1.96 14.09 21.40
C ALA C 175 2.23 13.05 22.48
N VAL C 176 1.37 13.03 23.49
CA VAL C 176 1.45 12.10 24.60
C VAL C 176 0.14 11.33 24.67
N LEU C 177 0.23 10.01 24.82
CA LEU C 177 -0.94 9.15 24.89
C LEU C 177 -1.36 8.96 26.34
N GLN C 178 -2.61 9.32 26.64
CA GLN C 178 -3.18 9.13 27.98
C GLN C 178 -4.64 8.75 27.84
N SER C 179 -5.01 7.60 28.37
CA SER C 179 -6.41 7.13 28.39
C SER C 179 -6.99 7.05 26.98
N ASP C 180 -6.23 6.39 26.09
CA ASP C 180 -6.63 6.17 24.70
C ASP C 180 -6.88 7.47 23.94
N LEU C 181 -6.30 8.57 24.40
CA LEU C 181 -6.43 9.87 23.74
C LEU C 181 -5.06 10.54 23.68
N TYR C 182 -4.80 11.22 22.58
CA TYR C 182 -3.55 11.94 22.37
C TYR C 182 -3.73 13.41 22.68
N THR C 183 -2.66 14.03 23.18
CA THR C 183 -2.64 15.46 23.46
C THR C 183 -1.27 16.00 23.14
N LEU C 184 -1.23 17.11 22.39
CA LEU C 184 0.01 17.83 22.15
C LEU C 184 -0.27 19.32 22.26
N SER C 185 0.80 20.11 22.25
CA SER C 185 0.71 21.55 22.36
C SER C 185 1.70 22.18 21.38
N SER C 186 1.51 23.46 21.12
CA SER C 186 2.36 24.20 20.21
C SER C 186 2.48 25.65 20.69
N SER C 187 3.68 26.19 20.65
CA SER C 187 3.94 27.57 21.04
C SER C 187 4.62 28.31 19.89
N VAL C 188 4.34 29.60 19.81
CA VAL C 188 5.00 30.49 18.86
C VAL C 188 5.37 31.77 19.60
N THR C 189 6.55 32.30 19.31
CA THR C 189 7.03 33.54 19.90
C THR C 189 7.17 34.58 18.80
N VAL C 190 6.48 35.70 18.94
CA VAL C 190 6.42 36.73 17.91
C VAL C 190 6.71 38.08 18.56
N PRO C 191 7.08 39.08 17.76
CA PRO C 191 7.30 40.42 18.31
C PRO C 191 6.05 40.99 18.94
N SER C 192 6.25 41.86 19.93
CA SER C 192 5.12 42.51 20.60
C SER C 192 4.40 43.49 19.67
N SER C 193 5.05 43.91 18.59
CA SER C 193 4.37 44.73 17.58
C SER C 193 3.48 43.89 16.66
N THR C 194 3.62 42.57 16.67
CA THR C 194 2.81 41.68 15.85
C THR C 194 1.51 41.30 16.56
N TRP C 195 1.61 40.83 17.80
CA TRP C 195 0.45 40.47 18.61
C TRP C 195 0.33 41.41 19.80
N PRO C 196 -0.89 41.86 20.15
CA PRO C 196 -2.18 41.50 19.56
C PRO C 196 -2.63 42.39 18.40
N SER C 197 -1.70 43.14 17.81
CA SER C 197 -2.09 44.04 16.72
C SER C 197 -2.55 43.26 15.49
N GLN C 198 -1.90 42.14 15.20
CA GLN C 198 -2.25 41.30 14.06
C GLN C 198 -2.77 39.95 14.56
N THR C 199 -3.58 39.30 13.73
CA THR C 199 -4.14 38.00 14.09
C THR C 199 -3.06 36.92 14.03
N VAL C 200 -3.07 36.03 15.01
CA VAL C 200 -2.25 34.83 15.02
C VAL C 200 -3.19 33.64 15.13
N THR C 201 -3.12 32.73 14.17
CA THR C 201 -4.08 31.65 14.05
C THR C 201 -3.37 30.29 14.14
N CYS C 202 -3.90 29.41 14.98
CA CYS C 202 -3.42 28.05 15.11
C CYS C 202 -4.26 27.15 14.21
N ASN C 203 -3.65 26.62 13.15
CA ASN C 203 -4.32 25.74 12.20
C ASN C 203 -4.04 24.29 12.59
N VAL C 204 -5.10 23.53 12.86
CA VAL C 204 -4.99 22.15 13.28
C VAL C 204 -5.80 21.28 12.34
N ALA C 205 -5.18 20.23 11.81
CA ALA C 205 -5.83 19.28 10.92
C ALA C 205 -5.69 17.88 11.50
N HIS C 206 -6.81 17.15 11.55
CA HIS C 206 -6.84 15.75 11.99
C HIS C 206 -7.51 14.95 10.90
N PRO C 207 -6.74 14.37 9.97
CA PRO C 207 -7.35 13.69 8.81
C PRO C 207 -8.21 12.50 9.18
N ALA C 208 -7.88 11.79 10.28
CA ALA C 208 -8.63 10.61 10.65
C ALA C 208 -10.08 10.92 11.00
N SER C 209 -10.39 12.19 11.30
CA SER C 209 -11.75 12.61 11.62
C SER C 209 -12.25 13.70 10.68
N SER C 210 -11.54 13.96 9.58
CA SER C 210 -11.91 15.02 8.63
C SER C 210 -12.10 16.35 9.34
N THR C 211 -11.17 16.66 10.25
CA THR C 211 -11.26 17.84 11.10
C THR C 211 -10.19 18.84 10.70
N LYS C 212 -10.62 20.08 10.47
CA LYS C 212 -9.71 21.21 10.23
C LYS C 212 -10.21 22.39 11.04
N VAL C 213 -9.46 22.76 12.07
CA VAL C 213 -9.85 23.84 12.98
C VAL C 213 -8.79 24.93 12.90
N ASP C 214 -9.25 26.17 12.71
CA ASP C 214 -8.39 27.34 12.73
C ASP C 214 -8.76 28.16 13.98
N LYS C 215 -7.88 28.17 14.97
CA LYS C 215 -8.15 28.80 16.25
C LYS C 215 -7.32 30.08 16.35
N LYS C 216 -8.01 31.22 16.32
CA LYS C 216 -7.33 32.50 16.52
C LYS C 216 -6.96 32.68 17.98
N ILE C 217 -5.78 33.24 18.21
CA ILE C 217 -5.32 33.56 19.57
C ILE C 217 -5.79 34.98 19.86
N VAL C 218 -6.85 35.11 20.64
CA VAL C 218 -7.50 36.40 20.91
C VAL C 218 -7.09 36.85 22.30
N PRO C 219 -6.66 38.12 22.47
CA PRO C 219 -6.34 38.67 23.79
C PRO C 219 -7.54 38.76 24.71
N ASP D 1 20.00 -13.16 8.01
CA ASP D 1 20.05 -11.83 7.42
C ASP D 1 21.34 -11.11 7.81
N ILE D 2 21.85 -10.27 6.91
CA ILE D 2 23.03 -9.48 7.21
C ILE D 2 22.70 -8.48 8.31
N VAL D 3 23.54 -8.43 9.33
CA VAL D 3 23.36 -7.53 10.47
C VAL D 3 24.19 -6.28 10.22
N MET D 4 23.52 -5.14 10.14
CA MET D 4 24.17 -3.84 9.96
C MET D 4 24.26 -3.21 11.34
N THR D 5 25.46 -3.24 11.93
CA THR D 5 25.66 -2.81 13.31
C THR D 5 26.26 -1.41 13.33
N GLN D 6 25.44 -0.43 13.71
CA GLN D 6 25.93 0.92 14.00
C GLN D 6 26.32 0.96 15.47
N SER D 7 27.63 1.05 15.73
CA SER D 7 28.14 0.83 17.08
C SER D 7 27.61 1.84 18.08
N GLN D 8 27.35 3.07 17.65
CA GLN D 8 26.93 4.14 18.55
C GLN D 8 25.49 4.51 18.27
N LYS D 9 24.67 4.52 19.33
CA LYS D 9 23.29 4.98 19.20
C LYS D 9 23.19 6.50 19.14
N PHE D 10 24.23 7.21 19.56
CA PHE D 10 24.27 8.66 19.50
C PHE D 10 25.65 9.12 19.06
N MET D 11 25.68 10.14 18.22
CA MET D 11 26.92 10.78 17.78
C MET D 11 26.84 12.26 18.08
N SER D 12 27.92 12.81 18.63
CA SER D 12 27.92 14.19 19.11
C SER D 12 29.09 14.96 18.51
N THR D 13 28.87 16.26 18.33
CA THR D 13 29.87 17.19 17.81
C THR D 13 29.32 18.60 18.04
N SER D 14 30.05 19.59 17.53
CA SER D 14 29.63 20.98 17.59
C SER D 14 29.33 21.49 16.18
N VAL D 15 28.64 22.63 16.12
CA VAL D 15 28.27 23.22 14.85
C VAL D 15 29.53 23.70 14.13
N GLY D 16 29.65 23.33 12.85
CA GLY D 16 30.81 23.65 12.05
C GLY D 16 31.90 22.59 12.08
N ASP D 17 31.85 21.68 13.04
CA ASP D 17 32.84 20.61 13.15
C ASP D 17 32.41 19.43 12.28
N ARG D 18 33.01 18.26 12.51
CA ARG D 18 32.70 17.07 11.72
C ARG D 18 32.38 15.91 12.65
N VAL D 19 31.56 15.00 12.15
CA VAL D 19 31.15 13.81 12.89
C VAL D 19 31.15 12.62 11.93
N SER D 20 31.49 11.44 12.46
CA SER D 20 31.56 10.23 11.66
C SER D 20 30.83 9.10 12.38
N VAL D 21 29.93 8.43 11.67
CA VAL D 21 29.21 7.28 12.19
C VAL D 21 29.63 6.05 11.39
N THR D 22 29.98 4.98 12.09
CA THR D 22 30.42 3.75 11.47
C THR D 22 29.28 2.74 11.42
N CYS D 23 29.45 1.73 10.56
CA CYS D 23 28.46 0.68 10.40
C CYS D 23 29.19 -0.61 10.04
N LYS D 24 28.86 -1.69 10.75
CA LYS D 24 29.57 -2.95 10.64
C LYS D 24 28.65 -4.01 10.06
N ALA D 25 29.01 -4.53 8.89
CA ALA D 25 28.28 -5.62 8.26
C ALA D 25 28.82 -6.96 8.74
N SER D 26 27.91 -7.90 9.03
CA SER D 26 28.33 -9.21 9.49
C SER D 26 28.96 -10.03 8.38
N GLN D 27 28.64 -9.75 7.12
CA GLN D 27 29.25 -10.41 5.98
C GLN D 27 29.69 -9.36 4.98
N ASN D 28 30.61 -9.76 4.09
CA ASN D 28 31.09 -8.87 3.05
C ASN D 28 29.95 -8.48 2.12
N VAL D 29 29.60 -7.19 2.10
CA VAL D 29 28.57 -6.67 1.23
C VAL D 29 29.16 -5.82 0.10
N GLY D 30 30.46 -5.93 -0.13
CA GLY D 30 31.09 -5.15 -1.18
C GLY D 30 31.00 -3.66 -0.86
N THR D 31 30.47 -2.90 -1.82
CA THR D 31 30.18 -1.49 -1.62
C THR D 31 28.70 -1.19 -1.78
N ASN D 32 27.85 -2.22 -1.77
CA ASN D 32 26.41 -2.05 -1.94
C ASN D 32 25.79 -1.66 -0.61
N VAL D 33 26.11 -0.43 -0.19
CA VAL D 33 25.66 0.11 1.09
C VAL D 33 25.11 1.51 0.87
N ALA D 34 23.98 1.80 1.50
CA ALA D 34 23.34 3.10 1.40
C ALA D 34 23.17 3.73 2.77
N TRP D 35 23.09 5.06 2.79
CA TRP D 35 22.90 5.83 4.01
C TRP D 35 21.66 6.69 3.88
N TYR D 36 20.91 6.82 4.97
CA TYR D 36 19.68 7.58 5.00
C TYR D 36 19.68 8.57 6.16
N GLN D 37 19.09 9.74 5.93
CA GLN D 37 18.88 10.74 6.96
C GLN D 37 17.38 10.92 7.17
N GLN D 38 16.94 10.92 8.43
CA GLN D 38 15.54 11.12 8.76
C GLN D 38 15.44 12.14 9.88
N LYS D 39 15.00 13.34 9.53
CA LYS D 39 14.70 14.37 10.51
C LYS D 39 13.36 14.05 11.18
N PRO D 40 13.14 14.55 12.40
CA PRO D 40 11.92 14.19 13.14
C PRO D 40 10.65 14.56 12.37
N GLY D 41 9.71 13.63 12.36
CA GLY D 41 8.42 13.85 11.73
C GLY D 41 8.42 13.84 10.21
N GLN D 42 9.55 13.51 9.59
CA GLN D 42 9.68 13.56 8.14
C GLN D 42 9.98 12.18 7.58
N SER D 43 9.72 12.02 6.29
N SER D 43 9.73 12.02 6.29
CA SER D 43 10.07 10.79 5.61
CA SER D 43 10.07 10.78 5.61
C SER D 43 11.59 10.65 5.52
C SER D 43 11.59 10.65 5.50
N PRO D 44 12.10 9.43 5.43
CA PRO D 44 13.55 9.25 5.27
C PRO D 44 14.03 9.83 3.95
N LYS D 45 15.28 10.30 3.96
CA LYS D 45 15.92 10.86 2.78
C LYS D 45 17.22 10.12 2.51
N ALA D 46 17.39 9.67 1.28
CA ALA D 46 18.59 8.92 0.90
C ALA D 46 19.74 9.89 0.69
N LEU D 47 20.88 9.59 1.32
CA LEU D 47 22.08 10.40 1.21
C LEU D 47 23.13 9.78 0.29
N ILE D 48 23.49 8.52 0.54
CA ILE D 48 24.59 7.87 -0.14
C ILE D 48 24.10 6.55 -0.71
N TYR D 49 24.55 6.22 -1.91
CA TYR D 49 24.39 4.89 -2.49
C TYR D 49 25.76 4.40 -2.96
N SER D 50 25.88 3.08 -3.09
CA SER D 50 27.13 2.44 -3.49
C SER D 50 28.27 2.89 -2.58
N ALA D 51 27.98 2.99 -1.28
CA ALA D 51 28.94 3.25 -0.22
C ALA D 51 29.50 4.67 -0.22
N SER D 52 29.64 5.30 -1.39
CA SER D 52 30.33 6.58 -1.44
C SER D 52 29.77 7.57 -2.46
N TYR D 53 28.62 7.30 -3.08
CA TYR D 53 28.07 8.18 -4.10
C TYR D 53 26.84 8.90 -3.57
N ARG D 54 26.78 10.21 -3.81
CA ARG D 54 25.72 11.06 -3.27
C ARG D 54 24.50 11.07 -4.19
N TYR D 55 23.32 11.01 -3.57
CA TYR D 55 22.10 11.31 -4.30
C TYR D 55 22.06 12.78 -4.67
N SER D 56 21.30 13.10 -5.72
CA SER D 56 21.21 14.48 -6.16
C SER D 56 20.59 15.36 -5.08
N GLY D 57 21.17 16.54 -4.89
CA GLY D 57 20.73 17.45 -3.85
C GLY D 57 21.42 17.28 -2.52
N VAL D 58 22.11 16.17 -2.31
CA VAL D 58 22.85 15.93 -1.07
C VAL D 58 24.14 16.73 -1.12
N PRO D 59 24.39 17.60 -0.14
CA PRO D 59 25.61 18.41 -0.16
C PRO D 59 26.86 17.55 -0.04
N ASP D 60 27.97 18.09 -0.53
CA ASP D 60 29.26 17.40 -0.46
C ASP D 60 29.74 17.23 0.98
N ARG D 61 29.13 17.93 1.94
CA ARG D 61 29.49 17.73 3.34
C ARG D 61 29.25 16.30 3.79
N PHE D 62 28.31 15.60 3.15
CA PHE D 62 28.05 14.20 3.43
C PHE D 62 28.92 13.34 2.52
N THR D 63 29.83 12.59 3.12
CA THR D 63 30.70 11.68 2.38
C THR D 63 30.60 10.28 2.98
N GLY D 64 30.65 9.28 2.10
CA GLY D 64 30.66 7.89 2.52
C GLY D 64 31.96 7.22 2.10
N SER D 65 32.34 6.19 2.85
CA SER D 65 33.56 5.45 2.55
C SER D 65 33.44 4.05 3.12
N GLY D 66 34.37 3.20 2.72
CA GLY D 66 34.44 1.84 3.21
C GLY D 66 34.11 0.82 2.12
N SER D 67 34.52 -0.42 2.38
N SER D 67 34.52 -0.42 2.38
CA SER D 67 34.27 -1.51 1.45
CA SER D 67 34.27 -1.51 1.45
C SER D 67 34.34 -2.82 2.23
C SER D 67 34.34 -2.82 2.23
N GLY D 68 33.53 -3.78 1.81
CA GLY D 68 33.49 -5.07 2.46
C GLY D 68 32.55 -5.12 3.65
N THR D 69 33.08 -4.90 4.86
CA THR D 69 32.30 -4.96 6.08
C THR D 69 32.36 -3.68 6.91
N ASP D 70 33.31 -2.79 6.66
CA ASP D 70 33.47 -1.56 7.42
C ASP D 70 33.04 -0.37 6.56
N PHE D 71 32.13 0.43 7.07
CA PHE D 71 31.62 1.60 6.34
C PHE D 71 31.49 2.77 7.29
N THR D 72 31.67 3.97 6.74
CA THR D 72 31.67 5.19 7.55
C THR D 72 30.95 6.30 6.80
N LEU D 73 30.00 6.94 7.48
CA LEU D 73 29.38 8.17 7.00
C LEU D 73 29.98 9.35 7.76
N THR D 74 30.47 10.33 7.02
CA THR D 74 31.13 11.50 7.62
C THR D 74 30.36 12.75 7.23
N ILE D 75 29.96 13.54 8.22
CA ILE D 75 29.28 14.81 8.01
C ILE D 75 30.25 15.92 8.40
N SER D 76 30.66 16.72 7.43
CA SER D 76 31.55 17.85 7.66
C SER D 76 30.74 19.14 7.74
N ASN D 77 31.30 20.13 8.43
CA ASN D 77 30.67 21.43 8.61
C ASN D 77 29.22 21.27 9.10
N VAL D 78 29.08 20.51 10.19
CA VAL D 78 27.76 20.17 10.70
C VAL D 78 27.02 21.42 11.12
N GLN D 79 25.76 21.53 10.72
CA GLN D 79 24.89 22.62 11.11
C GLN D 79 23.71 22.08 11.90
N SER D 80 22.99 22.98 12.56
CA SER D 80 21.83 22.58 13.35
C SER D 80 20.78 21.87 12.50
N GLU D 81 20.74 22.19 11.20
CA GLU D 81 19.77 21.56 10.31
C GLU D 81 20.07 20.07 10.08
N ASP D 82 21.28 19.61 10.42
CA ASP D 82 21.65 18.22 10.23
C ASP D 82 21.22 17.32 11.38
N LEU D 83 20.49 17.86 12.36
CA LEU D 83 19.98 17.04 13.46
C LEU D 83 18.97 16.03 12.92
N ALA D 84 19.31 14.75 12.98
CA ALA D 84 18.47 13.69 12.45
C ALA D 84 19.04 12.35 12.90
N GLU D 85 18.31 11.29 12.58
CA GLU D 85 18.77 9.92 12.78
C GLU D 85 19.30 9.38 11.46
N TYR D 86 20.47 8.75 11.50
CA TYR D 86 21.16 8.30 10.30
C TYR D 86 21.26 6.79 10.31
N PHE D 87 20.76 6.16 9.25
CA PHE D 87 20.71 4.71 9.11
C PHE D 87 21.65 4.26 8.00
N CYS D 88 22.44 3.23 8.27
CA CYS D 88 23.13 2.51 7.21
C CYS D 88 22.24 1.38 6.72
N GLN D 89 22.47 0.94 5.49
CA GLN D 89 21.67 -0.12 4.89
C GLN D 89 22.55 -0.92 3.94
N GLN D 90 22.34 -2.23 3.90
CA GLN D 90 22.96 -3.09 2.92
C GLN D 90 21.91 -3.57 1.93
N TYR D 91 22.23 -3.51 0.65
CA TYR D 91 21.38 -4.07 -0.39
C TYR D 91 22.13 -5.06 -1.27
N ASN D 92 23.24 -5.60 -0.77
CA ASN D 92 23.98 -6.63 -1.49
C ASN D 92 23.31 -7.99 -1.38
N ASN D 93 22.63 -8.27 -0.27
CA ASN D 93 22.00 -9.55 -0.03
C ASN D 93 20.56 -9.36 0.38
N TYR D 94 19.73 -10.36 0.08
CA TYR D 94 18.34 -10.30 0.48
C TYR D 94 18.11 -11.12 1.74
N PRO D 95 17.29 -10.64 2.68
CA PRO D 95 16.55 -9.37 2.60
C PRO D 95 17.42 -8.12 2.85
N LEU D 96 16.98 -6.99 2.31
CA LEU D 96 17.65 -5.72 2.59
C LEU D 96 17.44 -5.35 4.05
N THR D 97 18.53 -4.97 4.74
CA THR D 97 18.48 -4.71 6.16
C THR D 97 19.13 -3.37 6.48
N PHE D 98 18.50 -2.62 7.37
CA PHE D 98 19.01 -1.34 7.84
C PHE D 98 19.84 -1.54 9.11
N GLY D 99 20.58 -0.48 9.47
CA GLY D 99 21.17 -0.40 10.79
C GLY D 99 20.14 0.07 11.81
N ALA D 100 20.58 0.14 13.06
CA ALA D 100 19.70 0.57 14.13
C ALA D 100 19.48 2.07 14.15
N GLY D 101 20.38 2.85 13.55
CA GLY D 101 20.24 4.29 13.52
C GLY D 101 21.08 5.00 14.55
N THR D 102 21.80 6.03 14.13
CA THR D 102 22.62 6.85 15.01
C THR D 102 22.08 8.27 15.00
N LYS D 103 21.63 8.74 16.17
CA LYS D 103 21.05 10.07 16.29
C LYS D 103 22.15 11.10 16.52
N LEU D 104 22.12 12.18 15.75
CA LEU D 104 23.11 13.23 15.85
C LEU D 104 22.74 14.19 16.97
N GLU D 105 23.73 14.55 17.79
CA GLU D 105 23.58 15.54 18.83
C GLU D 105 24.60 16.65 18.64
N LEU D 106 24.24 17.86 19.06
CA LEU D 106 25.11 19.02 18.95
C LEU D 106 25.40 19.55 20.35
N LYS D 107 26.68 19.70 20.67
CA LYS D 107 27.08 20.28 21.95
C LYS D 107 27.10 21.80 21.85
N ARG D 108 26.58 22.46 22.88
CA ARG D 108 26.53 23.91 22.91
C ARG D 108 26.60 24.37 24.36
N ALA D 109 26.69 25.68 24.54
CA ALA D 109 26.72 26.25 25.89
C ALA D 109 25.36 26.13 26.54
N ASP D 110 25.34 26.29 27.87
CA ASP D 110 24.10 26.21 28.62
C ASP D 110 23.18 27.39 28.26
N ALA D 111 21.89 27.17 28.46
CA ALA D 111 20.88 28.19 28.16
C ALA D 111 19.74 28.04 29.15
N ALA D 112 19.40 29.13 29.82
CA ALA D 112 18.29 29.11 30.75
C ALA D 112 16.96 29.09 29.98
N PRO D 113 15.95 28.41 30.51
CA PRO D 113 14.68 28.32 29.79
C PRO D 113 13.85 29.59 29.91
N THR D 114 13.20 29.96 28.81
CA THR D 114 12.19 31.02 28.82
C THR D 114 10.85 30.37 29.16
N VAL D 115 10.27 30.79 30.29
CA VAL D 115 9.12 30.11 30.88
C VAL D 115 7.89 30.99 30.72
N SER D 116 6.83 30.41 30.18
CA SER D 116 5.54 31.08 30.02
C SER D 116 4.45 30.19 30.59
N ILE D 117 3.51 30.80 31.32
CA ILE D 117 2.39 30.07 31.89
C ILE D 117 1.10 30.61 31.29
N PHE D 118 0.12 29.72 31.14
CA PHE D 118 -1.14 30.08 30.49
C PHE D 118 -2.31 29.50 31.27
N PRO D 119 -3.22 30.35 31.74
CA PRO D 119 -4.40 29.85 32.46
C PRO D 119 -5.32 29.08 31.52
N PRO D 120 -6.24 28.28 32.06
CA PRO D 120 -7.21 27.60 31.19
C PRO D 120 -8.02 28.60 30.38
N SER D 121 -8.20 28.29 29.09
CA SER D 121 -8.99 29.15 28.23
C SER D 121 -10.47 29.07 28.63
N SER D 122 -11.18 30.20 28.45
CA SER D 122 -12.61 30.21 28.71
C SER D 122 -13.35 29.21 27.84
N GLU D 123 -12.78 28.87 26.68
CA GLU D 123 -13.39 27.87 25.82
C GLU D 123 -13.32 26.48 26.44
N GLN D 124 -12.18 26.13 27.05
CA GLN D 124 -12.07 24.83 27.69
C GLN D 124 -12.94 24.74 28.93
N LEU D 125 -13.12 25.86 29.66
CA LEU D 125 -13.91 25.84 30.88
C LEU D 125 -15.37 25.49 30.62
N THR D 126 -15.84 25.65 29.38
CA THR D 126 -17.20 25.25 29.05
C THR D 126 -17.35 23.74 28.94
N SER D 127 -16.25 23.01 28.77
CA SER D 127 -16.29 21.56 28.65
C SER D 127 -16.26 20.85 30.00
N GLY D 128 -16.07 21.58 31.09
CA GLY D 128 -15.94 20.97 32.40
C GLY D 128 -14.53 20.61 32.81
N GLY D 129 -13.55 20.83 31.94
CA GLY D 129 -12.16 20.58 32.28
C GLY D 129 -11.34 21.85 32.31
N ALA D 130 -10.15 21.78 32.89
CA ALA D 130 -9.28 22.95 33.00
C ALA D 130 -7.84 22.50 32.89
N SER D 131 -7.13 23.02 31.90
CA SER D 131 -5.72 22.69 31.68
C SER D 131 -4.89 23.96 31.84
N VAL D 132 -3.86 23.88 32.69
CA VAL D 132 -2.87 24.94 32.82
C VAL D 132 -1.60 24.48 32.11
N VAL D 133 -1.11 25.32 31.21
CA VAL D 133 0.02 24.97 30.35
C VAL D 133 1.21 25.85 30.70
N CYS D 134 2.39 25.24 30.75
CA CYS D 134 3.64 25.94 31.01
C CYS D 134 4.64 25.56 29.94
N PHE D 135 5.08 26.53 29.15
CA PHE D 135 6.11 26.33 28.15
C PHE D 135 7.48 26.68 28.73
N LEU D 136 8.45 25.80 28.52
CA LEU D 136 9.84 26.02 28.91
C LEU D 136 10.67 25.90 27.63
N ASN D 137 10.95 27.03 27.00
CA ASN D 137 11.47 27.05 25.64
C ASN D 137 12.95 27.41 25.62
N ASN D 138 13.69 26.73 24.75
CA ASN D 138 15.07 27.10 24.39
C ASN D 138 16.00 27.04 25.60
N PHE D 139 16.17 25.84 26.13
CA PHE D 139 17.10 25.60 27.22
C PHE D 139 18.07 24.49 26.86
N TYR D 140 19.20 24.47 27.56
CA TYR D 140 20.23 23.46 27.37
C TYR D 140 21.02 23.36 28.66
N PRO D 141 21.34 22.14 29.14
CA PRO D 141 21.05 20.85 28.52
C PRO D 141 19.61 20.37 28.70
N LYS D 142 19.34 19.13 28.28
CA LYS D 142 17.95 18.66 28.23
C LYS D 142 17.36 18.41 29.61
N ASP D 143 18.19 18.03 30.58
CA ASP D 143 17.68 17.69 31.90
C ASP D 143 17.05 18.91 32.56
N ILE D 144 15.77 18.80 32.91
CA ILE D 144 15.02 19.89 33.53
C ILE D 144 13.88 19.27 34.33
N ASN D 145 13.46 19.97 35.38
CA ASN D 145 12.39 19.51 36.26
C ASN D 145 11.36 20.60 36.44
N VAL D 146 10.09 20.23 36.37
CA VAL D 146 8.97 21.16 36.53
C VAL D 146 8.09 20.66 37.65
N LYS D 147 7.76 21.55 38.59
CA LYS D 147 6.87 21.25 39.69
C LYS D 147 5.65 22.16 39.61
N TRP D 148 4.47 21.56 39.65
CA TRP D 148 3.21 22.31 39.67
C TRP D 148 2.77 22.48 41.12
N LYS D 149 2.55 23.73 41.53
CA LYS D 149 2.06 24.04 42.85
C LYS D 149 0.69 24.68 42.73
N ILE D 150 -0.28 24.14 43.46
CA ILE D 150 -1.64 24.68 43.52
C ILE D 150 -1.81 25.27 44.91
N ASP D 151 -1.83 26.61 44.99
CA ASP D 151 -1.87 27.33 46.25
C ASP D 151 -0.69 26.94 47.15
N GLY D 152 0.49 26.90 46.54
CA GLY D 152 1.70 26.56 47.26
C GLY D 152 1.86 25.10 47.62
N SER D 153 1.00 24.22 47.10
CA SER D 153 1.05 22.80 47.39
C SER D 153 1.37 22.03 46.12
N GLU D 154 2.40 21.19 46.19
CA GLU D 154 2.83 20.44 45.01
C GLU D 154 1.73 19.51 44.51
N ARG D 155 1.54 19.48 43.20
CA ARG D 155 0.56 18.61 42.55
C ARG D 155 1.24 17.90 41.39
N GLN D 156 1.33 16.57 41.48
CA GLN D 156 1.92 15.78 40.42
C GLN D 156 0.92 14.87 39.72
N ASN D 157 -0.33 14.81 40.18
CA ASN D 157 -1.36 14.03 39.50
C ASN D 157 -1.94 14.85 38.35
N GLY D 158 -2.03 14.22 37.19
CA GLY D 158 -2.59 14.89 36.02
C GLY D 158 -1.62 15.77 35.27
N VAL D 159 -0.31 15.56 35.41
CA VAL D 159 0.70 16.36 34.75
C VAL D 159 1.17 15.62 33.51
N LEU D 160 1.00 16.24 32.35
CA LEU D 160 1.44 15.70 31.07
C LEU D 160 2.63 16.53 30.59
N ASN D 161 3.77 15.87 30.40
CA ASN D 161 5.00 16.53 29.98
C ASN D 161 5.44 16.02 28.63
N SER D 162 6.00 16.91 27.82
CA SER D 162 6.45 16.57 26.47
C SER D 162 7.69 17.38 26.15
N TRP D 163 8.72 16.70 25.63
CA TRP D 163 9.98 17.33 25.27
C TRP D 163 10.21 17.22 23.78
N THR D 164 10.67 18.31 23.17
CA THR D 164 11.00 18.29 21.76
C THR D 164 12.40 17.71 21.56
N ASP D 165 12.70 17.36 20.31
CA ASP D 165 14.07 17.05 19.96
C ASP D 165 14.90 18.35 19.95
N GLN D 166 16.21 18.18 19.78
CA GLN D 166 17.09 19.34 19.71
C GLN D 166 16.67 20.26 18.56
N ASP D 167 16.56 21.55 18.86
CA ASP D 167 16.04 22.50 17.89
C ASP D 167 16.97 22.61 16.69
N SER D 168 16.38 22.64 15.50
CA SER D 168 17.14 22.67 14.25
C SER D 168 17.71 24.04 13.92
N LYS D 169 17.56 25.03 14.81
CA LYS D 169 18.11 26.36 14.60
C LYS D 169 19.22 26.70 15.58
N ASP D 170 18.99 26.54 16.88
CA ASP D 170 19.99 26.89 17.89
C ASP D 170 20.42 25.71 18.74
N SER D 171 19.96 24.50 18.42
CA SER D 171 20.35 23.26 19.11
C SER D 171 19.91 23.25 20.57
N THR D 172 18.83 23.94 20.89
CA THR D 172 18.28 23.96 22.25
C THR D 172 17.11 22.99 22.36
N TYR D 173 16.66 22.79 23.59
CA TYR D 173 15.52 21.93 23.89
C TYR D 173 14.37 22.77 24.42
N SER D 174 13.15 22.25 24.25
CA SER D 174 11.96 22.90 24.77
C SER D 174 11.06 21.85 25.40
N MET D 175 10.29 22.27 26.41
CA MET D 175 9.42 21.38 27.16
C MET D 175 8.07 22.05 27.37
N SER D 176 7.01 21.25 27.27
CA SER D 176 5.65 21.70 27.52
C SER D 176 5.05 20.85 28.64
N SER D 177 4.53 21.50 29.68
CA SER D 177 3.97 20.83 30.83
C SER D 177 2.52 21.29 31.02
N THR D 178 1.59 20.35 31.01
CA THR D 178 0.17 20.64 31.15
C THR D 178 -0.37 19.98 32.40
N LEU D 179 -0.98 20.77 33.27
CA LEU D 179 -1.66 20.28 34.46
C LEU D 179 -3.17 20.37 34.22
N THR D 180 -3.83 19.23 34.18
CA THR D 180 -5.25 19.16 33.82
C THR D 180 -6.07 18.83 35.06
N LEU D 181 -7.09 19.65 35.32
CA LEU D 181 -7.99 19.49 36.44
C LEU D 181 -9.43 19.53 35.94
N THR D 182 -10.37 19.22 36.83
CA THR D 182 -11.76 19.47 36.51
C THR D 182 -12.07 20.95 36.69
N LYS D 183 -13.20 21.38 36.12
CA LYS D 183 -13.59 22.78 36.23
C LYS D 183 -13.85 23.16 37.68
N ASP D 184 -14.55 22.31 38.42
CA ASP D 184 -14.89 22.63 39.79
C ASP D 184 -13.66 22.67 40.69
N GLU D 185 -12.68 21.80 40.44
CA GLU D 185 -11.49 21.79 41.28
C GLU D 185 -10.59 22.97 40.95
N TYR D 186 -10.55 23.39 39.67
CA TYR D 186 -9.77 24.56 39.30
C TYR D 186 -10.30 25.82 39.97
N GLU D 187 -11.62 25.93 40.11
CA GLU D 187 -12.23 27.08 40.77
C GLU D 187 -12.20 26.98 42.28
N ARG D 188 -11.77 25.84 42.84
CA ARG D 188 -11.61 25.69 44.28
C ARG D 188 -10.28 26.22 44.78
N HIS D 189 -9.42 26.72 43.90
CA HIS D 189 -8.11 27.24 44.28
C HIS D 189 -7.83 28.51 43.50
N ASN D 190 -6.74 29.19 43.87
CA ASN D 190 -6.47 30.51 43.30
C ASN D 190 -5.09 30.61 42.66
N SER D 191 -4.05 30.26 43.41
CA SER D 191 -2.67 30.44 42.95
C SER D 191 -2.22 29.18 42.21
N TYR D 192 -1.83 29.35 40.95
CA TYR D 192 -1.31 28.26 40.12
C TYR D 192 0.10 28.64 39.66
N THR D 193 1.06 27.76 39.95
CA THR D 193 2.48 28.10 39.85
C THR D 193 3.22 27.03 39.05
N CYS D 194 4.05 27.47 38.11
CA CYS D 194 4.94 26.61 37.36
C CYS D 194 6.38 26.96 37.73
N GLU D 195 7.07 26.01 38.36
CA GLU D 195 8.43 26.21 38.85
C GLU D 195 9.39 25.34 38.05
N ALA D 196 10.40 25.96 37.46
CA ALA D 196 11.35 25.30 36.58
C ALA D 196 12.70 25.21 37.26
N THR D 197 13.20 23.98 37.45
CA THR D 197 14.51 23.74 38.04
C THR D 197 15.47 23.28 36.94
N HIS D 198 16.51 24.06 36.71
CA HIS D 198 17.50 23.79 35.67
C HIS D 198 18.88 24.12 36.21
N LYS D 199 19.90 23.46 35.64
CA LYS D 199 21.25 23.65 36.13
C LYS D 199 21.79 25.05 35.89
N THR D 200 21.08 25.88 35.12
CA THR D 200 21.50 27.25 34.88
C THR D 200 21.15 28.20 36.02
N SER D 201 20.54 27.71 37.09
CA SER D 201 20.23 28.55 38.23
C SER D 201 20.03 27.69 39.46
N THR D 202 20.56 28.15 40.59
CA THR D 202 20.33 27.45 41.85
C THR D 202 18.89 27.62 42.33
N SER D 203 18.27 28.74 42.00
CA SER D 203 16.89 29.06 42.32
C SER D 203 15.98 28.73 41.14
N PRO D 204 14.81 28.16 41.40
CA PRO D 204 13.91 27.81 40.29
C PRO D 204 13.31 29.05 39.65
N ILE D 205 13.09 28.96 38.35
CA ILE D 205 12.37 30.00 37.62
C ILE D 205 10.88 29.80 37.88
N VAL D 206 10.23 30.84 38.41
CA VAL D 206 8.86 30.75 38.90
C VAL D 206 7.95 31.58 38.00
N LYS D 207 6.84 31.00 37.60
CA LYS D 207 5.79 31.70 36.87
C LYS D 207 4.45 31.32 37.49
N SER D 208 3.65 32.32 37.85
CA SER D 208 2.41 32.08 38.55
C SER D 208 1.32 33.00 38.01
N PHE D 209 0.07 32.57 38.19
CA PHE D 209 -1.09 33.40 37.93
C PHE D 209 -2.15 33.11 38.98
N ASN D 210 -2.93 34.13 39.30
CA ASN D 210 -4.03 34.00 40.25
C ASN D 210 -5.35 33.99 39.51
N ARG D 211 -6.16 32.95 39.76
CA ARG D 211 -7.47 32.85 39.13
C ARG D 211 -8.39 34.00 39.52
N ASN D 212 -8.07 34.71 40.60
CA ASN D 212 -8.87 35.81 41.11
C ASN D 212 -10.27 35.34 41.52
N GLN E 1 11.02 -14.81 66.41
CA GLN E 1 11.59 -14.24 65.20
C GLN E 1 10.78 -13.04 64.73
N VAL E 2 11.47 -11.94 64.46
CA VAL E 2 10.80 -10.74 63.95
C VAL E 2 10.38 -10.98 62.51
N GLN E 3 9.10 -10.76 62.24
CA GLN E 3 8.55 -11.03 60.91
C GLN E 3 7.57 -9.93 60.50
N LEU E 4 7.63 -9.57 59.23
CA LEU E 4 6.63 -8.72 58.59
C LEU E 4 6.01 -9.50 57.43
N GLN E 5 4.71 -9.75 57.52
CA GLN E 5 4.00 -10.57 56.55
C GLN E 5 3.12 -9.70 55.68
N GLN E 6 3.32 -9.77 54.37
CA GLN E 6 2.51 -9.07 53.39
C GLN E 6 1.87 -10.06 52.43
N PRO E 7 0.68 -9.75 51.91
CA PRO E 7 0.12 -10.58 50.84
C PRO E 7 0.94 -10.44 49.57
N GLY E 8 0.98 -11.53 48.79
CA GLY E 8 1.85 -11.56 47.63
C GLY E 8 1.43 -10.60 46.53
N ALA E 9 0.12 -10.53 46.26
CA ALA E 9 -0.35 -9.73 45.14
C ALA E 9 -1.74 -9.20 45.42
N GLU E 10 -2.14 -8.19 44.64
CA GLU E 10 -3.47 -7.62 44.71
C GLU E 10 -3.81 -7.02 43.36
N LEU E 11 -4.94 -7.44 42.80
CA LEU E 11 -5.45 -6.91 41.54
C LEU E 11 -6.63 -6.00 41.82
N VAL E 12 -6.62 -4.81 41.21
CA VAL E 12 -7.59 -3.76 41.54
C VAL E 12 -7.95 -3.02 40.26
N LYS E 13 -9.24 -2.75 40.07
CA LYS E 13 -9.70 -2.00 38.92
C LYS E 13 -9.26 -0.54 39.02
N PRO E 14 -9.06 0.13 37.88
CA PRO E 14 -8.68 1.55 37.92
C PRO E 14 -9.77 2.39 38.56
N GLY E 15 -9.33 3.37 39.36
CA GLY E 15 -10.25 4.22 40.09
C GLY E 15 -10.73 3.65 41.42
N ALA E 16 -10.43 2.39 41.72
CA ALA E 16 -10.84 1.78 42.96
C ALA E 16 -9.80 2.08 44.05
N SER E 17 -9.92 1.43 45.20
CA SER E 17 -8.99 1.62 46.30
C SER E 17 -8.51 0.26 46.80
N VAL E 18 -7.31 0.24 47.37
CA VAL E 18 -6.70 -0.98 47.87
C VAL E 18 -6.01 -0.67 49.20
N LYS E 19 -6.11 -1.62 50.14
CA LYS E 19 -5.51 -1.50 51.46
C LYS E 19 -4.48 -2.62 51.61
N VAL E 20 -3.19 -2.25 51.54
CA VAL E 20 -2.12 -3.22 51.72
C VAL E 20 -1.88 -3.43 53.21
N SER E 21 -1.69 -4.69 53.60
CA SER E 21 -1.53 -5.06 54.99
C SER E 21 -0.09 -5.51 55.27
N CYS E 22 0.36 -5.25 56.50
CA CYS E 22 1.70 -5.64 56.94
C CYS E 22 1.57 -6.13 58.39
N LYS E 23 1.46 -7.45 58.56
CA LYS E 23 1.25 -8.05 59.87
C LYS E 23 2.60 -8.26 60.55
N ALA E 24 2.80 -7.59 61.68
CA ALA E 24 4.03 -7.69 62.45
C ALA E 24 3.87 -8.68 63.59
N SER E 25 4.96 -9.36 63.92
CA SER E 25 4.94 -10.34 65.00
C SER E 25 6.36 -10.55 65.49
N GLY E 26 6.48 -10.97 66.76
CA GLY E 26 7.77 -11.26 67.34
C GLY E 26 8.48 -10.08 67.97
N TYR E 27 7.85 -8.90 68.01
CA TYR E 27 8.46 -7.73 68.62
C TYR E 27 7.36 -6.80 69.10
N THR E 28 7.76 -5.78 69.87
CA THR E 28 6.81 -4.79 70.37
C THR E 28 6.42 -3.86 69.22
N PHE E 29 5.19 -4.01 68.75
CA PHE E 29 4.75 -3.33 67.53
C PHE E 29 4.80 -1.82 67.66
N THR E 30 4.50 -1.29 68.85
CA THR E 30 4.40 0.15 69.06
C THR E 30 5.72 0.80 69.41
N ASN E 31 6.85 0.12 69.17
CA ASN E 31 8.15 0.63 69.58
C ASN E 31 9.02 1.10 68.42
N TYR E 32 8.59 0.91 67.17
CA TYR E 32 9.44 1.22 66.03
C TYR E 32 8.63 1.81 64.89
N TRP E 33 9.22 2.78 64.20
CA TRP E 33 8.59 3.35 63.01
C TRP E 33 8.39 2.28 61.94
N MET E 34 7.24 2.33 61.28
CA MET E 34 6.91 1.43 60.18
C MET E 34 7.00 2.22 58.88
N TYR E 35 7.96 1.86 58.03
CA TYR E 35 8.20 2.55 56.77
C TYR E 35 7.52 1.82 55.62
N TRP E 36 7.15 2.58 54.59
CA TRP E 36 6.56 2.03 53.37
C TRP E 36 7.31 2.59 52.18
N VAL E 37 7.77 1.70 51.29
CA VAL E 37 8.47 2.11 50.08
C VAL E 37 7.80 1.47 48.87
N LYS E 38 7.86 2.18 47.75
CA LYS E 38 7.23 1.76 46.50
C LYS E 38 8.30 1.53 45.44
N GLN E 39 8.12 0.51 44.61
CA GLN E 39 9.05 0.21 43.53
C GLN E 39 8.25 -0.20 42.30
N ARG E 40 8.23 0.68 41.29
CA ARG E 40 7.59 0.35 40.04
C ARG E 40 8.38 -0.76 39.32
N PRO E 41 7.70 -1.55 38.48
CA PRO E 41 8.40 -2.64 37.77
C PRO E 41 9.57 -2.13 36.93
N GLY E 42 10.79 -2.50 37.32
CA GLY E 42 11.98 -2.09 36.63
C GLY E 42 12.60 -0.80 37.11
N GLN E 43 11.89 -0.03 37.93
CA GLN E 43 12.33 1.28 38.35
C GLN E 43 13.01 1.21 39.72
N GLY E 44 13.28 2.37 40.31
CA GLY E 44 13.94 2.45 41.60
C GLY E 44 12.97 2.53 42.76
N LEU E 45 13.54 2.78 43.93
CA LEU E 45 12.76 2.82 45.17
C LEU E 45 12.26 4.24 45.45
N GLU E 46 11.07 4.31 46.02
CA GLU E 46 10.44 5.58 46.40
C GLU E 46 9.87 5.46 47.80
N TRP E 47 10.14 6.46 48.63
CA TRP E 47 9.64 6.48 50.00
C TRP E 47 8.23 7.07 50.01
N ILE E 48 7.25 6.26 50.43
CA ILE E 48 5.89 6.75 50.55
C ILE E 48 5.70 7.51 51.86
N GLY E 49 6.04 6.88 52.98
CA GLY E 49 5.89 7.50 54.27
C GLY E 49 6.20 6.52 55.37
N ARG E 50 6.06 7.02 56.60
CA ARG E 50 6.26 6.20 57.79
C ARG E 50 5.19 6.54 58.82
N ILE E 51 4.85 5.56 59.65
CA ILE E 51 3.85 5.73 60.69
C ILE E 51 4.37 5.07 61.96
N HIS E 52 4.22 5.74 63.09
CA HIS E 52 4.57 5.16 64.38
C HIS E 52 3.34 4.53 64.99
N PRO E 53 3.32 3.20 65.18
CA PRO E 53 2.09 2.54 65.67
C PRO E 53 1.71 2.93 67.09
N SER E 54 2.60 3.56 67.85
CA SER E 54 2.27 3.94 69.23
C SER E 54 1.12 4.94 69.26
N ASP E 55 1.21 6.00 68.45
CA ASP E 55 0.20 7.05 68.43
C ASP E 55 -0.27 7.39 67.02
N SER E 56 0.07 6.58 66.02
CA SER E 56 -0.31 6.79 64.63
C SER E 56 0.26 8.09 64.06
N ASP E 57 1.34 8.59 64.64
CA ASP E 57 2.05 9.73 64.05
C ASP E 57 2.60 9.35 62.69
N THR E 58 2.53 10.27 61.73
CA THR E 58 2.87 9.98 60.35
C THR E 58 3.81 11.03 59.79
N ASN E 59 4.67 10.59 58.87
CA ASN E 59 5.43 11.47 57.98
C ASN E 59 5.18 10.99 56.56
N TYR E 60 4.61 11.84 55.73
CA TYR E 60 4.27 11.48 54.36
C TYR E 60 5.21 12.16 53.37
N ASN E 61 5.48 11.46 52.26
CA ASN E 61 5.99 12.13 51.09
C ASN E 61 4.84 12.90 50.44
N GLN E 62 5.06 14.19 50.17
CA GLN E 62 4.00 15.04 49.62
C GLN E 62 3.44 14.46 48.34
N LYS E 63 4.26 13.73 47.57
CA LYS E 63 3.79 13.12 46.33
C LYS E 63 2.65 12.13 46.58
N PHE E 64 2.63 11.49 47.75
CA PHE E 64 1.62 10.48 48.07
C PHE E 64 0.65 10.95 49.15
N LYS E 65 0.54 12.27 49.37
CA LYS E 65 -0.23 12.77 50.50
C LYS E 65 -1.71 12.43 50.39
N GLY E 66 -2.29 12.65 49.21
CA GLY E 66 -3.69 12.31 49.00
C GLY E 66 -3.94 10.91 48.48
N LYS E 67 -2.89 10.21 48.05
CA LYS E 67 -3.03 8.88 47.46
C LYS E 67 -2.86 7.77 48.49
N ALA E 68 -1.93 7.93 49.42
CA ALA E 68 -1.62 6.90 50.40
C ALA E 68 -2.04 7.37 51.79
N THR E 69 -2.74 6.50 52.52
CA THR E 69 -3.12 6.73 53.90
C THR E 69 -2.61 5.59 54.75
N LEU E 70 -1.81 5.91 55.78
CA LEU E 70 -1.21 4.92 56.65
C LEU E 70 -1.99 4.84 57.96
N THR E 71 -2.37 3.63 58.35
CA THR E 71 -3.04 3.38 59.61
C THR E 71 -2.44 2.14 60.25
N VAL E 72 -2.86 1.87 61.50
CA VAL E 72 -2.43 0.69 62.23
C VAL E 72 -3.61 0.13 63.01
N ASP E 73 -3.52 -1.17 63.31
CA ASP E 73 -4.44 -1.85 64.22
C ASP E 73 -3.60 -2.49 65.31
N LYS E 74 -3.60 -1.89 66.50
CA LYS E 74 -2.78 -2.37 67.58
C LYS E 74 -3.32 -3.66 68.21
N SER E 75 -4.61 -3.95 68.02
CA SER E 75 -5.17 -5.19 68.55
C SER E 75 -4.67 -6.42 67.80
N SER E 76 -4.29 -6.24 66.53
CA SER E 76 -3.75 -7.33 65.72
C SER E 76 -2.32 -7.08 65.27
N SER E 77 -1.71 -5.96 65.69
CA SER E 77 -0.33 -5.62 65.34
C SER E 77 -0.13 -5.59 63.83
N THR E 78 -1.06 -4.96 63.12
CA THR E 78 -1.04 -4.89 61.67
C THR E 78 -1.01 -3.43 61.23
N ALA E 79 -0.12 -3.12 60.29
CA ALA E 79 -0.06 -1.80 59.67
C ALA E 79 -0.72 -1.86 58.29
N TYR E 80 -1.44 -0.80 57.95
CA TYR E 80 -2.18 -0.73 56.70
C TYR E 80 -1.78 0.51 55.92
N MET E 81 -1.58 0.34 54.62
CA MET E 81 -1.42 1.45 53.69
C MET E 81 -2.56 1.38 52.67
N GLN E 82 -3.38 2.43 52.63
CA GLN E 82 -4.52 2.49 51.72
C GLN E 82 -4.17 3.36 50.53
N LEU E 83 -4.34 2.82 49.33
CA LEU E 83 -4.09 3.53 48.09
C LEU E 83 -5.43 3.79 47.40
N SER E 84 -5.71 5.06 47.11
CA SER E 84 -7.00 5.47 46.55
C SER E 84 -6.82 6.07 45.17
N SER E 85 -7.92 6.10 44.42
CA SER E 85 -7.97 6.64 43.06
C SER E 85 -6.87 6.02 42.20
N LEU E 86 -6.94 4.70 42.08
CA LEU E 86 -5.85 3.94 41.48
C LEU E 86 -5.75 4.18 39.99
N THR E 87 -4.52 4.40 39.52
CA THR E 87 -4.19 4.56 38.11
C THR E 87 -3.10 3.56 37.75
N SER E 88 -2.67 3.60 36.48
N SER E 88 -2.67 3.60 36.48
CA SER E 88 -1.62 2.71 36.03
CA SER E 88 -1.62 2.69 36.05
C SER E 88 -0.30 2.99 36.74
C SER E 88 -0.29 3.00 36.73
N GLU E 89 -0.05 4.26 37.08
CA GLU E 89 1.18 4.63 37.77
C GLU E 89 1.28 4.05 39.17
N ASP E 90 0.18 3.54 39.72
CA ASP E 90 0.19 2.95 41.06
C ASP E 90 0.58 1.48 41.04
N SER E 91 0.64 0.85 39.88
CA SER E 91 1.08 -0.54 39.78
C SER E 91 2.55 -0.63 40.16
N ALA E 92 2.84 -1.29 41.28
CA ALA E 92 4.20 -1.39 41.79
C ALA E 92 4.22 -2.43 42.92
N VAL E 93 5.41 -2.67 43.45
CA VAL E 93 5.60 -3.48 44.65
C VAL E 93 5.71 -2.54 45.84
N TYR E 94 4.94 -2.80 46.89
CA TYR E 94 4.90 -1.96 48.07
C TYR E 94 5.47 -2.74 49.25
N TYR E 95 6.63 -2.29 49.74
CA TYR E 95 7.30 -2.92 50.86
C TYR E 95 6.97 -2.19 52.15
N CYS E 96 6.85 -2.95 53.24
CA CYS E 96 6.88 -2.41 54.59
C CYS E 96 8.17 -2.84 55.25
N ALA E 97 8.70 -1.97 56.12
CA ALA E 97 10.02 -2.24 56.70
C ALA E 97 10.15 -1.52 58.02
N ILE E 98 11.02 -2.05 58.89
CA ILE E 98 11.34 -1.46 60.18
C ILE E 98 12.84 -1.54 60.39
N GLU E 99 13.32 -0.69 61.31
CA GLU E 99 14.73 -0.67 61.72
C GLU E 99 14.77 -0.81 63.24
N ILE E 100 15.56 -1.76 63.74
CA ILE E 100 15.63 -2.06 65.16
C ILE E 100 17.08 -1.94 65.62
N TYR E 101 17.32 -1.00 66.53
CA TYR E 101 18.58 -0.92 67.26
C TYR E 101 18.30 -1.31 68.71
N ASP E 102 18.96 -2.38 69.17
CA ASP E 102 18.67 -2.96 70.47
C ASP E 102 19.70 -2.60 71.53
N GLY E 103 20.55 -1.59 71.26
CA GLY E 103 21.63 -1.25 72.15
C GLY E 103 22.94 -1.95 71.84
N TYR E 104 22.93 -2.92 70.94
CA TYR E 104 24.15 -3.61 70.54
C TYR E 104 24.32 -3.59 69.03
N ASN E 105 23.29 -4.01 68.31
CA ASN E 105 23.34 -4.11 66.85
C ASN E 105 22.11 -3.45 66.25
N THR E 106 22.26 -3.04 64.99
CA THR E 106 21.18 -2.44 64.22
C THR E 106 20.79 -3.39 63.10
N MET E 107 19.50 -3.75 63.05
CA MET E 107 19.00 -4.70 62.07
C MET E 107 17.80 -4.10 61.35
N ASP E 108 17.67 -4.46 60.08
CA ASP E 108 16.52 -4.08 59.27
C ASP E 108 15.67 -5.31 58.97
N TYR E 109 14.35 -5.10 58.93
CA TYR E 109 13.40 -6.17 58.66
C TYR E 109 12.41 -5.69 57.61
N TRP E 110 12.26 -6.47 56.55
CA TRP E 110 11.41 -6.11 55.42
C TRP E 110 10.35 -7.17 55.19
N GLY E 111 9.16 -6.72 54.79
CA GLY E 111 8.18 -7.64 54.27
C GLY E 111 8.58 -8.15 52.91
N GLN E 112 7.83 -9.14 52.41
CA GLN E 112 8.12 -9.68 51.09
C GLN E 112 7.75 -8.71 49.98
N GLY E 113 6.89 -7.72 50.25
CA GLY E 113 6.42 -6.81 49.23
C GLY E 113 5.15 -7.29 48.57
N THR E 114 4.18 -6.40 48.41
CA THR E 114 2.89 -6.73 47.79
C THR E 114 2.87 -6.15 46.38
N SER E 115 2.81 -7.04 45.39
CA SER E 115 2.71 -6.61 44.00
C SER E 115 1.30 -6.13 43.72
N VAL E 116 1.12 -4.82 43.56
CA VAL E 116 -0.17 -4.23 43.24
C VAL E 116 -0.23 -4.01 41.74
N THR E 117 -1.27 -4.54 41.10
CA THR E 117 -1.47 -4.39 39.67
C THR E 117 -2.82 -3.71 39.44
N VAL E 118 -2.79 -2.57 38.75
CA VAL E 118 -3.99 -1.80 38.46
C VAL E 118 -4.35 -2.04 36.99
N SER E 119 -5.49 -2.70 36.77
CA SER E 119 -5.98 -2.97 35.43
C SER E 119 -7.39 -3.51 35.54
N SER E 120 -8.11 -3.48 34.41
CA SER E 120 -9.46 -3.99 34.35
C SER E 120 -9.54 -5.46 33.96
N ALA E 121 -8.42 -6.05 33.54
CA ALA E 121 -8.41 -7.47 33.21
C ALA E 121 -8.53 -8.31 34.47
N LYS E 122 -9.16 -9.48 34.32
CA LYS E 122 -9.40 -10.35 35.45
C LYS E 122 -8.22 -11.30 35.66
N THR E 123 -8.29 -12.05 36.76
CA THR E 123 -7.25 -13.02 37.08
C THR E 123 -7.31 -14.22 36.13
N THR E 124 -6.14 -14.71 35.73
CA THR E 124 -6.03 -15.95 34.96
C THR E 124 -4.95 -16.81 35.60
N PRO E 125 -5.27 -18.01 36.06
CA PRO E 125 -4.24 -18.88 36.62
C PRO E 125 -3.30 -19.38 35.54
N PRO E 126 -2.07 -19.72 35.90
CA PRO E 126 -1.11 -20.16 34.89
C PRO E 126 -1.33 -21.59 34.45
N SER E 127 -1.04 -21.84 33.17
CA SER E 127 -0.97 -23.20 32.64
C SER E 127 0.47 -23.68 32.75
N VAL E 128 0.68 -24.78 33.47
CA VAL E 128 2.00 -25.32 33.73
C VAL E 128 2.22 -26.53 32.82
N TYR E 129 3.20 -26.44 31.93
CA TYR E 129 3.51 -27.51 31.01
C TYR E 129 4.91 -28.03 31.25
N PRO E 130 5.10 -29.34 31.35
CA PRO E 130 6.45 -29.88 31.55
C PRO E 130 7.24 -29.83 30.26
N LEU E 131 8.55 -29.64 30.40
CA LEU E 131 9.48 -29.64 29.28
C LEU E 131 10.41 -30.84 29.45
N ALA E 132 10.05 -31.95 28.82
CA ALA E 132 10.86 -33.17 28.80
C ALA E 132 11.71 -33.20 27.53
N PRO E 133 12.93 -33.73 27.63
CA PRO E 133 13.86 -33.64 26.48
C PRO E 133 13.32 -34.25 25.21
N GLY E 134 12.85 -35.49 25.26
CA GLY E 134 12.52 -36.22 24.07
C GLY E 134 13.49 -37.37 23.88
N SER E 135 12.98 -38.56 23.57
CA SER E 135 13.79 -39.78 23.55
C SER E 135 15.07 -39.59 22.74
N ALA E 136 14.97 -38.94 21.59
CA ALA E 136 16.15 -38.62 20.78
C ALA E 136 16.43 -37.12 20.81
N THR E 139 21.23 -37.64 26.15
CA THR E 139 22.04 -38.84 26.35
C THR E 139 23.47 -38.49 26.74
N ASN E 140 23.62 -37.77 27.85
CA ASN E 140 24.93 -37.37 28.35
C ASN E 140 24.90 -37.41 29.88
N SER E 141 25.97 -36.89 30.50
CA SER E 141 26.11 -36.98 31.95
C SER E 141 25.17 -36.06 32.70
N MET E 142 24.68 -35.00 32.05
CA MET E 142 23.68 -34.11 32.64
C MET E 142 22.47 -34.05 31.73
N VAL E 143 21.31 -33.76 32.30
CA VAL E 143 20.07 -33.62 31.55
C VAL E 143 19.38 -32.35 32.01
N THR E 144 18.91 -31.55 31.05
CA THR E 144 18.20 -30.31 31.33
C THR E 144 16.71 -30.55 31.18
N LEU E 145 15.96 -30.26 32.24
CA LEU E 145 14.51 -30.28 32.21
C LEU E 145 13.98 -28.86 32.33
N GLY E 146 12.69 -28.69 32.07
CA GLY E 146 12.11 -27.36 32.03
C GLY E 146 10.67 -27.34 32.45
N CYS E 147 10.14 -26.12 32.57
CA CYS E 147 8.78 -25.88 33.04
C CYS E 147 8.28 -24.61 32.39
N LEU E 148 7.16 -24.70 31.66
CA LEU E 148 6.58 -23.56 30.97
C LEU E 148 5.35 -23.07 31.73
N VAL E 149 5.44 -21.86 32.27
CA VAL E 149 4.37 -21.25 33.06
C VAL E 149 3.74 -20.18 32.18
N LYS E 150 2.64 -20.52 31.52
CA LYS E 150 2.10 -19.73 30.41
C LYS E 150 0.73 -19.14 30.75
N GLY E 151 0.51 -17.90 30.31
CA GLY E 151 -0.81 -17.32 30.27
C GLY E 151 -1.45 -16.98 31.60
N TYR E 152 -0.71 -16.36 32.51
CA TYR E 152 -1.25 -15.96 33.80
C TYR E 152 -1.29 -14.45 33.92
N PHE E 153 -2.12 -13.98 34.85
CA PHE E 153 -2.26 -12.57 35.16
C PHE E 153 -2.98 -12.42 36.49
N PRO E 154 -2.53 -11.52 37.37
CA PRO E 154 -1.34 -10.69 37.18
C PRO E 154 -0.08 -11.29 37.80
N GLU E 155 1.00 -10.51 37.85
CA GLU E 155 2.20 -10.92 38.54
C GLU E 155 1.94 -11.02 40.04
N PRO E 156 2.71 -11.83 40.78
CA PRO E 156 3.80 -12.69 40.29
C PRO E 156 3.46 -14.17 40.34
N VAL E 157 4.47 -15.00 40.06
CA VAL E 157 4.43 -16.42 40.32
C VAL E 157 5.78 -16.83 40.91
N THR E 158 5.78 -17.88 41.72
CA THR E 158 6.99 -18.45 42.28
C THR E 158 7.19 -19.84 41.73
N VAL E 159 8.42 -20.14 41.29
CA VAL E 159 8.77 -21.43 40.72
C VAL E 159 9.87 -22.03 41.57
N THR E 160 9.64 -23.23 42.10
CA THR E 160 10.64 -24.00 42.78
C THR E 160 10.68 -25.40 42.18
N TRP E 161 11.75 -26.13 42.48
CA TRP E 161 11.94 -27.49 41.96
C TRP E 161 12.08 -28.44 43.13
N ASN E 162 11.24 -29.48 43.15
CA ASN E 162 11.19 -30.46 44.24
C ASN E 162 11.01 -29.76 45.58
N SER E 163 10.09 -28.80 45.61
CA SER E 163 9.76 -28.03 46.81
C SER E 163 10.98 -27.31 47.38
N GLY E 164 11.94 -26.96 46.52
CA GLY E 164 13.14 -26.27 46.94
C GLY E 164 14.35 -27.16 47.18
N SER E 165 14.19 -28.48 47.07
CA SER E 165 15.34 -29.37 47.23
C SER E 165 16.32 -29.23 46.09
N LEU E 166 15.85 -28.87 44.90
CA LEU E 166 16.71 -28.61 43.75
C LEU E 166 16.89 -27.10 43.61
N SER E 167 18.10 -26.62 43.90
CA SER E 167 18.43 -25.21 43.75
C SER E 167 19.57 -24.96 42.78
N SER E 168 20.62 -25.76 42.85
CA SER E 168 21.73 -25.61 41.91
C SER E 168 21.30 -26.00 40.50
N GLY E 169 21.85 -25.30 39.51
CA GLY E 169 21.51 -25.57 38.13
C GLY E 169 20.12 -25.16 37.72
N VAL E 170 19.50 -24.22 38.45
CA VAL E 170 18.16 -23.75 38.15
C VAL E 170 18.26 -22.34 37.58
N HIS E 171 17.59 -22.12 36.44
CA HIS E 171 17.44 -20.79 35.86
C HIS E 171 15.95 -20.51 35.69
N THR E 172 15.45 -19.53 36.43
CA THR E 172 14.07 -19.07 36.30
C THR E 172 14.08 -17.74 35.58
N PHE E 173 13.35 -17.66 34.47
CA PHE E 173 13.48 -16.51 33.58
C PHE E 173 12.41 -15.47 33.88
N PRO E 174 12.76 -14.19 33.80
CA PRO E 174 11.77 -13.13 34.04
C PRO E 174 10.59 -13.26 33.11
N ALA E 175 9.40 -12.99 33.65
CA ALA E 175 8.18 -13.09 32.87
C ALA E 175 8.13 -12.02 31.79
N VAL E 176 7.44 -12.32 30.71
CA VAL E 176 7.23 -11.39 29.61
C VAL E 176 5.73 -11.22 29.42
N LEU E 177 5.30 -9.98 29.25
CA LEU E 177 3.90 -9.67 29.02
C LEU E 177 3.60 -9.71 27.53
N GLN E 178 2.52 -10.42 27.18
CA GLN E 178 2.12 -10.53 25.77
C GLN E 178 0.63 -10.82 25.72
N SER E 179 -0.10 -9.98 24.99
CA SER E 179 -1.55 -10.13 24.82
C SER E 179 -2.25 -10.17 26.18
N ASP E 180 -1.90 -9.23 27.04
CA ASP E 180 -2.49 -9.05 28.37
C ASP E 180 -2.25 -10.24 29.30
N LEU E 181 -1.31 -11.12 28.95
CA LEU E 181 -1.01 -12.29 29.76
C LEU E 181 0.50 -12.44 29.92
N TYR E 182 0.90 -12.99 31.06
CA TYR E 182 2.31 -13.22 31.39
C TYR E 182 2.70 -14.66 31.10
N THR E 183 3.96 -14.85 30.72
CA THR E 183 4.53 -16.16 30.50
C THR E 183 5.98 -16.15 30.94
N LEU E 184 6.37 -17.14 31.74
CA LEU E 184 7.78 -17.34 32.07
C LEU E 184 8.09 -18.82 31.96
N SER E 185 9.38 -19.12 32.04
CA SER E 185 9.87 -20.49 31.97
C SER E 185 10.98 -20.68 32.99
N SER E 186 11.26 -21.95 33.29
CA SER E 186 12.32 -22.29 34.23
C SER E 186 12.97 -23.59 33.76
N SER E 187 14.29 -23.66 33.90
CA SER E 187 15.05 -24.85 33.55
C SER E 187 15.85 -25.33 34.75
N VAL E 188 16.09 -26.64 34.80
CA VAL E 188 16.93 -27.24 35.83
C VAL E 188 17.79 -28.32 35.16
N THR E 189 19.07 -28.32 35.51
CA THR E 189 20.03 -29.29 35.00
C THR E 189 20.44 -30.22 36.12
N VAL E 190 20.12 -31.50 35.98
CA VAL E 190 20.37 -32.49 37.02
C VAL E 190 21.23 -33.60 36.42
N PRO E 191 21.91 -34.38 37.26
CA PRO E 191 22.65 -35.54 36.73
C PRO E 191 21.72 -36.52 36.02
N SER E 192 22.27 -37.17 34.99
CA SER E 192 21.51 -38.16 34.25
C SER E 192 21.11 -39.34 35.12
N SER E 193 21.79 -39.57 36.24
CA SER E 193 21.37 -40.58 37.19
C SER E 193 20.18 -40.14 38.02
N THR E 194 19.88 -38.85 38.06
CA THR E 194 18.74 -38.35 38.82
C THR E 194 17.44 -38.50 38.02
N TRP E 195 17.45 -38.03 36.77
CA TRP E 195 16.31 -38.15 35.88
C TRP E 195 16.68 -39.00 34.67
N PRO E 196 15.80 -39.89 34.21
CA PRO E 196 14.40 -40.12 34.62
C PRO E 196 14.19 -41.10 35.77
N SER E 197 15.24 -41.45 36.50
CA SER E 197 15.09 -42.46 37.55
C SER E 197 14.30 -41.93 38.74
N GLN E 198 14.52 -40.67 39.12
CA GLN E 198 13.83 -40.05 40.23
C GLN E 198 12.90 -38.95 39.74
N THR E 199 11.83 -38.71 40.49
CA THR E 199 10.87 -37.69 40.10
C THR E 199 11.45 -36.30 40.26
N VAL E 200 11.22 -35.45 39.25
CA VAL E 200 11.57 -34.04 39.28
C VAL E 200 10.29 -33.25 39.10
N THR E 201 9.96 -32.41 40.07
CA THR E 201 8.67 -31.73 40.11
C THR E 201 8.85 -30.22 40.07
N CYS E 202 8.12 -29.57 39.18
CA CYS E 202 8.09 -28.11 39.09
C CYS E 202 6.91 -27.61 39.89
N ASN E 203 7.19 -26.86 40.96
CA ASN E 203 6.15 -26.30 41.84
C ASN E 203 5.90 -24.85 41.45
N VAL E 204 4.67 -24.54 41.06
CA VAL E 204 4.28 -23.20 40.62
C VAL E 204 3.17 -22.70 41.53
N ALA E 205 3.35 -21.49 42.05
CA ALA E 205 2.36 -20.84 42.90
C ALA E 205 1.99 -19.49 42.30
N HIS E 206 0.69 -19.22 42.21
CA HIS E 206 0.16 -17.96 41.68
C HIS E 206 -0.85 -17.45 42.68
N PRO E 207 -0.43 -16.61 43.63
CA PRO E 207 -1.32 -16.24 44.75
C PRO E 207 -2.51 -15.40 44.34
N ALA E 208 -2.46 -14.70 43.20
CA ALA E 208 -3.60 -13.90 42.77
C ALA E 208 -4.79 -14.75 42.38
N SER E 209 -4.56 -16.01 42.02
CA SER E 209 -5.63 -16.93 41.67
C SER E 209 -5.75 -18.10 42.66
N SER E 210 -4.99 -18.06 43.76
CA SER E 210 -4.96 -19.15 44.73
C SER E 210 -4.60 -20.48 44.06
N THR E 211 -3.60 -20.43 43.18
CA THR E 211 -3.22 -21.57 42.36
C THR E 211 -1.89 -22.13 42.84
N LYS E 212 -1.87 -23.42 43.13
CA LYS E 212 -0.64 -24.15 43.44
C LYS E 212 -0.65 -25.44 42.62
N VAL E 213 0.32 -25.55 41.71
CA VAL E 213 0.39 -26.68 40.78
C VAL E 213 1.75 -27.34 40.91
N ASP E 214 1.76 -28.66 41.06
CA ASP E 214 2.98 -29.46 41.10
C ASP E 214 3.01 -30.29 39.82
N LYS E 215 3.86 -29.91 38.88
CA LYS E 215 3.96 -30.56 37.58
C LYS E 215 5.22 -31.42 37.55
N LYS E 216 5.03 -32.73 37.47
CA LYS E 216 6.15 -33.66 37.34
C LYS E 216 6.63 -33.70 35.89
N ILE E 217 7.94 -33.82 35.72
CA ILE E 217 8.53 -33.93 34.38
C ILE E 217 8.62 -35.42 34.08
N VAL E 218 7.56 -35.95 33.47
CA VAL E 218 7.48 -37.37 33.14
C VAL E 218 8.21 -37.61 31.83
N PRO E 219 9.05 -38.66 31.73
CA PRO E 219 9.78 -39.04 30.52
C PRO E 219 8.93 -39.06 29.25
N ASP F 1 12.93 18.97 46.82
CA ASP F 1 13.42 17.68 47.29
C ASP F 1 14.92 17.54 47.05
N ILE F 2 15.60 16.87 47.98
CA ILE F 2 17.03 16.63 47.83
C ILE F 2 17.24 15.52 46.80
N VAL F 3 18.10 15.79 45.82
CA VAL F 3 18.38 14.85 44.74
C VAL F 3 19.65 14.09 45.07
N MET F 4 19.55 12.76 45.08
CA MET F 4 20.70 11.89 45.24
C MET F 4 21.10 11.38 43.86
N THR F 5 22.30 11.74 43.41
CA THR F 5 22.75 11.46 42.06
C THR F 5 23.83 10.37 42.10
N GLN F 6 23.46 9.17 41.68
CA GLN F 6 24.43 8.10 41.41
C GLN F 6 24.85 8.23 39.96
N SER F 7 26.09 8.65 39.73
CA SER F 7 26.53 8.97 38.38
C SER F 7 26.42 7.77 37.45
N GLN F 8 26.99 6.64 37.83
CA GLN F 8 27.06 5.48 36.96
C GLN F 8 25.87 4.56 37.20
N LYS F 9 25.21 4.16 36.11
CA LYS F 9 24.17 3.16 36.18
C LYS F 9 24.71 1.74 36.27
N PHE F 10 26.01 1.56 36.02
CA PHE F 10 26.65 0.25 36.11
C PHE F 10 28.06 0.44 36.62
N MET F 11 28.53 -0.52 37.42
CA MET F 11 29.91 -0.60 37.86
C MET F 11 30.45 -1.99 37.54
N SER F 12 31.71 -2.05 37.12
CA SER F 12 32.30 -3.29 36.65
C SER F 12 33.57 -3.60 37.42
N THR F 13 33.80 -4.88 37.66
CA THR F 13 35.01 -5.40 38.29
C THR F 13 35.04 -6.90 38.06
N SER F 14 36.11 -7.54 38.52
CA SER F 14 36.26 -8.98 38.42
C SER F 14 36.12 -9.61 39.80
N VAL F 15 35.75 -10.88 39.83
CA VAL F 15 35.54 -11.59 41.08
C VAL F 15 36.82 -11.56 41.91
N GLY F 16 36.67 -11.21 43.19
CA GLY F 16 37.80 -11.08 44.08
C GLY F 16 38.38 -9.69 44.18
N ASP F 17 38.13 -8.84 43.19
CA ASP F 17 38.68 -7.48 43.17
C ASP F 17 37.73 -6.56 43.93
N ARG F 18 37.83 -5.25 43.70
CA ARG F 18 37.04 -4.26 44.42
C ARG F 18 36.29 -3.38 43.43
N VAL F 19 35.35 -2.61 43.97
CA VAL F 19 34.51 -1.72 43.16
C VAL F 19 33.95 -0.65 44.09
N SER F 20 33.57 0.48 43.50
CA SER F 20 33.09 1.62 44.28
C SER F 20 31.94 2.31 43.56
N VAL F 21 30.90 2.65 44.33
CA VAL F 21 29.80 3.48 43.84
C VAL F 21 29.96 4.87 44.44
N THR F 22 29.59 5.88 43.67
CA THR F 22 29.53 7.24 44.16
C THR F 22 28.11 7.75 44.14
N CYS F 23 27.80 8.64 45.08
CA CYS F 23 26.47 9.24 45.18
C CYS F 23 26.64 10.65 45.72
N LYS F 24 26.08 11.63 45.01
CA LYS F 24 26.24 13.03 45.36
C LYS F 24 24.88 13.64 45.69
N ALA F 25 24.83 14.37 46.80
CA ALA F 25 23.61 15.03 47.25
C ALA F 25 23.58 16.46 46.75
N SER F 26 22.38 16.92 46.35
CA SER F 26 22.25 18.28 45.86
C SER F 26 22.48 19.31 46.96
N GLN F 27 22.22 18.95 48.21
CA GLN F 27 22.47 19.82 49.35
C GLN F 27 23.21 19.03 50.43
N ASN F 28 23.74 19.76 51.40
CA ASN F 28 24.48 19.14 52.49
C ASN F 28 23.56 18.31 53.37
N VAL F 29 23.78 17.00 53.42
CA VAL F 29 23.00 16.10 54.23
C VAL F 29 23.82 15.52 55.38
N GLY F 30 25.00 16.07 55.64
CA GLY F 30 25.81 15.58 56.74
C GLY F 30 26.28 14.17 56.48
N THR F 31 26.06 13.29 57.46
CA THR F 31 26.34 11.87 57.32
C THR F 31 25.07 11.03 57.35
N ASN F 32 23.90 11.67 57.30
CA ASN F 32 22.62 10.95 57.34
C ASN F 32 22.32 10.36 55.96
N VAL F 33 23.13 9.36 55.59
CA VAL F 33 23.03 8.69 54.30
C VAL F 33 23.10 7.19 54.52
N ALA F 34 22.23 6.46 53.83
CA ALA F 34 22.19 5.00 53.92
C ALA F 34 22.43 4.39 52.54
N TRP F 35 22.84 3.13 52.54
CA TRP F 35 23.05 2.36 51.32
C TRP F 35 22.23 1.07 51.41
N TYR F 36 21.67 0.64 50.28
CA TYR F 36 20.84 -0.55 50.22
C TYR F 36 21.29 -1.45 49.08
N GLN F 37 21.20 -2.75 49.30
CA GLN F 37 21.46 -3.76 48.29
C GLN F 37 20.17 -4.51 47.99
N GLN F 38 19.85 -4.66 46.70
CA GLN F 38 18.65 -5.38 46.28
C GLN F 38 19.02 -6.39 45.21
N LYS F 39 18.82 -7.64 45.51
CA LYS F 39 19.02 -8.69 44.52
C LYS F 39 17.74 -8.93 43.73
N PRO F 40 17.85 -9.43 42.51
CA PRO F 40 16.66 -9.60 41.66
C PRO F 40 15.59 -10.45 42.32
N GLY F 41 14.37 -9.90 42.40
CA GLY F 41 13.25 -10.59 42.97
C GLY F 41 13.15 -10.55 44.48
N GLN F 42 14.15 -9.98 45.16
CA GLN F 42 14.21 -9.97 46.62
C GLN F 42 13.90 -8.59 47.16
N SER F 43 13.59 -8.55 48.46
N SER F 43 13.59 -8.55 48.46
CA SER F 43 13.38 -7.28 49.13
CA SER F 43 13.38 -7.27 49.14
C SER F 43 14.71 -6.55 49.30
C SER F 43 14.71 -6.55 49.29
N PRO F 44 14.68 -5.22 49.43
CA PRO F 44 15.93 -4.49 49.68
C PRO F 44 16.54 -4.89 51.02
N LYS F 45 17.86 -4.82 51.09
CA LYS F 45 18.60 -5.14 52.31
C LYS F 45 19.52 -3.99 52.64
N ALA F 46 19.37 -3.43 53.83
CA ALA F 46 20.18 -2.28 54.23
C ALA F 46 21.61 -2.72 54.52
N LEU F 47 22.56 -1.99 53.95
CA LEU F 47 23.98 -2.25 54.16
C LEU F 47 24.61 -1.26 55.13
N ILE F 48 24.41 0.03 54.90
CA ILE F 48 25.10 1.08 55.62
C ILE F 48 24.07 2.10 56.11
N TYR F 49 24.28 2.60 57.33
CA TYR F 49 23.58 3.78 57.83
C TYR F 49 24.62 4.74 58.38
N SER F 50 24.22 6.00 58.55
CA SER F 50 25.11 7.05 59.05
C SER F 50 26.38 7.11 58.21
N ALA F 51 26.23 6.92 56.90
CA ALA F 51 27.29 7.06 55.90
C ALA F 51 28.35 5.97 55.95
N SER F 52 28.72 5.51 57.16
CA SER F 52 29.85 4.58 57.27
C SER F 52 29.62 3.43 58.23
N TYR F 53 28.44 3.29 58.83
CA TYR F 53 28.19 2.26 59.83
C TYR F 53 27.42 1.10 59.19
N ARG F 54 27.84 -0.12 59.47
CA ARG F 54 27.23 -1.30 58.88
C ARG F 54 26.07 -1.81 59.74
N TYR F 55 25.01 -2.26 59.08
CA TYR F 55 23.97 -3.01 59.75
C TYR F 55 24.51 -4.37 60.15
N SER F 56 23.86 -4.98 61.14
CA SER F 56 24.27 -6.31 61.58
C SER F 56 24.08 -7.31 60.45
N GLY F 57 25.07 -8.19 60.27
CA GLY F 57 25.06 -9.16 59.20
C GLY F 57 25.79 -8.72 57.95
N VAL F 58 26.19 -7.46 57.86
CA VAL F 58 26.90 -6.93 56.70
C VAL F 58 28.40 -7.15 56.92
N PRO F 59 29.09 -7.85 56.03
CA PRO F 59 30.53 -8.08 56.22
C PRO F 59 31.31 -6.79 56.01
N ASP F 60 32.53 -6.78 56.55
CA ASP F 60 33.40 -5.61 56.42
C ASP F 60 33.89 -5.41 54.99
N ARG F 61 33.53 -6.31 54.06
CA ARG F 61 33.81 -6.05 52.64
C ARG F 61 33.06 -4.83 52.15
N PHE F 62 31.92 -4.51 52.76
CA PHE F 62 31.15 -3.33 52.42
C PHE F 62 31.56 -2.20 53.34
N THR F 63 32.09 -1.12 52.75
CA THR F 63 32.54 0.04 53.49
C THR F 63 31.93 1.29 52.90
N GLY F 64 31.31 2.11 53.74
CA GLY F 64 30.74 3.39 53.34
C GLY F 64 31.61 4.52 53.83
N SER F 65 31.64 5.60 53.05
CA SER F 65 32.45 6.76 53.40
C SER F 65 31.81 8.01 52.81
N GLY F 66 32.31 9.16 53.24
CA GLY F 66 31.86 10.42 52.71
C GLY F 66 31.04 11.21 53.72
N SER F 67 31.06 12.53 53.57
CA SER F 67 30.25 13.42 54.38
C SER F 67 29.83 14.60 53.52
N GLY F 68 28.88 15.38 54.03
CA GLY F 68 28.39 16.53 53.30
C GLY F 68 27.58 16.17 52.07
N THR F 69 28.21 16.23 50.90
CA THR F 69 27.51 15.98 49.64
C THR F 69 28.02 14.75 48.89
N ASP F 70 29.26 14.35 49.07
CA ASP F 70 29.85 13.24 48.34
C ASP F 70 29.95 12.01 49.24
N PHE F 71 29.45 10.87 48.74
CA PHE F 71 29.44 9.63 49.49
C PHE F 71 29.85 8.49 48.57
N THR F 72 30.49 7.47 49.14
CA THR F 72 31.03 6.37 48.37
C THR F 72 30.79 5.05 49.10
N LEU F 73 30.32 4.05 48.35
CA LEU F 73 30.20 2.68 48.84
C LEU F 73 31.24 1.83 48.13
N THR F 74 32.10 1.19 48.92
CA THR F 74 33.17 0.35 48.39
C THR F 74 32.93 -1.10 48.77
N ILE F 75 32.99 -1.99 47.78
CA ILE F 75 32.84 -3.43 47.99
C ILE F 75 34.19 -4.07 47.70
N SER F 76 34.75 -4.76 48.70
CA SER F 76 36.00 -5.47 48.56
C SER F 76 35.75 -6.96 48.41
N ASN F 77 36.70 -7.65 47.78
CA ASN F 77 36.64 -9.09 47.54
C ASN F 77 35.29 -9.47 46.93
N VAL F 78 34.95 -8.80 45.83
CA VAL F 78 33.64 -8.97 45.23
C VAL F 78 33.48 -10.40 44.73
N GLN F 79 32.35 -11.01 45.07
CA GLN F 79 32.00 -12.35 44.63
C GLN F 79 30.72 -12.28 43.81
N SER F 80 30.45 -13.38 43.08
CA SER F 80 29.26 -13.42 42.23
C SER F 80 27.98 -13.24 43.03
N GLU F 81 27.99 -13.62 44.31
CA GLU F 81 26.82 -13.44 45.15
C GLU F 81 26.49 -11.97 45.39
N ASP F 82 27.42 -11.07 45.12
CA ASP F 82 27.19 -9.64 45.32
C ASP F 82 26.48 -8.98 44.14
N LEU F 83 26.12 -9.75 43.12
CA LEU F 83 25.41 -9.17 41.97
C LEU F 83 24.04 -8.67 42.40
N ALA F 84 23.85 -7.35 42.32
CA ALA F 84 22.63 -6.71 42.79
C ALA F 84 22.67 -5.25 42.37
N GLU F 85 21.56 -4.57 42.62
CA GLU F 85 21.47 -3.13 42.42
C GLU F 85 21.67 -2.43 43.76
N TYR F 86 22.43 -1.34 43.76
CA TYR F 86 22.81 -0.64 44.98
C TYR F 86 22.28 0.78 44.95
N PHE F 87 21.56 1.16 46.01
CA PHE F 87 20.93 2.47 46.10
C PHE F 87 21.55 3.26 47.26
N CYS F 88 21.81 4.53 47.03
CA CYS F 88 22.08 5.47 48.11
C CYS F 88 20.77 6.15 48.52
N GLN F 89 20.77 6.71 49.72
CA GLN F 89 19.57 7.35 50.24
C GLN F 89 19.96 8.38 51.29
N GLN F 90 19.29 9.52 51.27
CA GLN F 90 19.44 10.53 52.30
C GLN F 90 18.21 10.53 53.18
N TYR F 91 18.42 10.63 54.49
CA TYR F 91 17.33 10.78 55.45
C TYR F 91 17.56 11.98 56.36
N ASN F 92 18.35 12.95 55.90
CA ASN F 92 18.57 14.17 56.66
C ASN F 92 17.43 15.16 56.51
N ASN F 93 16.79 15.19 55.34
CA ASN F 93 15.70 16.12 55.07
C ASN F 93 14.51 15.35 54.52
N TYR F 94 13.33 15.96 54.67
CA TYR F 94 12.12 15.37 54.14
C TYR F 94 11.74 16.02 52.81
N PRO F 95 11.29 15.24 51.82
CA PRO F 95 11.08 13.79 51.93
C PRO F 95 12.36 12.98 51.81
N LEU F 96 12.38 11.78 52.38
CA LEU F 96 13.50 10.88 52.17
C LEU F 96 13.57 10.51 50.70
N THR F 97 14.77 10.57 50.12
CA THR F 97 14.95 10.35 48.70
C THR F 97 16.08 9.36 48.45
N PHE F 98 15.86 8.45 47.50
CA PHE F 98 16.81 7.43 47.13
C PHE F 98 17.63 7.85 45.91
N GLY F 99 18.75 7.16 45.71
CA GLY F 99 19.47 7.27 44.47
C GLY F 99 18.81 6.44 43.38
N ALA F 100 19.27 6.64 42.15
CA ALA F 100 18.68 5.95 41.00
C ALA F 100 19.14 4.49 40.89
N GLY F 101 20.10 4.07 41.69
CA GLY F 101 20.54 2.68 41.64
C GLY F 101 21.73 2.49 40.72
N THR F 102 22.59 1.53 41.12
CA THR F 102 23.77 1.18 40.33
C THR F 102 23.89 -0.33 40.34
N LYS F 103 23.86 -0.94 39.15
CA LYS F 103 23.92 -2.39 39.02
C LYS F 103 25.36 -2.85 38.92
N LEU F 104 25.75 -3.79 39.77
CA LEU F 104 27.09 -4.37 39.70
C LEU F 104 27.19 -5.33 38.53
N GLU F 105 28.24 -5.17 37.72
CA GLU F 105 28.52 -6.05 36.61
C GLU F 105 29.87 -6.72 36.83
N LEU F 106 29.96 -8.00 36.52
CA LEU F 106 31.17 -8.78 36.73
C LEU F 106 31.76 -9.19 35.39
N LYS F 107 33.04 -8.92 35.20
CA LYS F 107 33.76 -9.35 34.01
C LYS F 107 34.28 -10.76 34.18
N ARG F 108 34.40 -11.47 33.05
CA ARG F 108 34.83 -12.87 33.05
C ARG F 108 35.12 -13.27 31.61
N ALA F 109 35.69 -14.47 31.46
CA ALA F 109 36.01 -14.97 30.14
C ALA F 109 34.74 -15.34 29.38
N ASP F 110 34.86 -15.38 28.06
CA ASP F 110 33.73 -15.76 27.21
C ASP F 110 33.32 -17.19 27.50
N ALA F 111 32.04 -17.49 27.26
CA ALA F 111 31.49 -18.80 27.52
C ALA F 111 30.42 -19.12 26.48
N ALA F 112 30.51 -20.30 25.88
CA ALA F 112 29.54 -20.71 24.89
C ALA F 112 28.27 -21.23 25.56
N PRO F 113 27.11 -20.98 24.96
CA PRO F 113 25.86 -21.43 25.58
C PRO F 113 25.62 -22.91 25.43
N THR F 114 24.89 -23.48 26.38
CA THR F 114 24.39 -24.84 26.30
C THR F 114 22.94 -24.78 25.86
N VAL F 115 22.64 -25.35 24.69
CA VAL F 115 21.36 -25.17 24.01
C VAL F 115 20.53 -26.43 24.17
N SER F 116 19.27 -26.25 24.58
CA SER F 116 18.32 -27.35 24.72
C SER F 116 17.01 -26.94 24.06
N ILE F 117 16.45 -27.84 23.25
CA ILE F 117 15.18 -27.59 22.60
C ILE F 117 14.15 -28.58 23.15
N PHE F 118 12.91 -28.13 23.25
CA PHE F 118 11.86 -28.93 23.85
C PHE F 118 10.58 -28.86 23.02
N PRO F 119 10.06 -30.00 22.57
CA PRO F 119 8.83 -30.00 21.78
C PRO F 119 7.64 -29.60 22.61
N PRO F 120 6.52 -29.26 21.99
CA PRO F 120 5.29 -28.99 22.77
C PRO F 120 4.85 -30.22 23.53
N SER F 121 4.58 -30.04 24.82
CA SER F 121 4.10 -31.14 25.64
C SER F 121 2.75 -31.64 25.14
N SER F 122 2.48 -32.92 25.40
CA SER F 122 1.18 -33.48 25.03
C SER F 122 0.05 -32.79 25.79
N GLU F 123 0.35 -32.23 26.96
CA GLU F 123 -0.68 -31.54 27.73
C GLU F 123 -1.10 -30.24 27.06
N GLN F 124 -0.12 -29.44 26.59
CA GLN F 124 -0.46 -28.20 25.90
C GLN F 124 -1.20 -28.46 24.60
N LEU F 125 -0.90 -29.58 23.94
CA LEU F 125 -1.55 -29.89 22.67
C LEU F 125 -3.05 -30.11 22.81
N THR F 126 -3.52 -30.44 24.01
CA THR F 126 -4.96 -30.56 24.25
C THR F 126 -5.65 -29.21 24.36
N SER F 127 -4.90 -28.13 24.53
CA SER F 127 -5.46 -26.80 24.70
C SER F 127 -5.62 -26.04 23.38
N GLY F 128 -5.24 -26.65 22.26
CA GLY F 128 -5.29 -25.96 20.98
C GLY F 128 -4.08 -25.12 20.66
N GLY F 129 -3.11 -25.02 21.58
CA GLY F 129 -1.89 -24.28 21.34
C GLY F 129 -0.68 -25.21 21.37
N ALA F 130 0.46 -24.67 20.94
CA ALA F 130 1.69 -25.45 20.88
C ALA F 130 2.87 -24.49 20.99
N SER F 131 3.73 -24.74 21.99
CA SER F 131 4.91 -23.93 22.23
C SER F 131 6.15 -24.82 22.15
N VAL F 132 7.15 -24.36 21.40
CA VAL F 132 8.46 -24.99 21.36
C VAL F 132 9.42 -24.09 22.13
N VAL F 133 10.21 -24.68 23.02
CA VAL F 133 11.03 -23.95 23.97
C VAL F 133 12.51 -24.23 23.70
N CYS F 134 13.32 -23.18 23.70
CA CYS F 134 14.76 -23.29 23.50
C CYS F 134 15.46 -22.58 24.65
N PHE F 135 16.29 -23.31 25.39
CA PHE F 135 17.07 -22.76 26.48
C PHE F 135 18.51 -22.53 26.04
N LEU F 136 19.09 -21.41 26.47
CA LEU F 136 20.45 -21.01 26.13
C LEU F 136 21.12 -20.62 27.44
N ASN F 137 21.80 -21.58 28.07
CA ASN F 137 22.20 -21.44 29.46
C ASN F 137 23.71 -21.20 29.59
N ASN F 138 24.05 -20.26 30.48
CA ASN F 138 25.42 -20.05 30.94
C ASN F 138 26.36 -19.64 29.80
N PHE F 139 26.05 -18.49 29.20
CA PHE F 139 26.88 -17.92 28.16
C PHE F 139 27.31 -16.51 28.54
N TYR F 140 28.39 -16.05 27.89
CA TYR F 140 28.97 -14.74 28.12
C TYR F 140 29.76 -14.34 26.89
N PRO F 141 29.62 -13.09 26.40
CA PRO F 141 28.80 -12.01 26.96
C PRO F 141 27.30 -12.19 26.73
N LYS F 142 26.52 -11.23 27.24
CA LYS F 142 25.06 -11.38 27.20
C LYS F 142 24.52 -11.32 25.78
N ASP F 143 25.21 -10.63 24.87
CA ASP F 143 24.71 -10.47 23.51
C ASP F 143 24.65 -11.82 22.80
N ILE F 144 23.44 -12.23 22.43
CA ILE F 144 23.21 -13.51 21.76
C ILE F 144 22.01 -13.35 20.83
N ASN F 145 21.95 -14.22 19.83
N ASN F 145 21.95 -14.22 19.83
CA ASN F 145 20.88 -14.19 18.84
CA ASN F 145 20.87 -14.19 18.84
C ASN F 145 20.29 -15.58 18.70
C ASN F 145 20.29 -15.58 18.70
N VAL F 146 18.96 -15.67 18.78
CA VAL F 146 18.24 -16.92 18.60
C VAL F 146 17.44 -16.81 17.32
N LYS F 147 17.34 -17.93 16.60
CA LYS F 147 16.67 -17.97 15.31
C LYS F 147 15.86 -19.25 15.22
N TRP F 148 14.55 -19.12 15.01
CA TRP F 148 13.67 -20.27 14.85
C TRP F 148 13.49 -20.57 13.36
N LYS F 149 13.44 -21.86 13.05
CA LYS F 149 13.20 -22.33 11.69
C LYS F 149 12.10 -23.38 11.71
N ILE F 150 11.15 -23.24 10.79
CA ILE F 150 10.06 -24.20 10.64
C ILE F 150 10.17 -24.77 9.24
N ASP F 151 10.66 -26.01 9.14
CA ASP F 151 10.96 -26.64 7.86
C ASP F 151 11.95 -25.80 7.05
N GLY F 152 13.02 -25.38 7.72
CA GLY F 152 14.02 -24.53 7.10
C GLY F 152 13.59 -23.11 6.83
N SER F 153 12.34 -22.76 7.14
CA SER F 153 11.81 -21.42 6.88
C SER F 153 11.81 -20.63 8.18
N GLU F 154 12.46 -19.47 8.17
CA GLU F 154 12.59 -18.65 9.37
C GLU F 154 11.23 -18.18 9.84
N ARG F 155 11.03 -18.19 11.16
CA ARG F 155 9.79 -17.75 11.79
C ARG F 155 10.14 -16.78 12.92
N GLN F 156 9.67 -15.54 12.80
CA GLN F 156 9.88 -14.54 13.83
C GLN F 156 8.63 -14.21 14.63
N ASN F 157 7.44 -14.49 14.08
CA ASN F 157 6.19 -14.20 14.78
C ASN F 157 5.94 -15.22 15.88
N GLY F 158 5.26 -14.76 16.94
CA GLY F 158 4.96 -15.63 18.06
C GLY F 158 6.15 -16.03 18.90
N VAL F 159 7.24 -15.28 18.84
CA VAL F 159 8.47 -15.60 19.56
C VAL F 159 8.59 -14.69 20.76
N LEU F 160 8.70 -15.28 21.94
CA LEU F 160 8.86 -14.55 23.20
C LEU F 160 10.22 -14.90 23.80
N ASN F 161 11.02 -13.87 24.08
CA ASN F 161 12.38 -14.06 24.58
C ASN F 161 12.52 -13.44 25.96
N SER F 162 13.29 -14.10 26.82
CA SER F 162 13.56 -13.61 28.16
C SER F 162 14.99 -13.97 28.55
N TRP F 163 15.68 -13.01 29.16
CA TRP F 163 17.06 -13.19 29.61
C TRP F 163 17.12 -13.03 31.11
N THR F 164 17.91 -13.88 31.76
CA THR F 164 18.17 -13.70 33.17
C THR F 164 19.18 -12.59 33.39
N ASP F 165 19.32 -12.17 34.64
CA ASP F 165 20.41 -11.29 35.02
C ASP F 165 21.69 -12.11 35.11
N GLN F 166 22.81 -11.43 35.37
CA GLN F 166 24.08 -12.12 35.54
C GLN F 166 23.98 -13.13 36.67
N ASP F 167 24.49 -14.34 36.42
CA ASP F 167 24.27 -15.45 37.33
C ASP F 167 25.01 -15.23 38.66
N SER F 168 24.32 -15.50 39.76
CA SER F 168 24.90 -15.30 41.09
C SER F 168 25.98 -16.33 41.42
N LYS F 169 26.22 -17.31 40.56
CA LYS F 169 27.21 -18.34 40.80
C LYS F 169 28.44 -18.19 39.92
N ASP F 170 28.26 -18.15 38.60
CA ASP F 170 29.39 -18.08 37.67
C ASP F 170 29.41 -16.80 36.84
N SER F 171 28.50 -15.86 37.09
CA SER F 171 28.45 -14.57 36.42
C SER F 171 28.16 -14.69 34.92
N THR F 172 27.48 -15.75 34.52
CA THR F 172 27.07 -15.91 33.13
C THR F 172 25.63 -15.43 32.95
N TYR F 173 25.18 -15.47 31.69
CA TYR F 173 23.81 -15.12 31.35
C TYR F 173 23.10 -16.33 30.78
N SER F 174 21.77 -16.32 30.87
CA SER F 174 20.93 -17.35 30.28
C SER F 174 19.78 -16.70 29.55
N MET F 175 19.23 -17.42 28.57
CA MET F 175 18.15 -16.90 27.74
C MET F 175 17.16 -18.01 27.44
N SER F 176 15.89 -17.65 27.38
CA SER F 176 14.82 -18.59 27.05
C SER F 176 13.99 -18.03 25.91
N SER F 177 13.83 -18.81 24.85
CA SER F 177 13.07 -18.42 23.67
C SER F 177 11.95 -19.42 23.46
N THR F 178 10.71 -18.92 23.38
CA THR F 178 9.53 -19.76 23.21
C THR F 178 8.83 -19.38 21.92
N LEU F 179 8.67 -20.35 21.03
CA LEU F 179 7.94 -20.18 19.77
C LEU F 179 6.57 -20.83 19.94
N THR F 180 5.52 -20.02 19.90
CA THR F 180 4.16 -20.48 20.14
C THR F 180 3.35 -20.46 18.85
N LEU F 181 2.72 -21.58 18.54
CA LEU F 181 1.89 -21.74 17.36
C LEU F 181 0.58 -22.40 17.77
N THR F 182 -0.39 -22.38 16.86
CA THR F 182 -1.60 -23.16 17.09
C THR F 182 -1.31 -24.64 16.87
N LYS F 183 -2.17 -25.48 17.43
CA LYS F 183 -1.97 -26.92 17.32
C LYS F 183 -2.03 -27.38 15.87
N ASP F 184 -2.95 -26.83 15.09
CA ASP F 184 -3.05 -27.21 13.68
C ASP F 184 -1.86 -26.68 12.88
N GLU F 185 -1.45 -25.43 13.15
CA GLU F 185 -0.27 -24.90 12.49
C GLU F 185 0.97 -25.71 12.83
N TYR F 186 1.06 -26.19 14.08
CA TYR F 186 2.19 -27.01 14.48
C TYR F 186 2.17 -28.37 13.78
N GLU F 187 0.97 -28.92 13.56
CA GLU F 187 0.85 -30.23 12.94
C GLU F 187 1.02 -30.20 11.43
N ARG F 188 1.07 -29.03 10.81
CA ARG F 188 1.30 -28.93 9.38
C ARG F 188 2.77 -28.99 9.00
N HIS F 189 3.68 -28.95 9.98
CA HIS F 189 5.11 -28.93 9.72
C HIS F 189 5.78 -30.04 10.51
N ASN F 190 7.04 -30.30 10.16
CA ASN F 190 7.80 -31.40 10.75
C ASN F 190 9.08 -30.94 11.43
N SER F 191 9.90 -30.14 10.75
CA SER F 191 11.22 -29.77 11.25
C SER F 191 11.12 -28.45 12.03
N TYR F 192 11.48 -28.50 13.31
CA TYR F 192 11.50 -27.32 14.17
C TYR F 192 12.91 -27.18 14.73
N THR F 193 13.55 -26.04 14.46
CA THR F 193 14.96 -25.84 14.76
C THR F 193 15.17 -24.55 15.54
N CYS F 194 16.07 -24.62 16.52
CA CYS F 194 16.53 -23.45 17.27
C CYS F 194 18.01 -23.25 16.98
N GLU F 195 18.35 -22.09 16.41
CA GLU F 195 19.72 -21.76 16.02
C GLU F 195 20.23 -20.62 16.89
N ALA F 196 21.40 -20.82 17.48
CA ALA F 196 22.00 -19.87 18.40
C ALA F 196 23.25 -19.27 17.79
N THR F 197 23.33 -17.93 17.75
CA THR F 197 24.49 -17.22 17.24
C THR F 197 25.11 -16.42 18.38
N HIS F 198 26.39 -16.69 18.65
CA HIS F 198 27.10 -16.06 19.74
C HIS F 198 28.54 -15.84 19.31
N LYS F 199 29.19 -14.83 19.91
CA LYS F 199 30.55 -14.46 19.51
C LYS F 199 31.57 -15.56 19.78
N THR F 200 31.23 -16.57 20.57
CA THR F 200 32.18 -17.62 20.92
C THR F 200 32.44 -18.59 19.78
N SER F 201 31.72 -18.49 18.66
CA SER F 201 31.97 -19.34 17.52
C SER F 201 31.30 -18.73 16.29
N THR F 202 31.91 -18.96 15.13
CA THR F 202 31.33 -18.51 13.88
C THR F 202 30.21 -19.44 13.41
N SER F 203 30.28 -20.71 13.78
CA SER F 203 29.25 -21.67 13.41
C SER F 203 28.14 -21.66 14.45
N PRO F 204 26.89 -21.39 14.07
CA PRO F 204 25.81 -21.35 15.06
C PRO F 204 25.55 -22.73 15.66
N ILE F 205 25.19 -22.72 16.94
CA ILE F 205 24.79 -23.95 17.62
C ILE F 205 23.35 -24.26 17.24
N VAL F 206 23.11 -25.45 16.72
CA VAL F 206 21.82 -25.83 16.16
C VAL F 206 21.25 -26.97 16.98
N LYS F 207 19.99 -26.83 17.39
CA LYS F 207 19.22 -27.89 18.02
C LYS F 207 17.87 -27.97 17.33
N SER F 208 17.43 -29.20 17.03
CA SER F 208 16.22 -29.38 16.26
C SER F 208 15.53 -30.68 16.66
N PHE F 209 14.26 -30.80 16.27
CA PHE F 209 13.50 -32.03 16.43
C PHE F 209 12.50 -32.12 15.29
N ASN F 210 11.90 -33.29 15.14
CA ASN F 210 10.95 -33.54 14.08
C ASN F 210 9.60 -33.94 14.65
N ARG F 211 8.56 -33.80 13.82
CA ARG F 211 7.17 -34.07 14.18
C ARG F 211 6.66 -33.12 15.26
N GLN G 1 -5.17 -53.98 -30.48
CA GLN G 1 -5.12 -53.41 -29.15
C GLN G 1 -6.01 -52.17 -29.04
N VAL G 2 -6.63 -51.99 -27.87
CA VAL G 2 -7.53 -50.87 -27.67
C VAL G 2 -6.72 -49.58 -27.54
N GLN G 3 -7.13 -48.55 -28.26
CA GLN G 3 -6.40 -47.28 -28.28
C GLN G 3 -7.38 -46.11 -28.36
N LEU G 4 -7.09 -45.06 -27.60
CA LEU G 4 -7.81 -43.79 -27.66
C LEU G 4 -6.78 -42.71 -27.98
N GLN G 5 -6.89 -42.10 -29.15
CA GLN G 5 -5.90 -41.16 -29.65
C GLN G 5 -6.45 -39.75 -29.56
N GLN G 6 -5.74 -38.87 -28.84
CA GLN G 6 -6.07 -37.48 -28.68
C GLN G 6 -4.93 -36.60 -29.15
N PRO G 7 -5.23 -35.44 -29.73
CA PRO G 7 -4.16 -34.49 -30.07
C PRO G 7 -3.52 -33.91 -28.81
N GLY G 8 -2.26 -33.49 -28.95
CA GLY G 8 -1.50 -33.06 -27.79
C GLY G 8 -1.98 -31.75 -27.21
N ALA G 9 -2.24 -30.76 -28.06
CA ALA G 9 -2.56 -29.43 -27.57
C ALA G 9 -3.40 -28.68 -28.60
N GLU G 10 -4.21 -27.75 -28.10
CA GLU G 10 -5.02 -26.87 -28.95
C GLU G 10 -4.97 -25.47 -28.37
N LEU G 11 -4.47 -24.53 -29.15
CA LEU G 11 -4.42 -23.12 -28.78
C LEU G 11 -5.60 -22.40 -29.40
N VAL G 12 -6.49 -21.87 -28.56
CA VAL G 12 -7.72 -21.24 -29.01
C VAL G 12 -7.80 -19.85 -28.39
N LYS G 13 -8.13 -18.85 -29.23
CA LYS G 13 -8.23 -17.49 -28.75
C LYS G 13 -9.48 -17.32 -27.88
N PRO G 14 -9.45 -16.39 -26.92
CA PRO G 14 -10.62 -16.15 -26.07
C PRO G 14 -11.84 -15.79 -26.91
N GLY G 15 -12.95 -16.48 -26.65
CA GLY G 15 -14.19 -16.26 -27.37
C GLY G 15 -14.42 -17.20 -28.54
N ALA G 16 -13.37 -17.83 -29.06
CA ALA G 16 -13.50 -18.72 -30.20
C ALA G 16 -14.05 -20.08 -29.74
N SER G 17 -13.93 -21.08 -30.59
CA SER G 17 -14.35 -22.43 -30.28
C SER G 17 -13.26 -23.42 -30.68
N VAL G 18 -13.27 -24.58 -30.03
CA VAL G 18 -12.34 -25.65 -30.34
C VAL G 18 -13.10 -26.97 -30.23
N LYS G 19 -12.68 -27.95 -31.04
CA LYS G 19 -13.29 -29.27 -31.05
C LYS G 19 -12.20 -30.30 -30.83
N VAL G 20 -12.20 -30.92 -29.66
CA VAL G 20 -11.22 -31.94 -29.31
C VAL G 20 -11.69 -33.28 -29.84
N SER G 21 -10.79 -34.01 -30.49
CA SER G 21 -11.11 -35.31 -31.08
C SER G 21 -10.56 -36.44 -30.21
N CYS G 22 -11.19 -37.60 -30.32
CA CYS G 22 -10.78 -38.81 -29.59
C CYS G 22 -11.01 -39.99 -30.53
N LYS G 23 -9.97 -40.36 -31.27
CA LYS G 23 -10.06 -41.45 -32.24
C LYS G 23 -9.87 -42.78 -31.55
N ALA G 24 -10.88 -43.64 -31.62
CA ALA G 24 -10.84 -44.96 -31.01
C ALA G 24 -10.51 -46.02 -32.05
N SER G 25 -9.78 -47.05 -31.61
CA SER G 25 -9.46 -48.17 -32.48
C SER G 25 -9.25 -49.41 -31.62
N GLY G 26 -9.31 -50.57 -32.27
CA GLY G 26 -9.09 -51.83 -31.60
C GLY G 26 -10.31 -52.46 -30.95
N TYR G 27 -11.45 -51.76 -30.95
CA TYR G 27 -12.66 -52.31 -30.36
C TYR G 27 -13.87 -51.81 -31.13
N THR G 28 -15.04 -52.32 -30.76
CA THR G 28 -16.29 -51.90 -31.37
C THR G 28 -16.70 -50.56 -30.80
N PHE G 29 -16.58 -49.50 -31.61
CA PHE G 29 -16.77 -48.13 -31.15
C PHE G 29 -18.13 -47.94 -30.48
N THR G 30 -19.16 -48.62 -30.97
CA THR G 30 -20.53 -48.38 -30.56
C THR G 30 -20.96 -49.21 -29.36
N ASN G 31 -20.03 -49.81 -28.63
CA ASN G 31 -20.38 -50.73 -27.56
C ASN G 31 -20.14 -50.17 -26.16
N TYR G 32 -19.46 -49.04 -26.03
CA TYR G 32 -19.04 -48.56 -24.73
C TYR G 32 -19.22 -47.05 -24.63
N TRP G 33 -19.65 -46.60 -23.44
CA TRP G 33 -19.80 -45.17 -23.19
C TRP G 33 -18.44 -44.47 -23.31
N MET G 34 -18.47 -43.27 -23.86
CA MET G 34 -17.26 -42.45 -24.04
C MET G 34 -17.32 -41.30 -23.04
N TYR G 35 -16.45 -41.34 -22.03
CA TYR G 35 -16.43 -40.35 -20.97
C TYR G 35 -15.41 -39.25 -21.28
N TRP G 36 -15.67 -38.06 -20.75
CA TRP G 36 -14.77 -36.92 -20.89
C TRP G 36 -14.54 -36.29 -19.53
N VAL G 37 -13.29 -35.89 -19.26
CA VAL G 37 -12.87 -35.37 -17.97
C VAL G 37 -11.99 -34.16 -18.18
N LYS G 38 -12.22 -33.12 -17.38
CA LYS G 38 -11.44 -31.89 -17.41
C LYS G 38 -10.56 -31.81 -16.17
N GLN G 39 -9.33 -31.35 -16.35
CA GLN G 39 -8.39 -31.16 -15.25
C GLN G 39 -7.62 -29.86 -15.47
N ARG G 40 -7.97 -28.82 -14.73
CA ARG G 40 -7.25 -27.56 -14.81
C ARG G 40 -5.82 -27.74 -14.30
N PRO G 41 -4.89 -26.88 -14.74
CA PRO G 41 -3.50 -26.99 -14.29
C PRO G 41 -3.35 -26.98 -12.77
N GLY G 42 -2.96 -28.12 -12.21
CA GLY G 42 -2.77 -28.24 -10.78
C GLY G 42 -4.03 -28.41 -9.97
N GLN G 43 -5.16 -28.72 -10.61
CA GLN G 43 -6.44 -28.91 -9.95
C GLN G 43 -6.85 -30.38 -10.01
N GLY G 44 -8.04 -30.67 -9.50
CA GLY G 44 -8.56 -32.01 -9.48
C GLY G 44 -9.23 -32.39 -10.79
N LEU G 45 -9.96 -33.51 -10.74
CA LEU G 45 -10.66 -34.03 -11.90
C LEU G 45 -12.13 -33.60 -11.85
N GLU G 46 -12.66 -33.22 -13.01
CA GLU G 46 -14.04 -32.81 -13.13
C GLU G 46 -14.69 -33.57 -14.28
N TRP G 47 -15.89 -34.10 -14.05
CA TRP G 47 -16.61 -34.83 -15.07
C TRP G 47 -17.36 -33.85 -15.97
N ILE G 48 -17.18 -34.00 -17.29
CA ILE G 48 -17.84 -33.15 -18.26
C ILE G 48 -19.12 -33.82 -18.73
N GLY G 49 -19.00 -35.02 -19.28
CA GLY G 49 -20.15 -35.74 -19.77
C GLY G 49 -19.71 -37.04 -20.40
N ARG G 50 -20.71 -37.82 -20.80
CA ARG G 50 -20.48 -39.09 -21.48
C ARG G 50 -21.42 -39.20 -22.66
N ILE G 51 -20.98 -39.93 -23.69
CA ILE G 51 -21.77 -40.15 -24.89
C ILE G 51 -21.61 -41.60 -25.32
N HIS G 52 -22.72 -42.25 -25.68
CA HIS G 52 -22.68 -43.60 -26.20
C HIS G 52 -22.70 -43.53 -27.72
N PRO G 53 -21.63 -43.94 -28.42
CA PRO G 53 -21.57 -43.73 -29.87
C PRO G 53 -22.61 -44.51 -30.67
N SER G 54 -23.28 -45.49 -30.05
CA SER G 54 -24.27 -46.28 -30.79
C SER G 54 -25.40 -45.39 -31.31
N ASP G 55 -26.00 -44.59 -30.44
CA ASP G 55 -27.08 -43.69 -30.82
C ASP G 55 -26.82 -42.25 -30.39
N SER G 56 -25.61 -41.92 -29.96
CA SER G 56 -25.23 -40.57 -29.52
C SER G 56 -26.00 -40.14 -28.27
N ASP G 57 -26.42 -41.09 -27.45
CA ASP G 57 -27.04 -40.78 -26.17
C ASP G 57 -26.01 -40.09 -25.27
N THR G 58 -26.40 -38.98 -24.66
CA THR G 58 -25.49 -38.16 -23.87
C THR G 58 -26.01 -37.95 -22.47
N ASN G 59 -25.08 -37.79 -21.53
CA ASN G 59 -25.36 -37.39 -20.16
C ASN G 59 -24.38 -36.29 -19.80
N TYR G 60 -24.87 -35.06 -19.70
CA TYR G 60 -24.04 -33.88 -19.50
C TYR G 60 -24.01 -33.48 -18.02
N ASN G 61 -22.89 -32.91 -17.60
CA ASN G 61 -22.82 -32.21 -16.33
C ASN G 61 -23.41 -30.81 -16.51
N GLN G 62 -24.26 -30.40 -15.57
CA GLN G 62 -24.96 -29.12 -15.71
C GLN G 62 -23.98 -27.96 -15.81
N LYS G 63 -22.80 -28.09 -15.19
CA LYS G 63 -21.81 -27.01 -15.25
C LYS G 63 -21.33 -26.76 -16.67
N PHE G 64 -21.24 -27.81 -17.49
CA PHE G 64 -20.81 -27.70 -18.88
C PHE G 64 -21.97 -27.87 -19.85
N LYS G 65 -23.18 -27.52 -19.43
CA LYS G 65 -24.36 -27.79 -20.24
C LYS G 65 -24.28 -27.06 -21.58
N GLY G 66 -24.08 -25.74 -21.54
CA GLY G 66 -23.99 -24.97 -22.77
C GLY G 66 -22.59 -24.88 -23.32
N LYS G 67 -21.59 -25.21 -22.50
CA LYS G 67 -20.20 -25.09 -22.90
C LYS G 67 -19.78 -26.24 -23.81
N ALA G 68 -19.93 -27.47 -23.33
CA ALA G 68 -19.43 -28.65 -24.03
C ALA G 68 -20.54 -29.32 -24.84
N THR G 69 -20.20 -29.74 -26.05
CA THR G 69 -21.09 -30.49 -26.92
C THR G 69 -20.36 -31.73 -27.41
N LEU G 70 -20.89 -32.91 -27.08
CA LEU G 70 -20.28 -34.17 -27.44
C LEU G 70 -20.96 -34.75 -28.68
N THR G 71 -20.15 -35.16 -29.65
CA THR G 71 -20.64 -35.83 -30.85
C THR G 71 -19.74 -37.01 -31.17
N VAL G 72 -20.18 -37.84 -32.11
CA VAL G 72 -19.39 -38.96 -32.60
C VAL G 72 -19.50 -39.02 -34.11
N ASP G 73 -18.50 -39.65 -34.73
CA ASP G 73 -18.50 -39.94 -36.16
C ASP G 73 -18.12 -41.41 -36.33
N LYS G 74 -19.10 -42.24 -36.70
CA LYS G 74 -18.90 -43.67 -36.73
C LYS G 74 -18.14 -44.12 -37.97
N SER G 75 -18.18 -43.32 -39.05
CA SER G 75 -17.39 -43.64 -40.23
C SER G 75 -15.89 -43.55 -39.96
N SER G 76 -15.49 -42.86 -38.89
CA SER G 76 -14.08 -42.74 -38.51
C SER G 76 -13.80 -43.28 -37.12
N SER G 77 -14.82 -43.73 -36.39
CA SER G 77 -14.66 -44.19 -35.01
C SER G 77 -14.00 -43.12 -34.15
N THR G 78 -14.45 -41.88 -34.31
CA THR G 78 -13.90 -40.74 -33.61
C THR G 78 -14.98 -40.06 -32.78
N ALA G 79 -14.63 -39.73 -31.54
CA ALA G 79 -15.49 -38.92 -30.68
C ALA G 79 -14.98 -37.49 -30.66
N TYR G 80 -15.91 -36.55 -30.48
CA TYR G 80 -15.59 -35.14 -30.51
C TYR G 80 -16.24 -34.42 -29.33
N MET G 81 -15.48 -33.54 -28.69
CA MET G 81 -15.98 -32.65 -27.65
C MET G 81 -15.73 -31.21 -28.09
N GLN G 82 -16.81 -30.49 -28.37
CA GLN G 82 -16.72 -29.10 -28.80
C GLN G 82 -16.92 -28.19 -27.60
N LEU G 83 -16.04 -27.20 -27.46
CA LEU G 83 -16.15 -26.18 -26.43
C LEU G 83 -16.38 -24.84 -27.10
N SER G 84 -17.33 -24.07 -26.58
CA SER G 84 -17.76 -22.82 -27.20
C SER G 84 -17.52 -21.65 -26.25
N SER G 85 -17.26 -20.49 -26.83
CA SER G 85 -17.05 -19.24 -26.10
C SER G 85 -15.99 -19.42 -25.01
N LEU G 86 -14.79 -19.78 -25.46
CA LEU G 86 -13.72 -20.17 -24.55
C LEU G 86 -13.30 -19.01 -23.66
N THR G 87 -12.95 -19.34 -22.41
CA THR G 87 -12.42 -18.39 -21.45
C THR G 87 -11.19 -19.00 -20.79
N SER G 88 -10.54 -18.22 -19.93
CA SER G 88 -9.35 -18.72 -19.25
C SER G 88 -9.67 -19.89 -18.33
N GLU G 89 -10.90 -19.95 -17.82
CA GLU G 89 -11.30 -21.07 -16.97
C GLU G 89 -11.30 -22.39 -17.74
N ASP G 90 -11.55 -22.33 -19.05
CA ASP G 90 -11.63 -23.54 -19.86
C ASP G 90 -10.26 -24.08 -20.27
N SER G 91 -9.17 -23.41 -19.89
CA SER G 91 -7.83 -23.90 -20.19
C SER G 91 -7.51 -25.07 -19.25
N ALA G 92 -7.43 -26.27 -19.81
CA ALA G 92 -7.23 -27.48 -19.01
C ALA G 92 -6.83 -28.62 -19.93
N VAL G 93 -6.54 -29.77 -19.33
CA VAL G 93 -6.31 -31.01 -20.06
C VAL G 93 -7.62 -31.78 -20.09
N TYR G 94 -8.01 -32.22 -21.28
CA TYR G 94 -9.30 -32.89 -21.49
C TYR G 94 -9.04 -34.33 -21.92
N TYR G 95 -9.43 -35.28 -21.07
CA TYR G 95 -9.25 -36.70 -21.33
C TYR G 95 -10.55 -37.32 -21.83
N CYS G 96 -10.42 -38.25 -22.76
CA CYS G 96 -11.50 -39.17 -23.10
C CYS G 96 -11.15 -40.54 -22.57
N ALA G 97 -12.16 -41.26 -22.07
CA ALA G 97 -11.92 -42.55 -21.44
C ALA G 97 -13.12 -43.46 -21.62
N ILE G 98 -12.85 -44.76 -21.67
CA ILE G 98 -13.88 -45.78 -21.76
C ILE G 98 -13.57 -46.86 -20.74
N GLU G 99 -14.61 -47.64 -20.41
CA GLU G 99 -14.50 -48.78 -19.50
C GLU G 99 -15.07 -50.00 -20.19
N ILE G 100 -14.29 -51.08 -20.26
CA ILE G 100 -14.68 -52.30 -20.94
C ILE G 100 -14.71 -53.44 -19.94
N TYR G 101 -15.85 -54.12 -19.86
CA TYR G 101 -15.99 -55.37 -19.11
C TYR G 101 -16.34 -56.45 -20.12
N ASP G 102 -15.42 -57.39 -20.32
CA ASP G 102 -15.57 -58.43 -21.32
C ASP G 102 -16.25 -59.68 -20.78
N GLY G 103 -16.80 -59.63 -19.58
CA GLY G 103 -17.32 -60.81 -18.92
C GLY G 103 -16.31 -61.54 -18.06
N TYR G 104 -15.06 -61.10 -18.05
CA TYR G 104 -14.01 -61.72 -17.24
C TYR G 104 -13.33 -60.66 -16.37
N ASN G 105 -12.83 -59.59 -17.00
CA ASN G 105 -12.15 -58.53 -16.30
C ASN G 105 -12.70 -57.18 -16.74
N THR G 106 -12.44 -56.17 -15.92
CA THR G 106 -12.85 -54.79 -16.20
C THR G 106 -11.60 -53.95 -16.38
N MET G 107 -11.40 -53.44 -17.59
CA MET G 107 -10.25 -52.61 -17.91
C MET G 107 -10.68 -51.20 -18.23
N ASP G 108 -9.80 -50.24 -17.96
CA ASP G 108 -10.00 -48.84 -18.32
C ASP G 108 -8.95 -48.44 -19.35
N TYR G 109 -9.36 -47.60 -20.30
CA TYR G 109 -8.48 -47.08 -21.33
C TYR G 109 -8.67 -45.59 -21.43
N TRP G 110 -7.57 -44.85 -21.40
CA TRP G 110 -7.60 -43.39 -21.41
C TRP G 110 -6.78 -42.85 -22.56
N GLY G 111 -7.26 -41.78 -23.17
CA GLY G 111 -6.43 -41.01 -24.08
C GLY G 111 -5.32 -40.29 -23.32
N GLN G 112 -4.40 -39.72 -24.09
CA GLN G 112 -3.30 -39.00 -23.48
C GLN G 112 -3.74 -37.65 -22.90
N GLY G 113 -4.88 -37.13 -23.35
CA GLY G 113 -5.34 -35.84 -22.89
C GLY G 113 -4.89 -34.70 -23.78
N THR G 114 -5.79 -33.78 -24.09
CA THR G 114 -5.49 -32.63 -24.93
C THR G 114 -5.40 -31.39 -24.05
N SER G 115 -4.24 -30.73 -24.10
CA SER G 115 -4.02 -29.51 -23.34
C SER G 115 -4.59 -28.34 -24.14
N VAL G 116 -5.82 -27.94 -23.81
CA VAL G 116 -6.45 -26.78 -24.42
C VAL G 116 -6.01 -25.55 -23.65
N THR G 117 -5.38 -24.61 -24.34
CA THR G 117 -4.93 -23.35 -23.75
C THR G 117 -5.68 -22.21 -24.41
N VAL G 118 -6.39 -21.42 -23.61
CA VAL G 118 -7.14 -20.27 -24.10
C VAL G 118 -6.30 -19.03 -23.83
N SER G 119 -5.80 -18.42 -24.90
CA SER G 119 -4.90 -17.27 -24.77
C SER G 119 -4.81 -16.57 -26.12
N SER G 120 -4.59 -15.25 -26.06
CA SER G 120 -4.40 -14.45 -27.26
C SER G 120 -2.97 -14.49 -27.78
N ALA G 121 -2.03 -15.02 -27.00
CA ALA G 121 -0.65 -15.13 -27.45
C ALA G 121 -0.53 -16.18 -28.55
N LYS G 122 0.51 -16.04 -29.36
CA LYS G 122 0.76 -16.94 -30.46
C LYS G 122 1.65 -18.10 -30.02
N THR G 123 1.74 -19.11 -30.88
CA THR G 123 2.57 -20.27 -30.59
C THR G 123 4.04 -19.91 -30.72
N THR G 124 4.85 -20.40 -29.79
CA THR G 124 6.29 -20.18 -29.82
C THR G 124 6.98 -21.53 -29.60
N PRO G 125 7.78 -22.01 -30.55
CA PRO G 125 8.53 -23.25 -30.33
C PRO G 125 9.67 -23.02 -29.36
N PRO G 126 10.09 -24.06 -28.65
CA PRO G 126 11.15 -23.88 -27.65
C PRO G 126 12.54 -23.78 -28.27
N SER G 127 13.41 -23.07 -27.55
CA SER G 127 14.83 -23.01 -27.89
C SER G 127 15.57 -23.98 -26.97
N VAL G 128 16.13 -25.03 -27.56
CA VAL G 128 16.74 -26.13 -26.81
C VAL G 128 18.24 -25.90 -26.73
N TYR G 129 18.78 -25.89 -25.52
CA TYR G 129 20.18 -25.60 -25.29
C TYR G 129 20.85 -26.75 -24.54
N PRO G 130 22.08 -27.12 -24.93
CA PRO G 130 22.77 -28.19 -24.22
C PRO G 130 23.45 -27.69 -22.96
N LEU G 131 23.37 -28.50 -21.90
CA LEU G 131 24.01 -28.19 -20.63
C LEU G 131 25.15 -29.19 -20.45
N ALA G 132 26.37 -28.77 -20.81
CA ALA G 132 27.56 -29.58 -20.73
C ALA G 132 28.50 -29.05 -19.65
N PRO G 133 29.14 -29.94 -18.88
CA PRO G 133 30.09 -29.55 -17.83
C PRO G 133 31.29 -28.78 -18.38
N ASN G 140 35.23 -37.44 -11.79
CA ASN G 140 34.70 -38.38 -10.80
C ASN G 140 34.06 -39.57 -11.50
N SER G 141 33.32 -40.38 -10.73
CA SER G 141 32.78 -41.63 -11.26
C SER G 141 31.49 -41.42 -12.05
N MET G 142 30.74 -40.36 -11.75
CA MET G 142 29.54 -40.03 -12.49
C MET G 142 29.62 -38.59 -12.98
N VAL G 143 28.87 -38.30 -14.04
CA VAL G 143 28.79 -36.97 -14.62
C VAL G 143 27.33 -36.65 -14.89
N THR G 144 26.93 -35.43 -14.57
CA THR G 144 25.56 -34.96 -14.77
C THR G 144 25.51 -34.03 -15.97
N LEU G 145 24.61 -34.33 -16.90
CA LEU G 145 24.36 -33.50 -18.07
C LEU G 145 22.96 -32.89 -17.96
N GLY G 146 22.63 -31.99 -18.88
CA GLY G 146 21.36 -31.31 -18.80
C GLY G 146 20.87 -30.82 -20.14
N CYS G 147 19.64 -30.29 -20.11
CA CYS G 147 18.97 -29.81 -21.32
C CYS G 147 18.02 -28.70 -20.92
N LEU G 148 18.21 -27.51 -21.48
CA LEU G 148 17.40 -26.33 -21.16
C LEU G 148 16.40 -26.09 -22.28
N VAL G 149 15.12 -26.24 -21.96
CA VAL G 149 14.03 -26.06 -22.92
C VAL G 149 13.36 -24.73 -22.59
N LYS G 150 13.74 -23.67 -23.29
CA LYS G 150 13.45 -22.31 -22.88
C LYS G 150 12.44 -21.64 -23.81
N GLY G 151 11.56 -20.84 -23.22
CA GLY G 151 10.73 -19.89 -23.95
C GLY G 151 9.81 -20.45 -25.00
N TYR G 152 8.87 -21.31 -24.59
CA TYR G 152 7.91 -21.89 -25.52
C TYR G 152 6.49 -21.63 -25.03
N PHE G 153 5.55 -21.75 -25.96
CA PHE G 153 4.13 -21.53 -25.70
C PHE G 153 3.33 -22.15 -26.83
N PRO G 154 2.25 -22.89 -26.53
CA PRO G 154 1.80 -23.21 -25.18
C PRO G 154 2.25 -24.59 -24.72
N GLU G 155 1.74 -25.03 -23.57
CA GLU G 155 2.01 -26.38 -23.09
C GLU G 155 1.40 -27.41 -24.04
N PRO G 156 1.92 -28.65 -24.03
CA PRO G 156 3.09 -29.11 -23.28
C PRO G 156 4.30 -29.39 -24.17
N VAL G 157 5.38 -29.85 -23.55
CA VAL G 157 6.52 -30.41 -24.27
C VAL G 157 6.90 -31.72 -23.60
N THR G 158 7.44 -32.64 -24.39
CA THR G 158 7.95 -33.91 -23.89
C THR G 158 9.45 -33.96 -24.08
N VAL G 159 10.15 -34.52 -23.09
CA VAL G 159 11.60 -34.62 -23.12
C VAL G 159 11.98 -36.07 -22.83
N THR G 160 12.78 -36.64 -23.72
CA THR G 160 13.40 -37.94 -23.52
C THR G 160 14.90 -37.81 -23.73
N TRP G 161 15.64 -38.85 -23.34
CA TRP G 161 17.08 -38.90 -23.51
C TRP G 161 17.44 -40.14 -24.31
N ASN G 162 18.15 -39.94 -25.41
CA ASN G 162 18.54 -41.02 -26.32
C ASN G 162 17.32 -41.83 -26.77
N SER G 163 16.28 -41.10 -27.17
CA SER G 163 15.04 -41.69 -27.69
C SER G 163 14.41 -42.64 -26.68
N GLY G 164 14.52 -42.33 -25.39
CA GLY G 164 13.94 -43.15 -24.35
C GLY G 164 14.83 -44.24 -23.81
N SER G 165 15.94 -44.56 -24.49
CA SER G 165 16.85 -45.58 -24.00
C SER G 165 17.53 -45.19 -22.70
N LEU G 166 17.63 -43.89 -22.42
CA LEU G 166 18.26 -43.37 -21.21
C LEU G 166 17.17 -42.82 -20.30
N SER G 167 16.76 -43.63 -19.34
CA SER G 167 15.65 -43.28 -18.45
C SER G 167 16.05 -43.16 -16.99
N SER G 168 16.87 -44.08 -16.49
CA SER G 168 17.29 -44.01 -15.10
C SER G 168 18.29 -42.87 -14.90
N GLY G 169 18.18 -42.19 -13.76
CA GLY G 169 19.02 -41.04 -13.50
C GLY G 169 18.59 -39.77 -14.20
N VAL G 170 17.32 -39.67 -14.57
CA VAL G 170 16.78 -38.50 -15.27
C VAL G 170 15.82 -37.77 -14.34
N HIS G 171 15.95 -36.45 -14.30
CA HIS G 171 15.00 -35.58 -13.60
C HIS G 171 14.49 -34.54 -14.58
N THR G 172 13.21 -34.60 -14.91
CA THR G 172 12.56 -33.62 -15.78
C THR G 172 11.67 -32.73 -14.92
N PHE G 173 12.01 -31.45 -14.88
CA PHE G 173 11.38 -30.50 -13.97
C PHE G 173 10.17 -29.84 -14.63
N PRO G 174 9.08 -29.69 -13.86
CA PRO G 174 7.85 -29.13 -14.44
C PRO G 174 8.07 -27.74 -15.02
N ALA G 175 7.26 -27.42 -16.03
CA ALA G 175 7.38 -26.13 -16.70
C ALA G 175 6.84 -25.01 -15.82
N VAL G 176 7.50 -23.86 -15.90
CA VAL G 176 7.11 -22.66 -15.15
C VAL G 176 6.81 -21.55 -16.14
N LEU G 177 5.65 -20.93 -15.99
CA LEU G 177 5.29 -19.79 -16.82
C LEU G 177 5.92 -18.52 -16.25
N GLN G 178 6.60 -17.76 -17.10
CA GLN G 178 7.30 -16.56 -16.66
C GLN G 178 7.38 -15.61 -17.84
N SER G 179 6.71 -14.47 -17.73
CA SER G 179 6.66 -13.46 -18.79
C SER G 179 6.12 -14.07 -20.09
N ASP G 180 4.94 -14.67 -19.99
CA ASP G 180 4.12 -15.19 -21.09
C ASP G 180 4.70 -16.44 -21.75
N LEU G 181 5.81 -16.98 -21.26
CA LEU G 181 6.45 -18.13 -21.91
C LEU G 181 6.79 -19.20 -20.88
N TYR G 182 6.76 -20.45 -21.32
CA TYR G 182 7.11 -21.58 -20.49
C TYR G 182 8.58 -21.94 -20.67
N THR G 183 9.17 -22.47 -19.59
CA THR G 183 10.55 -22.93 -19.62
C THR G 183 10.70 -24.10 -18.67
N LEU G 184 11.32 -25.18 -19.13
CA LEU G 184 11.67 -26.29 -18.27
C LEU G 184 13.08 -26.76 -18.60
N SER G 185 13.59 -27.64 -17.74
CA SER G 185 14.91 -28.21 -17.91
C SER G 185 14.85 -29.69 -17.55
N SER G 186 15.92 -30.41 -17.90
CA SER G 186 16.01 -31.83 -17.62
C SER G 186 17.47 -32.21 -17.46
N SER G 187 17.79 -32.92 -16.38
CA SER G 187 19.14 -33.38 -16.11
C SER G 187 19.20 -34.90 -16.23
N VAL G 188 20.37 -35.40 -16.59
CA VAL G 188 20.63 -36.84 -16.65
C VAL G 188 22.03 -37.09 -16.10
N THR G 189 22.15 -38.10 -15.25
CA THR G 189 23.43 -38.46 -14.63
C THR G 189 23.83 -39.84 -15.15
N VAL G 190 25.00 -39.91 -15.76
CA VAL G 190 25.48 -41.14 -16.41
C VAL G 190 26.87 -41.46 -15.89
N PRO G 191 27.32 -42.70 -16.05
CA PRO G 191 28.70 -43.02 -15.68
C PRO G 191 29.69 -42.17 -16.46
N SER G 192 30.83 -41.88 -15.81
CA SER G 192 31.85 -41.06 -16.45
C SER G 192 32.44 -41.71 -17.70
N SER G 193 32.23 -43.01 -17.87
CA SER G 193 32.68 -43.70 -19.08
C SER G 193 31.66 -43.61 -20.21
N THR G 194 30.43 -43.20 -19.93
CA THR G 194 29.43 -43.03 -20.98
C THR G 194 29.62 -41.72 -21.73
N TRP G 195 29.67 -40.60 -21.00
CA TRP G 195 29.92 -39.29 -21.55
C TRP G 195 31.30 -38.81 -21.12
N PRO G 196 32.07 -38.18 -22.03
CA PRO G 196 31.72 -37.85 -23.41
C PRO G 196 32.07 -38.92 -24.44
N SER G 197 32.36 -40.14 -24.00
CA SER G 197 32.74 -41.19 -24.93
C SER G 197 31.62 -41.52 -25.89
N GLN G 198 30.39 -41.59 -25.40
CA GLN G 198 29.22 -41.89 -26.21
C GLN G 198 28.35 -40.66 -26.34
N THR G 199 27.52 -40.66 -27.40
CA THR G 199 26.63 -39.54 -27.67
C THR G 199 25.43 -39.59 -26.72
N VAL G 200 25.14 -38.45 -26.08
CA VAL G 200 23.99 -38.29 -25.21
C VAL G 200 23.09 -37.23 -25.83
N THR G 201 21.87 -37.61 -26.18
CA THR G 201 20.97 -36.76 -26.96
C THR G 201 19.71 -36.45 -26.16
N CYS G 202 19.38 -35.17 -26.08
CA CYS G 202 18.14 -34.70 -25.49
C CYS G 202 17.11 -34.51 -26.59
N ASN G 203 15.99 -35.23 -26.50
CA ASN G 203 14.94 -35.20 -27.53
C ASN G 203 13.76 -34.41 -27.01
N VAL G 204 13.48 -33.27 -27.63
CA VAL G 204 12.40 -32.37 -27.24
C VAL G 204 11.34 -32.38 -28.32
N ALA G 205 10.08 -32.48 -27.91
CA ALA G 205 8.94 -32.42 -28.82
C ALA G 205 7.95 -31.38 -28.31
N HIS G 206 7.49 -30.52 -29.22
CA HIS G 206 6.49 -29.50 -28.91
C HIS G 206 5.38 -29.62 -29.95
N PRO G 207 4.32 -30.37 -29.64
CA PRO G 207 3.31 -30.66 -30.67
C PRO G 207 2.54 -29.44 -31.12
N ALA G 208 2.41 -28.42 -30.28
CA ALA G 208 1.65 -27.23 -30.65
C ALA G 208 2.29 -26.48 -31.81
N SER G 209 3.60 -26.63 -32.01
CA SER G 209 4.30 -25.98 -33.11
C SER G 209 4.89 -26.97 -34.10
N SER G 210 4.55 -28.26 -33.99
CA SER G 210 5.09 -29.31 -34.85
C SER G 210 6.62 -29.31 -34.83
N THR G 211 7.17 -29.24 -33.63
CA THR G 211 8.61 -29.10 -33.43
C THR G 211 9.18 -30.36 -32.78
N LYS G 212 10.24 -30.88 -33.37
CA LYS G 212 11.00 -31.99 -32.79
C LYS G 212 12.48 -31.66 -32.95
N VAL G 213 13.16 -31.41 -31.84
CA VAL G 213 14.56 -31.00 -31.85
C VAL G 213 15.37 -32.04 -31.08
N ASP G 214 16.44 -32.53 -31.72
CA ASP G 214 17.39 -33.43 -31.10
C ASP G 214 18.68 -32.66 -30.85
N LYS G 215 19.03 -32.48 -29.58
CA LYS G 215 20.19 -31.68 -29.18
C LYS G 215 21.22 -32.60 -28.53
N LYS G 216 22.35 -32.78 -29.20
CA LYS G 216 23.44 -33.56 -28.64
C LYS G 216 24.14 -32.76 -27.54
N ILE G 217 24.57 -33.47 -26.49
CA ILE G 217 25.33 -32.84 -25.40
C ILE G 217 26.80 -32.95 -25.79
N VAL G 218 27.24 -31.99 -26.58
CA VAL G 218 28.61 -32.02 -27.12
C VAL G 218 29.56 -31.47 -26.07
N PRO G 219 30.64 -32.17 -25.75
CA PRO G 219 31.68 -31.59 -24.90
C PRO G 219 32.40 -30.44 -25.61
N ARG G 220 32.18 -29.21 -25.15
CA ARG G 220 32.78 -28.04 -25.76
C ARG G 220 32.66 -26.83 -24.85
N ASP H 1 -26.09 -31.89 -6.37
CA ASP H 1 -24.72 -32.38 -6.54
C ASP H 1 -24.18 -32.98 -5.26
N ILE H 2 -23.72 -34.22 -5.34
CA ILE H 2 -23.13 -34.90 -4.19
C ILE H 2 -21.67 -34.48 -4.07
N VAL H 3 -21.25 -34.15 -2.85
CA VAL H 3 -19.88 -33.73 -2.57
C VAL H 3 -19.12 -34.91 -2.00
N MET H 4 -17.92 -35.14 -2.54
CA MET H 4 -17.01 -36.17 -2.03
C MET H 4 -15.84 -35.45 -1.37
N THR H 5 -15.77 -35.54 -0.05
CA THR H 5 -14.79 -34.80 0.74
C THR H 5 -13.74 -35.77 1.24
N GLN H 6 -12.53 -35.68 0.70
CA GLN H 6 -11.39 -36.45 1.20
C GLN H 6 -10.78 -35.69 2.36
N SER H 7 -10.66 -36.37 3.51
CA SER H 7 -10.31 -35.68 4.75
C SER H 7 -8.91 -35.07 4.68
N GLN H 8 -7.97 -35.76 4.05
CA GLN H 8 -6.57 -35.34 4.03
C GLN H 8 -6.16 -34.94 2.62
N LYS H 9 -5.38 -33.86 2.52
CA LYS H 9 -4.74 -33.49 1.27
C LYS H 9 -3.47 -34.28 1.03
N PHE H 10 -2.83 -34.79 2.09
CA PHE H 10 -1.61 -35.56 1.98
C PHE H 10 -1.65 -36.69 3.00
N MET H 11 -1.15 -37.86 2.59
CA MET H 11 -1.02 -39.01 3.48
C MET H 11 0.42 -39.50 3.43
N SER H 12 0.97 -39.86 4.59
CA SER H 12 2.40 -40.13 4.74
C SER H 12 2.62 -41.51 5.35
N THR H 13 3.59 -42.23 4.79
CA THR H 13 4.06 -43.49 5.37
C THR H 13 5.51 -43.69 4.93
N SER H 14 6.09 -44.80 5.38
CA SER H 14 7.41 -45.22 4.93
C SER H 14 7.28 -46.34 3.91
N VAL H 15 8.36 -46.59 3.18
CA VAL H 15 8.37 -47.66 2.19
C VAL H 15 8.19 -49.00 2.89
N GLY H 16 7.23 -49.79 2.43
CA GLY H 16 6.90 -51.07 3.00
C GLY H 16 5.66 -51.06 3.88
N ASP H 17 5.34 -49.91 4.48
CA ASP H 17 4.18 -49.81 5.36
C ASP H 17 2.89 -49.60 4.57
N ARG H 18 1.84 -49.15 5.23
CA ARG H 18 0.53 -49.01 4.62
C ARG H 18 -0.05 -47.63 4.90
N VAL H 19 -0.88 -47.16 3.96
CA VAL H 19 -1.64 -45.92 4.10
C VAL H 19 -3.11 -46.20 3.84
N SER H 20 -3.94 -45.23 4.21
CA SER H 20 -5.37 -45.28 3.96
C SER H 20 -5.87 -43.86 3.76
N VAL H 21 -6.80 -43.70 2.81
CA VAL H 21 -7.43 -42.41 2.54
C VAL H 21 -8.94 -42.59 2.61
N THR H 22 -9.61 -41.68 3.29
CA THR H 22 -11.05 -41.74 3.48
C THR H 22 -11.75 -40.71 2.60
N CYS H 23 -13.00 -41.03 2.24
CA CYS H 23 -13.81 -40.16 1.39
C CYS H 23 -15.22 -40.13 1.98
N LYS H 24 -15.74 -38.92 2.17
CA LYS H 24 -17.06 -38.72 2.76
C LYS H 24 -18.01 -38.15 1.72
N ALA H 25 -19.15 -38.82 1.53
CA ALA H 25 -20.17 -38.38 0.59
C ALA H 25 -21.26 -37.61 1.33
N SER H 26 -21.77 -36.55 0.68
CA SER H 26 -22.79 -35.74 1.31
C SER H 26 -24.10 -36.52 1.49
N GLN H 27 -24.46 -37.34 0.51
CA GLN H 27 -25.63 -38.18 0.58
C GLN H 27 -25.25 -39.62 0.28
N ASN H 28 -26.17 -40.54 0.57
CA ASN H 28 -25.89 -41.96 0.40
C ASN H 28 -25.68 -42.30 -1.06
N VAL H 29 -24.64 -43.10 -1.33
CA VAL H 29 -24.31 -43.51 -2.68
C VAL H 29 -24.21 -45.03 -2.74
N GLY H 30 -24.56 -45.69 -1.63
CA GLY H 30 -24.47 -47.14 -1.56
C GLY H 30 -23.06 -47.64 -1.70
N THR H 31 -22.76 -48.32 -2.82
CA THR H 31 -21.42 -48.82 -3.09
C THR H 31 -20.89 -48.35 -4.44
N ASN H 32 -21.60 -47.45 -5.12
CA ASN H 32 -21.19 -46.98 -6.44
C ASN H 32 -20.13 -45.88 -6.30
N VAL H 33 -18.95 -46.31 -5.87
CA VAL H 33 -17.82 -45.42 -5.64
C VAL H 33 -16.59 -46.00 -6.32
N ALA H 34 -15.77 -45.13 -6.90
CA ALA H 34 -14.55 -45.54 -7.60
C ALA H 34 -13.37 -44.77 -7.05
N TRP H 35 -12.17 -45.34 -7.25
CA TRP H 35 -10.92 -44.74 -6.83
C TRP H 35 -9.97 -44.69 -8.01
N TYR H 36 -9.20 -43.60 -8.11
CA TYR H 36 -8.29 -43.38 -9.22
C TYR H 36 -6.90 -43.00 -8.70
N GLN H 37 -5.88 -43.40 -9.45
CA GLN H 37 -4.50 -43.03 -9.18
C GLN H 37 -3.97 -42.24 -10.36
N GLN H 38 -3.36 -41.09 -10.09
CA GLN H 38 -2.81 -40.23 -11.14
C GLN H 38 -1.39 -39.83 -10.77
N LYS H 39 -0.42 -40.37 -11.51
CA LYS H 39 0.97 -39.98 -11.36
C LYS H 39 1.23 -38.68 -12.11
N PRO H 40 2.26 -37.92 -11.71
CA PRO H 40 2.55 -36.65 -12.39
C PRO H 40 2.77 -36.85 -13.89
N GLY H 41 2.07 -36.04 -14.68
CA GLY H 41 2.22 -36.06 -16.12
C GLY H 41 1.51 -37.18 -16.84
N GLN H 42 0.66 -37.94 -16.16
CA GLN H 42 -0.03 -39.06 -16.76
C GLN H 42 -1.54 -38.90 -16.64
N SER H 43 -2.26 -39.66 -17.46
CA SER H 43 -3.71 -39.73 -17.34
C SER H 43 -4.08 -40.53 -16.09
N PRO H 44 -5.27 -40.32 -15.55
CA PRO H 44 -5.69 -41.09 -14.38
C PRO H 44 -5.76 -42.58 -14.68
N LYS H 45 -5.64 -43.38 -13.63
CA LYS H 45 -5.70 -44.84 -13.73
C LYS H 45 -6.72 -45.34 -12.72
N ALA H 46 -7.76 -46.01 -13.22
CA ALA H 46 -8.80 -46.53 -12.36
C ALA H 46 -8.27 -47.70 -11.54
N LEU H 47 -8.41 -47.61 -10.22
CA LEU H 47 -7.97 -48.66 -9.31
C LEU H 47 -9.13 -49.51 -8.80
N ILE H 48 -10.20 -48.87 -8.35
CA ILE H 48 -11.29 -49.53 -7.65
C ILE H 48 -12.61 -49.16 -8.31
N TYR H 49 -13.51 -50.12 -8.42
CA TYR H 49 -14.90 -49.86 -8.77
C TYR H 49 -15.78 -50.66 -7.81
N SER H 50 -17.02 -50.16 -7.64
CA SER H 50 -17.95 -50.73 -6.66
C SER H 50 -17.33 -50.75 -5.26
N ALA H 51 -16.57 -49.71 -4.95
CA ALA H 51 -16.00 -49.46 -3.62
C ALA H 51 -14.91 -50.46 -3.23
N SER H 52 -15.04 -51.73 -3.65
CA SER H 52 -14.13 -52.77 -3.18
C SER H 52 -13.56 -53.66 -4.28
N TYR H 53 -14.02 -53.55 -5.52
CA TYR H 53 -13.56 -54.40 -6.60
C TYR H 53 -12.48 -53.69 -7.41
N ARG H 54 -11.45 -54.43 -7.79
CA ARG H 54 -10.28 -53.88 -8.47
C ARG H 54 -10.39 -54.03 -9.97
N TYR H 55 -9.82 -53.06 -10.69
CA TYR H 55 -9.66 -53.19 -12.13
C TYR H 55 -8.56 -54.19 -12.44
N SER H 56 -8.58 -54.71 -13.66
CA SER H 56 -7.57 -55.68 -14.08
C SER H 56 -6.20 -55.01 -14.12
N GLY H 57 -5.21 -55.68 -13.54
CA GLY H 57 -3.87 -55.14 -13.45
C GLY H 57 -3.57 -54.40 -12.17
N VAL H 58 -4.57 -54.14 -11.35
CA VAL H 58 -4.34 -53.48 -10.06
C VAL H 58 -3.93 -54.54 -9.03
N PRO H 59 -2.78 -54.37 -8.37
CA PRO H 59 -2.37 -55.37 -7.37
C PRO H 59 -3.29 -55.38 -6.17
N ASP H 60 -3.25 -56.50 -5.43
CA ASP H 60 -4.10 -56.65 -4.26
C ASP H 60 -3.67 -55.75 -3.10
N ARG H 61 -2.52 -55.08 -3.22
CA ARG H 61 -2.12 -54.12 -2.20
C ARG H 61 -3.13 -52.97 -2.09
N PHE H 62 -3.82 -52.67 -3.19
CA PHE H 62 -4.86 -51.65 -3.19
C PHE H 62 -6.18 -52.29 -2.80
N THR H 63 -6.70 -51.91 -1.64
CA THR H 63 -7.94 -52.48 -1.12
C THR H 63 -8.91 -51.35 -0.80
N GLY H 64 -10.13 -51.47 -1.33
CA GLY H 64 -11.18 -50.51 -1.07
C GLY H 64 -12.24 -51.11 -0.16
N SER H 65 -12.81 -50.28 0.70
CA SER H 65 -13.84 -50.72 1.62
C SER H 65 -14.82 -49.57 1.84
N GLY H 66 -15.98 -49.90 2.41
CA GLY H 66 -16.95 -48.89 2.74
C GLY H 66 -18.27 -49.01 2.00
N SER H 67 -19.32 -48.44 2.58
CA SER H 67 -20.65 -48.47 1.98
C SER H 67 -21.46 -47.34 2.59
N GLY H 68 -22.25 -46.67 1.74
CA GLY H 68 -23.09 -45.58 2.20
C GLY H 68 -22.46 -44.22 2.02
N THR H 69 -21.70 -43.77 3.01
CA THR H 69 -21.11 -42.43 2.96
C THR H 69 -19.61 -42.44 3.27
N ASP H 70 -19.17 -43.42 4.06
N ASP H 70 -19.17 -43.42 4.05
CA ASP H 70 -17.77 -43.51 4.46
CA ASP H 70 -17.77 -43.53 4.46
C ASP H 70 -17.10 -44.60 3.62
C ASP H 70 -17.09 -44.61 3.61
N PHE H 71 -16.09 -44.20 2.84
CA PHE H 71 -15.34 -45.11 1.99
C PHE H 71 -13.85 -44.94 2.26
N THR H 72 -13.09 -46.03 2.09
CA THR H 72 -11.67 -46.03 2.40
C THR H 72 -10.91 -46.79 1.32
N LEU H 73 -9.78 -46.23 0.91
CA LEU H 73 -8.84 -46.90 0.01
C LEU H 73 -7.54 -47.12 0.77
N THR H 74 -7.14 -48.38 0.90
CA THR H 74 -5.95 -48.75 1.64
C THR H 74 -4.90 -49.29 0.66
N ILE H 75 -3.66 -48.83 0.82
CA ILE H 75 -2.53 -49.31 0.04
C ILE H 75 -1.52 -49.90 1.01
N SER H 76 -1.31 -51.21 0.91
CA SER H 76 -0.30 -51.90 1.72
C SER H 76 0.98 -52.07 0.91
N ASN H 77 2.07 -52.29 1.64
CA ASN H 77 3.40 -52.45 1.04
C ASN H 77 3.70 -51.30 0.08
N VAL H 78 3.53 -50.08 0.59
CA VAL H 78 3.66 -48.88 -0.25
C VAL H 78 5.09 -48.78 -0.75
N GLN H 79 5.23 -48.53 -2.05
N GLN H 79 5.23 -48.52 -2.05
CA GLN H 79 6.53 -48.37 -2.69
CA GLN H 79 6.53 -48.37 -2.69
C GLN H 79 6.62 -46.99 -3.33
C GLN H 79 6.61 -47.00 -3.35
N SER H 80 7.84 -46.62 -3.72
CA SER H 80 8.07 -45.31 -4.33
C SER H 80 7.31 -45.17 -5.64
N GLU H 81 7.05 -46.27 -6.33
CA GLU H 81 6.27 -46.23 -7.56
C GLU H 81 4.83 -45.79 -7.32
N ASP H 82 4.33 -45.91 -6.08
CA ASP H 82 2.95 -45.57 -5.77
C ASP H 82 2.76 -44.08 -5.50
N LEU H 83 3.82 -43.27 -5.58
CA LEU H 83 3.68 -41.84 -5.36
C LEU H 83 2.80 -41.22 -6.44
N ALA H 84 1.65 -40.69 -6.02
CA ALA H 84 0.65 -40.14 -6.94
C ALA H 84 -0.41 -39.43 -6.11
N GLU H 85 -1.36 -38.81 -6.81
CA GLU H 85 -2.54 -38.24 -6.19
C GLU H 85 -3.72 -39.17 -6.42
N TYR H 86 -4.46 -39.46 -5.36
CA TYR H 86 -5.52 -40.46 -5.38
C TYR H 86 -6.88 -39.78 -5.19
N PHE H 87 -7.82 -40.11 -6.06
CA PHE H 87 -9.14 -39.49 -6.08
C PHE H 87 -10.23 -40.53 -5.82
N CYS H 88 -11.25 -40.13 -5.08
CA CYS H 88 -12.49 -40.89 -4.99
C CYS H 88 -13.52 -40.28 -5.93
N GLN H 89 -14.56 -41.05 -6.23
CA GLN H 89 -15.60 -40.61 -7.15
C GLN H 89 -16.86 -41.40 -6.88
N GLN H 90 -18.01 -40.75 -7.07
CA GLN H 90 -19.31 -41.40 -6.99
C GLN H 90 -19.93 -41.43 -8.37
N TYR H 91 -20.44 -42.60 -8.76
CA TYR H 91 -21.23 -42.74 -9.98
C TYR H 91 -22.63 -43.25 -9.67
N ASN H 92 -23.10 -42.97 -8.46
CA ASN H 92 -24.46 -43.32 -8.06
C ASN H 92 -25.47 -42.24 -8.43
N ASN H 93 -25.06 -40.97 -8.43
CA ASN H 93 -25.94 -39.86 -8.72
C ASN H 93 -25.32 -38.98 -9.81
N TYR H 94 -26.18 -38.42 -10.66
CA TYR H 94 -25.69 -37.46 -11.64
C TYR H 94 -25.90 -36.04 -11.14
N PRO H 95 -24.93 -35.12 -11.33
CA PRO H 95 -23.67 -35.32 -12.05
C PRO H 95 -22.63 -36.10 -11.26
N LEU H 96 -21.82 -36.90 -11.96
CA LEU H 96 -20.72 -37.59 -11.30
C LEU H 96 -19.71 -36.59 -10.76
N THR H 97 -19.27 -36.81 -9.53
CA THR H 97 -18.40 -35.88 -8.83
C THR H 97 -17.20 -36.59 -8.24
N PHE H 98 -16.05 -35.93 -8.29
CA PHE H 98 -14.81 -36.47 -7.77
C PHE H 98 -14.48 -35.87 -6.41
N GLY H 99 -13.56 -36.51 -5.71
CA GLY H 99 -12.96 -35.93 -4.53
C GLY H 99 -11.86 -34.95 -4.88
N ALA H 100 -11.44 -34.18 -3.87
CA ALA H 100 -10.43 -33.15 -4.13
C ALA H 100 -9.06 -33.75 -4.42
N GLY H 101 -8.79 -34.94 -3.93
CA GLY H 101 -7.53 -35.61 -4.20
C GLY H 101 -6.59 -35.58 -3.01
N THR H 102 -5.95 -36.71 -2.75
CA THR H 102 -4.98 -36.84 -1.67
C THR H 102 -3.65 -37.28 -2.27
N LYS H 103 -2.59 -36.51 -2.03
CA LYS H 103 -1.27 -36.82 -2.55
C LYS H 103 -0.50 -37.65 -1.54
N LEU H 104 0.08 -38.76 -1.99
CA LEU H 104 0.85 -39.62 -1.12
C LEU H 104 2.25 -39.05 -0.90
N GLU H 105 2.70 -39.10 0.35
CA GLU H 105 4.05 -38.69 0.71
C GLU H 105 4.75 -39.86 1.39
N LEU H 106 6.08 -39.86 1.31
CA LEU H 106 6.89 -40.93 1.86
C LEU H 106 7.96 -40.35 2.78
N LYS H 107 8.01 -40.81 4.03
CA LYS H 107 9.06 -40.42 4.93
C LYS H 107 10.33 -41.22 4.67
N ARG H 108 11.47 -40.55 4.79
CA ARG H 108 12.77 -41.18 4.56
C ARG H 108 13.82 -40.35 5.29
N ALA H 109 15.02 -40.93 5.39
CA ALA H 109 16.12 -40.22 6.02
C ALA H 109 16.49 -38.98 5.20
N ASP H 110 17.17 -38.04 5.87
CA ASP H 110 17.65 -36.86 5.19
C ASP H 110 18.64 -37.23 4.11
N ALA H 111 18.77 -36.35 3.11
CA ALA H 111 19.71 -36.55 2.01
C ALA H 111 20.19 -35.19 1.52
N ALA H 112 21.51 -35.03 1.47
CA ALA H 112 22.07 -33.78 0.97
C ALA H 112 21.98 -33.74 -0.55
N PRO H 113 21.74 -32.56 -1.13
CA PRO H 113 21.58 -32.47 -2.59
C PRO H 113 22.91 -32.51 -3.32
N THR H 114 22.88 -33.13 -4.49
CA THR H 114 24.00 -33.08 -5.44
C THR H 114 23.80 -31.88 -6.34
N VAL H 115 24.74 -30.94 -6.30
CA VAL H 115 24.61 -29.64 -6.95
C VAL H 115 25.54 -29.58 -8.16
N SER H 116 25.01 -29.12 -9.29
CA SER H 116 25.77 -28.98 -10.52
C SER H 116 25.42 -27.65 -11.17
N ILE H 117 26.44 -26.94 -11.64
CA ILE H 117 26.26 -25.63 -12.25
C ILE H 117 26.68 -25.71 -13.72
N PHE H 118 26.00 -24.93 -14.56
CA PHE H 118 26.27 -24.93 -15.98
C PHE H 118 26.28 -23.50 -16.52
N PRO H 119 27.38 -23.05 -17.13
CA PRO H 119 27.41 -21.72 -17.75
C PRO H 119 26.50 -21.67 -18.96
N PRO H 120 26.21 -20.47 -19.48
CA PRO H 120 25.41 -20.39 -20.71
C PRO H 120 26.11 -21.10 -21.86
N SER H 121 25.31 -21.83 -22.64
CA SER H 121 25.84 -22.48 -23.82
C SER H 121 26.16 -21.44 -24.89
N SER H 122 27.14 -21.77 -25.74
CA SER H 122 27.47 -20.87 -26.84
C SER H 122 26.29 -20.68 -27.78
N GLU H 123 25.40 -21.67 -27.86
CA GLU H 123 24.22 -21.55 -28.70
C GLU H 123 23.31 -20.43 -28.22
N GLN H 124 23.04 -20.37 -26.92
CA GLN H 124 22.17 -19.34 -26.39
C GLN H 124 22.81 -17.96 -26.47
N LEU H 125 24.14 -17.88 -26.38
CA LEU H 125 24.81 -16.59 -26.41
C LEU H 125 24.65 -15.91 -27.77
N THR H 126 24.44 -16.68 -28.83
CA THR H 126 24.17 -16.08 -30.14
C THR H 126 22.80 -15.41 -30.19
N SER H 127 21.89 -15.81 -29.30
CA SER H 127 20.55 -15.24 -29.25
C SER H 127 20.46 -13.98 -28.41
N GLY H 128 21.56 -13.54 -27.81
CA GLY H 128 21.57 -12.36 -26.96
C GLY H 128 21.27 -12.62 -25.51
N GLY H 129 20.74 -13.81 -25.17
CA GLY H 129 20.47 -14.16 -23.80
C GLY H 129 21.56 -15.04 -23.20
N ALA H 130 21.48 -15.21 -21.88
CA ALA H 130 22.46 -16.01 -21.15
C ALA H 130 21.79 -16.55 -19.90
N SER H 131 21.63 -17.87 -19.83
CA SER H 131 21.02 -18.54 -18.69
C SER H 131 22.05 -19.42 -18.00
N VAL H 132 22.18 -19.24 -16.69
CA VAL H 132 23.00 -20.11 -15.84
C VAL H 132 22.05 -21.06 -15.13
N VAL H 133 22.33 -22.35 -15.23
CA VAL H 133 21.45 -23.39 -14.70
C VAL H 133 22.14 -24.09 -13.54
N CYS H 134 21.39 -24.31 -12.46
CA CYS H 134 21.89 -25.00 -11.28
C CYS H 134 20.95 -26.14 -10.97
N PHE H 135 21.47 -27.36 -10.97
CA PHE H 135 20.69 -28.55 -10.65
C PHE H 135 20.97 -28.96 -9.20
N LEU H 136 19.90 -29.23 -8.44
CA LEU H 136 19.99 -29.68 -7.06
C LEU H 136 19.17 -30.96 -6.95
N ASN H 137 19.84 -32.10 -7.06
CA ASN H 137 19.17 -33.38 -7.27
C ASN H 137 19.25 -34.26 -6.04
N ASN H 138 18.14 -34.96 -5.75
CA ASN H 138 18.09 -36.05 -4.79
C ASN H 138 18.39 -35.59 -3.37
N PHE H 139 17.56 -34.67 -2.87
CA PHE H 139 17.64 -34.24 -1.49
C PHE H 139 16.32 -34.48 -0.76
N TYR H 140 16.40 -34.49 0.56
CA TYR H 140 15.25 -34.64 1.44
C TYR H 140 15.58 -34.00 2.78
N PRO H 141 14.67 -33.22 3.38
CA PRO H 141 13.31 -32.93 2.92
C PRO H 141 13.24 -31.97 1.73
N LYS H 142 12.02 -31.71 1.25
CA LYS H 142 11.83 -30.87 0.08
C LYS H 142 12.21 -29.42 0.32
N ASP H 143 12.27 -28.99 1.58
CA ASP H 143 12.59 -27.61 1.88
C ASP H 143 14.05 -27.32 1.56
N ILE H 144 14.29 -26.28 0.77
CA ILE H 144 15.63 -25.88 0.37
C ILE H 144 15.57 -24.43 -0.07
N ASN H 145 16.69 -23.73 0.09
CA ASN H 145 16.79 -22.33 -0.29
C ASN H 145 18.00 -22.14 -1.18
N VAL H 146 17.79 -21.51 -2.34
CA VAL H 146 18.84 -21.29 -3.33
C VAL H 146 19.00 -19.80 -3.57
N LYS H 147 20.24 -19.32 -3.50
CA LYS H 147 20.57 -17.94 -3.80
C LYS H 147 21.56 -17.91 -4.96
N TRP H 148 21.43 -16.89 -5.80
CA TRP H 148 22.37 -16.64 -6.88
C TRP H 148 23.21 -15.42 -6.53
N LYS H 149 24.52 -15.53 -6.74
CA LYS H 149 25.46 -14.45 -6.47
C LYS H 149 26.25 -14.14 -7.73
N ILE H 150 26.34 -12.86 -8.07
CA ILE H 150 27.11 -12.39 -9.21
C ILE H 150 28.22 -11.51 -8.66
N ASP H 151 29.45 -12.03 -8.70
CA ASP H 151 30.62 -11.34 -8.13
C ASP H 151 30.40 -10.94 -6.68
N GLY H 152 29.59 -11.71 -5.96
CA GLY H 152 29.29 -11.46 -4.56
C GLY H 152 27.95 -10.81 -4.30
N SER H 153 27.34 -10.19 -5.32
CA SER H 153 26.05 -9.54 -5.15
C SER H 153 24.92 -10.52 -5.45
N GLU H 154 23.93 -10.55 -4.57
CA GLU H 154 22.83 -11.50 -4.71
C GLU H 154 21.81 -11.00 -5.75
N ARG H 155 21.37 -11.91 -6.61
CA ARG H 155 20.38 -11.62 -7.64
C ARG H 155 19.14 -12.47 -7.36
N GLN H 156 18.06 -11.82 -6.95
CA GLN H 156 16.79 -12.50 -6.68
C GLN H 156 15.72 -12.14 -7.70
N ASN H 157 16.16 -11.83 -8.93
CA ASN H 157 15.24 -11.55 -10.03
C ASN H 157 15.80 -12.18 -11.29
N GLY H 158 14.92 -12.45 -12.25
CA GLY H 158 15.31 -13.22 -13.40
C GLY H 158 15.68 -14.65 -13.08
N VAL H 159 15.17 -15.18 -11.98
CA VAL H 159 15.43 -16.54 -11.54
C VAL H 159 14.17 -17.36 -11.74
N LEU H 160 14.31 -18.56 -12.30
CA LEU H 160 13.19 -19.46 -12.54
C LEU H 160 13.48 -20.77 -11.81
N ASN H 161 12.69 -21.06 -10.79
CA ASN H 161 12.86 -22.25 -9.96
C ASN H 161 11.77 -23.27 -10.27
N SER H 162 12.15 -24.55 -10.28
CA SER H 162 11.20 -25.63 -10.52
C SER H 162 11.55 -26.79 -9.61
N TRP H 163 10.51 -27.36 -8.97
CA TRP H 163 10.65 -28.50 -8.08
C TRP H 163 10.00 -29.72 -8.73
N THR H 164 10.67 -30.86 -8.64
CA THR H 164 10.03 -32.11 -9.01
C THR H 164 9.15 -32.61 -7.87
N ASP H 165 8.20 -33.46 -8.21
CA ASP H 165 7.51 -34.21 -7.18
C ASP H 165 8.48 -35.23 -6.56
N GLN H 166 8.00 -35.91 -5.52
CA GLN H 166 8.86 -36.88 -4.85
C GLN H 166 9.26 -38.00 -5.81
N ASP H 167 10.55 -38.31 -5.81
CA ASP H 167 11.10 -39.22 -6.81
C ASP H 167 10.49 -40.61 -6.70
N SER H 168 10.11 -41.18 -7.84
CA SER H 168 9.48 -42.50 -7.88
C SER H 168 10.47 -43.64 -7.62
N LYS H 169 11.73 -43.33 -7.34
CA LYS H 169 12.74 -44.36 -7.11
C LYS H 169 13.30 -44.33 -5.69
N ASP H 170 13.74 -43.17 -5.21
CA ASP H 170 14.32 -43.05 -3.88
C ASP H 170 13.60 -42.06 -2.98
N SER H 171 12.41 -41.59 -3.38
CA SER H 171 11.57 -40.72 -2.57
C SER H 171 12.25 -39.39 -2.22
N THR H 172 13.25 -38.98 -3.00
CA THR H 172 13.90 -37.69 -2.76
C THR H 172 13.22 -36.61 -3.59
N TYR H 173 13.74 -35.38 -3.47
CA TYR H 173 13.28 -34.25 -4.24
C TYR H 173 14.43 -33.67 -5.05
N SER H 174 14.08 -32.96 -6.12
CA SER H 174 15.07 -32.32 -6.96
C SER H 174 14.58 -30.94 -7.37
N MET H 175 15.54 -30.04 -7.58
CA MET H 175 15.29 -28.64 -7.90
C MET H 175 16.15 -28.19 -9.06
N SER H 176 15.58 -27.36 -9.92
CA SER H 176 16.32 -26.69 -10.99
C SER H 176 16.15 -25.19 -10.85
N SER H 177 17.26 -24.47 -10.80
CA SER H 177 17.27 -23.01 -10.68
C SER H 177 18.02 -22.43 -11.85
N THR H 178 17.37 -21.52 -12.58
CA THR H 178 17.94 -20.92 -13.78
C THR H 178 17.93 -19.41 -13.64
N LEU H 179 19.12 -18.81 -13.67
CA LEU H 179 19.28 -17.36 -13.68
C LEU H 179 19.51 -16.91 -15.12
N THR H 180 18.63 -16.05 -15.62
CA THR H 180 18.70 -15.57 -16.99
C THR H 180 19.08 -14.10 -17.02
N LEU H 181 20.15 -13.80 -17.76
CA LEU H 181 20.60 -12.44 -17.98
C LEU H 181 20.71 -12.20 -19.48
N THR H 182 20.89 -10.93 -19.85
CA THR H 182 21.29 -10.63 -21.22
C THR H 182 22.77 -10.95 -21.41
N LYS H 183 23.17 -11.13 -22.66
CA LYS H 183 24.55 -11.46 -22.96
C LYS H 183 25.50 -10.35 -22.51
N ASP H 184 25.03 -9.10 -22.53
CA ASP H 184 25.86 -7.99 -22.07
C ASP H 184 26.12 -8.07 -20.57
N GLU H 185 25.05 -8.26 -19.79
CA GLU H 185 25.21 -8.43 -18.34
C GLU H 185 26.11 -9.60 -18.02
N TYR H 186 25.94 -10.72 -18.73
CA TYR H 186 26.75 -11.91 -18.48
C TYR H 186 28.23 -11.61 -18.68
N GLU H 187 28.57 -10.87 -19.73
CA GLU H 187 29.96 -10.54 -20.01
C GLU H 187 30.47 -9.37 -19.18
N ARG H 188 29.60 -8.71 -18.42
CA ARG H 188 30.01 -7.63 -17.53
C ARG H 188 30.47 -8.13 -16.17
N HIS H 189 30.39 -9.43 -15.91
CA HIS H 189 30.76 -10.00 -14.62
C HIS H 189 31.52 -11.30 -14.86
N ASN H 190 32.17 -11.78 -13.80
CA ASN H 190 33.06 -12.93 -13.90
C ASN H 190 32.59 -14.10 -13.04
N SER H 191 32.40 -13.90 -11.74
CA SER H 191 32.07 -15.00 -10.84
C SER H 191 30.55 -15.19 -10.77
N TYR H 192 30.11 -16.43 -10.97
CA TYR H 192 28.70 -16.80 -10.88
C TYR H 192 28.58 -17.97 -9.92
N THR H 193 27.81 -17.78 -8.85
CA THR H 193 27.74 -18.74 -7.76
C THR H 193 26.30 -19.18 -7.53
N CYS H 194 26.12 -20.48 -7.29
CA CYS H 194 24.85 -21.06 -6.90
C CYS H 194 24.99 -21.58 -5.47
N GLU H 195 24.28 -20.95 -4.54
CA GLU H 195 24.37 -21.27 -3.11
C GLU H 195 23.10 -21.98 -2.66
N ALA H 196 23.27 -23.12 -2.01
CA ALA H 196 22.15 -23.95 -1.58
C ALA H 196 22.19 -24.12 -0.06
N THR H 197 21.12 -23.70 0.60
CA THR H 197 20.97 -23.88 2.04
C THR H 197 19.97 -25.00 2.30
N HIS H 198 20.44 -26.09 2.91
CA HIS H 198 19.61 -27.24 3.20
C HIS H 198 19.78 -27.64 4.66
N LYS H 199 18.78 -28.36 5.18
CA LYS H 199 18.83 -28.82 6.56
C LYS H 199 20.04 -29.71 6.83
N THR H 200 20.51 -30.45 5.82
CA THR H 200 21.58 -31.42 6.01
C THR H 200 22.93 -30.79 6.34
N SER H 201 23.07 -29.47 6.23
CA SER H 201 24.33 -28.81 6.57
C SER H 201 24.06 -27.38 7.00
N THR H 202 24.69 -26.97 8.10
CA THR H 202 24.59 -25.58 8.54
C THR H 202 25.31 -24.63 7.60
N SER H 203 26.28 -25.12 6.84
CA SER H 203 26.99 -24.35 5.83
C SER H 203 26.36 -24.58 4.45
N PRO H 204 26.25 -23.55 3.64
CA PRO H 204 25.61 -23.72 2.32
C PRO H 204 26.52 -24.45 1.34
N ILE H 205 25.90 -25.23 0.48
CA ILE H 205 26.63 -25.90 -0.60
C ILE H 205 26.83 -24.90 -1.72
N VAL H 206 28.07 -24.75 -2.18
CA VAL H 206 28.45 -23.68 -3.08
C VAL H 206 29.07 -24.28 -4.34
N LYS H 207 28.44 -24.05 -5.48
CA LYS H 207 28.99 -24.37 -6.79
C LYS H 207 29.10 -23.09 -7.60
N SER H 208 30.29 -22.80 -8.10
CA SER H 208 30.54 -21.56 -8.81
C SER H 208 31.43 -21.81 -10.01
N PHE H 209 31.49 -20.81 -10.89
CA PHE H 209 32.42 -20.82 -12.00
C PHE H 209 32.80 -19.37 -12.32
N ASN H 210 34.02 -19.19 -12.80
CA ASN H 210 34.52 -17.88 -13.20
C ASN H 210 34.58 -17.82 -14.71
N ARG H 211 33.87 -16.85 -15.29
CA ARG H 211 33.86 -16.71 -16.74
C ARG H 211 35.25 -16.44 -17.30
N ASN H 212 36.04 -15.66 -16.57
CA ASN H 212 37.42 -15.25 -16.92
C ASN H 212 37.84 -15.44 -18.37
N GLN I 1 1.12 50.71 6.51
CA GLN I 1 2.44 50.27 6.94
C GLN I 1 3.43 51.43 6.89
N VAL I 2 4.12 51.66 8.01
CA VAL I 2 5.09 52.75 8.10
C VAL I 2 6.31 52.40 7.24
N GLN I 3 6.76 53.36 6.43
CA GLN I 3 7.93 53.15 5.61
C GLN I 3 8.53 54.49 5.21
N LEU I 4 9.84 54.48 4.96
CA LEU I 4 10.58 55.65 4.51
C LEU I 4 11.24 55.31 3.18
N GLN I 5 10.88 56.03 2.13
CA GLN I 5 11.33 55.72 0.78
C GLN I 5 12.42 56.72 0.37
N GLN I 6 13.63 56.20 0.17
CA GLN I 6 14.75 56.97 -0.35
C GLN I 6 15.19 56.41 -1.69
N PRO I 7 15.68 57.25 -2.60
CA PRO I 7 16.31 56.74 -3.82
C PRO I 7 17.58 55.98 -3.49
N GLY I 8 17.89 55.00 -4.32
CA GLY I 8 19.02 54.13 -4.04
C GLY I 8 20.37 54.83 -4.19
N ALA I 9 20.51 55.63 -5.25
CA ALA I 9 21.81 56.22 -5.55
C ALA I 9 21.62 57.62 -6.13
N GLU I 10 22.68 58.41 -6.02
CA GLU I 10 22.76 59.74 -6.63
C GLU I 10 24.19 59.97 -7.08
N LEU I 11 24.36 60.36 -8.34
CA LEU I 11 25.67 60.66 -8.91
C LEU I 11 25.74 62.16 -9.15
N VAL I 12 26.62 62.84 -8.42
CA VAL I 12 26.73 64.30 -8.47
C VAL I 12 28.18 64.69 -8.70
N LYS I 13 28.36 65.81 -9.39
CA LYS I 13 29.68 66.28 -9.77
C LYS I 13 30.41 66.89 -8.58
N PRO I 14 31.75 66.82 -8.56
CA PRO I 14 32.51 67.50 -7.51
C PRO I 14 32.25 69.00 -7.53
N GLY I 15 32.09 69.56 -6.33
CA GLY I 15 31.75 70.96 -6.19
C GLY I 15 30.28 71.29 -6.35
N ALA I 16 29.48 70.37 -6.88
CA ALA I 16 28.06 70.59 -7.07
C ALA I 16 27.32 70.22 -5.79
N SER I 17 26.02 69.93 -5.90
CA SER I 17 25.19 69.67 -4.74
C SER I 17 24.40 68.38 -4.95
N VAL I 18 23.73 67.94 -3.90
CA VAL I 18 22.80 66.81 -3.95
C VAL I 18 21.69 67.07 -2.95
N LYS I 19 20.49 66.60 -3.26
CA LYS I 19 19.33 66.76 -2.40
C LYS I 19 18.66 65.40 -2.22
N VAL I 20 19.00 64.73 -1.12
CA VAL I 20 18.43 63.42 -0.82
C VAL I 20 17.01 63.59 -0.32
N SER I 21 16.09 62.79 -0.85
CA SER I 21 14.69 62.82 -0.46
C SER I 21 14.35 61.61 0.39
N CYS I 22 13.37 61.79 1.27
CA CYS I 22 12.90 60.72 2.16
C CYS I 22 11.38 60.81 2.22
N LYS I 23 10.70 60.03 1.38
CA LYS I 23 9.25 60.05 1.30
C LYS I 23 8.67 59.16 2.39
N ALA I 24 7.98 59.78 3.35
CA ALA I 24 7.39 59.08 4.47
C ALA I 24 5.91 58.78 4.19
N SER I 25 5.46 57.60 4.61
CA SER I 25 4.09 57.21 4.42
C SER I 25 3.67 56.25 5.52
N GLY I 26 2.36 56.14 5.72
CA GLY I 26 1.81 55.23 6.71
C GLY I 26 1.63 55.80 8.10
N TYR I 27 2.01 57.06 8.32
CA TYR I 27 1.91 57.66 9.64
C TYR I 27 1.77 59.17 9.49
N THR I 28 1.42 59.83 10.60
CA THR I 28 1.32 61.28 10.62
C THR I 28 2.73 61.86 10.50
N PHE I 29 3.00 62.48 9.34
CA PHE I 29 4.34 62.95 9.03
C PHE I 29 4.85 63.97 10.05
N THR I 30 3.95 64.80 10.58
CA THR I 30 4.34 65.93 11.42
C THR I 30 4.38 65.58 12.90
N ASN I 31 4.44 64.30 13.26
CA ASN I 31 4.37 63.90 14.65
C ASN I 31 5.69 63.39 15.22
N TYR I 32 6.72 63.17 14.40
CA TYR I 32 7.95 62.55 14.86
C TYR I 32 9.15 63.24 14.23
N TRP I 33 10.23 63.33 15.01
CA TRP I 33 11.48 63.87 14.50
C TRP I 33 12.02 63.01 13.36
N MET I 34 12.62 63.65 12.37
CA MET I 34 13.26 62.97 11.26
C MET I 34 14.77 63.08 11.43
N TYR I 35 15.44 61.95 11.55
CA TYR I 35 16.88 61.90 11.77
C TYR I 35 17.61 61.59 10.47
N TRP I 36 18.86 62.06 10.37
CA TRP I 36 19.69 61.83 9.20
C TRP I 36 21.06 61.33 9.65
N VAL I 37 21.53 60.25 9.03
CA VAL I 37 22.77 59.59 9.42
C VAL I 37 23.60 59.37 8.16
N LYS I 38 24.89 59.69 8.23
CA LYS I 38 25.84 59.49 7.15
C LYS I 38 26.75 58.31 7.47
N GLN I 39 27.07 57.51 6.46
CA GLN I 39 27.97 56.37 6.63
C GLN I 39 28.87 56.26 5.40
N ARG I 40 30.15 56.59 5.57
CA ARG I 40 31.13 56.37 4.52
C ARG I 40 31.31 54.87 4.30
N PRO I 41 31.64 54.45 3.06
CA PRO I 41 31.78 53.01 2.77
C PRO I 41 32.88 52.35 3.58
N GLY I 42 32.49 51.52 4.55
CA GLY I 42 33.43 50.84 5.40
C GLY I 42 33.73 51.53 6.72
N GLN I 43 33.06 52.64 7.02
CA GLN I 43 33.29 53.40 8.23
C GLN I 43 32.11 53.23 9.18
N GLY I 44 32.04 54.09 10.19
CA GLY I 44 31.00 54.03 11.19
C GLY I 44 29.87 55.00 10.91
N LEU I 45 28.96 55.10 11.88
CA LEU I 45 27.79 55.96 11.77
C LEU I 45 28.13 57.35 12.31
N GLU I 46 27.72 58.38 11.57
CA GLU I 46 27.82 59.77 12.00
C GLU I 46 26.43 60.40 11.96
N TRP I 47 26.16 61.26 12.93
CA TRP I 47 24.88 61.95 12.99
C TRP I 47 25.00 63.31 12.32
N ILE I 48 24.12 63.56 11.35
CA ILE I 48 24.12 64.82 10.62
C ILE I 48 23.22 65.82 11.32
N GLY I 49 21.96 65.45 11.51
CA GLY I 49 21.03 66.35 12.17
C GLY I 49 19.66 65.71 12.25
N ARG I 50 18.72 66.49 12.78
CA ARG I 50 17.33 66.08 12.87
C ARG I 50 16.43 67.29 12.60
N ILE I 51 15.20 67.00 12.19
CA ILE I 51 14.24 68.06 11.85
C ILE I 51 12.84 67.56 12.15
N HIS I 52 12.02 68.42 12.75
CA HIS I 52 10.64 68.08 13.06
C HIS I 52 9.73 68.64 11.98
N PRO I 53 8.99 67.79 11.26
CA PRO I 53 8.15 68.30 10.15
C PRO I 53 7.03 69.23 10.58
N SER I 54 6.75 69.32 11.88
CA SER I 54 5.67 70.20 12.33
C SER I 54 6.00 71.67 12.09
N ASP I 55 7.22 72.09 12.43
CA ASP I 55 7.60 73.49 12.26
C ASP I 55 9.03 73.66 11.75
N SER I 56 9.63 72.61 11.19
CA SER I 56 10.97 72.64 10.64
C SER I 56 12.03 72.99 11.68
N ASP I 57 11.74 72.76 12.96
CA ASP I 57 12.74 72.90 14.01
C ASP I 57 13.87 71.92 13.77
N THR I 58 15.11 72.39 13.91
CA THR I 58 16.28 71.60 13.53
C THR I 58 17.32 71.58 14.64
N ASN I 59 18.02 70.45 14.73
CA ASN I 59 19.24 70.31 15.50
C ASN I 59 20.31 69.78 14.56
N TYR I 60 21.43 70.50 14.45
CA TYR I 60 22.48 70.15 13.51
C TYR I 60 23.76 69.78 14.25
N ASN I 61 24.46 68.77 13.72
CA ASN I 61 25.86 68.58 14.06
C ASN I 61 26.65 69.76 13.48
N GLN I 62 27.50 70.37 14.32
CA GLN I 62 28.28 71.51 13.86
C GLN I 62 29.20 71.14 12.70
N LYS I 63 29.60 69.87 12.62
CA LYS I 63 30.46 69.43 11.53
C LYS I 63 29.77 69.62 10.18
N PHE I 64 28.46 69.31 10.11
CA PHE I 64 27.69 69.44 8.89
C PHE I 64 26.87 70.73 8.85
N LYS I 65 27.20 71.70 9.70
CA LYS I 65 26.39 72.91 9.79
C LYS I 65 26.37 73.69 8.48
N GLY I 66 27.55 73.98 7.93
CA GLY I 66 27.63 74.75 6.70
C GLY I 66 27.37 73.98 5.43
N LYS I 67 27.26 72.65 5.52
CA LYS I 67 27.09 71.80 4.34
C LYS I 67 25.69 71.23 4.21
N ALA I 68 25.08 70.79 5.29
CA ALA I 68 23.79 70.10 5.25
C ALA I 68 22.66 71.07 5.56
N THR I 69 21.57 70.96 4.80
CA THR I 69 20.37 71.75 5.01
C THR I 69 19.17 70.81 5.01
N LEU I 70 18.36 70.88 6.07
CA LEU I 70 17.20 70.02 6.23
C LEU I 70 15.93 70.82 5.98
N THR I 71 15.06 70.29 5.12
CA THR I 71 13.77 70.88 4.84
C THR I 71 12.73 69.76 4.76
N VAL I 72 11.46 70.15 4.82
CA VAL I 72 10.35 69.22 4.66
C VAL I 72 9.29 69.83 3.76
N ASP I 73 8.55 68.98 3.08
CA ASP I 73 7.39 69.37 2.27
C ASP I 73 6.19 68.61 2.83
N LYS I 74 5.32 69.33 3.54
CA LYS I 74 4.21 68.68 4.23
C LYS I 74 3.10 68.26 3.26
N SER I 75 2.98 68.93 2.11
CA SER I 75 1.97 68.53 1.13
C SER I 75 2.32 67.20 0.47
N SER I 76 3.59 66.81 0.48
CA SER I 76 4.02 65.53 -0.08
C SER I 76 4.57 64.57 0.95
N SER I 77 4.57 64.95 2.24
CA SER I 77 5.09 64.12 3.32
C SER I 77 6.51 63.66 3.03
N THR I 78 7.35 64.60 2.62
CA THR I 78 8.71 64.31 2.18
C THR I 78 9.70 65.20 2.92
N ALA I 79 10.76 64.60 3.44
CA ALA I 79 11.86 65.32 4.05
C ALA I 79 13.06 65.28 3.12
N TYR I 80 13.83 66.37 3.12
CA TYR I 80 14.98 66.50 2.23
C TYR I 80 16.22 66.88 3.04
N MET I 81 17.37 66.39 2.58
CA MET I 81 18.66 66.81 3.10
C MET I 81 19.54 67.20 1.92
N GLN I 82 19.98 68.46 1.88
CA GLN I 82 20.77 68.98 0.79
C GLN I 82 22.22 69.19 1.24
N LEU I 83 23.15 68.66 0.48
CA LEU I 83 24.57 68.88 0.69
C LEU I 83 25.11 69.76 -0.42
N SER I 84 26.05 70.65 -0.09
CA SER I 84 26.62 71.57 -1.05
C SER I 84 28.14 71.44 -1.05
N SER I 85 28.74 71.89 -2.15
CA SER I 85 30.19 71.87 -2.34
C SER I 85 30.75 70.47 -2.09
N LEU I 86 30.21 69.51 -2.85
CA LEU I 86 30.48 68.10 -2.60
C LEU I 86 31.94 67.78 -2.90
N THR I 87 32.60 67.10 -1.96
CA THR I 87 33.94 66.57 -2.14
C THR I 87 33.88 65.05 -2.08
N SER I 88 35.01 64.41 -2.40
CA SER I 88 35.07 62.96 -2.36
C SER I 88 34.82 62.42 -0.96
N GLU I 89 35.09 63.22 0.07
CA GLU I 89 34.78 62.83 1.44
C GLU I 89 33.28 62.73 1.70
N ASP I 90 32.46 63.37 0.86
CA ASP I 90 31.02 63.32 1.01
C ASP I 90 30.38 62.10 0.36
N SER I 91 31.15 61.29 -0.35
CA SER I 91 30.65 60.05 -0.92
C SER I 91 30.32 59.08 0.21
N ALA I 92 29.04 58.80 0.40
CA ALA I 92 28.60 57.97 1.53
C ALA I 92 27.14 57.59 1.32
N VAL I 93 26.67 56.69 2.17
CA VAL I 93 25.26 56.35 2.25
C VAL I 93 24.61 57.25 3.28
N TYR I 94 23.45 57.81 2.95
CA TYR I 94 22.75 58.74 3.81
C TYR I 94 21.38 58.18 4.15
N TYR I 95 21.12 58.01 5.44
CA TYR I 95 19.89 57.39 5.93
C TYR I 95 18.97 58.44 6.56
N CYS I 96 17.68 58.26 6.35
CA CYS I 96 16.65 58.96 7.13
C CYS I 96 15.98 57.94 8.04
N ALA I 97 15.71 58.34 9.28
CA ALA I 97 15.17 57.41 10.25
C ALA I 97 14.24 58.14 11.22
N ILE I 98 13.25 57.41 11.72
CA ILE I 98 12.34 57.91 12.74
C ILE I 98 12.20 56.85 13.83
N GLU I 99 11.71 57.30 14.99
CA GLU I 99 11.40 56.43 16.12
C GLU I 99 9.97 56.71 16.54
N ILE I 100 9.17 55.64 16.63
CA ILE I 100 7.75 55.76 17.00
C ILE I 100 7.50 54.95 18.26
N TYR I 101 7.10 55.63 19.32
CA TYR I 101 6.59 55.00 20.52
C TYR I 101 5.09 55.30 20.60
N ASP I 102 4.29 54.23 20.69
CA ASP I 102 2.84 54.35 20.60
C ASP I 102 2.14 54.08 21.93
N GLY I 103 2.86 54.21 23.04
CA GLY I 103 2.31 53.88 24.34
C GLY I 103 2.44 52.42 24.74
N TYR I 104 2.79 51.55 23.79
CA TYR I 104 2.94 50.12 24.09
C TYR I 104 4.33 49.63 23.67
N ASN I 105 4.74 49.96 22.44
CA ASN I 105 6.01 49.50 21.91
C ASN I 105 6.74 50.66 21.24
N THR I 106 8.05 50.50 21.11
CA THR I 106 8.92 51.48 20.46
C THR I 106 9.50 50.84 19.20
N MET I 107 9.09 51.34 18.04
CA MET I 107 9.55 50.84 16.76
C MET I 107 10.43 51.89 16.09
N ASP I 108 11.52 51.43 15.48
CA ASP I 108 12.36 52.29 14.65
C ASP I 108 12.14 51.95 13.18
N TYR I 109 12.22 52.98 12.34
CA TYR I 109 11.99 52.81 10.91
C TYR I 109 13.08 53.55 10.15
N TRP I 110 13.70 52.86 9.19
CA TRP I 110 14.81 53.39 8.44
C TRP I 110 14.52 53.35 6.94
N GLY I 111 15.02 54.35 6.23
CA GLY I 111 15.07 54.28 4.79
C GLY I 111 16.17 53.35 4.33
N GLN I 112 16.09 52.96 3.06
CA GLN I 112 17.10 52.07 2.50
C GLN I 112 18.48 52.70 2.47
N GLY I 113 18.57 54.03 2.49
CA GLY I 113 19.83 54.71 2.36
C GLY I 113 20.13 55.08 0.92
N THR I 114 20.67 56.28 0.71
CA THR I 114 20.98 56.78 -0.63
C THR I 114 22.49 56.81 -0.79
N SER I 115 23.00 55.98 -1.69
CA SER I 115 24.43 55.97 -2.01
C SER I 115 24.76 57.20 -2.85
N VAL I 116 25.36 58.21 -2.22
CA VAL I 116 25.77 59.41 -2.91
C VAL I 116 27.22 59.25 -3.34
N THR I 117 27.47 59.36 -4.65
CA THR I 117 28.81 59.25 -5.20
C THR I 117 29.21 60.58 -5.82
N VAL I 118 30.30 61.16 -5.33
CA VAL I 118 30.82 62.41 -5.84
C VAL I 118 31.94 62.06 -6.81
N SER I 119 31.64 62.15 -8.11
CA SER I 119 32.61 61.79 -9.14
C SER I 119 32.29 62.56 -10.41
N SER I 120 33.33 62.90 -11.15
CA SER I 120 33.16 63.51 -12.47
C SER I 120 32.86 62.47 -13.55
N ALA I 121 32.93 61.18 -13.22
CA ALA I 121 32.62 60.14 -14.19
C ALA I 121 31.12 60.06 -14.44
N LYS I 122 30.77 59.52 -15.60
CA LYS I 122 29.38 59.37 -16.01
C LYS I 122 28.86 57.98 -15.68
N THR I 123 27.54 57.85 -15.69
CA THR I 123 26.91 56.58 -15.39
C THR I 123 27.22 55.56 -16.48
N THR I 124 27.44 54.31 -16.06
CA THR I 124 27.61 53.20 -16.99
C THR I 124 26.79 52.02 -16.50
N PRO I 125 25.87 51.50 -17.31
CA PRO I 125 25.11 50.32 -16.90
C PRO I 125 26.00 49.10 -16.88
N PRO I 126 25.62 48.07 -16.12
CA PRO I 126 26.47 46.87 -16.05
C PRO I 126 26.23 45.93 -17.22
N SER I 127 27.29 45.21 -17.57
CA SER I 127 27.21 44.08 -18.48
C SER I 127 27.10 42.81 -17.65
N VAL I 128 26.03 42.04 -17.88
CA VAL I 128 25.73 40.86 -17.08
C VAL I 128 26.08 39.63 -17.91
N TYR I 129 27.06 38.85 -17.44
CA TYR I 129 27.56 37.70 -18.16
C TYR I 129 27.28 36.42 -17.40
N PRO I 130 26.71 35.40 -18.03
CA PRO I 130 26.44 34.15 -17.33
C PRO I 130 27.72 33.35 -17.11
N LEU I 131 27.74 32.60 -16.02
CA LEU I 131 28.86 31.73 -15.67
C LEU I 131 28.32 30.31 -15.53
N ALA I 132 28.47 29.51 -16.59
CA ALA I 132 28.03 28.13 -16.60
C ALA I 132 29.23 27.19 -16.64
N PRO I 133 29.19 26.08 -15.90
CA PRO I 133 30.31 25.11 -15.87
C PRO I 133 30.48 24.38 -17.19
N ASN I 140 28.62 15.98 -10.05
CA ASN I 140 28.38 15.73 -8.63
C ASN I 140 26.92 15.99 -8.26
N SER I 141 26.61 15.83 -6.97
CA SER I 141 25.25 16.04 -6.50
C SER I 141 24.86 17.51 -6.47
N MET I 142 25.83 18.41 -6.43
CA MET I 142 25.58 19.85 -6.43
C MET I 142 26.32 20.48 -7.60
N VAL I 143 25.79 21.62 -8.07
CA VAL I 143 26.38 22.36 -9.18
C VAL I 143 26.40 23.84 -8.81
N THR I 144 27.52 24.49 -9.09
CA THR I 144 27.70 25.91 -8.81
C THR I 144 27.52 26.71 -10.10
N LEU I 145 26.60 27.66 -10.07
CA LEU I 145 26.39 28.61 -11.15
C LEU I 145 26.89 29.99 -10.72
N GLY I 146 27.04 30.88 -11.70
CA GLY I 146 27.60 32.19 -11.41
C GLY I 146 27.01 33.26 -12.30
N CYS I 147 27.23 34.51 -11.88
CA CYS I 147 26.73 35.69 -12.59
C CYS I 147 27.78 36.78 -12.46
N LEU I 148 28.24 37.32 -13.59
CA LEU I 148 29.27 38.34 -13.61
C LEU I 148 28.64 39.67 -13.98
N VAL I 149 28.76 40.65 -13.08
CA VAL I 149 28.20 41.99 -13.26
C VAL I 149 29.38 42.94 -13.42
N LYS I 150 29.75 43.23 -14.66
CA LYS I 150 31.01 43.91 -14.96
C LYS I 150 30.78 45.34 -15.45
N GLY I 151 31.60 46.25 -14.94
CA GLY I 151 31.78 47.56 -15.55
C GLY I 151 30.65 48.55 -15.35
N TYR I 152 30.10 48.64 -14.15
CA TYR I 152 29.04 49.59 -13.88
C TYR I 152 29.54 50.71 -12.98
N PHE I 153 28.83 51.85 -13.03
CA PHE I 153 29.14 53.01 -12.21
C PHE I 153 27.90 53.89 -12.16
N PRO I 154 27.53 54.40 -10.98
CA PRO I 154 28.18 54.12 -9.71
C PRO I 154 27.50 52.99 -8.94
N GLU I 155 27.86 52.82 -7.68
CA GLU I 155 27.17 51.87 -6.83
C GLU I 155 25.77 52.40 -6.49
N PRO I 156 24.81 51.50 -6.19
CA PRO I 156 24.95 50.05 -6.12
C PRO I 156 24.25 49.31 -7.25
N VAL I 157 24.35 47.98 -7.20
CA VAL I 157 23.54 47.09 -8.00
C VAL I 157 22.88 46.10 -7.05
N THR I 158 21.67 45.66 -7.42
CA THR I 158 20.95 44.64 -6.68
C THR I 158 20.94 43.36 -7.49
N VAL I 159 21.43 42.28 -6.90
CA VAL I 159 21.54 40.98 -7.57
C VAL I 159 20.73 39.96 -6.79
N THR I 160 19.77 39.34 -7.46
CA THR I 160 18.99 38.24 -6.89
C THR I 160 18.95 37.10 -7.90
N TRP I 161 18.48 35.94 -7.43
CA TRP I 161 18.36 34.75 -8.25
C TRP I 161 16.92 34.28 -8.25
N ASN I 162 16.36 34.06 -9.45
CA ASN I 162 14.97 33.66 -9.62
C ASN I 162 14.02 34.63 -8.93
N SER I 163 14.31 35.93 -9.08
CA SER I 163 13.50 37.00 -8.49
C SER I 163 13.36 36.84 -6.98
N GLY I 164 14.45 36.45 -6.33
CA GLY I 164 14.47 36.26 -4.89
C GLY I 164 14.04 34.89 -4.42
N SER I 165 13.37 34.10 -5.28
CA SER I 165 12.96 32.76 -4.89
C SER I 165 14.15 31.84 -4.62
N LEU I 166 15.32 32.18 -5.14
CA LEU I 166 16.55 31.42 -4.89
C LEU I 166 17.45 32.29 -4.02
N SER I 167 17.44 32.01 -2.71
CA SER I 167 18.25 32.75 -1.75
C SER I 167 19.22 31.89 -0.96
N SER I 168 18.97 30.58 -0.84
CA SER I 168 19.90 29.70 -0.16
C SER I 168 21.05 29.34 -1.09
N GLY I 169 22.24 29.22 -0.51
CA GLY I 169 23.41 28.86 -1.29
C GLY I 169 23.92 29.92 -2.22
N VAL I 170 23.62 31.19 -1.95
CA VAL I 170 24.05 32.30 -2.79
C VAL I 170 25.16 33.06 -2.08
N HIS I 171 26.22 33.38 -2.83
CA HIS I 171 27.29 34.24 -2.35
C HIS I 171 27.46 35.39 -3.33
N THR I 172 27.06 36.59 -2.91
CA THR I 172 27.24 37.80 -3.71
C THR I 172 28.43 38.57 -3.13
N PHE I 173 29.50 38.66 -3.91
CA PHE I 173 30.78 39.20 -3.48
C PHE I 173 30.81 40.71 -3.67
N PRO I 174 31.44 41.44 -2.74
CA PRO I 174 31.51 42.89 -2.86
C PRO I 174 32.21 43.32 -4.13
N ALA I 175 31.78 44.48 -4.65
CA ALA I 175 32.34 45.01 -5.88
C ALA I 175 33.75 45.53 -5.65
N VAL I 176 34.57 45.43 -6.70
CA VAL I 176 35.91 46.00 -6.70
C VAL I 176 35.94 47.14 -7.71
N LEU I 177 36.70 48.17 -7.40
CA LEU I 177 36.80 49.36 -8.24
C LEU I 177 38.06 49.28 -9.11
N GLN I 178 37.93 49.70 -10.36
CA GLN I 178 39.08 49.73 -11.27
C GLN I 178 38.77 50.70 -12.40
N SER I 179 39.55 51.79 -12.46
CA SER I 179 39.40 52.81 -13.50
C SER I 179 37.96 53.33 -13.59
N ASP I 180 37.43 53.73 -12.43
CA ASP I 180 36.10 54.32 -12.33
C ASP I 180 35.00 53.36 -12.79
N LEU I 181 35.21 52.07 -12.57
CA LEU I 181 34.21 51.06 -12.94
C LEU I 181 34.20 49.97 -11.88
N TYR I 182 33.00 49.53 -11.51
CA TYR I 182 32.81 48.49 -10.52
C TYR I 182 32.50 47.15 -11.19
N THR I 183 32.88 46.08 -10.52
CA THR I 183 32.63 44.73 -11.02
C THR I 183 32.46 43.79 -9.84
N LEU I 184 31.34 43.07 -9.80
CA LEU I 184 31.12 42.05 -8.79
C LEU I 184 30.61 40.78 -9.45
N SER I 185 30.69 39.68 -8.70
CA SER I 185 30.20 38.39 -9.14
C SER I 185 29.32 37.79 -8.06
N SER I 186 28.42 36.91 -8.48
CA SER I 186 27.54 36.21 -7.55
C SER I 186 27.47 34.74 -7.95
N SER I 187 27.64 33.86 -6.96
CA SER I 187 27.55 32.42 -7.18
C SER I 187 26.29 31.87 -6.52
N VAL I 188 25.83 30.75 -7.04
CA VAL I 188 24.69 30.03 -6.47
C VAL I 188 24.93 28.54 -6.66
N THR I 189 24.65 27.77 -5.61
CA THR I 189 24.85 26.33 -5.62
C THR I 189 23.50 25.64 -5.45
N VAL I 190 23.08 24.91 -6.48
CA VAL I 190 21.76 24.28 -6.50
C VAL I 190 21.96 22.79 -6.70
N PRO I 191 20.96 21.97 -6.38
CA PRO I 191 21.07 20.53 -6.65
C PRO I 191 21.27 20.24 -8.14
N SER I 192 21.88 19.09 -8.42
CA SER I 192 22.09 18.69 -9.80
C SER I 192 20.77 18.45 -10.52
N SER I 193 19.71 18.12 -9.78
CA SER I 193 18.39 17.93 -10.38
C SER I 193 17.73 19.25 -10.74
N THR I 194 18.20 20.37 -10.19
CA THR I 194 17.61 21.66 -10.50
C THR I 194 18.16 22.24 -11.79
N TRP I 195 19.47 22.17 -12.00
CA TRP I 195 20.13 22.67 -13.19
C TRP I 195 20.90 21.55 -13.86
N PRO I 196 20.85 21.45 -15.20
CA PRO I 196 20.21 22.37 -16.13
C PRO I 196 18.74 22.09 -16.40
N SER I 197 18.12 21.27 -15.55
CA SER I 197 16.73 20.88 -15.79
C SER I 197 15.79 22.08 -15.77
N GLN I 198 15.87 22.88 -14.72
CA GLN I 198 15.05 24.07 -14.58
C GLN I 198 15.88 25.32 -14.83
N THR I 199 15.19 26.41 -15.16
CA THR I 199 15.87 27.66 -15.48
C THR I 199 16.30 28.38 -14.21
N VAL I 200 17.56 28.84 -14.20
CA VAL I 200 18.09 29.67 -13.14
C VAL I 200 18.45 31.02 -13.76
N THR I 201 17.95 32.10 -13.14
CA THR I 201 18.06 33.44 -13.71
C THR I 201 18.78 34.36 -12.74
N CYS I 202 19.72 35.13 -13.25
CA CYS I 202 20.37 36.19 -12.50
C CYS I 202 19.69 37.51 -12.83
N ASN I 203 19.15 38.18 -11.80
CA ASN I 203 18.44 39.44 -11.96
C ASN I 203 19.29 40.57 -11.41
N VAL I 204 19.68 41.49 -12.28
CA VAL I 204 20.58 42.59 -11.93
C VAL I 204 19.83 43.90 -12.15
N ALA I 205 19.79 44.73 -11.10
CA ALA I 205 19.15 46.04 -11.15
C ALA I 205 20.19 47.12 -10.88
N HIS I 206 20.21 48.14 -11.73
CA HIS I 206 21.11 49.29 -11.58
C HIS I 206 20.27 50.55 -11.69
N PRO I 207 19.71 51.02 -10.58
CA PRO I 207 18.79 52.17 -10.66
C PRO I 207 19.45 53.47 -11.10
N ALA I 208 20.78 53.59 -10.97
CA ALA I 208 21.45 54.80 -11.43
C ALA I 208 21.36 54.95 -12.94
N SER I 209 21.30 53.83 -13.67
CA SER I 209 21.19 53.84 -15.12
C SER I 209 19.82 53.35 -15.60
N SER I 210 18.87 53.16 -14.68
CA SER I 210 17.54 52.66 -15.02
C SER I 210 17.62 51.33 -15.77
N THR I 211 18.45 50.43 -15.25
CA THR I 211 18.78 49.18 -15.92
C THR I 211 18.21 48.01 -15.12
N LYS I 212 17.48 47.12 -15.82
CA LYS I 212 16.99 45.87 -15.25
C LYS I 212 17.24 44.78 -16.28
N VAL I 213 18.23 43.92 -16.01
CA VAL I 213 18.62 42.86 -16.92
C VAL I 213 18.43 41.52 -16.23
N ASP I 214 17.74 40.61 -16.91
CA ASP I 214 17.55 39.24 -16.44
C ASP I 214 18.36 38.31 -17.34
N LYS I 215 19.35 37.63 -16.77
CA LYS I 215 20.27 36.79 -17.52
C LYS I 215 20.11 35.35 -17.07
N LYS I 216 19.54 34.51 -17.93
CA LYS I 216 19.38 33.09 -17.62
C LYS I 216 20.68 32.35 -17.84
N ILE I 217 20.99 31.43 -16.93
CA ILE I 217 22.21 30.62 -17.01
C ILE I 217 21.91 29.44 -17.91
N VAL I 218 22.41 29.49 -19.14
CA VAL I 218 22.14 28.47 -20.15
C VAL I 218 23.39 27.63 -20.33
N PRO I 219 23.27 26.28 -20.41
CA PRO I 219 24.42 25.40 -20.65
C PRO I 219 25.17 25.72 -21.93
N ASP J 1 32.43 67.54 22.21
CA ASP J 1 31.67 66.34 21.87
C ASP J 1 31.98 65.20 22.84
N ILE J 2 30.95 64.43 23.18
CA ILE J 2 31.13 63.27 24.04
C ILE J 2 31.69 62.13 23.19
N VAL J 3 32.82 61.57 23.61
CA VAL J 3 33.49 60.52 22.87
C VAL J 3 32.99 59.18 23.39
N MET J 4 32.31 58.42 22.54
CA MET J 4 31.87 57.07 22.87
C MET J 4 32.93 56.11 22.35
N THR J 5 33.65 55.48 23.27
CA THR J 5 34.83 54.67 22.94
C THR J 5 34.47 53.20 23.09
N GLN J 6 34.37 52.50 21.97
CA GLN J 6 34.26 51.04 21.95
C GLN J 6 35.66 50.48 21.87
N SER J 7 36.18 50.01 23.01
CA SER J 7 37.60 49.67 23.11
C SER J 7 37.97 48.51 22.19
N GLN J 8 37.04 47.63 21.87
CA GLN J 8 37.31 46.48 21.03
C GLN J 8 36.77 46.72 19.62
N LYS J 9 37.62 46.48 18.62
CA LYS J 9 37.17 46.57 17.23
C LYS J 9 36.53 45.28 16.76
N PHE J 10 36.97 44.15 17.30
CA PHE J 10 36.41 42.84 16.96
C PHE J 10 36.21 42.03 18.23
N MET J 11 35.06 41.38 18.34
CA MET J 11 34.74 40.52 19.47
C MET J 11 34.36 39.15 18.93
N SER J 12 35.12 38.13 19.31
CA SER J 12 34.93 36.78 18.80
C SER J 12 34.15 35.93 19.80
N THR J 13 33.44 34.94 19.27
CA THR J 13 32.64 34.01 20.06
C THR J 13 32.29 32.83 19.17
N SER J 14 31.60 31.85 19.75
CA SER J 14 31.16 30.67 19.01
C SER J 14 29.64 30.56 19.10
N VAL J 15 29.06 29.89 18.10
CA VAL J 15 27.61 29.78 18.01
C VAL J 15 27.05 29.16 19.29
N GLY J 16 26.04 29.82 19.86
CA GLY J 16 25.43 29.38 21.10
C GLY J 16 26.03 29.98 22.35
N ASP J 17 27.19 30.61 22.26
CA ASP J 17 27.85 31.17 23.43
C ASP J 17 27.28 32.55 23.75
N ARG J 18 27.91 33.24 24.70
CA ARG J 18 27.46 34.54 25.16
C ARG J 18 28.61 35.54 25.02
N VAL J 19 28.31 36.70 24.44
CA VAL J 19 29.33 37.71 24.16
C VAL J 19 28.88 39.04 24.75
N SER J 20 29.86 39.86 25.13
CA SER J 20 29.61 41.17 25.71
C SER J 20 30.44 42.22 24.99
N VAL J 21 29.83 43.39 24.75
CA VAL J 21 30.49 44.51 24.09
C VAL J 21 30.49 45.68 25.06
N THR J 22 31.65 46.30 25.24
CA THR J 22 31.80 47.45 26.12
C THR J 22 31.77 48.75 25.33
N CYS J 23 31.40 49.83 26.01
CA CYS J 23 31.36 51.15 25.40
C CYS J 23 31.41 52.19 26.52
N LYS J 24 32.45 53.01 26.53
CA LYS J 24 32.67 54.00 27.57
C LYS J 24 32.39 55.40 27.03
N ALA J 25 31.68 56.19 27.83
CA ALA J 25 31.40 57.58 27.47
C ALA J 25 32.42 58.51 28.13
N SER J 26 32.74 59.59 27.41
CA SER J 26 33.73 60.54 27.94
C SER J 26 33.16 61.36 29.09
N GLN J 27 31.85 61.53 29.15
CA GLN J 27 31.19 62.24 30.23
C GLN J 27 30.03 61.40 30.75
N ASN J 28 29.47 61.81 31.88
CA ASN J 28 28.28 61.15 32.41
C ASN J 28 27.10 61.40 31.47
N VAL J 29 26.49 60.32 30.98
CA VAL J 29 25.36 60.40 30.07
C VAL J 29 24.12 59.72 30.66
N GLY J 30 24.13 59.43 31.95
CA GLY J 30 22.98 58.81 32.58
C GLY J 30 22.73 57.44 32.00
N THR J 31 21.47 57.19 31.61
CA THR J 31 21.10 55.99 30.89
C THR J 31 20.60 56.29 29.47
N ASN J 32 20.83 57.51 28.98
CA ASN J 32 20.41 57.90 27.64
C ASN J 32 21.44 57.38 26.63
N VAL J 33 21.44 56.07 26.45
CA VAL J 33 22.37 55.37 25.57
C VAL J 33 21.59 54.37 24.73
N ALA J 34 21.92 54.31 23.44
CA ALA J 34 21.28 53.38 22.52
C ALA J 34 22.31 52.42 21.93
N TRP J 35 21.82 51.27 21.47
CA TRP J 35 22.64 50.28 20.79
C TRP J 35 22.01 49.94 19.45
N TYR J 36 22.85 49.78 18.43
CA TYR J 36 22.38 49.52 17.07
C TYR J 36 23.10 48.31 16.50
N GLN J 37 22.37 47.56 15.68
CA GLN J 37 22.91 46.44 14.91
C GLN J 37 22.87 46.80 13.43
N GLN J 38 23.94 46.47 12.71
CA GLN J 38 24.00 46.71 11.28
C GLN J 38 24.64 45.50 10.60
N LYS J 39 23.81 44.69 9.94
CA LYS J 39 24.29 43.59 9.14
C LYS J 39 24.79 44.11 7.79
N PRO J 40 25.70 43.39 7.13
CA PRO J 40 26.27 43.90 5.88
C PRO J 40 25.21 44.19 4.84
N GLY J 41 25.38 45.33 4.16
CA GLY J 41 24.47 45.76 3.12
C GLY J 41 23.13 46.29 3.59
N GLN J 42 22.86 46.25 4.90
CA GLN J 42 21.58 46.67 5.44
C GLN J 42 21.73 47.97 6.21
N SER J 43 20.60 48.64 6.42
CA SER J 43 20.57 49.83 7.24
C SER J 43 20.67 49.45 8.71
N PRO J 44 21.08 50.39 9.58
CA PRO J 44 21.16 50.09 11.01
C PRO J 44 19.80 49.70 11.58
N LYS J 45 19.83 48.84 12.59
CA LYS J 45 18.63 48.43 13.32
C LYS J 45 18.85 48.73 14.80
N ALA J 46 17.91 49.47 15.39
CA ALA J 46 18.03 49.84 16.79
C ALA J 46 17.68 48.65 17.67
N LEU J 47 18.58 48.32 18.60
CA LEU J 47 18.38 47.21 19.53
C LEU J 47 17.92 47.67 20.91
N ILE J 48 18.65 48.59 21.52
CA ILE J 48 18.42 48.99 22.91
C ILE J 48 18.28 50.50 22.97
N TYR J 49 17.32 50.96 23.77
CA TYR J 49 17.22 52.36 24.15
C TYR J 49 17.15 52.44 25.67
N SER J 50 17.45 53.63 26.20
CA SER J 50 17.47 53.86 27.65
C SER J 50 18.40 52.88 28.35
N ALA J 51 19.53 52.58 27.71
CA ALA J 51 20.59 51.71 28.23
C ALA J 51 20.18 50.24 28.34
N SER J 52 18.91 49.97 28.68
CA SER J 52 18.52 48.60 28.98
C SER J 52 17.17 48.20 28.39
N TYR J 53 16.52 49.04 27.60
CA TYR J 53 15.18 48.78 27.11
C TYR J 53 15.24 48.37 25.64
N ARG J 54 14.63 47.24 25.32
CA ARG J 54 14.65 46.72 23.97
C ARG J 54 13.61 47.39 23.08
N TYR J 55 13.94 47.55 21.81
CA TYR J 55 12.94 47.90 20.83
C TYR J 55 12.06 46.68 20.54
N SER J 56 10.85 46.95 20.05
CA SER J 56 9.93 45.86 19.74
C SER J 56 10.51 44.97 18.65
N GLY J 57 10.35 43.67 18.81
CA GLY J 57 10.88 42.69 17.87
C GLY J 57 12.29 42.24 18.15
N VAL J 58 13.04 42.98 18.96
CA VAL J 58 14.40 42.58 19.34
C VAL J 58 14.32 41.38 20.27
N PRO J 59 14.98 40.28 19.96
CA PRO J 59 14.89 39.10 20.83
C PRO J 59 15.48 39.38 22.21
N ASP J 60 14.96 38.65 23.20
CA ASP J 60 15.43 38.81 24.57
C ASP J 60 16.88 38.38 24.76
N ARG J 61 17.50 37.80 23.73
CA ARG J 61 18.92 37.49 23.79
C ARG J 61 19.78 38.76 23.88
N PHE J 62 19.25 39.89 23.45
CA PHE J 62 19.97 41.16 23.45
C PHE J 62 19.61 41.92 24.73
N THR J 63 20.60 42.09 25.61
CA THR J 63 20.40 42.81 26.86
C THR J 63 21.45 43.91 26.98
N GLY J 64 21.03 45.02 27.57
CA GLY J 64 21.93 46.13 27.82
C GLY J 64 21.90 46.55 29.28
N SER J 65 23.04 47.06 29.74
CA SER J 65 23.16 47.52 31.11
C SER J 65 24.22 48.61 31.17
N GLY J 66 24.31 49.26 32.32
CA GLY J 66 25.25 50.34 32.50
C GLY J 66 24.59 51.66 32.84
N SER J 67 25.32 52.55 33.50
CA SER J 67 24.79 53.85 33.90
C SER J 67 25.95 54.78 34.16
N GLY J 68 25.87 56.00 33.63
CA GLY J 68 26.93 56.96 33.81
C GLY J 68 27.88 57.03 32.63
N THR J 69 28.96 56.25 32.67
CA THR J 69 29.94 56.25 31.60
C THR J 69 30.20 54.85 31.05
N ASP J 70 30.06 53.83 31.88
CA ASP J 70 30.35 52.45 31.51
C ASP J 70 29.07 51.76 31.05
N PHE J 71 29.10 51.23 29.82
CA PHE J 71 27.93 50.60 29.24
C PHE J 71 28.33 49.30 28.55
N THR J 72 27.38 48.37 28.48
CA THR J 72 27.65 47.02 27.99
C THR J 72 26.44 46.50 27.21
N LEU J 73 26.71 45.95 26.02
CA LEU J 73 25.73 45.18 25.27
C LEU J 73 26.11 43.72 25.35
N THR J 74 25.17 42.88 25.76
CA THR J 74 25.39 41.45 25.95
C THR J 74 24.44 40.67 25.06
N ILE J 75 25.00 39.73 24.30
CA ILE J 75 24.20 38.88 23.40
C ILE J 75 24.39 37.44 23.85
N SER J 76 23.31 36.82 24.29
CA SER J 76 23.32 35.42 24.73
C SER J 76 22.77 34.52 23.62
N ASN J 77 23.23 33.27 23.64
CA ASN J 77 22.84 32.29 22.63
C ASN J 77 23.05 32.84 21.22
N VAL J 78 24.28 33.30 20.96
CA VAL J 78 24.58 33.95 19.69
C VAL J 78 24.37 32.96 18.55
N GLN J 79 23.80 33.45 17.46
CA GLN J 79 23.56 32.66 16.27
C GLN J 79 24.29 33.27 15.09
N SER J 80 24.44 32.48 14.03
CA SER J 80 25.19 32.93 12.86
C SER J 80 24.56 34.18 12.24
N GLU J 81 23.25 34.35 12.40
CA GLU J 81 22.59 35.53 11.86
C GLU J 81 22.94 36.79 12.63
N ASP J 82 23.50 36.68 13.83
CA ASP J 82 23.92 37.83 14.60
C ASP J 82 25.23 38.45 14.09
N LEU J 83 25.81 37.92 13.02
CA LEU J 83 27.01 38.50 12.45
C LEU J 83 26.71 39.91 11.93
N ALA J 84 27.29 40.92 12.58
CA ALA J 84 27.02 42.31 12.24
C ALA J 84 27.98 43.18 13.03
N GLU J 85 27.94 44.48 12.74
CA GLU J 85 28.65 45.48 13.53
C GLU J 85 27.67 46.10 14.53
N TYR J 86 28.16 46.38 15.73
CA TYR J 86 27.34 46.86 16.82
C TYR J 86 27.85 48.21 17.30
N PHE J 87 26.99 49.22 17.21
CA PHE J 87 27.33 50.59 17.58
C PHE J 87 26.63 51.00 18.86
N CYS J 88 27.34 51.71 19.73
CA CYS J 88 26.73 52.41 20.84
C CYS J 88 26.59 53.89 20.49
N GLN J 89 25.67 54.55 21.17
CA GLN J 89 25.40 55.96 20.90
C GLN J 89 24.83 56.59 22.16
N GLN J 90 25.22 57.84 22.41
CA GLN J 90 24.63 58.63 23.48
C GLN J 90 23.66 59.64 22.88
N TYR J 91 22.54 59.87 23.57
CA TYR J 91 21.61 60.92 23.20
C TYR J 91 21.24 61.77 24.40
N ASN J 92 22.16 61.87 25.36
CA ASN J 92 21.94 62.73 26.52
C ASN J 92 22.30 64.18 26.22
N ASN J 93 23.35 64.40 25.43
CA ASN J 93 23.81 65.74 25.10
C ASN J 93 24.03 65.85 23.60
N TYR J 94 23.71 67.01 23.05
CA TYR J 94 23.91 67.27 21.63
C TYR J 94 25.30 67.86 21.39
N PRO J 95 25.97 67.47 20.30
CA PRO J 95 25.49 66.58 19.24
C PRO J 95 25.48 65.11 19.62
N LEU J 96 24.60 64.33 18.97
CA LEU J 96 24.58 62.89 19.16
C LEU J 96 25.84 62.27 18.56
N THR J 97 26.49 61.41 19.33
CA THR J 97 27.74 60.79 18.91
C THR J 97 27.64 59.28 19.01
N PHE J 98 28.18 58.59 18.00
CA PHE J 98 28.23 57.14 17.96
C PHE J 98 29.59 56.63 18.39
N GLY J 99 29.62 55.37 18.79
CA GLY J 99 30.88 54.68 18.95
C GLY J 99 31.44 54.24 17.61
N ALA J 100 32.73 53.91 17.60
CA ALA J 100 33.39 53.54 16.36
C ALA J 100 32.82 52.26 15.76
N GLY J 101 32.38 51.33 16.60
CA GLY J 101 31.79 50.09 16.13
C GLY J 101 32.55 48.85 16.52
N THR J 102 31.82 47.77 16.79
CA THR J 102 32.42 46.49 17.18
C THR J 102 31.87 45.40 16.28
N LYS J 103 32.75 44.79 15.48
CA LYS J 103 32.36 43.74 14.55
C LYS J 103 32.39 42.39 15.25
N LEU J 104 31.30 41.64 15.13
CA LEU J 104 31.18 40.34 15.78
C LEU J 104 31.75 39.26 14.86
N GLU J 105 32.74 38.52 15.35
CA GLU J 105 33.28 37.37 14.65
C GLU J 105 32.76 36.09 15.30
N LEU J 106 32.67 35.03 14.49
CA LEU J 106 32.23 33.73 14.95
C LEU J 106 33.33 32.71 14.72
N LYS J 107 33.74 32.02 15.79
CA LYS J 107 34.73 30.97 15.69
C LYS J 107 34.08 29.67 15.24
N ARG J 108 34.87 28.84 14.56
CA ARG J 108 34.37 27.58 14.02
C ARG J 108 35.57 26.74 13.61
N ALA J 109 35.28 25.48 13.26
CA ALA J 109 36.34 24.59 12.81
C ALA J 109 36.78 24.95 11.39
N ASP J 110 38.01 24.57 11.06
CA ASP J 110 38.53 24.82 9.73
C ASP J 110 37.72 24.08 8.68
N ALA J 111 37.70 24.63 7.46
CA ALA J 111 36.93 24.05 6.38
C ALA J 111 37.61 24.36 5.05
N ALA J 112 37.78 23.33 4.23
CA ALA J 112 38.39 23.51 2.93
C ALA J 112 37.39 24.18 1.97
N PRO J 113 37.88 25.01 1.06
CA PRO J 113 36.98 25.69 0.12
C PRO J 113 36.49 24.76 -0.98
N THR J 114 35.35 25.13 -1.54
CA THR J 114 34.81 24.49 -2.73
C THR J 114 35.16 25.36 -3.93
N VAL J 115 36.03 24.87 -4.80
CA VAL J 115 36.61 25.66 -5.88
C VAL J 115 35.87 25.36 -7.17
N SER J 116 35.46 26.43 -7.87
CA SER J 116 34.80 26.33 -9.16
C SER J 116 35.45 27.32 -10.12
N ILE J 117 35.73 26.87 -11.34
CA ILE J 117 36.33 27.71 -12.37
C ILE J 117 35.32 27.90 -13.49
N PHE J 118 35.35 29.08 -14.10
CA PHE J 118 34.40 29.42 -15.16
C PHE J 118 35.10 30.14 -16.30
N PRO J 119 35.08 29.58 -17.50
CA PRO J 119 35.67 30.26 -18.66
C PRO J 119 34.83 31.46 -19.05
N PRO J 120 35.38 32.39 -19.84
CA PRO J 120 34.59 33.55 -20.27
C PRO J 120 33.40 33.14 -21.10
N SER J 121 32.29 33.82 -20.89
CA SER J 121 31.09 33.57 -21.68
C SER J 121 31.28 34.03 -23.13
N SER J 122 30.56 33.39 -24.03
CA SER J 122 30.59 33.83 -25.43
C SER J 122 30.00 35.22 -25.59
N GLU J 123 29.07 35.59 -24.70
CA GLU J 123 28.52 36.95 -24.72
C GLU J 123 29.61 37.98 -24.42
N GLN J 124 30.50 37.68 -23.48
CA GLN J 124 31.57 38.61 -23.15
C GLN J 124 32.60 38.70 -24.27
N LEU J 125 32.86 37.58 -24.94
CA LEU J 125 33.88 37.56 -25.99
C LEU J 125 33.51 38.43 -27.18
N THR J 126 32.22 38.72 -27.38
CA THR J 126 31.82 39.64 -28.43
C THR J 126 32.29 41.07 -28.15
N SER J 127 32.54 41.40 -26.89
CA SER J 127 32.94 42.74 -26.49
C SER J 127 34.45 42.93 -26.50
N GLY J 128 35.22 41.94 -26.96
CA GLY J 128 36.66 42.03 -26.95
C GLY J 128 37.31 41.84 -25.60
N GLY J 129 36.52 41.61 -24.54
CA GLY J 129 37.05 41.33 -23.23
C GLY J 129 36.79 39.89 -22.82
N ALA J 130 37.49 39.47 -21.77
CA ALA J 130 37.37 38.11 -21.28
C ALA J 130 37.77 38.06 -19.81
N SER J 131 36.89 37.50 -18.98
CA SER J 131 37.13 37.36 -17.56
C SER J 131 36.97 35.90 -17.17
N VAL J 132 38.03 35.32 -16.61
CA VAL J 132 37.98 33.96 -16.07
C VAL J 132 37.72 34.08 -14.58
N VAL J 133 36.62 33.49 -14.11
CA VAL J 133 36.16 33.62 -12.74
C VAL J 133 36.40 32.32 -12.00
N CYS J 134 36.94 32.43 -10.78
CA CYS J 134 37.16 31.28 -9.91
C CYS J 134 36.47 31.55 -8.57
N PHE J 135 35.61 30.64 -8.16
CA PHE J 135 34.85 30.78 -6.91
C PHE J 135 35.45 29.86 -5.86
N LEU J 136 35.68 30.40 -4.66
CA LEU J 136 36.21 29.65 -3.52
C LEU J 136 35.22 29.85 -2.38
N ASN J 137 34.32 28.89 -2.20
CA ASN J 137 33.14 29.07 -1.35
C ASN J 137 33.25 28.26 -0.07
N ASN J 138 32.82 28.87 1.04
CA ASN J 138 32.58 28.19 2.31
C ASN J 138 33.85 27.54 2.85
N PHE J 139 34.84 28.38 3.15
CA PHE J 139 36.07 27.94 3.79
C PHE J 139 36.30 28.72 5.07
N TYR J 140 37.17 28.18 5.93
CA TYR J 140 37.56 28.81 7.18
C TYR J 140 38.92 28.25 7.57
N PRO J 141 39.86 29.09 8.03
CA PRO J 141 39.72 30.53 8.27
C PRO J 141 39.77 31.39 7.02
N LYS J 142 39.74 32.71 7.21
CA LYS J 142 39.67 33.64 6.08
C LYS J 142 40.96 33.64 5.26
N ASP J 143 42.09 33.35 5.90
CA ASP J 143 43.36 33.36 5.18
C ASP J 143 43.38 32.29 4.10
N ILE J 144 43.67 32.72 2.87
CA ILE J 144 43.71 31.80 1.72
C ILE J 144 44.53 32.47 0.63
N ASN J 145 45.21 31.64 -0.17
CA ASN J 145 46.01 32.11 -1.29
C ASN J 145 45.50 31.45 -2.57
N VAL J 146 45.34 32.25 -3.62
CA VAL J 146 44.89 31.77 -4.92
C VAL J 146 45.96 32.13 -5.95
N LYS J 147 46.43 31.12 -6.67
CA LYS J 147 47.39 31.30 -7.75
C LYS J 147 46.72 31.01 -9.08
N TRP J 148 46.89 31.92 -10.04
CA TRP J 148 46.39 31.74 -11.39
C TRP J 148 47.53 31.25 -12.27
N LYS J 149 47.30 30.17 -13.02
CA LYS J 149 48.30 29.57 -13.89
C LYS J 149 47.76 29.55 -15.32
N ILE J 150 48.34 30.38 -16.18
CA ILE J 150 48.00 30.41 -17.60
C ILE J 150 49.08 29.65 -18.36
N ASP J 151 48.71 28.49 -18.91
CA ASP J 151 49.66 27.57 -19.54
C ASP J 151 50.78 27.22 -18.58
N GLY J 152 50.41 26.90 -17.33
CA GLY J 152 51.37 26.53 -16.30
C GLY J 152 52.16 27.67 -15.73
N SER J 153 52.12 28.86 -16.33
CA SER J 153 52.85 30.02 -15.85
C SER J 153 51.97 30.83 -14.91
N GLU J 154 52.51 31.16 -13.74
CA GLU J 154 51.75 31.95 -12.78
C GLU J 154 51.60 33.38 -13.29
N ARG J 155 50.37 33.89 -13.25
CA ARG J 155 50.07 35.24 -13.70
C ARG J 155 49.41 36.02 -12.58
N GLN J 156 49.91 37.22 -12.32
CA GLN J 156 49.32 38.11 -11.32
C GLN J 156 48.69 39.36 -11.91
N ASN J 157 49.09 39.76 -13.11
CA ASN J 157 48.53 40.95 -13.74
C ASN J 157 47.09 40.70 -14.14
N GLY J 158 46.22 41.65 -13.79
CA GLY J 158 44.81 41.55 -14.15
C GLY J 158 43.96 40.70 -13.25
N VAL J 159 44.48 40.28 -12.10
CA VAL J 159 43.72 39.47 -11.14
C VAL J 159 43.16 40.39 -10.07
N LEU J 160 41.85 40.31 -9.84
CA LEU J 160 41.18 41.07 -8.81
C LEU J 160 40.41 40.11 -7.90
N ASN J 161 40.50 40.35 -6.60
CA ASN J 161 39.96 39.44 -5.60
C ASN J 161 38.92 40.14 -4.75
N SER J 162 37.97 39.35 -4.24
CA SER J 162 36.89 39.88 -3.41
C SER J 162 36.48 38.82 -2.39
N TRP J 163 36.39 39.21 -1.13
CA TRP J 163 35.99 38.34 -0.05
C TRP J 163 34.59 38.74 0.44
N THR J 164 33.74 37.74 0.68
CA THR J 164 32.50 38.00 1.37
C THR J 164 32.77 38.21 2.85
N ASP J 165 31.77 38.74 3.55
CA ASP J 165 31.82 38.74 5.00
C ASP J 165 31.43 37.35 5.51
N GLN J 166 31.60 37.15 6.82
CA GLN J 166 31.33 35.85 7.42
C GLN J 166 29.90 35.43 7.14
N ASP J 167 29.73 34.23 6.58
CA ASP J 167 28.43 33.77 6.13
C ASP J 167 27.46 33.67 7.30
N SER J 168 26.27 34.23 7.12
CA SER J 168 25.25 34.28 8.16
C SER J 168 24.61 32.91 8.45
N LYS J 169 25.09 31.83 7.85
CA LYS J 169 24.52 30.50 8.08
C LYS J 169 25.52 29.54 8.70
N ASP J 170 26.72 29.42 8.14
CA ASP J 170 27.73 28.49 8.64
C ASP J 170 29.00 29.18 9.10
N SER J 171 29.03 30.51 9.13
CA SER J 171 30.15 31.31 9.63
C SER J 171 31.43 31.11 8.83
N THR J 172 31.33 30.62 7.60
CA THR J 172 32.49 30.45 6.75
C THR J 172 32.71 31.70 5.90
N TYR J 173 33.81 31.71 5.15
CA TYR J 173 34.12 32.78 4.22
C TYR J 173 34.10 32.25 2.79
N SER J 174 33.88 33.17 1.86
CA SER J 174 33.92 32.87 0.44
C SER J 174 34.72 33.95 -0.28
N MET J 175 35.30 33.58 -1.41
CA MET J 175 36.14 34.51 -2.16
C MET J 175 36.01 34.22 -3.65
N SER J 176 35.88 35.28 -4.45
CA SER J 176 35.83 35.19 -5.89
C SER J 176 37.09 35.85 -6.47
N SER J 177 37.85 35.08 -7.23
CA SER J 177 39.04 35.58 -7.91
C SER J 177 38.76 35.65 -9.40
N THR J 178 38.95 36.83 -9.99
CA THR J 178 38.64 37.06 -11.39
C THR J 178 39.88 37.53 -12.12
N LEU J 179 40.28 36.79 -13.15
CA LEU J 179 41.38 37.16 -14.02
C LEU J 179 40.80 37.76 -15.29
N THR J 180 41.05 39.05 -15.51
CA THR J 180 40.50 39.80 -16.63
C THR J 180 41.61 40.14 -17.61
N LEU J 181 41.44 39.74 -18.86
CA LEU J 181 42.39 40.01 -19.93
C LEU J 181 41.63 40.32 -21.20
N THR J 182 42.36 40.74 -22.23
CA THR J 182 41.74 41.02 -23.52
C THR J 182 41.40 39.71 -24.24
N LYS J 183 40.49 39.80 -25.20
CA LYS J 183 40.12 38.64 -25.99
C LYS J 183 41.32 38.09 -26.75
N ASP J 184 42.17 38.98 -27.26
CA ASP J 184 43.39 38.53 -27.93
C ASP J 184 44.30 37.79 -26.98
N GLU J 185 44.52 38.35 -25.78
CA GLU J 185 45.34 37.69 -24.78
C GLU J 185 44.69 36.39 -24.29
N TYR J 186 43.36 36.31 -24.32
CA TYR J 186 42.68 35.09 -23.91
C TYR J 186 42.97 33.95 -24.88
N GLU J 187 42.72 34.17 -26.16
CA GLU J 187 42.85 33.13 -27.17
C GLU J 187 44.30 32.86 -27.56
N ARG J 188 45.26 33.53 -26.93
CA ARG J 188 46.68 33.23 -27.13
C ARG J 188 47.17 32.12 -26.20
N HIS J 189 46.34 31.67 -25.27
CA HIS J 189 46.69 30.61 -24.34
C HIS J 189 45.61 29.54 -24.35
N ASN J 190 45.87 28.46 -23.63
CA ASN J 190 44.96 27.31 -23.65
C ASN J 190 44.61 26.84 -22.24
N SER J 191 45.63 26.58 -21.42
CA SER J 191 45.42 26.04 -20.08
C SER J 191 45.23 27.17 -19.09
N TYR J 192 44.04 27.25 -18.49
CA TYR J 192 43.73 28.22 -17.46
C TYR J 192 43.43 27.46 -16.17
N THR J 193 44.22 27.74 -15.13
CA THR J 193 44.18 26.98 -13.89
C THR J 193 43.98 27.91 -12.70
N CYS J 194 43.14 27.47 -11.76
CA CYS J 194 42.91 28.17 -10.49
C CYS J 194 43.37 27.26 -9.36
N GLU J 195 44.40 27.70 -8.63
CA GLU J 195 44.97 26.94 -7.53
C GLU J 195 44.68 27.65 -6.22
N ALA J 196 44.23 26.89 -5.22
CA ALA J 196 43.85 27.43 -3.92
C ALA J 196 44.69 26.78 -2.84
N THR J 197 45.47 27.58 -2.12
CA THR J 197 46.29 27.11 -1.01
C THR J 197 45.66 27.54 0.29
N HIS J 198 45.32 26.56 1.13
CA HIS J 198 44.65 26.78 2.40
C HIS J 198 45.36 25.98 3.49
N LYS J 199 45.17 26.39 4.74
CA LYS J 199 45.78 25.66 5.85
C LYS J 199 45.15 24.29 6.08
N THR J 200 44.04 23.98 5.40
CA THR J 200 43.38 22.70 5.56
C THR J 200 44.10 21.56 4.85
N SER J 201 45.09 21.87 4.02
CA SER J 201 45.85 20.83 3.31
C SER J 201 47.12 21.46 2.73
N THR J 202 48.18 20.67 2.68
CA THR J 202 49.44 21.16 2.11
C THR J 202 49.36 21.24 0.59
N SER J 203 48.67 20.30 -0.04
CA SER J 203 48.53 20.32 -1.49
C SER J 203 47.38 21.24 -1.88
N PRO J 204 47.58 22.14 -2.84
CA PRO J 204 46.50 23.06 -3.22
C PRO J 204 45.41 22.35 -4.00
N ILE J 205 44.18 22.84 -3.82
CA ILE J 205 43.05 22.34 -4.60
C ILE J 205 43.10 22.98 -5.98
N VAL J 206 43.23 22.15 -7.01
CA VAL J 206 43.48 22.62 -8.37
C VAL J 206 42.20 22.45 -9.19
N LYS J 207 41.70 23.56 -9.72
CA LYS J 207 40.61 23.56 -10.68
C LYS J 207 41.07 24.27 -11.94
N SER J 208 40.87 23.65 -13.09
CA SER J 208 41.42 24.17 -14.33
C SER J 208 40.51 23.80 -15.50
N PHE J 209 40.78 24.43 -16.64
CA PHE J 209 40.09 24.11 -17.88
C PHE J 209 41.00 24.45 -19.06
N ASN J 210 40.67 23.88 -20.21
CA ASN J 210 41.39 24.14 -21.45
C ASN J 210 40.45 24.77 -22.46
N ARG J 211 41.00 25.65 -23.29
CA ARG J 211 40.19 26.31 -24.32
C ARG J 211 39.75 25.32 -25.39
N ASN J 212 40.73 24.69 -26.05
CA ASN J 212 40.52 23.70 -27.11
C ASN J 212 39.34 24.02 -28.04
N GLN K 1 -66.22 -40.21 -12.18
CA GLN K 1 -65.18 -39.69 -13.06
C GLN K 1 -63.90 -40.51 -12.95
N VAL K 2 -63.05 -40.40 -13.98
CA VAL K 2 -61.78 -41.13 -13.98
C VAL K 2 -60.83 -40.48 -12.98
N GLN K 3 -60.27 -41.27 -12.08
CA GLN K 3 -59.40 -40.76 -11.04
C GLN K 3 -58.25 -41.72 -10.79
N LEU K 4 -57.09 -41.15 -10.44
CA LEU K 4 -55.93 -41.92 -10.00
C LEU K 4 -55.48 -41.36 -8.66
N GLN K 5 -55.57 -42.18 -7.61
CA GLN K 5 -55.32 -41.74 -6.24
C GLN K 5 -53.97 -42.27 -5.78
N GLN K 6 -53.02 -41.36 -5.56
CA GLN K 6 -51.73 -41.63 -4.97
C GLN K 6 -51.63 -40.96 -3.61
N PRO K 7 -50.92 -41.57 -2.66
CA PRO K 7 -50.68 -40.89 -1.38
C PRO K 7 -49.78 -39.67 -1.58
N GLY K 8 -49.84 -38.76 -0.60
CA GLY K 8 -49.13 -37.50 -0.74
C GLY K 8 -47.63 -37.65 -0.64
N ALA K 9 -47.16 -38.30 0.43
CA ALA K 9 -45.73 -38.38 0.70
C ALA K 9 -45.38 -39.76 1.26
N GLU K 10 -44.11 -40.11 1.13
CA GLU K 10 -43.57 -41.35 1.68
C GLU K 10 -42.15 -41.08 2.16
N LEU K 11 -41.91 -41.25 3.46
CA LEU K 11 -40.59 -41.09 4.05
C LEU K 11 -39.96 -42.47 4.20
N VAL K 12 -38.75 -42.63 3.66
CA VAL K 12 -38.09 -43.93 3.60
C VAL K 12 -36.62 -43.77 3.95
N LYS K 13 -36.10 -44.71 4.73
CA LYS K 13 -34.70 -44.72 5.14
C LYS K 13 -33.80 -45.16 3.99
N PRO K 14 -32.57 -44.63 3.93
CA PRO K 14 -31.64 -45.04 2.86
C PRO K 14 -31.34 -46.53 2.94
N GLY K 15 -31.55 -47.22 1.82
CA GLY K 15 -31.33 -48.65 1.73
C GLY K 15 -32.58 -49.48 1.84
N ALA K 16 -33.68 -48.90 2.30
CA ALA K 16 -34.93 -49.63 2.46
C ALA K 16 -35.74 -49.59 1.16
N SER K 17 -36.95 -50.14 1.21
CA SER K 17 -37.79 -50.27 0.04
C SER K 17 -39.19 -49.76 0.37
N VAL K 18 -39.86 -49.21 -0.65
CA VAL K 18 -41.22 -48.69 -0.52
C VAL K 18 -42.02 -49.09 -1.74
N LYS K 19 -43.35 -49.16 -1.57
CA LYS K 19 -44.27 -49.50 -2.64
C LYS K 19 -45.27 -48.36 -2.80
N VAL K 20 -45.13 -47.60 -3.88
CA VAL K 20 -46.04 -46.50 -4.17
C VAL K 20 -47.29 -47.04 -4.84
N SER K 21 -48.45 -46.71 -4.31
CA SER K 21 -49.72 -47.20 -4.82
C SER K 21 -50.38 -46.15 -5.72
N CYS K 22 -51.20 -46.64 -6.64
CA CYS K 22 -51.97 -45.79 -7.55
C CYS K 22 -53.33 -46.46 -7.76
N LYS K 23 -54.33 -46.02 -7.01
CA LYS K 23 -55.65 -46.63 -7.04
C LYS K 23 -56.49 -45.97 -8.14
N ALA K 24 -56.98 -46.78 -9.08
CA ALA K 24 -57.74 -46.30 -10.21
C ALA K 24 -59.23 -46.56 -10.00
N SER K 25 -60.06 -45.60 -10.42
CA SER K 25 -61.50 -45.73 -10.30
C SER K 25 -62.16 -44.97 -11.44
N GLY K 26 -63.40 -45.38 -11.76
CA GLY K 26 -64.18 -44.73 -12.77
C GLY K 26 -64.02 -45.26 -14.17
N TYR K 27 -63.09 -46.19 -14.39
CA TYR K 27 -62.88 -46.76 -15.72
C TYR K 27 -62.49 -48.24 -15.55
N THR K 28 -62.34 -48.92 -16.68
CA THR K 28 -61.94 -50.32 -16.67
C THR K 28 -60.43 -50.39 -16.51
N PHE K 29 -59.97 -50.86 -15.34
CA PHE K 29 -58.57 -50.84 -14.98
C PHE K 29 -57.70 -51.56 -16.02
N THR K 30 -58.20 -52.64 -16.59
CA THR K 30 -57.41 -53.53 -17.43
C THR K 30 -57.43 -53.15 -18.92
N ASN K 31 -57.91 -51.95 -19.26
CA ASN K 31 -58.04 -51.56 -20.65
C ASN K 31 -57.01 -50.53 -21.11
N TYR K 32 -56.15 -50.04 -20.20
CA TYR K 32 -55.24 -48.97 -20.55
C TYR K 32 -53.91 -49.16 -19.85
N TRP K 33 -52.83 -48.81 -20.56
CA TRP K 33 -51.49 -48.88 -19.98
C TRP K 33 -51.37 -47.89 -18.83
N MET K 34 -50.71 -48.32 -17.76
CA MET K 34 -50.43 -47.47 -16.60
C MET K 34 -48.97 -47.05 -16.67
N TYR K 35 -48.73 -45.76 -16.89
CA TYR K 35 -47.39 -45.23 -17.02
C TYR K 35 -46.90 -44.69 -15.69
N TRP K 36 -45.58 -44.67 -15.51
CA TRP K 36 -44.94 -44.19 -14.30
C TRP K 36 -43.82 -43.22 -14.67
N VAL K 37 -43.83 -42.05 -14.04
CA VAL K 37 -42.87 -40.99 -14.34
C VAL K 37 -42.23 -40.52 -13.04
N LYS K 38 -40.92 -40.34 -13.06
CA LYS K 38 -40.15 -39.83 -11.93
C LYS K 38 -39.69 -38.41 -12.22
N GLN K 39 -39.85 -37.53 -11.23
CA GLN K 39 -39.39 -36.15 -11.35
C GLN K 39 -38.68 -35.76 -10.06
N ARG K 40 -37.37 -35.53 -10.16
CA ARG K 40 -36.60 -35.07 -9.02
C ARG K 40 -36.80 -33.57 -8.81
N PRO K 41 -36.62 -33.09 -7.58
CA PRO K 41 -36.85 -31.66 -7.29
C PRO K 41 -35.95 -30.77 -8.15
N GLY K 42 -36.58 -29.86 -8.89
CA GLY K 42 -35.88 -28.93 -9.74
C GLY K 42 -35.60 -29.44 -11.14
N GLN K 43 -35.51 -30.75 -11.31
CA GLN K 43 -35.19 -31.35 -12.60
C GLN K 43 -36.50 -31.74 -13.31
N GLY K 44 -36.40 -32.18 -14.55
CA GLY K 44 -37.55 -32.52 -15.36
C GLY K 44 -37.99 -33.97 -15.21
N LEU K 45 -38.64 -34.47 -16.26
CA LEU K 45 -39.32 -35.76 -16.23
C LEU K 45 -38.47 -36.85 -16.87
N GLU K 46 -38.61 -38.07 -16.34
CA GLU K 46 -38.00 -39.25 -16.93
C GLU K 46 -38.97 -40.42 -16.80
N TRP K 47 -39.02 -41.24 -17.84
CA TRP K 47 -39.96 -42.35 -17.90
C TRP K 47 -39.37 -43.58 -17.23
N ILE K 48 -40.12 -44.15 -16.28
CA ILE K 48 -39.69 -45.37 -15.59
C ILE K 48 -40.14 -46.61 -16.35
N GLY K 49 -41.42 -46.70 -16.63
CA GLY K 49 -41.96 -47.88 -17.29
C GLY K 49 -43.47 -47.80 -17.36
N ARG K 50 -44.04 -48.81 -17.99
CA ARG K 50 -45.49 -48.94 -18.10
C ARG K 50 -45.87 -50.40 -17.92
N ILE K 51 -47.09 -50.63 -17.43
CA ILE K 51 -47.60 -51.98 -17.20
C ILE K 51 -49.06 -52.00 -17.61
N HIS K 52 -49.45 -53.05 -18.35
CA HIS K 52 -50.84 -53.24 -18.73
C HIS K 52 -51.52 -54.11 -17.68
N PRO K 53 -52.49 -53.60 -16.93
CA PRO K 53 -53.08 -54.39 -15.84
C PRO K 53 -53.81 -55.65 -16.30
N SER K 54 -54.12 -55.79 -17.60
CA SER K 54 -54.85 -56.95 -18.06
C SER K 54 -54.02 -58.23 -17.89
N ASP K 55 -52.75 -58.20 -18.29
CA ASP K 55 -51.88 -59.36 -18.18
C ASP K 55 -50.55 -59.02 -17.53
N SER K 56 -50.41 -57.84 -16.91
CA SER K 56 -49.19 -57.40 -16.24
C SER K 56 -47.99 -57.35 -17.18
N ASP K 57 -48.23 -57.23 -18.48
CA ASP K 57 -47.14 -57.02 -19.42
C ASP K 57 -46.46 -55.69 -19.11
N THR K 58 -45.13 -55.70 -19.10
CA THR K 58 -44.36 -54.54 -18.67
C THR K 58 -43.40 -54.09 -19.76
N ASN K 59 -43.09 -52.79 -19.73
CA ASN K 59 -42.07 -52.18 -20.58
C ASN K 59 -41.23 -51.29 -19.68
N TYR K 60 -40.04 -51.76 -19.29
CA TYR K 60 -39.19 -51.03 -18.36
C TYR K 60 -38.16 -50.19 -19.09
N ASN K 61 -37.72 -49.12 -18.44
CA ASN K 61 -36.56 -48.36 -18.87
C ASN K 61 -35.34 -48.94 -18.14
N GLN K 62 -34.25 -49.12 -18.89
CA GLN K 62 -33.11 -49.87 -18.37
C GLN K 62 -32.56 -49.25 -17.09
N LYS K 63 -32.62 -47.93 -16.97
CA LYS K 63 -32.09 -47.27 -15.78
C LYS K 63 -32.78 -47.74 -14.51
N PHE K 64 -34.03 -48.21 -14.62
CA PHE K 64 -34.81 -48.65 -13.47
C PHE K 64 -35.13 -50.15 -13.53
N LYS K 65 -34.34 -50.93 -14.27
CA LYS K 65 -34.64 -52.34 -14.44
C LYS K 65 -34.61 -53.08 -13.11
N GLY K 66 -33.51 -52.97 -12.38
CA GLY K 66 -33.41 -53.57 -11.07
C GLY K 66 -33.89 -52.71 -9.92
N LYS K 67 -34.33 -51.48 -10.21
CA LYS K 67 -34.73 -50.53 -9.18
C LYS K 67 -36.24 -50.45 -9.01
N ALA K 68 -36.99 -50.38 -10.10
CA ALA K 68 -38.44 -50.24 -10.06
C ALA K 68 -39.10 -51.53 -10.53
N THR K 69 -40.09 -51.99 -9.78
CA THR K 69 -40.83 -53.22 -10.10
C THR K 69 -42.32 -52.89 -10.10
N LEU K 70 -42.96 -53.05 -11.25
CA LEU K 70 -44.35 -52.67 -11.44
C LEU K 70 -45.26 -53.90 -11.28
N THR K 71 -46.32 -53.74 -10.50
CA THR K 71 -47.32 -54.79 -10.30
C THR K 71 -48.70 -54.15 -10.30
N VAL K 72 -49.72 -55.01 -10.33
CA VAL K 72 -51.11 -54.58 -10.23
C VAL K 72 -51.89 -55.56 -9.36
N ASP K 73 -52.92 -55.04 -8.69
CA ASP K 73 -53.85 -55.84 -7.90
C ASP K 73 -55.22 -55.62 -8.53
N LYS K 74 -55.66 -56.58 -9.36
CA LYS K 74 -56.91 -56.39 -10.09
C LYS K 74 -58.14 -56.46 -9.19
N SER K 75 -58.03 -57.11 -8.04
CA SER K 75 -59.16 -57.16 -7.10
C SER K 75 -59.45 -55.80 -6.47
N SER K 76 -58.50 -54.87 -6.54
CA SER K 76 -58.68 -53.55 -5.97
C SER K 76 -58.45 -52.42 -6.97
N SER K 77 -58.16 -52.73 -8.23
CA SER K 77 -57.94 -51.73 -9.28
C SER K 77 -56.82 -50.76 -8.89
N THR K 78 -55.76 -51.29 -8.30
CA THR K 78 -54.64 -50.49 -7.81
C THR K 78 -53.36 -50.97 -8.46
N ALA K 79 -52.56 -50.03 -8.96
CA ALA K 79 -51.25 -50.32 -9.51
C ALA K 79 -50.18 -49.93 -8.51
N TYR K 80 -49.13 -50.75 -8.42
CA TYR K 80 -48.05 -50.54 -7.47
C TYR K 80 -46.71 -50.43 -8.19
N MET K 81 -45.81 -49.65 -7.61
CA MET K 81 -44.43 -49.57 -8.08
C MET K 81 -43.52 -49.79 -6.89
N GLN K 82 -42.66 -50.81 -6.98
CA GLN K 82 -41.76 -51.19 -5.91
C GLN K 82 -40.37 -50.63 -6.20
N LEU K 83 -39.84 -49.83 -5.29
CA LEU K 83 -38.49 -49.29 -5.38
C LEU K 83 -37.62 -49.97 -4.34
N SER K 84 -36.43 -50.44 -4.76
CA SER K 84 -35.56 -51.23 -3.90
C SER K 84 -34.25 -50.51 -3.67
N SER K 85 -33.64 -50.80 -2.50
CA SER K 85 -32.34 -50.25 -2.10
C SER K 85 -32.26 -48.75 -2.37
N LEU K 86 -33.05 -47.97 -1.66
CA LEU K 86 -33.22 -46.56 -2.01
C LEU K 86 -31.98 -45.75 -1.63
N THR K 87 -31.52 -44.93 -2.57
CA THR K 87 -30.46 -43.96 -2.36
C THR K 87 -31.04 -42.56 -2.50
N SER K 88 -30.16 -41.55 -2.44
CA SER K 88 -30.61 -40.18 -2.60
C SER K 88 -31.07 -39.90 -4.03
N GLU K 89 -30.56 -40.67 -5.00
CA GLU K 89 -30.96 -40.49 -6.39
C GLU K 89 -32.44 -40.82 -6.60
N ASP K 90 -33.05 -41.60 -5.71
CA ASP K 90 -34.45 -41.97 -5.84
C ASP K 90 -35.39 -41.06 -5.06
N SER K 91 -34.87 -40.00 -4.44
CA SER K 91 -35.70 -39.05 -3.70
C SER K 91 -36.34 -38.10 -4.70
N ALA K 92 -37.62 -38.31 -5.00
CA ALA K 92 -38.28 -37.57 -6.06
C ALA K 92 -39.79 -37.68 -5.91
N VAL K 93 -40.52 -37.13 -6.88
CA VAL K 93 -41.96 -37.28 -7.01
C VAL K 93 -42.22 -38.31 -8.09
N TYR K 94 -43.16 -39.22 -7.82
CA TYR K 94 -43.46 -40.31 -8.74
C TYR K 94 -44.92 -40.26 -9.13
N TYR K 95 -45.18 -40.11 -10.43
CA TYR K 95 -46.53 -39.99 -10.97
C TYR K 95 -46.95 -41.30 -11.63
N CYS K 96 -48.23 -41.62 -11.51
CA CYS K 96 -48.90 -42.62 -12.33
C CYS K 96 -49.86 -41.91 -13.27
N ALA K 97 -49.91 -42.35 -14.53
CA ALA K 97 -50.71 -41.65 -15.52
C ALA K 97 -51.23 -42.63 -16.56
N ILE K 98 -52.41 -42.32 -17.11
CA ILE K 98 -52.99 -43.08 -18.20
C ILE K 98 -53.48 -42.10 -19.26
N GLU K 99 -53.62 -42.62 -20.48
CA GLU K 99 -54.17 -41.87 -21.60
C GLU K 99 -55.33 -42.67 -22.19
N ILE K 100 -56.49 -42.03 -22.28
CA ILE K 100 -57.71 -42.70 -22.76
C ILE K 100 -58.14 -42.03 -24.06
N TYR K 101 -58.22 -42.82 -25.12
CA TYR K 101 -58.86 -42.42 -26.36
C TYR K 101 -60.14 -43.23 -26.50
N ASP K 102 -61.28 -42.54 -26.53
CA ASP K 102 -62.59 -43.18 -26.52
C ASP K 102 -63.20 -43.30 -27.90
N GLY K 103 -62.42 -43.07 -28.96
CA GLY K 103 -62.96 -42.99 -30.30
C GLY K 103 -63.36 -41.60 -30.73
N TYR K 104 -63.45 -40.66 -29.80
CA TYR K 104 -63.80 -39.27 -30.09
C TYR K 104 -62.74 -38.29 -29.62
N ASN K 105 -62.25 -38.43 -28.39
CA ASN K 105 -61.28 -37.52 -27.83
C ASN K 105 -60.18 -38.31 -27.13
N THR K 106 -59.06 -37.63 -26.89
CA THR K 106 -57.92 -38.21 -26.18
C THR K 106 -57.69 -37.41 -24.91
N MET K 107 -57.80 -38.07 -23.77
CA MET K 107 -57.64 -37.43 -22.47
C MET K 107 -56.55 -38.12 -21.67
N ASP K 108 -55.76 -37.32 -20.97
CA ASP K 108 -54.74 -37.82 -20.05
C ASP K 108 -55.23 -37.64 -18.62
N TYR K 109 -54.89 -38.61 -17.77
CA TYR K 109 -55.25 -38.56 -16.36
C TYR K 109 -54.02 -38.88 -15.53
N TRP K 110 -53.72 -38.03 -14.57
CA TRP K 110 -52.53 -38.15 -13.74
C TRP K 110 -52.92 -38.24 -12.28
N GLY K 111 -52.20 -39.07 -11.53
CA GLY K 111 -52.26 -38.99 -10.09
C GLY K 111 -51.59 -37.72 -9.59
N GLN K 112 -51.87 -37.37 -8.33
CA GLN K 112 -51.29 -36.17 -7.75
C GLN K 112 -49.78 -36.26 -7.63
N GLY K 113 -49.22 -37.46 -7.60
CA GLY K 113 -47.80 -37.64 -7.42
C GLY K 113 -47.45 -37.90 -5.96
N THR K 114 -46.65 -38.92 -5.70
CA THR K 114 -46.20 -39.25 -4.36
C THR K 114 -44.77 -38.77 -4.19
N SER K 115 -44.56 -37.86 -3.23
CA SER K 115 -43.22 -37.35 -2.94
C SER K 115 -42.50 -38.37 -2.07
N VAL K 116 -41.54 -39.07 -2.65
CA VAL K 116 -40.71 -40.02 -1.92
C VAL K 116 -39.45 -39.30 -1.47
N THR K 117 -39.28 -39.24 -0.15
CA THR K 117 -38.09 -38.59 0.45
C THR K 117 -37.27 -39.69 1.14
N VAL K 118 -36.16 -40.09 0.51
CA VAL K 118 -35.30 -41.16 1.11
C VAL K 118 -34.30 -40.44 2.02
N SER K 119 -34.52 -40.55 3.33
CA SER K 119 -33.64 -39.88 4.32
C SER K 119 -33.75 -40.61 5.64
N SER K 120 -32.82 -40.33 6.54
CA SER K 120 -32.81 -40.96 7.85
C SER K 120 -33.50 -40.13 8.92
N ALA K 121 -33.83 -38.87 8.62
CA ALA K 121 -34.48 -38.01 9.59
C ALA K 121 -35.90 -38.50 9.86
N LYS K 122 -36.52 -37.91 10.88
CA LYS K 122 -37.84 -38.31 11.33
C LYS K 122 -38.90 -37.31 10.88
N THR K 123 -40.14 -37.81 10.77
CA THR K 123 -41.27 -36.95 10.44
C THR K 123 -41.42 -35.87 11.52
N THR K 124 -41.80 -34.67 11.09
CA THR K 124 -42.04 -33.60 12.05
C THR K 124 -43.18 -32.72 11.57
N PRO K 125 -44.24 -32.55 12.35
CA PRO K 125 -45.35 -31.71 11.93
C PRO K 125 -44.97 -30.24 12.00
N PRO K 126 -45.63 -29.39 11.22
CA PRO K 126 -45.25 -27.98 11.20
C PRO K 126 -45.84 -27.19 12.35
N SER K 127 -45.13 -26.13 12.73
CA SER K 127 -45.62 -25.13 13.66
C SER K 127 -46.18 -23.97 12.85
N VAL K 128 -47.48 -23.73 12.97
CA VAL K 128 -48.17 -22.72 12.18
C VAL K 128 -48.34 -21.48 13.04
N TYR K 129 -47.64 -20.40 12.68
CA TYR K 129 -47.67 -19.16 13.42
C TYR K 129 -48.38 -18.06 12.63
N PRO K 130 -49.18 -17.23 13.28
CA PRO K 130 -49.86 -16.15 12.57
C PRO K 130 -48.99 -14.92 12.41
N LEU K 131 -49.21 -14.21 11.31
CA LEU K 131 -48.53 -12.95 11.03
C LEU K 131 -49.60 -11.88 10.83
N ALA K 132 -49.82 -11.07 11.86
CA ALA K 132 -50.81 -10.00 11.82
C ALA K 132 -50.13 -8.65 11.95
N PRO K 133 -50.62 -7.62 11.26
CA PRO K 133 -49.99 -6.31 11.35
C PRO K 133 -50.32 -5.61 12.65
N GLY K 134 -49.36 -4.82 13.12
CA GLY K 134 -49.52 -4.06 14.35
C GLY K 134 -50.31 -2.78 14.16
N ASN K 140 -54.35 1.71 5.39
CA ASN K 140 -54.50 1.74 3.93
C ASN K 140 -55.77 1.01 3.49
N SER K 141 -56.10 1.13 2.21
CA SER K 141 -57.26 0.43 1.67
C SER K 141 -57.02 -1.07 1.58
N MET K 142 -55.77 -1.51 1.62
CA MET K 142 -55.42 -2.93 1.60
C MET K 142 -54.59 -3.26 2.83
N VAL K 143 -54.63 -4.53 3.23
CA VAL K 143 -53.86 -5.02 4.37
C VAL K 143 -53.28 -6.37 4.01
N THR K 144 -52.02 -6.59 4.38
CA THR K 144 -51.31 -7.83 4.09
C THR K 144 -51.21 -8.66 5.36
N LEU K 145 -51.70 -9.90 5.30
CA LEU K 145 -51.58 -10.86 6.38
C LEU K 145 -50.61 -11.96 5.96
N GLY K 146 -50.14 -12.74 6.95
CA GLY K 146 -49.15 -13.75 6.69
C GLY K 146 -49.37 -14.99 7.54
N CYS K 147 -48.63 -16.04 7.20
CA CYS K 147 -48.72 -17.32 7.89
C CYS K 147 -47.36 -18.00 7.78
N LEU K 148 -46.79 -18.37 8.94
CA LEU K 148 -45.48 -18.99 9.00
C LEU K 148 -45.65 -20.48 9.30
N VAL K 149 -45.21 -21.31 8.37
CA VAL K 149 -45.27 -22.77 8.48
C VAL K 149 -43.83 -23.24 8.70
N LYS K 150 -43.46 -23.50 9.95
CA LYS K 150 -42.07 -23.64 10.34
C LYS K 150 -41.77 -25.06 10.84
N GLY K 151 -40.59 -25.56 10.47
CA GLY K 151 -40.00 -26.73 11.09
C GLY K 151 -40.73 -28.04 10.87
N TYR K 152 -41.01 -28.39 9.62
CA TYR K 152 -41.66 -29.65 9.31
C TYR K 152 -40.77 -30.50 8.41
N PHE K 153 -41.09 -31.79 8.35
CA PHE K 153 -40.37 -32.76 7.55
C PHE K 153 -41.20 -34.03 7.44
N PRO K 154 -41.30 -34.65 6.25
CA PRO K 154 -40.71 -34.15 5.02
C PRO K 154 -41.69 -33.29 4.22
N GLU K 155 -41.33 -33.01 2.97
CA GLU K 155 -42.24 -32.32 2.07
C GLU K 155 -43.37 -33.27 1.67
N PRO K 156 -44.53 -32.71 1.28
CA PRO K 156 -44.86 -31.29 1.25
C PRO K 156 -45.90 -30.89 2.30
N VAL K 157 -46.27 -29.61 2.29
CA VAL K 157 -47.44 -29.13 3.01
C VAL K 157 -48.30 -28.32 2.06
N THR K 158 -49.60 -28.38 2.26
CA THR K 158 -50.55 -27.58 1.48
C THR K 158 -51.04 -26.43 2.34
N VAL K 159 -50.99 -25.22 1.80
CA VAL K 159 -51.43 -24.03 2.49
C VAL K 159 -52.55 -23.38 1.67
N THR K 160 -53.69 -23.15 2.32
CA THR K 160 -54.82 -22.45 1.73
C THR K 160 -55.26 -21.34 2.68
N TRP K 161 -56.11 -20.46 2.17
CA TRP K 161 -56.69 -19.37 2.95
C TRP K 161 -58.20 -19.47 2.87
N ASN K 162 -58.85 -19.55 4.04
CA ASN K 162 -60.30 -19.68 4.14
C ASN K 162 -60.81 -20.89 3.36
N SER K 163 -60.11 -22.01 3.51
CA SER K 163 -60.49 -23.27 2.88
C SER K 163 -60.58 -23.14 1.36
N GLY K 164 -59.70 -22.34 0.78
CA GLY K 164 -59.67 -22.12 -0.65
C GLY K 164 -60.57 -21.02 -1.15
N SER K 165 -61.45 -20.47 -0.29
CA SER K 165 -62.30 -19.37 -0.70
C SER K 165 -61.50 -18.10 -0.98
N LEU K 166 -60.32 -17.96 -0.40
CA LEU K 166 -59.44 -16.82 -0.62
C LEU K 166 -58.26 -17.30 -1.47
N SER K 167 -58.29 -16.98 -2.76
CA SER K 167 -57.24 -17.37 -3.68
C SER K 167 -56.54 -16.21 -4.37
N SER K 168 -57.19 -15.05 -4.48
CA SER K 168 -56.55 -13.89 -5.07
C SER K 168 -55.69 -13.17 -4.04
N GLY K 169 -54.60 -12.57 -4.52
CA GLY K 169 -53.70 -11.84 -3.65
C GLY K 169 -52.86 -12.69 -2.73
N VAL K 170 -52.75 -14.00 -2.98
CA VAL K 170 -52.00 -14.91 -2.16
C VAL K 170 -50.64 -15.17 -2.79
N HIS K 171 -49.60 -15.19 -1.95
CA HIS K 171 -48.25 -15.59 -2.36
C HIS K 171 -47.78 -16.65 -1.38
N THR K 172 -47.63 -17.89 -1.86
CA THR K 172 -47.08 -18.98 -1.07
C THR K 172 -45.66 -19.24 -1.53
N PHE K 173 -44.71 -19.13 -0.62
CA PHE K 173 -43.29 -19.18 -0.97
C PHE K 173 -42.75 -20.60 -0.81
N PRO K 174 -41.87 -21.03 -1.73
CA PRO K 174 -41.30 -22.37 -1.64
C PRO K 174 -40.58 -22.59 -0.32
N ALA K 175 -40.60 -23.84 0.14
CA ALA K 175 -39.95 -24.19 1.39
C ALA K 175 -38.43 -24.19 1.23
N VAL K 176 -37.75 -23.77 2.29
CA VAL K 176 -36.30 -23.80 2.36
C VAL K 176 -35.89 -24.82 3.43
N LEU K 177 -34.87 -25.62 3.12
CA LEU K 177 -34.41 -26.66 4.02
C LEU K 177 -33.28 -26.14 4.90
N GLN K 178 -33.38 -26.37 6.20
CA GLN K 178 -32.33 -25.98 7.14
C GLN K 178 -32.29 -27.01 8.26
N SER K 179 -31.16 -27.72 8.37
CA SER K 179 -30.96 -28.73 9.41
C SER K 179 -32.08 -29.78 9.39
N ASP K 180 -32.38 -30.26 8.20
CA ASP K 180 -33.37 -31.33 7.99
C ASP K 180 -34.76 -30.92 8.51
N LEU K 181 -35.09 -29.65 8.34
CA LEU K 181 -36.41 -29.13 8.70
C LEU K 181 -36.82 -28.06 7.70
N TYR K 182 -38.02 -28.20 7.15
CA TYR K 182 -38.52 -27.27 6.15
C TYR K 182 -39.30 -26.13 6.81
N THR K 183 -39.29 -24.98 6.15
CA THR K 183 -40.02 -23.81 6.62
C THR K 183 -40.42 -22.95 5.43
N LEU K 184 -41.70 -22.65 5.32
CA LEU K 184 -42.20 -21.74 4.30
C LEU K 184 -43.10 -20.70 4.94
N SER K 185 -43.55 -19.75 4.12
CA SER K 185 -44.45 -18.69 4.55
C SER K 185 -45.46 -18.44 3.45
N SER K 186 -46.53 -17.72 3.80
CA SER K 186 -47.58 -17.40 2.83
C SER K 186 -48.20 -16.06 3.22
N SER K 187 -48.29 -15.16 2.25
CA SER K 187 -48.90 -13.86 2.46
C SER K 187 -50.21 -13.77 1.67
N VAL K 188 -51.12 -12.94 2.17
CA VAL K 188 -52.39 -12.68 1.49
C VAL K 188 -52.78 -11.24 1.75
N THR K 189 -53.24 -10.56 0.69
CA THR K 189 -53.63 -9.16 0.76
C THR K 189 -55.13 -9.06 0.51
N VAL K 190 -55.83 -8.46 1.47
CA VAL K 190 -57.30 -8.34 1.40
C VAL K 190 -57.66 -6.87 1.68
N PRO K 191 -58.87 -6.46 1.30
CA PRO K 191 -59.31 -5.10 1.65
C PRO K 191 -59.34 -4.89 3.16
N SER K 192 -59.18 -3.62 3.56
CA SER K 192 -59.25 -3.28 4.97
C SER K 192 -60.65 -3.49 5.53
N SER K 193 -61.68 -3.46 4.69
CA SER K 193 -63.03 -3.78 5.12
C SER K 193 -63.22 -5.27 5.40
N THR K 194 -62.28 -6.12 4.97
CA THR K 194 -62.36 -7.55 5.19
C THR K 194 -61.72 -7.96 6.51
N TRP K 195 -60.55 -7.42 6.84
CA TRP K 195 -59.85 -7.76 8.06
C TRP K 195 -59.55 -6.49 8.84
N PRO K 196 -59.71 -6.51 10.18
CA PRO K 196 -60.09 -7.67 11.00
C PRO K 196 -61.59 -7.84 11.20
N SER K 197 -62.41 -7.25 10.32
CA SER K 197 -63.85 -7.35 10.50
C SER K 197 -64.37 -8.75 10.20
N GLN K 198 -63.71 -9.47 9.30
CA GLN K 198 -64.07 -10.85 8.99
C GLN K 198 -62.89 -11.77 9.27
N THR K 199 -63.18 -13.03 9.52
CA THR K 199 -62.14 -14.00 9.87
C THR K 199 -61.32 -14.37 8.64
N VAL K 200 -60.00 -14.37 8.79
CA VAL K 200 -59.07 -14.87 7.79
C VAL K 200 -58.28 -16.00 8.44
N THR K 201 -58.34 -17.18 7.85
CA THR K 201 -57.76 -18.39 8.43
C THR K 201 -56.73 -18.99 7.49
N CYS K 202 -55.58 -19.37 8.05
CA CYS K 202 -54.53 -20.07 7.33
C CYS K 202 -54.69 -21.57 7.59
N ASN K 203 -55.01 -22.33 6.55
CA ASN K 203 -55.20 -23.77 6.65
C ASN K 203 -53.94 -24.48 6.15
N VAL K 204 -53.30 -25.23 7.04
CA VAL K 204 -52.07 -25.94 6.73
C VAL K 204 -52.32 -27.43 6.89
N ALA K 205 -51.90 -28.21 5.90
CA ALA K 205 -52.05 -29.66 5.91
C ALA K 205 -50.70 -30.31 5.67
N HIS K 206 -50.33 -31.24 6.55
CA HIS K 206 -49.08 -31.99 6.43
C HIS K 206 -49.45 -33.48 6.47
N PRO K 207 -49.75 -34.07 5.30
CA PRO K 207 -50.20 -35.47 5.29
C PRO K 207 -49.18 -36.46 5.83
N ALA K 208 -47.89 -36.13 5.76
CA ALA K 208 -46.86 -37.05 6.24
C ALA K 208 -46.98 -37.29 7.74
N SER K 209 -47.50 -36.32 8.48
CA SER K 209 -47.70 -36.43 9.92
C SER K 209 -49.16 -36.46 10.32
N SER K 210 -50.08 -36.52 9.34
CA SER K 210 -51.51 -36.49 9.60
C SER K 210 -51.90 -35.22 10.36
N THR K 211 -51.40 -34.08 9.88
CA THR K 211 -51.57 -32.80 10.54
C THR K 211 -52.45 -31.89 9.70
N LYS K 212 -53.48 -31.33 10.31
CA LYS K 212 -54.32 -30.30 9.69
C LYS K 212 -54.56 -29.21 10.72
N VAL K 213 -53.95 -28.05 10.50
CA VAL K 213 -53.97 -26.95 11.46
C VAL K 213 -54.60 -25.74 10.78
N ASP K 214 -55.66 -25.21 11.38
CA ASP K 214 -56.35 -24.01 10.89
C ASP K 214 -56.03 -22.88 11.88
N LYS K 215 -55.16 -21.97 11.47
CA LYS K 215 -54.70 -20.88 12.33
C LYS K 215 -55.34 -19.59 11.86
N LYS K 216 -56.17 -19.00 12.72
CA LYS K 216 -56.80 -17.72 12.39
C LYS K 216 -55.83 -16.57 12.62
N ILE K 217 -55.96 -15.54 11.80
CA ILE K 217 -55.14 -14.34 11.91
C ILE K 217 -55.90 -13.35 12.78
N VAL K 218 -55.50 -13.27 14.04
CA VAL K 218 -56.20 -12.47 15.05
C VAL K 218 -55.39 -11.21 15.31
N PRO K 219 -56.01 -10.01 15.27
CA PRO K 219 -55.32 -8.75 15.53
C PRO K 219 -54.86 -8.63 16.98
N ASP L 1 -30.16 -44.43 -25.89
CA ASP L 1 -31.53 -43.99 -26.09
C ASP L 1 -31.57 -42.72 -26.93
N ILE L 2 -32.76 -42.39 -27.43
CA ILE L 2 -32.93 -41.18 -28.24
C ILE L 2 -32.86 -39.96 -27.34
N VAL L 3 -32.16 -38.93 -27.81
CA VAL L 3 -32.01 -37.68 -27.09
C VAL L 3 -32.96 -36.65 -27.69
N MET L 4 -33.76 -36.00 -26.84
CA MET L 4 -34.67 -34.94 -27.26
C MET L 4 -34.17 -33.66 -26.62
N THR L 5 -33.42 -32.86 -27.38
CA THR L 5 -32.76 -31.68 -26.86
C THR L 5 -33.64 -30.45 -27.07
N GLN L 6 -33.90 -29.72 -25.99
CA GLN L 6 -34.58 -28.44 -26.05
C GLN L 6 -33.51 -27.36 -25.88
N SER L 7 -33.15 -26.71 -26.98
CA SER L 7 -31.99 -25.82 -27.00
C SER L 7 -32.15 -24.68 -26.00
N GLN L 8 -33.31 -24.04 -25.98
CA GLN L 8 -33.55 -22.92 -25.08
C GLN L 8 -34.07 -23.43 -23.75
N LYS L 9 -33.41 -23.02 -22.66
CA LYS L 9 -33.92 -23.32 -21.32
C LYS L 9 -35.03 -22.37 -20.92
N PHE L 10 -35.01 -21.14 -21.44
CA PHE L 10 -36.04 -20.16 -21.17
C PHE L 10 -36.52 -19.58 -22.50
N MET L 11 -37.72 -18.99 -22.45
CA MET L 11 -38.31 -18.34 -23.62
C MET L 11 -39.08 -17.11 -23.13
N SER L 12 -38.59 -15.93 -23.50
CA SER L 12 -39.18 -14.67 -23.05
C SER L 12 -40.17 -14.15 -24.08
N THR L 13 -41.29 -13.61 -23.58
CA THR L 13 -42.33 -13.05 -24.43
C THR L 13 -43.20 -12.16 -23.56
N SER L 14 -44.15 -11.47 -24.20
CA SER L 14 -45.08 -10.62 -23.49
C SER L 14 -46.50 -11.15 -23.69
N VAL L 15 -47.39 -10.74 -22.78
CA VAL L 15 -48.77 -11.22 -22.83
C VAL L 15 -49.42 -10.80 -24.14
N GLY L 16 -50.12 -11.74 -24.77
CA GLY L 16 -50.73 -11.52 -26.06
C GLY L 16 -49.86 -11.88 -27.24
N ASP L 17 -48.54 -11.95 -27.06
CA ASP L 17 -47.64 -12.31 -28.14
C ASP L 17 -47.62 -13.83 -28.34
N ARG L 18 -46.85 -14.26 -29.32
CA ARG L 18 -46.73 -15.67 -29.70
C ARG L 18 -45.30 -16.13 -29.49
N VAL L 19 -45.13 -17.29 -28.86
CA VAL L 19 -43.82 -17.85 -28.57
C VAL L 19 -43.72 -19.21 -29.23
N SER L 20 -42.48 -19.62 -29.55
CA SER L 20 -42.21 -20.89 -30.19
C SER L 20 -41.03 -21.55 -29.51
N VAL L 21 -41.21 -22.79 -29.08
CA VAL L 21 -40.14 -23.58 -28.47
C VAL L 21 -39.82 -24.75 -29.38
N THR L 22 -38.53 -25.00 -29.60
CA THR L 22 -38.08 -26.01 -30.54
C THR L 22 -37.56 -27.23 -29.79
N CYS L 23 -37.61 -28.38 -30.46
CA CYS L 23 -37.13 -29.63 -29.89
C CYS L 23 -36.63 -30.51 -31.01
N LYS L 24 -35.36 -30.87 -30.96
CA LYS L 24 -34.71 -31.64 -32.02
C LYS L 24 -34.36 -33.03 -31.52
N ALA L 25 -34.73 -34.03 -32.31
CA ALA L 25 -34.48 -35.43 -31.97
C ALA L 25 -33.19 -35.92 -32.60
N SER L 26 -32.48 -36.79 -31.87
CA SER L 26 -31.22 -37.32 -32.38
C SER L 26 -31.43 -38.28 -33.54
N GLN L 27 -32.59 -38.93 -33.60
CA GLN L 27 -32.92 -39.85 -34.68
C GLN L 27 -34.33 -39.56 -35.19
N ASN L 28 -34.66 -40.16 -36.32
CA ASN L 28 -35.97 -39.96 -36.94
C ASN L 28 -37.05 -40.62 -36.10
N VAL L 29 -37.96 -39.82 -35.56
CA VAL L 29 -39.09 -40.32 -34.78
C VAL L 29 -40.42 -40.09 -35.50
N GLY L 30 -40.37 -39.68 -36.76
CA GLY L 30 -41.58 -39.45 -37.53
C GLY L 30 -42.45 -38.35 -36.94
N THR L 31 -43.64 -38.73 -36.47
CA THR L 31 -44.55 -37.80 -35.80
C THR L 31 -44.93 -38.29 -34.41
N ASN L 32 -44.27 -39.32 -33.89
CA ASN L 32 -44.58 -39.84 -32.56
C ASN L 32 -43.88 -38.98 -31.50
N VAL L 33 -44.42 -37.77 -31.35
CA VAL L 33 -43.86 -36.76 -30.45
C VAL L 33 -45.01 -36.12 -29.69
N ALA L 34 -44.81 -35.96 -28.38
CA ALA L 34 -45.80 -35.33 -27.51
C ALA L 34 -45.19 -34.13 -26.80
N TRP L 35 -46.05 -33.16 -26.46
CA TRP L 35 -45.67 -31.98 -25.72
C TRP L 35 -46.47 -31.93 -24.41
N TYR L 36 -45.80 -31.57 -23.32
CA TYR L 36 -46.42 -31.51 -22.01
C TYR L 36 -46.19 -30.14 -21.38
N GLN L 37 -47.09 -29.76 -20.50
CA GLN L 37 -47.01 -28.51 -19.75
C GLN L 37 -47.10 -28.82 -18.27
N GLN L 38 -46.19 -28.25 -17.48
CA GLN L 38 -46.16 -28.44 -16.03
C GLN L 38 -46.10 -27.09 -15.35
N LYS L 39 -47.19 -26.70 -14.70
CA LYS L 39 -47.19 -25.51 -13.87
C LYS L 39 -46.66 -25.85 -12.48
N PRO L 40 -46.08 -24.87 -11.77
CA PRO L 40 -45.42 -25.18 -10.49
C PRO L 40 -46.36 -25.86 -9.50
N GLY L 41 -45.85 -26.92 -8.87
CA GLY L 41 -46.61 -27.66 -7.88
C GLY L 41 -47.71 -28.53 -8.43
N GLN L 42 -47.74 -28.77 -9.74
CA GLN L 42 -48.82 -29.51 -10.38
C GLN L 42 -48.26 -30.67 -11.19
N SER L 43 -49.13 -31.62 -11.49
N SER L 43 -49.13 -31.62 -11.49
CA SER L 43 -48.75 -32.72 -12.35
CA SER L 43 -48.77 -32.72 -12.36
C SER L 43 -48.65 -32.25 -13.80
C SER L 43 -48.64 -32.23 -13.80
N PRO L 44 -47.85 -32.92 -14.62
CA PRO L 44 -47.76 -32.55 -16.03
C PRO L 44 -49.11 -32.69 -16.74
N LYS L 45 -49.35 -31.79 -17.68
CA LYS L 45 -50.56 -31.82 -18.50
C LYS L 45 -50.17 -32.03 -19.95
N ALA L 46 -50.73 -33.07 -20.56
CA ALA L 46 -50.43 -33.36 -21.95
C ALA L 46 -51.09 -32.32 -22.86
N LEU L 47 -50.31 -31.73 -23.75
CA LEU L 47 -50.80 -30.71 -24.67
C LEU L 47 -51.01 -31.26 -26.08
N ILE L 48 -50.01 -31.92 -26.64
CA ILE L 48 -50.01 -32.33 -28.04
C ILE L 48 -49.63 -33.80 -28.12
N TYR L 49 -50.29 -34.54 -29.01
CA TYR L 49 -49.86 -35.87 -29.39
C TYR L 49 -49.82 -35.95 -30.92
N SER L 50 -49.07 -36.94 -31.41
CA SER L 50 -48.85 -37.11 -32.84
C SER L 50 -48.27 -35.83 -33.46
N ALA L 51 -47.42 -35.15 -32.69
CA ALA L 51 -46.69 -33.96 -33.10
C ALA L 51 -47.58 -32.75 -33.38
N SER L 52 -48.85 -32.97 -33.68
CA SER L 52 -49.72 -31.86 -34.08
C SER L 52 -51.15 -31.93 -33.56
N TYR L 53 -51.57 -33.03 -32.93
CA TYR L 53 -52.94 -33.18 -32.48
C TYR L 53 -53.04 -32.84 -30.99
N ARG L 54 -54.07 -32.07 -30.64
CA ARG L 54 -54.27 -31.61 -29.28
C ARG L 54 -55.05 -32.62 -28.46
N TYR L 55 -54.71 -32.72 -27.18
CA TYR L 55 -55.55 -33.46 -26.25
C TYR L 55 -56.84 -32.69 -26.00
N SER L 56 -57.87 -33.42 -25.58
CA SER L 56 -59.16 -32.81 -25.31
C SER L 56 -59.02 -31.73 -24.24
N GLY L 57 -59.60 -30.56 -24.50
CA GLY L 57 -59.55 -29.46 -23.57
C GLY L 57 -58.41 -28.50 -23.75
N VAL L 58 -57.39 -28.86 -24.52
CA VAL L 58 -56.26 -27.97 -24.77
C VAL L 58 -56.69 -26.88 -25.74
N PRO L 59 -56.56 -25.60 -25.37
CA PRO L 59 -57.00 -24.53 -26.27
C PRO L 59 -56.22 -24.55 -27.58
N ASP L 60 -56.86 -24.01 -28.61
CA ASP L 60 -56.25 -23.96 -29.94
C ASP L 60 -55.04 -23.03 -30.00
N ARG L 61 -54.75 -22.29 -28.93
CA ARG L 61 -53.55 -21.46 -28.89
C ARG L 61 -52.28 -22.29 -28.92
N PHE L 62 -52.34 -23.56 -28.50
CA PHE L 62 -51.20 -24.45 -28.50
C PHE L 62 -51.22 -25.27 -29.79
N THR L 63 -50.25 -25.01 -30.67
CA THR L 63 -50.12 -25.74 -31.92
C THR L 63 -48.73 -26.37 -32.00
N GLY L 64 -48.66 -27.55 -32.61
CA GLY L 64 -47.41 -28.27 -32.75
C GLY L 64 -47.15 -28.65 -34.19
N SER L 65 -45.89 -28.59 -34.59
CA SER L 65 -45.48 -28.88 -35.95
C SER L 65 -44.20 -29.68 -35.94
N GLY L 66 -43.88 -30.28 -37.09
CA GLY L 66 -42.63 -31.00 -37.25
C GLY L 66 -42.80 -32.47 -37.56
N SER L 67 -41.88 -33.02 -38.35
CA SER L 67 -41.87 -34.44 -38.67
C SER L 67 -40.43 -34.88 -38.88
N GLY L 68 -40.06 -35.99 -38.26
CA GLY L 68 -38.71 -36.51 -38.40
C GLY L 68 -37.82 -36.21 -37.22
N THR L 69 -37.17 -35.05 -37.24
CA THR L 69 -36.22 -34.68 -36.19
C THR L 69 -36.53 -33.33 -35.55
N ASP L 70 -36.98 -32.35 -36.33
CA ASP L 70 -37.22 -31.00 -35.83
C ASP L 70 -38.70 -30.83 -35.50
N PHE L 71 -39.00 -30.45 -34.27
CA PHE L 71 -40.36 -30.24 -33.81
C PHE L 71 -40.45 -28.90 -33.09
N THR L 72 -41.64 -28.30 -33.12
CA THR L 72 -41.83 -26.97 -32.57
C THR L 72 -43.22 -26.86 -31.95
N LEU L 73 -43.28 -26.38 -30.72
CA LEU L 73 -44.52 -26.03 -30.05
C LEU L 73 -44.69 -24.53 -30.07
N THR L 74 -45.87 -24.06 -30.48
CA THR L 74 -46.16 -22.65 -30.62
C THR L 74 -47.37 -22.29 -29.76
N ILE L 75 -47.20 -21.29 -28.91
CA ILE L 75 -48.27 -20.78 -28.05
C ILE L 75 -48.63 -19.39 -28.55
N SER L 76 -49.82 -19.25 -29.11
CA SER L 76 -50.32 -17.95 -29.53
C SER L 76 -51.18 -17.34 -28.43
N ASN L 77 -51.26 -16.01 -28.44
CA ASN L 77 -52.04 -15.26 -27.47
C ASN L 77 -51.67 -15.68 -26.04
N VAL L 78 -50.38 -15.53 -25.73
CA VAL L 78 -49.84 -16.06 -24.49
C VAL L 78 -50.48 -15.36 -23.31
N GLN L 79 -50.95 -16.16 -22.35
CA GLN L 79 -51.58 -15.66 -21.12
C GLN L 79 -50.58 -15.68 -19.97
N SER L 80 -50.87 -14.86 -18.96
CA SER L 80 -50.07 -14.92 -17.74
C SER L 80 -50.21 -16.26 -17.04
N GLU L 81 -51.34 -16.92 -17.22
CA GLU L 81 -51.55 -18.26 -16.68
C GLU L 81 -50.79 -19.33 -17.48
N ASP L 82 -50.19 -18.98 -18.61
CA ASP L 82 -49.41 -19.93 -19.40
C ASP L 82 -48.01 -20.13 -18.85
N LEU L 83 -47.62 -19.39 -17.81
CA LEU L 83 -46.31 -19.56 -17.18
C LEU L 83 -46.16 -20.99 -16.66
N ALA L 84 -45.25 -21.75 -17.26
CA ALA L 84 -45.04 -23.15 -16.88
C ALA L 84 -43.77 -23.63 -17.57
N GLU L 85 -43.48 -24.92 -17.40
CA GLU L 85 -42.40 -25.60 -18.10
C GLU L 85 -43.00 -26.52 -19.15
N TYR L 86 -42.39 -26.52 -20.35
CA TYR L 86 -42.92 -27.25 -21.49
C TYR L 86 -41.90 -28.29 -21.93
N PHE L 87 -42.31 -29.56 -21.93
CA PHE L 87 -41.46 -30.68 -22.28
C PHE L 87 -41.91 -31.28 -23.61
N CYS L 88 -40.93 -31.71 -24.40
CA CYS L 88 -41.17 -32.55 -25.56
C CYS L 88 -40.79 -33.98 -25.24
N GLN L 89 -41.50 -34.93 -25.82
CA GLN L 89 -41.25 -36.34 -25.60
C GLN L 89 -41.46 -37.11 -26.90
N GLN L 90 -40.61 -38.09 -27.13
CA GLN L 90 -40.78 -39.02 -28.25
C GLN L 90 -41.31 -40.35 -27.72
N TYR L 91 -42.25 -40.95 -28.45
CA TYR L 91 -42.73 -42.29 -28.13
C TYR L 91 -42.66 -43.19 -29.35
N ASN L 92 -41.73 -42.91 -30.26
CA ASN L 92 -41.54 -43.76 -31.43
C ASN L 92 -40.65 -44.95 -31.12
N ASN L 93 -39.72 -44.81 -30.18
CA ASN L 93 -38.80 -45.88 -29.82
C ASN L 93 -38.66 -45.95 -28.31
N TYR L 94 -38.58 -47.18 -27.80
CA TYR L 94 -38.41 -47.35 -26.36
C TYR L 94 -36.93 -47.40 -26.00
N PRO L 95 -36.53 -46.84 -24.85
CA PRO L 95 -37.40 -46.20 -23.87
C PRO L 95 -37.87 -44.81 -24.25
N LEU L 96 -39.05 -44.43 -23.78
CA LEU L 96 -39.55 -43.08 -24.00
C LEU L 96 -38.67 -42.07 -23.29
N THR L 97 -38.33 -40.99 -23.98
CA THR L 97 -37.40 -40.00 -23.46
C THR L 97 -38.02 -38.61 -23.54
N PHE L 98 -37.85 -37.83 -22.47
CA PHE L 98 -38.35 -36.47 -22.38
C PHE L 98 -37.25 -35.46 -22.70
N GLY L 99 -37.67 -34.29 -23.16
CA GLY L 99 -36.76 -33.18 -23.29
C GLY L 99 -36.41 -32.60 -21.93
N ALA L 100 -35.38 -31.74 -21.92
CA ALA L 100 -34.94 -31.13 -20.68
C ALA L 100 -35.94 -30.11 -20.15
N GLY L 101 -36.81 -29.60 -20.99
CA GLY L 101 -37.82 -28.65 -20.56
C GLY L 101 -37.45 -27.22 -20.86
N THR L 102 -38.46 -26.41 -21.16
CA THR L 102 -38.30 -24.99 -21.44
C THR L 102 -39.26 -24.21 -20.56
N LYS L 103 -38.74 -23.25 -19.81
CA LYS L 103 -39.54 -22.44 -18.92
C LYS L 103 -40.00 -21.18 -19.65
N LEU L 104 -41.31 -20.91 -19.61
CA LEU L 104 -41.84 -19.70 -20.20
C LEU L 104 -41.64 -18.52 -19.25
N GLU L 105 -41.04 -17.46 -19.76
CA GLU L 105 -40.84 -16.23 -19.01
C GLU L 105 -41.63 -15.11 -19.69
N LEU L 106 -42.24 -14.25 -18.88
CA LEU L 106 -43.05 -13.14 -19.37
C LEU L 106 -42.36 -11.82 -19.07
N LYS L 107 -42.30 -10.96 -20.07
CA LYS L 107 -41.75 -9.62 -19.90
C LYS L 107 -42.84 -8.65 -19.51
N ARG L 108 -42.44 -7.61 -18.78
CA ARG L 108 -43.38 -6.60 -18.29
C ARG L 108 -42.57 -5.41 -17.81
N ALA L 109 -43.27 -4.32 -17.48
CA ALA L 109 -42.62 -3.15 -16.96
C ALA L 109 -42.15 -3.38 -15.53
N ASP L 110 -41.24 -2.52 -15.08
CA ASP L 110 -40.71 -2.63 -13.73
C ASP L 110 -41.80 -2.36 -12.70
N ALA L 111 -41.57 -2.86 -11.49
CA ALA L 111 -42.52 -2.68 -10.40
C ALA L 111 -41.77 -2.73 -9.08
N ALA L 112 -42.06 -1.77 -8.20
CA ALA L 112 -41.42 -1.73 -6.91
C ALA L 112 -42.07 -2.74 -5.96
N PRO L 113 -41.32 -3.29 -5.02
CA PRO L 113 -41.89 -4.26 -4.08
C PRO L 113 -42.70 -3.59 -2.97
N THR L 114 -43.82 -4.21 -2.63
CA THR L 114 -44.59 -3.82 -1.46
C THR L 114 -44.05 -4.61 -0.26
N VAL L 115 -43.48 -3.91 0.71
CA VAL L 115 -42.74 -4.52 1.80
C VAL L 115 -43.54 -4.43 3.08
N SER L 116 -43.75 -5.58 3.73
CA SER L 116 -44.48 -5.68 4.99
C SER L 116 -43.62 -6.46 5.98
N ILE L 117 -43.50 -5.94 7.20
CA ILE L 117 -42.69 -6.56 8.24
C ILE L 117 -43.62 -7.09 9.33
N PHE L 118 -43.23 -8.21 9.93
CA PHE L 118 -44.03 -8.87 10.95
C PHE L 118 -43.15 -9.30 12.12
N PRO L 119 -43.46 -8.89 13.33
CA PRO L 119 -42.67 -9.32 14.50
C PRO L 119 -42.99 -10.76 14.85
N PRO L 120 -42.15 -11.41 15.66
CA PRO L 120 -42.46 -12.77 16.11
C PRO L 120 -43.79 -12.82 16.86
N SER L 121 -44.63 -13.79 16.51
CA SER L 121 -45.92 -13.93 17.16
C SER L 121 -45.76 -14.37 18.60
N SER L 122 -46.79 -14.09 19.40
CA SER L 122 -46.78 -14.50 20.80
C SER L 122 -46.78 -16.02 20.94
N GLU L 123 -47.37 -16.72 19.96
CA GLU L 123 -47.37 -18.17 20.00
C GLU L 123 -45.98 -18.75 19.81
N GLN L 124 -45.19 -18.16 18.89
CA GLN L 124 -43.84 -18.65 18.66
C GLN L 124 -42.91 -18.32 19.83
N LEU L 125 -43.16 -17.19 20.51
CA LEU L 125 -42.31 -16.82 21.63
C LEU L 125 -42.44 -17.78 22.80
N THR L 126 -43.59 -18.45 22.92
CA THR L 126 -43.73 -19.49 23.94
C THR L 126 -42.99 -20.77 23.57
N SER L 127 -42.45 -20.86 22.36
CA SER L 127 -41.70 -22.03 21.94
C SER L 127 -40.20 -21.90 22.18
N GLY L 128 -39.71 -20.69 22.44
CA GLY L 128 -38.30 -20.44 22.64
C GLY L 128 -37.61 -19.78 21.47
N GLY L 129 -38.17 -19.88 20.27
CA GLY L 129 -37.62 -19.25 19.10
C GLY L 129 -38.32 -17.93 18.77
N ALA L 130 -37.78 -17.24 17.77
CA ALA L 130 -38.32 -15.97 17.33
C ALA L 130 -37.95 -15.75 15.88
N SER L 131 -38.94 -15.58 15.02
CA SER L 131 -38.74 -15.38 13.59
C SER L 131 -39.39 -14.07 13.17
N VAL L 132 -38.59 -13.17 12.60
CA VAL L 132 -39.07 -11.92 12.02
C VAL L 132 -39.19 -12.11 10.52
N VAL L 133 -40.35 -11.76 9.97
CA VAL L 133 -40.67 -12.05 8.57
C VAL L 133 -40.89 -10.72 7.85
N CYS L 134 -40.30 -10.61 6.65
CA CYS L 134 -40.53 -9.47 5.77
C CYS L 134 -40.96 -9.99 4.40
N PHE L 135 -42.10 -9.50 3.92
CA PHE L 135 -42.61 -9.86 2.61
C PHE L 135 -42.28 -8.76 1.61
N LEU L 136 -41.81 -9.16 0.43
CA LEU L 136 -41.55 -8.23 -0.67
C LEU L 136 -42.31 -8.76 -1.87
N ASN L 137 -43.49 -8.21 -2.13
CA ASN L 137 -44.44 -8.80 -3.06
C ASN L 137 -44.63 -7.92 -4.29
N ASN L 138 -44.78 -8.56 -5.44
CA ASN L 138 -45.19 -7.92 -6.69
C ASN L 138 -44.17 -6.88 -7.16
N PHE L 139 -42.93 -7.36 -7.36
CA PHE L 139 -41.87 -6.53 -7.92
C PHE L 139 -41.33 -7.18 -9.19
N TYR L 140 -40.65 -6.36 -10.00
CA TYR L 140 -40.06 -6.82 -11.25
C TYR L 140 -38.99 -5.81 -11.65
N PRO L 141 -37.81 -6.25 -12.10
CA PRO L 141 -37.39 -7.65 -12.30
C PRO L 141 -37.09 -8.41 -11.01
N LYS L 142 -36.67 -9.67 -11.14
CA LYS L 142 -36.59 -10.56 -9.99
C LYS L 142 -35.41 -10.28 -9.07
N ASP L 143 -34.37 -9.63 -9.57
CA ASP L 143 -33.21 -9.34 -8.73
C ASP L 143 -33.57 -8.33 -7.64
N ILE L 144 -33.22 -8.66 -6.40
CA ILE L 144 -33.53 -7.79 -5.27
C ILE L 144 -32.59 -8.15 -4.13
N ASN L 145 -32.33 -7.19 -3.26
CA ASN L 145 -31.43 -7.36 -2.12
C ASN L 145 -32.17 -6.99 -0.84
N VAL L 146 -31.92 -7.77 0.21
CA VAL L 146 -32.51 -7.54 1.53
C VAL L 146 -31.38 -7.53 2.56
N LYS L 147 -31.39 -6.54 3.44
CA LYS L 147 -30.39 -6.40 4.48
C LYS L 147 -31.09 -6.28 5.82
N TRP L 148 -30.70 -7.14 6.77
CA TRP L 148 -31.30 -7.16 8.10
C TRP L 148 -30.41 -6.39 9.06
N LYS L 149 -31.01 -5.49 9.83
CA LYS L 149 -30.30 -4.72 10.86
C LYS L 149 -30.94 -4.97 12.21
N ILE L 150 -30.08 -5.11 13.23
CA ILE L 150 -30.52 -5.27 14.61
C ILE L 150 -29.90 -4.12 15.40
N ASP L 151 -30.74 -3.18 15.83
CA ASP L 151 -30.29 -1.96 16.52
C ASP L 151 -29.29 -1.18 15.65
N GLY L 152 -29.57 -1.11 14.35
CA GLY L 152 -28.74 -0.37 13.43
C GLY L 152 -27.50 -1.11 12.94
N SER L 153 -27.27 -2.32 13.40
CA SER L 153 -26.12 -3.12 12.99
C SER L 153 -26.57 -4.27 12.09
N GLU L 154 -25.85 -4.47 10.99
CA GLU L 154 -26.24 -5.45 9.99
C GLU L 154 -26.15 -6.86 10.55
N ARG L 155 -27.19 -7.67 10.32
CA ARG L 155 -27.23 -9.05 10.75
C ARG L 155 -27.35 -9.95 9.52
N GLN L 156 -26.46 -10.94 9.42
CA GLN L 156 -26.42 -11.85 8.28
C GLN L 156 -26.75 -13.29 8.64
N ASN L 157 -26.39 -13.74 9.84
CA ASN L 157 -26.66 -15.12 10.24
C ASN L 157 -28.12 -15.29 10.63
N GLY L 158 -28.68 -16.46 10.28
CA GLY L 158 -30.06 -16.76 10.62
C GLY L 158 -31.09 -16.21 9.66
N VAL L 159 -30.68 -15.82 8.46
CA VAL L 159 -31.58 -15.25 7.47
C VAL L 159 -31.78 -16.28 6.36
N LEU L 160 -33.04 -16.61 6.09
CA LEU L 160 -33.40 -17.56 5.04
C LEU L 160 -34.39 -16.89 4.10
N ASN L 161 -34.07 -16.87 2.81
CA ASN L 161 -34.87 -16.20 1.80
C ASN L 161 -35.50 -17.22 0.86
N SER L 162 -36.62 -16.82 0.25
CA SER L 162 -37.37 -17.69 -0.64
C SER L 162 -38.06 -16.83 -1.69
N TRP L 163 -37.89 -17.19 -2.96
CA TRP L 163 -38.47 -16.44 -4.07
C TRP L 163 -39.56 -17.27 -4.74
N THR L 164 -40.67 -16.60 -5.06
CA THR L 164 -41.73 -17.24 -5.84
C THR L 164 -41.40 -17.18 -7.33
N ASP L 165 -42.03 -18.08 -8.08
CA ASP L 165 -41.99 -17.97 -9.52
C ASP L 165 -42.88 -16.82 -9.97
N GLN L 166 -42.80 -16.50 -11.26
CA GLN L 166 -43.54 -15.36 -11.79
C GLN L 166 -45.03 -15.54 -11.56
N ASP L 167 -45.67 -14.50 -11.01
CA ASP L 167 -47.08 -14.58 -10.64
C ASP L 167 -47.94 -14.82 -11.87
N SER L 168 -48.87 -15.77 -11.76
CA SER L 168 -49.68 -16.17 -12.90
C SER L 168 -50.76 -15.15 -13.25
N LYS L 169 -50.80 -14.00 -12.59
CA LYS L 169 -51.80 -12.98 -12.89
C LYS L 169 -51.20 -11.66 -13.36
N ASP L 170 -50.08 -11.22 -12.79
CA ASP L 170 -49.43 -10.00 -13.22
C ASP L 170 -47.96 -10.18 -13.58
N SER L 171 -47.44 -11.41 -13.55
CA SER L 171 -46.08 -11.73 -14.02
C SER L 171 -45.00 -11.05 -13.19
N THR L 172 -45.29 -10.73 -11.93
CA THR L 172 -44.31 -10.16 -11.04
C THR L 172 -43.70 -11.24 -10.15
N TYR L 173 -42.71 -10.86 -9.36
CA TYR L 173 -42.03 -11.76 -8.44
C TYR L 173 -42.30 -11.34 -6.99
N SER L 174 -42.12 -12.28 -6.08
CA SER L 174 -42.25 -12.01 -4.66
C SER L 174 -41.15 -12.76 -3.92
N MET L 175 -40.79 -12.25 -2.74
CA MET L 175 -39.76 -12.85 -1.92
C MET L 175 -40.11 -12.64 -0.45
N SER L 176 -39.81 -13.66 0.37
CA SER L 176 -39.97 -13.58 1.81
C SER L 176 -38.60 -13.75 2.46
N SER L 177 -38.29 -12.87 3.42
CA SER L 177 -37.04 -12.92 4.16
C SER L 177 -37.37 -13.08 5.63
N THR L 178 -36.87 -14.18 6.23
CA THR L 178 -37.17 -14.51 7.62
C THR L 178 -35.88 -14.53 8.43
N LEU L 179 -35.82 -13.70 9.46
CA LEU L 179 -34.71 -13.69 10.41
C LEU L 179 -35.13 -14.44 11.67
N THR L 180 -34.46 -15.55 11.95
CA THR L 180 -34.80 -16.41 13.07
C THR L 180 -33.72 -16.30 14.15
N LEU L 181 -34.15 -15.97 15.36
CA LEU L 181 -33.27 -15.86 16.52
C LEU L 181 -33.90 -16.60 17.70
N THR L 182 -33.11 -16.80 18.74
CA THR L 182 -33.66 -17.30 19.99
C THR L 182 -34.47 -16.20 20.67
N LYS L 183 -35.38 -16.63 21.56
CA LYS L 183 -36.21 -15.65 22.27
C LYS L 183 -35.35 -14.75 23.15
N ASP L 184 -34.30 -15.30 23.74
CA ASP L 184 -33.39 -14.49 24.56
C ASP L 184 -32.67 -13.45 23.70
N GLU L 185 -32.14 -13.88 22.55
CA GLU L 185 -31.47 -12.93 21.66
C GLU L 185 -32.44 -11.90 21.13
N TYR L 186 -33.66 -12.32 20.77
CA TYR L 186 -34.66 -11.38 20.27
C TYR L 186 -35.02 -10.33 21.32
N GLU L 187 -34.90 -10.69 22.60
CA GLU L 187 -35.21 -9.75 23.68
C GLU L 187 -33.99 -8.99 24.18
N ARG L 188 -32.79 -9.34 23.72
CA ARG L 188 -31.60 -8.56 24.06
C ARG L 188 -31.53 -7.25 23.29
N HIS L 189 -32.30 -7.11 22.20
CA HIS L 189 -32.28 -5.93 21.37
C HIS L 189 -33.70 -5.39 21.23
N ASN L 190 -33.82 -4.24 20.56
CA ASN L 190 -35.09 -3.54 20.45
C ASN L 190 -35.52 -3.31 19.02
N SER L 191 -34.67 -2.67 18.20
CA SER L 191 -35.06 -2.27 16.85
C SER L 191 -34.67 -3.34 15.85
N TYR L 192 -35.63 -3.74 15.01
CA TYR L 192 -35.42 -4.73 13.97
C TYR L 192 -35.84 -4.15 12.63
N THR L 193 -35.02 -4.38 11.61
CA THR L 193 -35.15 -3.66 10.35
C THR L 193 -34.79 -4.57 9.19
N CYS L 194 -35.61 -4.57 8.14
CA CYS L 194 -35.28 -5.21 6.87
C CYS L 194 -35.29 -4.15 5.78
N GLU L 195 -34.19 -4.07 5.02
CA GLU L 195 -34.00 -3.04 4.01
C GLU L 195 -33.99 -3.68 2.63
N ALA L 196 -34.91 -3.26 1.78
CA ALA L 196 -35.05 -3.80 0.44
C ALA L 196 -34.41 -2.86 -0.58
N THR L 197 -33.54 -3.41 -1.42
CA THR L 197 -32.90 -2.67 -2.49
C THR L 197 -33.26 -3.31 -3.82
N HIS L 198 -33.77 -2.51 -4.76
CA HIS L 198 -34.29 -3.00 -6.02
C HIS L 198 -33.84 -2.07 -7.14
N LYS L 199 -34.01 -2.53 -8.38
CA LYS L 199 -33.72 -1.69 -9.54
C LYS L 199 -34.58 -0.44 -9.53
N THR L 200 -35.82 -0.54 -9.06
CA THR L 200 -36.70 0.62 -8.94
C THR L 200 -36.33 1.52 -7.77
N SER L 201 -35.47 1.05 -6.86
CA SER L 201 -35.16 1.80 -5.65
C SER L 201 -34.18 2.92 -5.96
N THR L 202 -34.63 4.17 -5.77
CA THR L 202 -33.71 5.30 -5.67
C THR L 202 -33.16 5.45 -4.26
N SER L 203 -33.74 4.72 -3.29
CA SER L 203 -33.26 4.63 -1.93
C SER L 203 -33.88 3.38 -1.33
N PRO L 204 -33.24 2.75 -0.34
CA PRO L 204 -33.76 1.48 0.17
C PRO L 204 -35.14 1.63 0.79
N ILE L 205 -35.92 0.56 0.70
CA ILE L 205 -37.22 0.49 1.37
C ILE L 205 -36.98 -0.07 2.76
N VAL L 206 -37.20 0.75 3.78
CA VAL L 206 -36.89 0.40 5.16
C VAL L 206 -38.20 0.24 5.91
N LYS L 207 -38.42 -0.96 6.45
CA LYS L 207 -39.54 -1.23 7.34
C LYS L 207 -39.00 -1.81 8.64
N SER L 208 -39.43 -1.23 9.77
CA SER L 208 -38.86 -1.58 11.06
C SER L 208 -39.96 -1.68 12.10
N PHE L 209 -39.67 -2.40 13.17
CA PHE L 209 -40.52 -2.45 14.35
C PHE L 209 -39.64 -2.39 15.59
N ASN L 210 -40.21 -1.89 16.68
CA ASN L 210 -39.50 -1.69 17.93
C ASN L 210 -40.15 -2.58 18.99
N ARG L 211 -39.39 -3.57 19.45
CA ARG L 211 -39.88 -4.52 20.46
C ARG L 211 -40.32 -3.82 21.74
C10 FD0 M . -25.09 16.70 -35.17
C13 FD0 M . -28.84 15.48 -38.57
C17 FD0 M . -33.02 18.12 -37.76
C21 FD0 M . -32.81 22.09 -37.81
C22 FD0 M . -34.18 22.76 -37.43
C24 FD0 M . -35.66 24.76 -38.05
C01 FD0 M . -26.43 10.87 -36.42
C02 FD0 M . -26.40 12.40 -36.18
C03 FD0 M . -27.62 13.13 -36.84
C06 FD0 M . -26.97 15.26 -35.56
C07 FD0 M . -27.17 15.14 -34.19
C08 FD0 M . -26.32 15.80 -33.32
C09 FD0 M . -25.28 16.58 -33.81
C11 FD0 M . -25.93 16.03 -36.05
C12 FD0 M . -28.98 15.37 -37.08
C14 FD0 M . -29.80 16.54 -39.08
C16 FD0 M . -31.91 17.69 -38.75
C19 FD0 M . -33.02 20.63 -38.30
C23 FD0 M . -34.21 24.28 -37.72
C43 FD0 M . -31.40 15.83 -37.24
C44 FD0 M . -30.33 14.84 -36.74
N05 FD0 M . -27.86 14.56 -36.49
N15 FD0 M . -30.85 16.94 -38.08
N18 FD0 M . -32.84 19.51 -37.35
N26 FD0 M . -36.77 24.43 -37.14
O04 FD0 M . -28.31 12.54 -37.59
O20 FD0 M . -33.32 20.43 -39.42
O25 FD0 M . -35.86 25.38 -39.04
C10 FD0 N . 15.63 5.34 -1.82
C13 FD0 N . 17.29 0.82 -3.87
C17 FD0 N . 21.60 1.87 -5.73
C21 FD0 N . 22.47 2.74 -9.53
C22 FD0 N . 22.15 4.01 -10.40
C24 FD0 N . 24.33 5.11 -11.20
C01 FD0 N . 14.40 0.24 1.25
C02 FD0 N . 14.92 1.36 0.34
C03 FD0 N . 16.12 0.89 -0.53
C06 FD0 N . 15.86 2.95 -2.00
C07 FD0 N . 14.71 2.91 -2.78
C08 FD0 N . 14.02 4.08 -3.08
C09 FD0 N . 14.49 5.29 -2.59
C11 FD0 N . 16.32 4.17 -1.53
C12 FD0 N . 17.73 1.20 -2.49
C14 FD0 N . 18.42 0.05 -4.57
C16 FD0 N . 20.20 1.21 -5.79
C19 FD0 N . 21.80 2.80 -8.12
C23 FD0 N . 23.17 5.14 -10.16
C43 FD0 N . 20.05 1.63 -3.36
C44 FD0 N . 18.83 2.20 -2.60
N05 FD0 N . 16.57 1.70 -1.68
N15 FD0 N . 19.77 0.69 -4.49
N18 FD0 N . 22.21 1.84 -7.07
N26 FD0 N . 25.39 6.15 -11.17
O04 FD0 N . 16.68 -0.12 -0.26
O20 FD0 N . 20.97 3.60 -7.89
O25 FD0 N . 24.39 4.24 -12.01
C10 FD0 O . 15.72 0.03 56.81
C13 FD0 O . 15.41 4.33 59.06
C17 FD0 O . 19.61 5.66 61.21
C21 FD0 O . 19.97 3.68 64.63
C22 FD0 O . 20.99 3.86 65.81
C24 FD0 O . 23.38 3.44 66.64
C01 FD0 O . 12.45 4.25 53.84
C02 FD0 O . 13.59 3.46 54.50
C03 FD0 O . 14.41 4.33 55.50
C06 FD0 O . 14.87 2.28 56.95
C07 FD0 O . 13.70 1.80 57.54
C08 FD0 O . 13.55 0.44 57.77
C09 FD0 O . 14.56 -0.44 57.40
C11 FD0 O . 15.87 1.39 56.58
C12 FD0 O . 15.80 4.60 57.63
C14 FD0 O . 16.18 5.24 60.02
C16 FD0 O . 18.30 6.23 60.60
C19 FD0 O . 20.27 4.64 63.45
C23 FD0 O . 22.32 3.12 65.55
C43 FD0 O . 18.05 5.37 58.36
C44 FD0 O . 17.26 4.44 57.42
N05 FD0 O . 15.02 3.72 56.70
N15 FD0 O . 17.66 5.20 59.78
N18 FD0 O . 19.31 4.75 62.33
N26 FD0 O . 24.61 2.62 66.74
O04 FD0 O . 14.53 5.50 55.31
O20 FD0 O . 21.24 5.28 63.44
O25 FD0 O . 23.20 4.34 67.40
C10 FD0 P . -12.75 -45.27 -16.08
C13 FD0 P . -17.89 -45.45 -15.57
C17 FD0 P . -18.86 -49.42 -12.78
C21 FD0 P . -18.24 -52.93 -14.54
C22 FD0 P . -19.22 -54.16 -14.57
C24 FD0 P . -19.66 -56.56 -13.78
C01 FD0 P . -15.51 -39.99 -15.03
C02 FD0 P . -15.08 -41.45 -15.21
C03 FD0 P . -16.15 -42.45 -14.67
C06 FD0 P . -14.97 -44.38 -15.85
C07 FD0 P . -15.11 -44.38 -17.24
C08 FD0 P . -14.08 -44.83 -18.04
C09 FD0 P . -12.89 -45.28 -17.47
C11 FD0 P . -13.79 -44.81 -15.28
C12 FD0 P . -17.13 -44.81 -14.46
C14 FD0 P . -18.96 -46.41 -15.05
C16 FD0 P . -19.48 -48.20 -13.50
C19 FD0 P . -18.69 -51.86 -13.50
C23 FD0 P . -18.77 -55.29 -13.63
C43 FD0 P . -17.60 -46.78 -13.00
C44 FD0 P . -16.52 -45.82 -13.55
N05 FD0 P . -16.07 -43.89 -15.00
N15 FD0 P . -18.40 -47.40 -14.09
N18 FD0 P . -18.45 -50.42 -13.76
N26 FD0 P . -19.17 -57.87 -13.28
O04 FD0 P . -17.04 -42.04 -13.99
O20 FD0 P . -19.21 -52.19 -12.49
O25 FD0 P . -20.72 -56.48 -14.30
C10 FD0 Q . 16.33 55.00 15.83
C13 FD0 Q . 15.82 58.84 18.78
C17 FD0 Q . 14.69 57.32 23.35
C21 FD0 Q . 11.06 55.73 23.53
C22 FD0 Q . 10.22 55.24 24.76
C24 FD0 Q . 8.70 56.02 26.70
C01 FD0 Q . 20.65 59.24 15.16
C02 FD0 Q . 19.68 58.16 15.68
C03 FD0 Q . 19.11 58.53 17.08
C06 FD0 Q . 17.01 57.18 16.59
C07 FD0 Q . 16.22 57.76 15.59
C08 FD0 Q . 15.48 56.95 14.72
C09 FD0 Q . 15.55 55.57 14.84
C11 FD0 Q . 17.06 55.80 16.70
C12 FD0 Q . 17.26 58.41 18.86
C14 FD0 Q . 15.26 59.19 20.16
C16 FD0 Q . 15.07 58.55 22.49
C19 FD0 Q . 12.44 56.31 23.96
C23 FD0 Q . 9.24 56.31 25.27
C43 FD0 Q . 16.91 57.63 21.21
C44 FD0 Q . 17.45 57.27 19.81
N05 FD0 Q . 17.77 58.03 17.50
N15 FD0 Q . 15.50 58.10 21.16
N18 FD0 Q . 13.39 56.78 22.93
N26 FD0 Q . 7.81 57.01 27.35
O04 FD0 Q . 19.74 59.22 17.82
O20 FD0 Q . 12.72 56.35 25.10
O25 FD0 Q . 8.98 55.01 27.25
C1 FD0 Q . 7.27 56.78 28.71
C2 FD0 Q . 8.23 56.79 29.91
N1 FD0 Q . 9.43 55.96 29.90
O1 FD0 Q . 8.00 57.47 30.85
C10 FD0 R . -50.25 -38.95 -20.92
C13 FD0 R . -48.99 -42.57 -24.02
C17 FD0 R . -50.46 -41.09 -28.49
C21 FD0 R . -54.28 -41.60 -29.45
C22 FD0 R . -54.79 -42.76 -30.36
C24 FD0 R . -56.15 -43.41 -32.43
C01 FD0 R . -44.63 -41.07 -20.05
C02 FD0 R . -45.98 -40.56 -20.59
C03 FD0 R . -46.25 -41.06 -22.04
C06 FD0 R . -48.75 -40.67 -21.69
C07 FD0 R . -49.31 -41.56 -20.78
C08 FD0 R . -50.36 -41.14 -19.96
C09 FD0 R . -50.82 -39.84 -20.04
C11 FD0 R . -49.21 -39.36 -21.76
C12 FD0 R . -47.86 -41.58 -23.97
C14 FD0 R . -49.30 -43.00 -25.46
C16 FD0 R . -49.72 -42.24 -27.75
C19 FD0 R . -52.74 -41.43 -29.58
C23 FD0 R . -55.87 -42.32 -31.36
C43 FD0 R . -48.36 -40.85 -26.30
C44 FD0 R . -48.07 -40.41 -24.86
N05 FD0 R . -47.64 -41.10 -22.56
N15 FD0 R . -49.49 -41.81 -26.36
N18 FD0 R . -51.91 -41.26 -28.36
N26 FD0 R . -56.29 -44.82 -32.02
O04 FD0 R . -45.35 -41.40 -22.72
O20 FD0 R . -52.24 -41.44 -30.63
O25 FD0 R . -56.23 -43.12 -33.58
#